data_6W09
#
_entry.id   6W09
#
_cell.length_a   1.00
_cell.length_b   1.00
_cell.length_c   1.00
_cell.angle_alpha   90.00
_cell.angle_beta   90.00
_cell.angle_gamma   90.00
#
_symmetry.space_group_name_H-M   'P 1'
#
loop_
_entity.id
_entity.type
_entity.pdbx_description
1 polymer 'E1 glycoprotein'
2 polymer 'E2 glycoprotein'
3 polymer 'Fab CHK-265 heavy chain'
4 polymer 'Fab CHK-265 light chain'
5 polymer E3
#
loop_
_entity_poly.entity_id
_entity_poly.type
_entity_poly.pdbx_seq_one_letter_code
_entity_poly.pdbx_strand_id
1 'polypeptide(L)'
;YEHVTVIPNTVGVPYKTLVNRPGYSPMVLEMELLSVTLEPTLSLDYITCEYKTVIPSPYVKCCGTAECKDKSLPDYSCKV
FTGVYPFMWGGAYCFCDTENTQLSEAHVEKSESCKTEFASAYRAHTASASAKLRVLYQGNNVTVSAYANGDHAVTVKDAK
FIVGPMSSAWTPFDNKIVVYKGDVYNMDYPPFGAGRPGQFGDIQSRTPESEDVYANTQLVLQRPSAGTVHVPYSQAPSGF
KYWLKERGASLQHTAPFGCQIATNPVRAMNCAVGNMPISIDIPDAAFTRVVDAPSLTDMSCEVPACTHSSDFGGVAIIKY
AASKKGKCAVHSMTNAVTIREAEIEVEGNSQLQISFSTALASAEFRVQVCSTQVHCAAECHPPKDHIVNYPAS
;
A,B,C,D
2 'polypeptide(L)'
;NFNVYKAIRPYLAHCPDCGEGHSCHSPVALERIRNEATDGTLKIQVSLQIGIKTDDSHDWTKLRYMDNHMPADAERARLF
VRTSAPCTITGTMGHFILARCPKGETLTVGFTDSGKISHSCTHPFHHDPPVIGREKFHSRPQHRKELPCSTYAQSTAATA
EEIEVHMPPDTPDRTLMSQQSGNVKITVNSQTVRYKCNCGDSNEGLTTTDKVINNCKVDQCHAAVTNHKKWQYNSPLVPR
NAELGDRKGKVHIPFPLANVTCRVPKARNPTVTYGKNQVIMLLYPDHPTLLSYRNMGEEPNYQEEWVTHKKEVIRTVPTE
GLEVTWGNNEPYKYWPQL
;
E,F,G,H
3 'polypeptide(L)'
;QIQLVQSGREVKNPGETVKISCKASGYTFTEYPMLWVKQAPGKGFRWMGLIYTNTGEPTYAEEFKGRFVFSLEISASTAY
LQINNLTNEDTATYFCVRDYFISLDYWGQGTTLTVSSAKTTAPSVYPLAPVCGGTTGSSVTLGCLVKGYFPEPVTLTWNS
GSLSSGVHTFPALLQSGLYTLSSSVTVTSNTWPSQTITCNVAHPASSTKVDKKIESRR
;
I,J,K,L
4 'polypeptide(L)'
;QAVVTQESALTTSPGETVTLTCRSNIGAVTSSNCANWVQEKPDHFFTGLIGDTNNRRSGVPARFSGSLIGDKAALTITGA
QTEDEAIYFCALWYNNLWVFGGGTKLTVLGQPKSSPSVTLFPPSSEELETNKATLVCTITDFYPGVVTVDWKVDGTPVTQ
GMETTQPSKQSNNKYMASSYLTLTARAWERHSSYSCQVTHEGHTVEKSLSR
;
M,N,O,P
5 'polypeptide(L)' PVMCLLANTTFPCSQPPCTPCCYEKEPEKTLRMLEDNVMSPGYYQLLQASLTCSPRRQRR Q,R,S,T
#
# COMPACT_ATOMS: atom_id res chain seq x y z
N TYR A 1 60.63 74.92 -3.75
CA TYR A 1 59.50 75.52 -4.44
C TYR A 1 58.45 74.46 -4.70
N GLU A 2 58.78 73.53 -5.57
CA GLU A 2 57.94 72.37 -5.83
C GLU A 2 58.74 71.14 -5.44
N HIS A 3 58.15 70.28 -4.61
CA HIS A 3 58.83 69.10 -4.11
C HIS A 3 58.15 67.88 -4.71
N VAL A 4 58.74 67.32 -5.75
CA VAL A 4 58.22 66.11 -6.38
C VAL A 4 59.04 64.96 -5.82
N THR A 5 58.37 64.00 -5.19
CA THR A 5 59.04 62.82 -4.68
C THR A 5 58.15 61.62 -4.94
N VAL A 6 58.65 60.44 -4.58
CA VAL A 6 57.89 59.22 -4.68
C VAL A 6 57.83 58.59 -3.31
N ILE A 7 56.64 58.56 -2.72
CA ILE A 7 56.46 57.88 -1.45
C ILE A 7 56.36 56.40 -1.79
N PRO A 8 56.73 55.50 -0.87
CA PRO A 8 56.50 54.08 -1.11
C PRO A 8 55.02 53.78 -0.97
N ASN A 9 54.40 53.42 -2.10
CA ASN A 9 52.96 53.30 -2.20
C ASN A 9 52.49 52.06 -1.46
N THR A 10 52.31 52.24 -0.15
CA THR A 10 51.91 51.18 0.76
C THR A 10 51.04 51.80 1.83
N VAL A 11 50.16 51.00 2.41
CA VAL A 11 49.22 51.50 3.41
C VAL A 11 49.94 51.76 4.72
N GLY A 12 49.91 53.02 5.15
CA GLY A 12 50.31 53.37 6.50
C GLY A 12 51.75 53.71 6.70
N VAL A 13 52.51 53.92 5.63
CA VAL A 13 53.93 54.20 5.74
C VAL A 13 54.08 55.65 6.19
N PRO A 14 54.92 55.94 7.18
CA PRO A 14 55.19 57.34 7.50
C PRO A 14 56.17 57.93 6.49
N TYR A 15 55.63 58.36 5.35
CA TYR A 15 56.43 58.88 4.25
C TYR A 15 56.95 60.26 4.64
N LYS A 16 58.21 60.32 5.02
CA LYS A 16 58.86 61.56 5.40
C LYS A 16 59.57 62.16 4.20
N THR A 17 59.43 63.47 4.03
CA THR A 17 60.04 64.20 2.93
C THR A 17 60.59 65.50 3.49
N LEU A 18 61.88 65.73 3.30
CA LEU A 18 62.56 66.91 3.80
C LEU A 18 62.62 67.95 2.69
N VAL A 19 61.66 68.87 2.70
CA VAL A 19 61.66 70.01 1.79
C VAL A 19 62.61 71.02 2.40
N ASN A 20 63.84 71.06 1.89
CA ASN A 20 64.85 72.00 2.36
C ASN A 20 65.09 72.97 1.20
N ARG A 21 64.49 74.16 1.29
CA ARG A 21 64.71 75.19 0.29
C ARG A 21 66.09 75.78 0.50
N PRO A 22 66.91 75.93 -0.54
CA PRO A 22 68.30 76.34 -0.35
C PRO A 22 68.39 77.81 0.04
N GLY A 23 68.75 78.04 1.29
CA GLY A 23 68.64 79.37 1.85
C GLY A 23 67.33 79.61 2.58
N TYR A 24 66.45 78.63 2.63
CA TYR A 24 65.34 78.67 3.56
C TYR A 24 65.80 78.00 4.84
N SER A 25 64.86 77.79 5.76
CA SER A 25 65.15 76.92 6.89
C SER A 25 64.88 75.47 6.48
N PRO A 26 65.14 74.50 7.36
CA PRO A 26 64.77 73.12 7.05
C PRO A 26 63.26 72.91 7.18
N MET A 27 62.69 72.26 6.17
CA MET A 27 61.27 71.92 6.17
C MET A 27 61.13 70.41 6.09
N VAL A 28 60.15 69.87 6.79
CA VAL A 28 59.88 68.44 6.78
C VAL A 28 58.38 68.24 6.65
N LEU A 29 57.97 67.15 6.04
CA LEU A 29 56.57 66.80 5.86
C LEU A 29 56.43 65.29 5.94
N GLU A 30 55.48 64.83 6.75
CA GLU A 30 55.26 63.40 6.94
C GLU A 30 53.85 63.07 6.47
N MET A 31 53.74 62.47 5.30
CA MET A 31 52.46 62.09 4.73
C MET A 31 52.40 60.58 4.60
N GLU A 32 51.20 60.03 4.72
CA GLU A 32 50.97 58.59 4.61
C GLU A 32 49.66 58.36 3.86
N LEU A 33 49.70 57.47 2.87
CA LEU A 33 48.51 57.13 2.11
C LEU A 33 47.65 56.19 2.94
N LEU A 34 46.42 56.61 3.25
CA LEU A 34 45.50 55.76 3.96
C LEU A 34 44.89 54.73 3.02
N SER A 35 44.39 55.15 1.87
CA SER A 35 43.78 54.20 0.94
C SER A 35 43.96 54.68 -0.49
N VAL A 36 44.28 53.75 -1.37
CA VAL A 36 44.27 53.97 -2.81
C VAL A 36 43.03 53.24 -3.32
N THR A 37 42.45 53.72 -4.41
CA THR A 37 41.24 53.14 -4.96
C THR A 37 41.43 52.84 -6.43
N LEU A 38 41.27 51.58 -6.80
CA LEU A 38 41.31 51.14 -8.19
C LEU A 38 39.85 51.01 -8.62
N GLU A 39 39.42 51.85 -9.58
CA GLU A 39 38.06 51.82 -10.05
C GLU A 39 38.05 51.42 -11.52
N PRO A 40 37.64 50.20 -11.86
CA PRO A 40 37.72 49.78 -13.26
C PRO A 40 36.58 50.33 -14.10
N THR A 41 36.67 50.10 -15.40
CA THR A 41 35.61 50.48 -16.32
C THR A 41 34.67 49.31 -16.51
N LEU A 42 33.65 49.22 -15.66
CA LEU A 42 32.71 48.11 -15.71
C LEU A 42 31.79 48.27 -16.92
N SER A 43 31.68 47.21 -17.71
CA SER A 43 30.84 47.19 -18.90
C SER A 43 30.07 45.87 -18.89
N LEU A 44 28.82 45.93 -18.43
CA LEU A 44 28.02 44.74 -18.19
C LEU A 44 27.65 44.07 -19.51
N ASP A 45 27.77 42.74 -19.55
CA ASP A 45 27.38 42.01 -20.75
C ASP A 45 26.29 40.97 -20.43
N TYR A 46 26.56 40.09 -19.48
CA TYR A 46 25.64 39.00 -19.20
C TYR A 46 24.90 39.35 -17.92
N ILE A 47 23.60 39.10 -17.93
CA ILE A 47 22.77 39.25 -16.75
C ILE A 47 22.50 37.86 -16.21
N THR A 48 22.78 37.67 -14.93
CA THR A 48 22.81 36.35 -14.34
C THR A 48 21.75 36.23 -13.25
N CYS A 49 20.80 35.34 -13.50
CA CYS A 49 19.75 34.96 -12.57
C CYS A 49 19.31 33.55 -12.96
N GLU A 50 18.56 32.89 -12.09
CA GLU A 50 18.13 31.54 -12.37
C GLU A 50 16.88 31.55 -13.25
N TYR A 51 16.89 30.74 -14.30
CA TYR A 51 15.81 30.74 -15.27
C TYR A 51 14.70 29.79 -14.85
N LYS A 52 13.48 30.31 -14.85
CA LYS A 52 12.31 29.55 -14.40
C LYS A 52 11.44 29.27 -15.61
N THR A 53 11.20 28.00 -15.88
CA THR A 53 10.47 27.61 -17.09
C THR A 53 8.99 27.72 -16.79
N VAL A 54 8.32 28.60 -17.51
CA VAL A 54 6.88 28.77 -17.35
C VAL A 54 6.19 27.70 -18.19
N ILE A 55 5.66 26.68 -17.53
CA ILE A 55 4.85 25.68 -18.20
C ILE A 55 3.46 26.28 -18.39
N PRO A 56 2.81 26.04 -19.52
CA PRO A 56 1.52 26.68 -19.78
C PRO A 56 0.37 25.89 -19.16
N SER A 57 -0.84 26.28 -19.52
CA SER A 57 -2.02 25.50 -19.16
C SER A 57 -2.01 24.21 -19.96
N PRO A 58 -2.56 23.12 -19.43
CA PRO A 58 -2.49 21.83 -20.14
C PRO A 58 -3.42 21.82 -21.34
N TYR A 59 -2.85 21.43 -22.49
CA TYR A 59 -3.57 21.45 -23.75
C TYR A 59 -4.26 20.11 -23.95
N VAL A 60 -5.17 19.76 -23.04
CA VAL A 60 -5.84 18.47 -23.10
C VAL A 60 -7.00 18.59 -24.09
N LYS A 61 -6.77 18.15 -25.33
CA LYS A 61 -7.84 17.99 -26.29
C LYS A 61 -8.55 16.68 -25.94
N CYS A 62 -9.53 16.78 -25.05
CA CYS A 62 -10.23 15.60 -24.54
C CYS A 62 -11.18 15.08 -25.62
N CYS A 63 -10.90 13.89 -26.11
CA CYS A 63 -11.63 13.29 -27.22
C CYS A 63 -11.37 14.00 -28.54
N GLY A 64 -10.25 14.71 -28.65
CA GLY A 64 -9.98 15.50 -29.83
C GLY A 64 -8.51 15.40 -30.18
N THR A 65 -8.24 15.48 -31.48
CA THR A 65 -6.88 15.37 -32.02
C THR A 65 -6.12 16.63 -31.65
N ALA A 66 -4.83 16.48 -31.42
CA ALA A 66 -4.00 17.60 -31.01
C ALA A 66 -3.69 18.51 -32.20
N GLU A 67 -3.44 19.77 -31.91
CA GLU A 67 -3.10 20.78 -32.91
C GLU A 67 -1.77 21.40 -32.54
N CYS A 68 -1.00 21.81 -33.54
CA CYS A 68 0.34 22.33 -33.32
C CYS A 68 0.29 23.83 -33.04
N LYS A 69 1.22 24.30 -32.20
CA LYS A 69 1.38 25.72 -31.94
C LYS A 69 2.87 26.05 -32.00
N ASP A 70 3.21 27.15 -32.66
CA ASP A 70 4.60 27.58 -32.78
C ASP A 70 4.90 28.61 -31.70
N LYS A 71 5.21 28.14 -30.50
CA LYS A 71 5.59 29.00 -29.39
C LYS A 71 6.99 29.55 -29.66
N SER A 72 7.03 30.73 -30.27
CA SER A 72 8.29 31.39 -30.63
C SER A 72 8.68 32.33 -29.49
N LEU A 73 9.00 31.72 -28.35
CA LEU A 73 9.50 32.40 -27.17
C LEU A 73 10.85 31.80 -26.85
N PRO A 74 11.51 32.27 -25.78
CA PRO A 74 12.76 31.63 -25.36
C PRO A 74 12.45 30.26 -24.77
N ASP A 75 12.80 29.22 -25.53
CA ASP A 75 12.53 27.83 -25.15
C ASP A 75 11.05 27.49 -25.15
N TYR A 76 10.35 27.85 -26.23
CA TYR A 76 8.97 27.42 -26.39
C TYR A 76 8.94 25.99 -26.89
N SER A 77 7.90 25.25 -26.54
CA SER A 77 7.85 23.84 -26.89
C SER A 77 6.41 23.35 -26.89
N CYS A 78 6.00 22.72 -27.98
CA CYS A 78 4.71 22.07 -28.08
C CYS A 78 4.98 20.60 -28.37
N LYS A 79 4.37 19.72 -27.58
CA LYS A 79 4.59 18.29 -27.67
C LYS A 79 3.24 17.61 -27.73
N VAL A 80 3.14 16.58 -28.56
CA VAL A 80 1.89 15.86 -28.77
C VAL A 80 1.98 14.54 -28.02
N PHE A 81 1.18 14.40 -26.98
CA PHE A 81 0.99 13.13 -26.30
C PHE A 81 -0.27 12.49 -26.87
N THR A 82 -0.10 11.47 -27.69
CA THR A 82 -1.21 10.68 -28.15
C THR A 82 -1.73 9.82 -26.99
N GLY A 83 -3.00 9.46 -27.06
CA GLY A 83 -3.59 8.70 -25.97
C GLY A 83 -3.94 9.54 -24.77
N VAL A 84 -4.55 10.68 -24.99
CA VAL A 84 -4.97 11.57 -23.90
C VAL A 84 -6.16 10.93 -23.20
N TYR A 85 -5.89 10.35 -22.03
CA TYR A 85 -6.90 9.69 -21.21
C TYR A 85 -6.74 10.17 -19.77
N PRO A 86 -6.63 11.48 -19.58
CA PRO A 86 -6.41 12.01 -18.23
C PRO A 86 -7.66 11.99 -17.37
N PHE A 87 -7.48 11.67 -16.10
CA PHE A 87 -8.52 11.73 -15.10
C PHE A 87 -8.14 12.74 -14.03
N MET A 88 -9.13 13.51 -13.56
CA MET A 88 -8.93 14.57 -12.58
C MET A 88 -9.79 14.32 -11.34
N TRP A 89 -9.84 15.31 -10.46
CA TRP A 89 -10.53 15.16 -9.18
C TRP A 89 -12.04 15.23 -9.34
N GLY A 90 -12.52 15.72 -10.48
CA GLY A 90 -13.92 15.59 -10.79
C GLY A 90 -14.20 14.31 -11.56
N GLY A 91 -13.16 13.55 -11.88
CA GLY A 91 -13.31 12.34 -12.65
C GLY A 91 -12.47 12.35 -13.91
N ALA A 92 -12.92 11.55 -14.88
CA ALA A 92 -12.21 11.43 -16.16
C ALA A 92 -12.33 12.70 -16.96
N TYR A 93 -11.19 13.22 -17.41
CA TYR A 93 -11.18 14.54 -18.04
C TYR A 93 -11.68 14.48 -19.48
N CYS A 94 -11.64 13.30 -20.09
CA CYS A 94 -12.11 13.12 -21.45
C CYS A 94 -13.42 12.35 -21.45
N PHE A 95 -14.48 12.99 -21.97
CA PHE A 95 -15.73 12.29 -22.20
C PHE A 95 -15.66 11.48 -23.50
N CYS A 96 -14.77 11.86 -24.40
CA CYS A 96 -14.40 11.01 -25.52
C CYS A 96 -13.56 9.84 -25.02
N ASP A 97 -13.37 8.85 -25.89
CA ASP A 97 -12.89 7.55 -25.41
C ASP A 97 -11.37 7.44 -25.49
N THR A 98 -10.80 7.52 -26.68
CA THR A 98 -9.37 7.29 -26.87
C THR A 98 -8.67 8.32 -27.74
N GLU A 99 -9.41 9.10 -28.52
CA GLU A 99 -8.81 9.96 -29.54
C GLU A 99 -8.55 11.36 -29.00
N ASN A 100 -8.25 11.47 -27.71
CA ASN A 100 -7.84 12.71 -27.10
C ASN A 100 -6.33 12.86 -27.22
N THR A 101 -5.88 14.10 -27.30
CA THR A 101 -4.46 14.41 -27.40
C THR A 101 -4.07 15.33 -26.26
N GLN A 102 -2.78 15.38 -25.97
CA GLN A 102 -2.23 16.31 -24.99
C GLN A 102 -1.21 17.18 -25.69
N LEU A 103 -1.60 18.41 -26.01
CA LEU A 103 -0.67 19.43 -26.47
C LEU A 103 -0.05 20.03 -25.21
N SER A 104 1.25 19.83 -25.07
CA SER A 104 2.02 20.35 -23.94
C SER A 104 2.89 21.50 -24.43
N GLU A 105 2.59 22.71 -23.98
CA GLU A 105 3.29 23.91 -24.40
C GLU A 105 4.00 24.49 -23.20
N ALA A 106 5.31 24.63 -23.32
CA ALA A 106 6.15 25.06 -22.21
C ALA A 106 7.14 26.09 -22.74
N HIS A 107 7.18 27.24 -22.05
CA HIS A 107 8.07 28.33 -22.42
C HIS A 107 9.04 28.56 -21.28
N VAL A 108 10.00 29.44 -21.51
CA VAL A 108 11.01 29.79 -20.52
C VAL A 108 10.58 31.09 -19.89
N GLU A 109 11.26 31.48 -18.83
CA GLU A 109 11.05 32.80 -18.23
C GLU A 109 12.25 33.14 -17.38
N LYS A 110 12.44 34.44 -17.18
CA LYS A 110 13.54 34.93 -16.37
C LYS A 110 13.22 34.73 -14.89
N SER A 111 14.19 35.06 -14.05
CA SER A 111 13.98 34.99 -12.62
C SER A 111 13.02 36.08 -12.16
N GLU A 112 12.02 35.67 -11.40
CA GLU A 112 11.11 36.62 -10.77
C GLU A 112 11.80 37.40 -9.66
N SER A 113 12.88 36.85 -9.11
CA SER A 113 13.76 37.62 -8.25
C SER A 113 14.92 38.22 -9.03
N CYS A 114 14.69 38.63 -10.29
CA CYS A 114 15.76 39.11 -11.15
C CYS A 114 16.33 40.45 -10.70
N LYS A 115 15.57 41.23 -9.93
CA LYS A 115 16.14 42.38 -9.27
C LYS A 115 17.14 41.98 -8.20
N THR A 116 16.85 40.93 -7.45
CA THR A 116 17.80 40.37 -6.50
C THR A 116 18.85 39.54 -7.20
N GLU A 117 18.52 38.97 -8.36
CA GLU A 117 19.44 38.17 -9.15
C GLU A 117 20.43 39.14 -9.80
N PHE A 118 21.54 39.38 -9.12
CA PHE A 118 22.53 40.28 -9.67
C PHE A 118 23.73 39.46 -10.10
N ALA A 119 23.69 39.01 -11.34
CA ALA A 119 24.86 38.49 -12.02
C ALA A 119 25.28 39.54 -13.04
N SER A 120 26.33 40.27 -12.72
CA SER A 120 26.82 41.34 -13.58
C SER A 120 28.07 40.88 -14.29
N ALA A 121 27.96 40.62 -15.59
CA ALA A 121 29.10 40.23 -16.40
C ALA A 121 29.76 41.50 -16.89
N TYR A 122 30.43 42.20 -15.98
CA TYR A 122 31.07 43.46 -16.31
C TYR A 122 32.35 43.15 -17.08
N ARG A 123 32.27 43.24 -18.40
CA ARG A 123 33.46 43.18 -19.25
C ARG A 123 34.25 44.45 -18.94
N ALA A 124 35.38 44.28 -18.27
CA ALA A 124 36.06 45.39 -17.62
C ALA A 124 36.86 46.20 -18.64
N HIS A 125 36.72 47.52 -18.56
CA HIS A 125 37.56 48.44 -19.29
C HIS A 125 38.68 48.88 -18.36
N THR A 126 39.28 50.03 -18.63
CA THR A 126 40.45 50.47 -17.88
C THR A 126 40.09 50.90 -16.47
N ALA A 127 41.13 51.10 -15.65
CA ALA A 127 41.00 51.36 -14.23
C ALA A 127 41.24 52.82 -13.92
N SER A 128 40.59 53.32 -12.87
CA SER A 128 40.73 54.70 -12.45
C SER A 128 41.49 54.73 -11.12
N ALA A 129 42.34 55.73 -10.94
CA ALA A 129 43.13 55.87 -9.73
C ALA A 129 42.60 56.98 -8.83
N SER A 130 42.22 56.61 -7.61
CA SER A 130 41.80 57.54 -6.58
C SER A 130 42.58 57.22 -5.32
N ALA A 131 42.93 58.24 -4.55
CA ALA A 131 43.77 58.04 -3.39
C ALA A 131 43.44 59.05 -2.30
N LYS A 132 43.53 58.60 -1.06
CA LYS A 132 43.36 59.46 0.11
C LYS A 132 44.61 59.30 0.97
N LEU A 133 45.31 60.41 1.21
CA LEU A 133 46.56 60.41 1.96
C LEU A 133 46.55 61.56 2.96
N ARG A 134 47.05 61.30 4.16
CA ARG A 134 47.21 62.32 5.19
C ARG A 134 48.60 62.92 5.05
N VAL A 135 48.77 64.13 5.55
CA VAL A 135 50.01 64.89 5.41
C VAL A 135 50.18 65.72 6.67
N LEU A 136 51.41 65.74 7.19
CA LEU A 136 51.76 66.44 8.41
C LEU A 136 52.91 67.37 8.08
N TYR A 137 52.55 68.61 7.75
CA TYR A 137 53.48 69.67 7.47
C TYR A 137 52.95 70.91 8.15
N GLN A 138 53.86 71.81 8.55
CA GLN A 138 53.50 73.04 9.26
C GLN A 138 52.92 72.74 10.63
N GLY A 139 53.34 71.63 11.23
CA GLY A 139 52.72 71.16 12.44
C GLY A 139 51.32 70.64 12.28
N ASN A 140 50.89 70.29 11.07
CA ASN A 140 49.51 69.92 10.86
C ASN A 140 49.43 68.58 10.14
N ASN A 141 48.61 67.68 10.70
CA ASN A 141 48.33 66.41 10.07
C ASN A 141 46.87 66.41 9.64
N VAL A 142 46.63 66.45 8.34
CA VAL A 142 45.29 66.47 7.78
C VAL A 142 45.27 65.61 6.53
N THR A 143 44.09 65.09 6.19
CA THR A 143 43.93 64.15 5.08
C THR A 143 43.43 64.89 3.85
N VAL A 144 43.78 64.38 2.67
CA VAL A 144 43.24 64.86 1.40
C VAL A 144 42.98 63.64 0.53
N SER A 145 41.80 63.59 -0.09
CA SER A 145 41.43 62.52 -1.02
C SER A 145 41.25 63.17 -2.39
N ALA A 146 41.52 62.42 -3.45
CA ALA A 146 41.40 62.97 -4.79
C ALA A 146 41.44 61.87 -5.84
N TYR A 147 41.07 62.25 -7.07
CA TYR A 147 41.26 61.36 -8.20
C TYR A 147 42.74 61.26 -8.51
N ALA A 148 43.38 60.22 -8.00
CA ALA A 148 44.83 60.19 -7.89
C ALA A 148 45.50 59.75 -9.18
N ASN A 149 45.31 60.51 -10.25
CA ASN A 149 46.04 60.28 -11.48
C ASN A 149 47.01 61.40 -11.79
N GLY A 150 46.91 62.53 -11.10
CA GLY A 150 47.71 63.68 -11.43
C GLY A 150 47.11 64.60 -12.45
N ASP A 151 45.78 64.65 -12.55
CA ASP A 151 45.13 65.57 -13.47
C ASP A 151 44.09 66.39 -12.73
N HIS A 152 44.33 66.64 -11.45
CA HIS A 152 43.36 67.36 -10.64
C HIS A 152 44.07 67.72 -9.35
N ALA A 153 43.89 68.95 -8.91
CA ALA A 153 44.69 69.51 -7.84
C ALA A 153 44.19 69.00 -6.49
N VAL A 154 45.10 68.85 -5.54
CA VAL A 154 44.78 68.86 -4.13
C VAL A 154 45.43 70.11 -3.57
N THR A 155 44.76 70.77 -2.64
CA THR A 155 45.29 72.00 -2.08
C THR A 155 44.86 72.10 -0.63
N VAL A 156 45.78 71.86 0.29
CA VAL A 156 45.45 71.79 1.71
C VAL A 156 46.56 72.51 2.47
N LYS A 157 46.18 73.50 3.27
CA LYS A 157 47.10 74.16 4.20
C LYS A 157 48.11 75.02 3.47
N ASP A 158 47.70 75.54 2.32
CA ASP A 158 48.58 76.23 1.38
C ASP A 158 49.50 75.30 0.63
N ALA A 159 49.22 74.00 0.61
CA ALA A 159 50.10 73.01 0.00
C ALA A 159 49.37 72.33 -1.15
N LYS A 160 49.91 72.45 -2.34
CA LYS A 160 49.37 71.75 -3.50
C LYS A 160 49.82 70.31 -3.45
N PHE A 161 49.04 69.45 -4.08
CA PHE A 161 49.34 68.03 -4.21
C PHE A 161 48.99 67.61 -5.62
N ILE A 162 49.99 67.12 -6.34
CA ILE A 162 49.81 66.38 -7.57
C ILE A 162 50.04 64.93 -7.20
N VAL A 163 48.97 64.18 -7.08
CA VAL A 163 49.02 62.79 -6.63
C VAL A 163 48.70 61.90 -7.81
N GLY A 164 49.56 60.93 -8.08
CA GLY A 164 49.30 59.95 -9.09
C GLY A 164 49.94 60.31 -10.42
N PRO A 165 50.10 59.33 -11.30
CA PRO A 165 49.60 57.94 -11.26
C PRO A 165 50.46 56.99 -10.46
N MET A 166 49.98 55.74 -10.38
CA MET A 166 50.74 54.68 -9.73
C MET A 166 51.76 54.11 -10.69
N SER A 167 52.48 53.06 -10.24
CA SER A 167 53.47 52.46 -11.11
C SER A 167 52.84 51.49 -12.11
N SER A 168 52.06 50.52 -11.64
CA SER A 168 51.65 49.37 -12.45
C SER A 168 50.16 49.09 -12.27
N ALA A 169 49.63 48.22 -13.13
CA ALA A 169 48.21 47.90 -13.15
C ALA A 169 47.90 46.46 -12.76
N TRP A 170 48.85 45.77 -12.14
CA TRP A 170 48.57 44.45 -11.58
C TRP A 170 47.66 44.64 -10.38
N THR A 171 46.36 44.60 -10.65
CA THR A 171 45.38 45.06 -9.72
C THR A 171 44.30 44.00 -9.71
N PRO A 172 43.25 44.19 -8.91
CA PRO A 172 42.20 43.17 -8.84
C PRO A 172 41.27 43.10 -10.04
N PHE A 173 41.46 43.93 -11.05
CA PHE A 173 40.75 43.76 -12.30
C PHE A 173 41.22 42.47 -12.98
N ASP A 174 40.24 41.66 -13.36
CA ASP A 174 40.40 40.63 -14.36
C ASP A 174 39.95 41.22 -15.70
N ASN A 175 39.79 40.39 -16.73
CA ASN A 175 39.35 40.91 -18.01
C ASN A 175 37.87 41.22 -18.02
N LYS A 176 37.02 40.21 -17.80
CA LYS A 176 35.58 40.38 -17.75
C LYS A 176 35.11 39.82 -16.42
N ILE A 177 34.98 40.68 -15.43
CA ILE A 177 34.68 40.26 -14.07
C ILE A 177 33.19 40.02 -13.95
N VAL A 178 32.80 39.38 -12.86
CA VAL A 178 31.42 39.11 -12.55
C VAL A 178 31.14 39.64 -11.16
N VAL A 179 30.15 40.51 -11.06
CA VAL A 179 29.56 40.91 -9.80
C VAL A 179 28.55 39.82 -9.46
N TYR A 180 28.92 38.97 -8.51
CA TYR A 180 28.08 37.89 -8.01
C TYR A 180 27.40 38.41 -6.75
N LYS A 181 26.49 39.36 -6.94
CA LYS A 181 25.54 39.87 -5.95
C LYS A 181 26.13 40.68 -4.80
N GLY A 182 27.40 40.51 -4.48
CA GLY A 182 28.31 41.50 -3.98
C GLY A 182 29.74 41.17 -4.34
N ASP A 183 29.97 40.03 -4.99
CA ASP A 183 31.28 39.42 -5.01
C ASP A 183 31.99 39.77 -6.30
N VAL A 184 33.31 39.89 -6.22
CA VAL A 184 34.16 40.00 -7.40
C VAL A 184 34.64 38.59 -7.73
N TYR A 185 34.16 38.06 -8.85
CA TYR A 185 34.68 36.80 -9.34
C TYR A 185 35.18 37.02 -10.76
N ASN A 186 36.47 36.80 -10.98
CA ASN A 186 37.05 36.86 -12.32
C ASN A 186 36.56 35.63 -13.06
N MET A 187 35.84 35.83 -14.16
CA MET A 187 35.18 34.71 -14.83
C MET A 187 35.32 34.84 -16.34
N ASP A 188 35.03 33.75 -17.04
CA ASP A 188 34.93 33.75 -18.51
C ASP A 188 33.48 33.97 -18.92
N TYR A 189 33.21 35.18 -19.38
CA TYR A 189 31.87 35.52 -19.84
C TYR A 189 31.59 34.81 -21.16
N PRO A 190 30.47 34.10 -21.26
CA PRO A 190 30.22 33.28 -22.45
C PRO A 190 29.66 34.11 -23.59
N PRO A 191 29.21 33.46 -24.66
CA PRO A 191 28.53 34.20 -25.74
C PRO A 191 27.21 34.74 -25.26
N PHE A 192 27.00 36.04 -25.45
CA PHE A 192 26.01 36.84 -24.75
C PHE A 192 24.61 36.46 -25.24
N GLY A 193 24.01 35.51 -24.54
CA GLY A 193 22.80 34.87 -24.98
C GLY A 193 23.02 33.55 -25.69
N ALA A 194 24.28 33.19 -25.97
CA ALA A 194 24.57 31.94 -26.64
C ALA A 194 25.42 31.07 -25.74
N GLY A 195 25.03 30.95 -24.48
CA GLY A 195 25.81 30.21 -23.52
C GLY A 195 25.53 28.72 -23.54
N ARG A 196 26.52 27.96 -23.06
CA ARG A 196 26.60 26.52 -22.98
C ARG A 196 25.72 26.01 -21.84
N PRO A 197 25.49 24.70 -21.83
CA PRO A 197 24.49 24.14 -20.90
C PRO A 197 25.02 24.06 -19.48
N GLY A 198 24.20 24.55 -18.55
CA GLY A 198 24.40 24.36 -17.13
C GLY A 198 25.50 25.15 -16.47
N GLN A 199 26.26 25.93 -17.22
CA GLN A 199 27.36 26.70 -16.65
C GLN A 199 26.81 27.96 -16.01
N PHE A 200 27.71 28.70 -15.37
CA PHE A 200 27.37 30.02 -14.84
C PHE A 200 27.16 30.98 -15.99
N GLY A 201 25.90 31.21 -16.32
CA GLY A 201 25.52 31.86 -17.55
C GLY A 201 24.62 31.06 -18.45
N ASP A 202 23.77 30.20 -17.91
CA ASP A 202 22.84 29.47 -18.76
C ASP A 202 21.74 30.38 -19.29
N ILE A 203 21.18 31.24 -18.45
CA ILE A 203 20.21 32.24 -18.89
C ILE A 203 20.98 33.55 -18.95
N GLN A 204 21.53 33.85 -20.12
CA GLN A 204 22.35 35.03 -20.31
C GLN A 204 21.45 36.21 -20.63
N SER A 205 21.60 37.29 -19.87
CA SER A 205 20.83 38.51 -20.06
C SER A 205 21.71 39.58 -20.67
N ARG A 206 21.49 39.82 -21.96
CA ARG A 206 22.30 40.78 -22.70
C ARG A 206 22.02 42.20 -22.27
N THR A 207 20.85 42.47 -21.73
CA THR A 207 20.56 43.69 -21.02
C THR A 207 20.30 43.32 -19.57
N PRO A 208 20.77 44.13 -18.62
CA PRO A 208 20.44 43.87 -17.22
C PRO A 208 19.02 44.22 -16.87
N GLU A 209 18.37 45.06 -17.66
CA GLU A 209 16.93 45.25 -17.58
C GLU A 209 16.25 44.89 -18.89
N SER A 210 16.86 44.06 -19.72
CA SER A 210 16.39 43.81 -21.08
C SER A 210 15.17 42.90 -21.16
N GLU A 211 14.77 42.56 -22.39
CA GLU A 211 13.61 41.69 -22.61
C GLU A 211 14.02 40.42 -23.36
N ASP A 212 15.15 40.44 -24.06
CA ASP A 212 15.66 39.25 -24.73
C ASP A 212 16.69 38.58 -23.83
N VAL A 213 16.56 37.26 -23.68
CA VAL A 213 17.42 36.51 -22.78
C VAL A 213 17.67 35.15 -23.39
N TYR A 214 18.94 34.82 -23.56
CA TYR A 214 19.35 33.58 -24.19
C TYR A 214 19.38 32.48 -23.16
N ALA A 215 18.48 31.53 -23.29
CA ALA A 215 18.41 30.43 -22.34
C ALA A 215 18.25 29.14 -23.11
N ASN A 216 19.33 28.38 -23.23
CA ASN A 216 19.33 27.06 -23.84
C ASN A 216 19.80 26.11 -22.74
N THR A 217 18.86 25.69 -21.90
CA THR A 217 19.14 24.80 -20.79
C THR A 217 18.58 23.41 -20.99
N GLN A 218 18.04 23.13 -22.16
CA GLN A 218 17.44 21.83 -22.46
C GLN A 218 16.18 21.60 -21.64
N LEU A 219 15.30 22.59 -21.61
CA LEU A 219 14.00 22.40 -20.99
C LEU A 219 13.14 21.53 -21.90
N VAL A 220 13.15 20.23 -21.67
CA VAL A 220 12.54 19.27 -22.57
C VAL A 220 11.32 18.68 -21.88
N LEU A 221 10.18 18.68 -22.57
CA LEU A 221 8.99 18.06 -22.03
C LEU A 221 9.02 16.57 -22.35
N GLN A 222 8.74 15.75 -21.34
CA GLN A 222 8.64 14.31 -21.53
C GLN A 222 7.24 13.94 -21.98
N ARG A 223 6.99 12.64 -22.05
CA ARG A 223 5.64 12.14 -22.30
C ARG A 223 4.78 12.45 -21.08
N PRO A 224 3.48 12.64 -21.24
CA PRO A 224 2.68 13.24 -20.16
C PRO A 224 2.36 12.26 -19.04
N SER A 225 1.58 12.76 -18.09
CA SER A 225 1.16 11.93 -16.96
C SER A 225 0.12 10.91 -17.43
N ALA A 226 0.38 9.65 -17.11
CA ALA A 226 -0.44 8.55 -17.62
C ALA A 226 -1.78 8.53 -16.91
N GLY A 227 -2.75 9.24 -17.49
CA GLY A 227 -4.05 9.40 -16.87
C GLY A 227 -4.13 10.52 -15.86
N THR A 228 -3.02 11.24 -15.65
CA THR A 228 -2.97 12.35 -14.71
C THR A 228 -2.59 13.60 -15.47
N VAL A 229 -3.18 14.73 -15.11
CA VAL A 229 -2.94 15.99 -15.81
C VAL A 229 -1.62 16.54 -15.30
N HIS A 230 -0.53 16.12 -15.92
CA HIS A 230 0.80 16.49 -15.48
C HIS A 230 1.67 16.61 -16.71
N VAL A 231 2.50 17.64 -16.73
CA VAL A 231 3.39 17.90 -17.84
C VAL A 231 4.80 17.65 -17.33
N PRO A 232 5.35 16.46 -17.53
CA PRO A 232 6.73 16.22 -17.10
C PRO A 232 7.70 16.92 -18.03
N TYR A 233 8.38 17.92 -17.49
CA TYR A 233 9.20 18.80 -18.30
C TYR A 233 10.59 18.88 -17.69
N SER A 234 11.50 18.11 -18.26
CA SER A 234 12.84 17.95 -17.73
C SER A 234 13.73 19.06 -18.28
N GLN A 235 14.38 19.79 -17.38
CA GLN A 235 15.25 20.88 -17.78
C GLN A 235 16.60 20.65 -17.15
N ALA A 236 17.54 21.55 -17.43
CA ALA A 236 18.89 21.39 -16.93
C ALA A 236 18.97 21.88 -15.48
N PRO A 237 20.10 21.72 -14.81
CA PRO A 237 20.22 22.23 -13.45
C PRO A 237 20.37 23.74 -13.43
N SER A 238 20.34 24.29 -12.22
CA SER A 238 20.48 25.72 -12.03
C SER A 238 21.91 26.14 -12.28
N GLY A 239 22.16 26.67 -13.48
CA GLY A 239 23.46 27.23 -13.78
C GLY A 239 23.72 28.50 -13.00
N PHE A 240 22.69 29.31 -12.80
CA PHE A 240 22.79 30.42 -11.86
C PHE A 240 22.84 29.90 -10.43
N LYS A 241 22.19 28.77 -10.17
CA LYS A 241 22.33 28.12 -8.88
C LYS A 241 23.70 27.52 -8.73
N TYR A 242 24.30 27.01 -9.81
CA TYR A 242 25.63 26.44 -9.76
C TYR A 242 26.71 27.50 -9.58
N TRP A 243 26.61 28.61 -10.31
CA TRP A 243 27.62 29.66 -10.22
C TRP A 243 27.52 30.39 -8.89
N LEU A 244 26.32 30.45 -8.33
CA LEU A 244 26.18 30.88 -6.95
C LEU A 244 26.58 29.79 -5.97
N LYS A 245 26.38 28.52 -6.33
CA LYS A 245 26.86 27.42 -5.51
C LYS A 245 28.38 27.34 -5.56
N GLU A 246 28.95 27.32 -6.75
CA GLU A 246 30.39 27.48 -6.92
C GLU A 246 30.75 28.95 -7.06
N ARG A 247 30.52 29.74 -6.02
CA ARG A 247 30.92 31.14 -6.02
C ARG A 247 32.42 31.31 -5.98
N GLY A 248 33.14 30.37 -5.37
CA GLY A 248 34.58 30.47 -5.23
C GLY A 248 34.99 31.57 -4.27
N ALA A 249 36.24 32.00 -4.42
CA ALA A 249 36.74 33.11 -3.62
C ALA A 249 36.33 34.44 -4.23
N SER A 250 36.14 35.43 -3.38
CA SER A 250 35.97 36.80 -3.81
C SER A 250 37.33 37.45 -4.01
N LEU A 251 37.33 38.77 -4.12
CA LEU A 251 38.59 39.51 -4.16
C LEU A 251 39.35 39.39 -2.86
N GLN A 252 38.66 39.42 -1.72
CA GLN A 252 39.32 39.18 -0.44
C GLN A 252 39.73 37.72 -0.32
N HIS A 253 38.99 36.81 -0.94
CA HIS A 253 39.45 35.44 -1.04
C HIS A 253 40.56 35.28 -2.07
N THR A 254 40.63 36.17 -3.05
CA THR A 254 41.60 36.03 -4.12
C THR A 254 42.58 37.18 -4.19
N ALA A 255 43.14 37.61 -3.07
CA ALA A 255 43.89 38.85 -3.08
C ALA A 255 45.30 38.63 -3.60
N PRO A 256 45.55 38.90 -4.87
CA PRO A 256 46.93 39.01 -5.33
C PRO A 256 47.45 40.40 -5.03
N PHE A 257 48.76 40.51 -4.87
CA PHE A 257 49.45 41.78 -4.61
C PHE A 257 49.15 42.33 -3.22
N GLY A 258 48.68 41.48 -2.31
CA GLY A 258 48.05 41.98 -1.10
C GLY A 258 46.81 42.80 -1.34
N CYS A 259 45.99 42.44 -2.33
CA CYS A 259 44.91 43.30 -2.75
C CYS A 259 43.70 43.20 -1.83
N GLN A 260 42.98 44.31 -1.69
CA GLN A 260 41.73 44.37 -0.94
C GLN A 260 40.61 44.77 -1.91
N ILE A 261 39.61 43.91 -2.04
CA ILE A 261 38.58 44.05 -3.06
C ILE A 261 37.32 44.59 -2.39
N ALA A 262 36.65 45.52 -3.04
CA ALA A 262 35.36 46.04 -2.63
C ALA A 262 34.43 46.13 -3.83
N THR A 263 33.14 46.28 -3.57
CA THR A 263 32.13 46.17 -4.62
C THR A 263 31.17 47.35 -4.58
N ASN A 264 30.54 47.58 -5.73
CA ASN A 264 29.55 48.62 -6.01
C ASN A 264 30.03 50.02 -5.67
N PRO A 265 30.98 50.60 -6.41
CA PRO A 265 31.83 50.17 -7.52
C PRO A 265 32.93 49.31 -6.95
N VAL A 266 33.52 48.47 -7.78
CA VAL A 266 34.60 47.60 -7.34
C VAL A 266 35.83 48.45 -7.06
N ARG A 267 36.25 48.47 -5.80
CA ARG A 267 37.33 49.33 -5.37
C ARG A 267 38.51 48.47 -4.96
N ALA A 268 39.68 48.88 -5.40
CA ALA A 268 40.91 48.18 -5.07
C ALA A 268 41.58 48.94 -3.94
N MET A 269 41.15 48.67 -2.71
CA MET A 269 41.74 49.24 -1.52
C MET A 269 42.96 48.39 -1.18
N ASN A 270 44.09 49.04 -0.94
CA ASN A 270 45.32 48.34 -0.64
C ASN A 270 45.85 47.56 -1.84
N CYS A 271 46.04 48.26 -2.95
CA CYS A 271 46.74 47.69 -4.09
C CYS A 271 48.23 47.78 -3.80
N ALA A 272 48.77 46.82 -3.05
CA ALA A 272 50.14 46.92 -2.53
C ALA A 272 51.16 46.56 -3.62
N VAL A 273 51.31 47.47 -4.57
CA VAL A 273 52.31 47.33 -5.62
C VAL A 273 52.54 48.70 -6.23
N GLY A 274 53.81 49.09 -6.37
CA GLY A 274 54.16 50.37 -6.93
C GLY A 274 54.30 51.48 -5.90
N ASN A 275 54.96 52.57 -6.31
CA ASN A 275 55.24 53.71 -5.48
C ASN A 275 54.54 54.93 -6.04
N MET A 276 54.16 55.85 -5.15
CA MET A 276 53.26 56.96 -5.48
C MET A 276 54.07 58.20 -5.82
N PRO A 277 53.98 58.71 -7.04
CA PRO A 277 54.56 60.02 -7.33
C PRO A 277 53.70 61.13 -6.75
N ILE A 278 54.19 61.74 -5.67
CA ILE A 278 53.49 62.79 -4.97
C ILE A 278 54.30 64.08 -5.11
N SER A 279 53.64 65.13 -5.58
CA SER A 279 54.29 66.41 -5.84
C SER A 279 53.61 67.47 -4.97
N ILE A 280 54.28 67.86 -3.89
CA ILE A 280 53.79 68.90 -3.01
C ILE A 280 54.19 70.22 -3.64
N ASP A 281 53.20 70.98 -4.10
CA ASP A 281 53.42 72.36 -4.49
C ASP A 281 53.55 73.12 -3.17
N ILE A 282 54.79 73.32 -2.76
CA ILE A 282 55.06 74.02 -1.50
C ILE A 282 54.84 75.51 -1.72
N PRO A 283 53.96 76.14 -0.96
CA PRO A 283 53.90 77.61 -0.96
C PRO A 283 55.15 78.16 -0.31
N ASP A 284 55.89 78.93 -1.09
CA ASP A 284 57.27 79.23 -0.74
C ASP A 284 57.36 80.32 0.31
N ALA A 285 56.28 81.10 0.49
CA ALA A 285 56.27 82.18 1.47
C ALA A 285 56.25 81.64 2.89
N ALA A 286 55.67 80.46 3.10
CA ALA A 286 55.69 79.85 4.42
C ALA A 286 57.07 79.31 4.79
N PHE A 287 57.91 79.06 3.79
CA PHE A 287 59.27 78.59 4.02
C PHE A 287 60.11 79.69 4.65
N THR A 288 60.38 79.53 5.94
CA THR A 288 61.12 80.51 6.71
C THR A 288 62.58 80.43 6.31
N ARG A 289 63.28 81.56 6.44
CA ARG A 289 64.63 81.65 5.91
C ARG A 289 65.62 80.93 6.82
N VAL A 290 66.86 80.83 6.35
CA VAL A 290 67.88 80.07 7.07
C VAL A 290 68.35 80.82 8.30
N VAL A 291 68.21 82.14 8.30
CA VAL A 291 68.63 82.89 9.48
C VAL A 291 67.54 82.91 10.53
N ASP A 292 66.34 82.46 10.16
CA ASP A 292 65.17 82.64 11.00
C ASP A 292 65.15 81.72 12.20
N ALA A 293 65.48 80.47 12.03
CA ALA A 293 65.25 79.47 13.06
C ALA A 293 66.35 79.53 14.12
N PRO A 294 66.22 78.72 15.17
CA PRO A 294 67.31 78.63 16.16
C PRO A 294 68.52 77.96 15.54
N SER A 295 69.69 78.50 15.87
CA SER A 295 70.92 78.01 15.27
C SER A 295 71.42 76.82 16.07
N LEU A 296 71.15 75.63 15.56
CA LEU A 296 71.48 74.40 16.26
C LEU A 296 72.92 74.04 15.94
N THR A 297 73.73 73.91 16.99
CA THR A 297 75.14 73.61 16.83
C THR A 297 75.66 72.96 18.10
N ASP A 298 76.78 72.25 17.96
CA ASP A 298 77.42 71.52 19.06
C ASP A 298 76.53 70.40 19.58
N MET A 299 76.22 69.44 18.72
CA MET A 299 75.36 68.33 19.10
C MET A 299 76.17 67.05 19.23
N SER A 300 75.65 66.12 20.01
CA SER A 300 76.21 64.79 20.13
C SER A 300 75.09 63.79 19.90
N CYS A 301 75.38 62.75 19.13
CA CYS A 301 74.42 61.70 18.82
C CYS A 301 74.87 60.41 19.48
N GLU A 302 74.17 60.02 20.52
CA GLU A 302 74.51 58.82 21.27
C GLU A 302 73.32 57.88 21.25
N VAL A 303 73.50 56.72 20.63
CA VAL A 303 72.45 55.73 20.51
C VAL A 303 72.29 55.04 21.86
N PRO A 304 71.17 55.25 22.55
CA PRO A 304 70.99 54.60 23.85
C PRO A 304 70.72 53.12 23.76
N ALA A 305 70.10 52.65 22.69
CA ALA A 305 69.83 51.23 22.52
C ALA A 305 69.73 50.96 21.03
N CYS A 306 70.30 49.83 20.60
CA CYS A 306 70.18 49.41 19.22
C CYS A 306 69.48 48.07 19.20
N THR A 307 68.23 48.07 18.75
CA THR A 307 67.44 46.84 18.67
C THR A 307 66.85 46.78 17.29
N HIS A 308 67.42 45.92 16.44
CA HIS A 308 67.01 45.81 15.04
C HIS A 308 65.67 45.10 15.02
N SER A 309 64.60 45.90 15.02
CA SER A 309 63.23 45.40 15.00
C SER A 309 62.39 46.34 14.16
N SER A 310 61.08 46.11 14.17
CA SER A 310 60.17 46.94 13.37
C SER A 310 59.98 48.31 13.99
N ASP A 311 60.00 48.39 15.33
CA ASP A 311 59.74 49.63 16.06
C ASP A 311 60.93 50.58 15.97
N PHE A 312 60.77 51.77 16.55
CA PHE A 312 61.80 52.81 16.49
C PHE A 312 62.93 52.44 17.44
N GLY A 313 63.81 51.58 16.96
CA GLY A 313 64.71 50.85 17.82
C GLY A 313 65.93 51.60 18.29
N GLY A 314 66.44 52.53 17.49
CA GLY A 314 67.56 53.36 17.88
C GLY A 314 67.04 54.66 18.47
N VAL A 315 66.90 54.68 19.79
CA VAL A 315 66.49 55.87 20.53
C VAL A 315 67.76 56.54 21.04
N ALA A 316 68.20 57.58 20.35
CA ALA A 316 69.48 58.21 20.61
C ALA A 316 69.26 59.63 21.04
N ILE A 317 70.13 60.12 21.91
CA ILE A 317 70.10 61.49 22.39
C ILE A 317 70.97 62.32 21.45
N ILE A 318 70.51 63.53 21.16
CA ILE A 318 71.30 64.54 20.48
C ILE A 318 71.46 65.70 21.45
N LYS A 319 72.60 65.75 22.12
CA LYS A 319 72.94 66.87 22.97
C LYS A 319 73.30 68.06 22.08
N TYR A 320 72.32 68.91 21.83
CA TYR A 320 72.49 70.00 20.88
C TYR A 320 72.31 71.33 21.61
N ALA A 321 72.89 72.38 21.03
CA ALA A 321 72.84 73.72 21.61
C ALA A 321 72.27 74.66 20.56
N ALA A 322 70.97 74.91 20.63
CA ALA A 322 70.27 75.75 19.69
C ALA A 322 70.61 77.22 19.92
N SER A 323 70.41 78.04 18.88
CA SER A 323 70.66 79.47 19.02
C SER A 323 69.60 80.13 19.89
N LYS A 324 68.33 79.93 19.57
CA LYS A 324 67.25 80.31 20.46
C LYS A 324 66.31 79.12 20.56
N LYS A 325 65.27 79.28 21.38
CA LYS A 325 64.30 78.21 21.56
C LYS A 325 63.41 78.14 20.33
N GLY A 326 62.79 76.97 20.11
CA GLY A 326 61.93 76.82 18.96
C GLY A 326 61.75 75.36 18.61
N LYS A 327 61.06 75.14 17.50
CA LYS A 327 60.83 73.80 17.00
C LYS A 327 61.73 73.56 15.80
N CYS A 328 62.80 72.82 16.02
CA CYS A 328 63.77 72.55 14.97
C CYS A 328 63.45 71.20 14.33
N ALA A 329 63.69 71.11 13.04
CA ALA A 329 63.35 69.90 12.30
C ALA A 329 64.38 68.82 12.55
N VAL A 330 63.91 67.59 12.65
CA VAL A 330 64.78 66.42 12.70
C VAL A 330 64.60 65.70 11.37
N HIS A 331 65.61 65.75 10.52
CA HIS A 331 65.47 65.18 9.20
C HIS A 331 66.34 63.95 9.16
N SER A 332 65.78 62.87 8.63
CA SER A 332 66.57 61.69 8.37
C SER A 332 67.43 61.96 7.15
N MET A 333 68.64 62.46 7.40
CA MET A 333 69.56 62.70 6.30
C MET A 333 70.23 61.43 5.81
N THR A 334 70.05 60.31 6.49
CA THR A 334 70.59 59.02 6.08
C THR A 334 69.47 58.22 5.44
N ASN A 335 69.80 57.09 4.83
CA ASN A 335 68.85 56.36 4.01
C ASN A 335 67.94 55.44 4.80
N ALA A 336 68.41 54.86 5.89
CA ALA A 336 67.67 53.74 6.47
C ALA A 336 66.72 54.14 7.59
N VAL A 337 67.20 54.79 8.63
CA VAL A 337 66.46 54.95 9.87
C VAL A 337 65.47 56.08 9.70
N THR A 338 64.20 55.78 9.97
CA THR A 338 63.15 56.79 9.99
C THR A 338 63.08 57.37 11.38
N ILE A 339 63.16 58.70 11.48
CA ILE A 339 63.01 59.41 12.75
C ILE A 339 61.57 59.25 13.20
N ARG A 340 61.38 58.90 14.47
CA ARG A 340 60.04 58.71 15.01
C ARG A 340 59.29 60.03 15.09
N GLU A 341 59.97 61.09 15.49
CA GLU A 341 59.39 62.41 15.45
C GLU A 341 59.67 63.04 14.10
N ALA A 342 59.24 64.29 13.93
CA ALA A 342 59.58 65.05 12.74
C ALA A 342 60.37 66.32 13.05
N GLU A 343 59.86 67.16 13.93
CA GLU A 343 60.57 68.36 14.35
C GLU A 343 60.39 68.49 15.84
N ILE A 344 61.50 68.42 16.57
CA ILE A 344 61.45 68.41 18.03
C ILE A 344 61.64 69.82 18.53
N GLU A 345 61.15 70.09 19.73
CA GLU A 345 61.34 71.39 20.36
C GLU A 345 62.74 71.44 20.95
N VAL A 346 63.62 72.19 20.31
CA VAL A 346 64.93 72.48 20.87
C VAL A 346 64.83 73.80 21.62
N GLU A 347 65.02 73.75 22.93
CA GLU A 347 64.87 74.93 23.77
C GLU A 347 66.22 75.58 24.06
N GLY A 348 67.30 74.83 24.02
CA GLY A 348 68.62 75.37 24.29
C GLY A 348 69.69 74.31 24.26
N ASN A 349 70.66 74.41 25.16
CA ASN A 349 71.74 73.41 25.26
C ASN A 349 71.26 72.13 25.92
N SER A 350 70.45 71.34 25.23
CA SER A 350 69.85 70.15 25.83
C SER A 350 69.98 68.95 24.90
N GLN A 351 69.42 67.82 25.34
CA GLN A 351 69.52 66.57 24.59
C GLN A 351 68.13 66.15 24.10
N LEU A 352 68.00 66.04 22.79
CA LEU A 352 66.78 65.56 22.16
C LEU A 352 66.94 64.06 21.87
N GLN A 353 66.24 63.26 22.66
CA GLN A 353 66.33 61.80 22.57
C GLN A 353 65.27 61.30 21.61
N ILE A 354 65.62 61.30 20.33
CA ILE A 354 64.68 60.92 19.29
C ILE A 354 64.98 59.49 18.88
N SER A 355 63.94 58.79 18.42
CA SER A 355 64.02 57.39 18.07
C SER A 355 63.97 57.24 16.55
N PHE A 356 64.70 56.27 16.04
CA PHE A 356 64.73 55.96 14.63
C PHE A 356 64.54 54.46 14.46
N SER A 357 63.73 54.11 13.47
CA SER A 357 63.44 52.73 13.12
C SER A 357 64.26 52.37 11.89
N THR A 358 65.08 51.34 12.02
CA THR A 358 65.91 50.88 10.93
C THR A 358 65.96 49.36 11.00
N ALA A 359 66.83 48.78 10.17
CA ALA A 359 67.05 47.35 10.20
C ALA A 359 68.52 46.97 10.23
N LEU A 360 69.40 47.86 9.79
CA LEU A 360 70.82 47.56 9.67
C LEU A 360 71.45 47.54 11.05
N ALA A 361 72.24 46.50 11.32
CA ALA A 361 72.75 46.28 12.66
C ALA A 361 73.87 47.24 13.01
N SER A 362 74.80 47.45 12.10
CA SER A 362 75.85 48.45 12.27
C SER A 362 75.29 49.72 11.65
N ALA A 363 74.61 50.54 12.46
CA ALA A 363 73.90 51.70 11.95
C ALA A 363 74.73 52.94 12.23
N GLU A 364 75.03 53.70 11.18
CA GLU A 364 75.54 55.07 11.30
C GLU A 364 74.52 55.99 10.67
N PHE A 365 73.62 56.52 11.48
CA PHE A 365 72.54 57.34 10.96
C PHE A 365 72.98 58.79 11.00
N ARG A 366 73.02 59.41 9.83
CA ARG A 366 73.27 60.84 9.70
C ARG A 366 71.92 61.54 9.67
N VAL A 367 71.74 62.50 10.57
CA VAL A 367 70.49 63.23 10.72
C VAL A 367 70.81 64.72 10.59
N GLN A 368 69.89 65.48 10.05
CA GLN A 368 69.94 66.93 10.03
C GLN A 368 69.16 67.42 11.25
N VAL A 369 69.88 68.03 12.18
CA VAL A 369 69.25 68.73 13.29
C VAL A 369 69.05 70.16 12.83
N CYS A 370 68.01 70.36 12.03
CA CYS A 370 67.42 71.61 11.57
C CYS A 370 68.27 72.48 10.65
N SER A 371 69.59 72.38 10.75
CA SER A 371 70.53 72.71 9.69
C SER A 371 71.74 71.79 9.77
N THR A 372 71.93 71.12 10.91
CA THR A 372 73.20 70.50 11.22
C THR A 372 73.19 69.04 10.82
N GLN A 373 74.35 68.42 10.86
CA GLN A 373 74.49 66.99 10.58
C GLN A 373 75.02 66.28 11.81
N VAL A 374 74.64 65.03 11.96
CA VAL A 374 75.15 64.17 13.03
C VAL A 374 75.13 62.73 12.53
N HIS A 375 76.29 62.08 12.53
CA HIS A 375 76.35 60.66 12.18
C HIS A 375 76.53 59.85 13.45
N CYS A 376 75.43 59.30 13.95
CA CYS A 376 75.42 58.54 15.20
C CYS A 376 75.64 57.07 14.88
N ALA A 377 76.20 56.34 15.84
CA ALA A 377 76.54 54.92 15.67
C ALA A 377 75.72 54.07 16.65
N ALA A 378 75.36 52.88 16.20
CA ALA A 378 74.56 51.95 17.01
C ALA A 378 74.80 50.52 16.55
N GLU A 379 74.94 49.61 17.51
CA GLU A 379 75.01 48.17 17.26
C GLU A 379 73.60 47.61 17.42
N CYS A 380 72.85 47.59 16.33
CA CYS A 380 71.45 47.20 16.37
C CYS A 380 71.32 45.69 16.52
N HIS A 381 71.08 45.24 17.74
CA HIS A 381 70.96 43.81 17.99
C HIS A 381 69.62 43.30 17.51
N PRO A 382 69.49 42.00 17.26
CA PRO A 382 68.22 41.48 16.78
C PRO A 382 67.19 41.44 17.90
N PRO A 383 65.96 41.86 17.64
CA PRO A 383 64.94 41.90 18.68
C PRO A 383 64.47 40.49 19.02
N LYS A 384 63.91 40.37 20.24
CA LYS A 384 63.61 39.04 20.75
C LYS A 384 62.32 38.48 20.17
N ASP A 385 61.47 39.32 19.58
CA ASP A 385 60.17 38.90 19.07
C ASP A 385 60.35 38.12 17.78
N HIS A 386 59.30 37.36 17.40
CA HIS A 386 59.36 36.60 16.18
C HIS A 386 58.50 37.17 15.07
N ILE A 387 57.21 37.32 15.29
CA ILE A 387 56.28 37.75 14.25
C ILE A 387 55.46 38.90 14.82
N VAL A 388 55.26 39.94 14.03
CA VAL A 388 54.53 41.11 14.48
C VAL A 388 53.32 41.30 13.58
N ASN A 389 52.53 42.32 13.89
CA ASN A 389 51.38 42.64 13.07
C ASN A 389 51.70 43.63 11.97
N TYR A 390 52.37 44.73 12.29
CA TYR A 390 52.48 45.84 11.37
C TYR A 390 53.58 45.63 10.34
N PRO A 391 53.79 46.60 9.46
CA PRO A 391 55.05 46.67 8.72
C PRO A 391 56.13 47.29 9.60
N ALA A 392 57.33 47.38 9.02
CA ALA A 392 58.51 47.71 9.82
C ALA A 392 59.37 48.73 9.08
N SER A 393 60.58 48.91 9.59
CA SER A 393 61.55 49.77 8.93
C SER A 393 62.74 48.94 8.50
N TYR B 1 63.62 -28.68 55.55
CA TYR B 1 64.12 -28.01 54.35
C TYR B 1 63.42 -26.68 54.13
N GLU B 2 64.17 -25.71 53.61
CA GLU B 2 63.64 -24.39 53.27
C GLU B 2 63.90 -24.11 51.80
N HIS B 3 62.85 -24.25 50.98
CA HIS B 3 62.98 -24.14 49.54
C HIS B 3 62.68 -22.70 49.12
N VAL B 4 63.72 -21.96 48.77
CA VAL B 4 63.57 -20.64 48.19
C VAL B 4 63.78 -20.78 46.69
N THR B 5 62.74 -20.49 45.92
CA THR B 5 62.87 -20.37 44.47
C THR B 5 62.25 -19.05 44.06
N VAL B 6 62.19 -18.80 42.75
CA VAL B 6 61.56 -17.59 42.23
C VAL B 6 60.91 -17.94 40.90
N ILE B 7 59.57 -17.94 40.88
CA ILE B 7 58.82 -18.33 39.69
C ILE B 7 58.80 -17.17 38.71
N PRO B 8 58.57 -17.41 37.43
CA PRO B 8 58.40 -16.30 36.50
C PRO B 8 57.02 -15.67 36.67
N ASN B 9 56.89 -14.42 36.23
CA ASN B 9 55.65 -13.66 36.39
C ASN B 9 54.69 -13.98 35.25
N THR B 10 54.15 -15.20 35.30
CA THR B 10 53.16 -15.67 34.34
C THR B 10 52.20 -16.53 35.15
N VAL B 11 50.92 -16.16 35.11
CA VAL B 11 49.94 -16.73 36.02
C VAL B 11 49.56 -18.12 35.58
N GLY B 12 49.34 -19.00 36.57
CA GLY B 12 48.69 -20.27 36.33
C GLY B 12 49.56 -21.42 35.93
N VAL B 13 50.79 -21.16 35.49
CA VAL B 13 51.65 -22.29 35.14
C VAL B 13 52.35 -22.62 36.44
N PRO B 14 51.81 -23.54 37.24
CA PRO B 14 52.36 -23.80 38.57
C PRO B 14 53.64 -24.61 38.47
N TYR B 15 54.76 -23.92 38.60
CA TYR B 15 56.07 -24.54 38.55
C TYR B 15 56.27 -25.38 39.80
N LYS B 16 56.59 -26.65 39.59
CA LYS B 16 56.83 -27.57 40.69
C LYS B 16 58.26 -27.38 41.18
N THR B 17 58.42 -27.12 42.47
CA THR B 17 59.71 -27.17 43.13
C THR B 17 59.86 -28.57 43.68
N LEU B 18 60.86 -29.30 43.18
CA LEU B 18 61.13 -30.67 43.62
C LEU B 18 62.05 -30.61 44.83
N VAL B 19 61.54 -30.07 45.92
CA VAL B 19 62.30 -29.88 47.14
C VAL B 19 62.37 -31.24 47.81
N ASN B 20 63.55 -31.84 47.75
CA ASN B 20 63.87 -33.06 48.47
C ASN B 20 64.95 -32.64 49.47
N ARG B 21 64.59 -32.59 50.75
CA ARG B 21 65.57 -32.31 51.80
C ARG B 21 66.43 -33.54 51.98
N PRO B 22 67.69 -33.38 52.39
CA PRO B 22 68.52 -34.55 52.69
C PRO B 22 68.01 -35.25 53.94
N GLY B 23 67.87 -36.56 53.86
CA GLY B 23 67.14 -37.28 54.87
C GLY B 23 65.65 -37.20 54.70
N TYR B 24 65.18 -36.89 53.50
CA TYR B 24 63.76 -36.84 53.20
C TYR B 24 63.49 -37.63 51.93
N SER B 25 62.22 -37.77 51.62
CA SER B 25 61.84 -38.20 50.29
C SER B 25 61.70 -36.98 49.40
N PRO B 26 61.35 -37.14 48.13
CA PRO B 26 61.07 -35.96 47.30
C PRO B 26 59.76 -35.31 47.70
N MET B 27 59.69 -33.99 47.53
CA MET B 27 58.49 -33.22 47.79
C MET B 27 58.27 -32.25 46.64
N VAL B 28 57.18 -32.42 45.91
CA VAL B 28 56.88 -31.59 44.74
C VAL B 28 55.89 -30.52 45.18
N LEU B 29 56.29 -29.24 45.06
CA LEU B 29 55.45 -28.12 45.42
C LEU B 29 55.15 -27.31 44.17
N GLU B 30 53.97 -27.55 43.58
CA GLU B 30 53.53 -26.82 42.40
C GLU B 30 53.02 -25.47 42.85
N MET B 31 53.78 -24.42 42.58
CA MET B 31 53.44 -23.06 42.97
C MET B 31 52.89 -22.34 41.75
N GLU B 32 51.73 -21.70 41.91
CA GLU B 32 51.06 -20.97 40.85
C GLU B 32 50.76 -19.58 41.35
N LEU B 33 51.30 -18.57 40.67
CA LEU B 33 51.06 -17.18 41.03
C LEU B 33 49.65 -16.80 40.59
N LEU B 34 48.68 -17.05 41.46
CA LEU B 34 47.29 -16.77 41.14
C LEU B 34 47.02 -15.27 41.14
N SER B 35 47.63 -14.52 42.05
CA SER B 35 47.31 -13.10 42.15
C SER B 35 48.60 -12.30 42.20
N VAL B 36 48.57 -11.11 41.60
CA VAL B 36 49.67 -10.15 41.67
C VAL B 36 49.07 -8.76 41.55
N THR B 37 49.35 -7.90 42.51
CA THR B 37 48.85 -6.53 42.52
C THR B 37 50.01 -5.56 42.62
N LEU B 38 49.99 -4.54 41.78
CA LEU B 38 51.04 -3.53 41.71
C LEU B 38 50.44 -2.21 42.20
N GLU B 39 50.70 -1.86 43.45
CA GLU B 39 50.11 -0.68 44.07
C GLU B 39 51.06 0.51 43.94
N PRO B 40 50.86 1.41 42.98
CA PRO B 40 51.80 2.51 42.81
C PRO B 40 51.56 3.63 43.80
N THR B 41 52.52 4.54 43.87
CA THR B 41 52.36 5.75 44.68
C THR B 41 51.62 6.80 43.86
N LEU B 42 50.35 7.01 44.19
CA LEU B 42 49.57 8.07 43.57
C LEU B 42 49.70 9.32 44.41
N SER B 43 50.10 10.42 43.79
CA SER B 43 50.20 11.72 44.47
C SER B 43 49.31 12.69 43.72
N LEU B 44 48.03 12.70 44.05
CA LEU B 44 47.04 13.50 43.32
C LEU B 44 47.21 14.97 43.67
N ASP B 45 47.87 15.73 42.79
CA ASP B 45 48.10 17.14 43.06
C ASP B 45 47.16 18.03 42.27
N TYR B 46 47.04 17.80 40.96
CA TYR B 46 46.26 18.67 40.10
C TYR B 46 44.86 18.10 40.01
N ILE B 47 43.87 18.98 40.16
CA ILE B 47 42.48 18.58 40.11
C ILE B 47 41.89 19.06 38.79
N THR B 48 41.22 18.15 38.10
CA THR B 48 40.72 18.40 36.77
C THR B 48 39.21 18.39 36.78
N CYS B 49 38.63 19.24 35.95
CA CYS B 49 37.18 19.35 35.79
C CYS B 49 36.91 20.46 34.79
N GLU B 50 35.64 20.64 34.43
CA GLU B 50 35.27 21.74 33.55
C GLU B 50 34.62 22.87 34.34
N TYR B 51 35.06 24.09 34.08
CA TYR B 51 34.55 25.25 34.78
C TYR B 51 33.97 26.27 33.81
N LYS B 52 32.91 26.95 34.27
CA LYS B 52 32.16 27.89 33.45
C LYS B 52 32.25 29.26 34.09
N THR B 53 32.17 30.31 33.29
CA THR B 53 32.36 31.68 33.76
C THR B 53 31.01 32.32 33.95
N VAL B 54 30.72 32.74 35.18
CA VAL B 54 29.46 33.39 35.51
C VAL B 54 29.64 34.90 35.32
N ILE B 55 28.67 35.53 34.66
CA ILE B 55 28.59 36.98 34.54
C ILE B 55 27.39 37.41 35.37
N PRO B 56 27.44 38.57 36.01
CA PRO B 56 26.38 38.96 36.94
C PRO B 56 25.23 39.64 36.21
N SER B 57 24.32 40.20 37.00
CA SER B 57 23.34 41.13 36.47
C SER B 57 24.08 42.39 36.01
N PRO B 58 23.73 42.97 34.88
CA PRO B 58 24.58 44.00 34.29
C PRO B 58 24.42 45.35 34.98
N TYR B 59 25.54 46.02 35.18
CA TYR B 59 25.54 47.38 35.73
C TYR B 59 25.09 48.30 34.62
N VAL B 60 23.78 48.55 34.55
CA VAL B 60 23.22 49.42 33.52
C VAL B 60 23.26 50.84 34.07
N LYS B 61 24.40 51.50 33.94
CA LYS B 61 24.55 52.87 34.38
C LYS B 61 23.87 53.78 33.36
N CYS B 62 22.57 53.99 33.54
CA CYS B 62 21.83 54.95 32.73
C CYS B 62 22.14 56.33 33.27
N CYS B 63 22.88 57.12 32.49
CA CYS B 63 23.52 58.32 33.01
C CYS B 63 24.65 57.98 33.99
N GLY B 64 25.23 56.79 33.84
CA GLY B 64 26.14 56.28 34.85
C GLY B 64 27.57 56.36 34.39
N THR B 65 28.46 56.45 35.38
CA THR B 65 29.89 56.45 35.16
C THR B 65 30.42 55.11 35.66
N ALA B 66 30.88 54.28 34.73
CA ALA B 66 31.37 52.95 35.07
C ALA B 66 32.82 53.01 35.51
N GLU B 67 33.16 52.19 36.49
CA GLU B 67 34.52 52.10 37.02
C GLU B 67 34.86 50.64 37.21
N CYS B 68 35.83 50.15 36.44
CA CYS B 68 36.18 48.75 36.47
C CYS B 68 36.99 48.45 37.73
N LYS B 69 36.30 48.06 38.79
CA LYS B 69 36.91 47.65 40.04
C LYS B 69 37.59 46.31 39.84
N ASP B 70 38.77 46.15 40.41
CA ASP B 70 39.56 44.94 40.23
C ASP B 70 38.96 43.82 41.05
N LYS B 71 37.99 43.12 40.46
CA LYS B 71 37.31 42.02 41.13
C LYS B 71 38.10 40.74 40.95
N SER B 72 38.69 40.27 42.04
CA SER B 72 39.45 39.02 42.06
C SER B 72 38.47 37.85 41.98
N LEU B 73 38.07 37.54 40.76
CA LEU B 73 37.29 36.37 40.40
C LEU B 73 38.17 35.50 39.52
N PRO B 74 37.66 34.35 39.09
CA PRO B 74 38.41 33.57 38.09
C PRO B 74 38.33 34.30 36.75
N ASP B 75 39.40 35.02 36.43
CA ASP B 75 39.42 35.94 35.30
C ASP B 75 38.37 37.04 35.45
N TYR B 76 38.51 37.87 36.48
CA TYR B 76 37.48 38.83 36.82
C TYR B 76 37.48 39.97 35.83
N SER B 77 36.67 39.84 34.79
CA SER B 77 36.68 40.75 33.66
C SER B 77 35.46 41.65 33.76
N CYS B 78 35.71 42.93 33.96
CA CYS B 78 34.68 43.93 34.08
C CYS B 78 34.91 44.94 32.98
N LYS B 79 33.99 44.99 32.04
CA LYS B 79 34.10 45.86 30.88
C LYS B 79 32.91 46.79 30.95
N VAL B 80 33.19 48.09 31.05
CA VAL B 80 32.19 49.12 31.01
C VAL B 80 32.13 49.63 29.57
N PHE B 81 31.34 48.98 28.74
CA PHE B 81 31.11 49.42 27.38
C PHE B 81 30.23 50.65 27.45
N THR B 82 30.71 51.76 26.88
CA THR B 82 30.01 53.02 26.96
C THR B 82 29.05 53.16 25.79
N GLY B 83 28.06 54.03 25.98
CA GLY B 83 27.13 54.32 24.90
C GLY B 83 25.99 53.34 24.77
N VAL B 84 25.28 53.07 25.85
CA VAL B 84 24.18 52.11 25.81
C VAL B 84 22.88 52.86 25.53
N TYR B 85 22.15 52.41 24.52
CA TYR B 85 20.79 52.87 24.27
C TYR B 85 19.93 51.64 24.47
N PRO B 86 19.97 51.05 25.66
CA PRO B 86 19.53 49.66 25.82
C PRO B 86 18.02 49.52 25.91
N PHE B 87 17.44 49.02 24.83
CA PHE B 87 16.01 48.78 24.74
C PHE B 87 15.70 47.44 25.40
N MET B 88 14.48 47.29 25.88
CA MET B 88 14.04 46.07 26.53
C MET B 88 12.61 45.75 26.13
N TRP B 89 12.02 44.77 26.82
CA TRP B 89 10.59 44.55 26.73
C TRP B 89 9.83 45.71 27.36
N GLY B 90 10.41 46.33 28.38
CA GLY B 90 9.98 47.62 28.83
C GLY B 90 10.80 48.76 28.25
N GLY B 91 11.20 48.64 26.99
CA GLY B 91 11.77 49.72 26.22
C GLY B 91 13.18 50.11 26.65
N ALA B 92 13.56 51.32 26.24
CA ALA B 92 14.82 51.90 26.66
C ALA B 92 14.73 52.27 28.13
N TYR B 93 15.27 51.40 28.99
CA TYR B 93 15.07 51.51 30.42
C TYR B 93 15.86 52.65 31.03
N CYS B 94 16.92 53.09 30.35
CA CYS B 94 17.58 54.33 30.67
C CYS B 94 16.73 55.47 30.08
N PHE B 95 16.35 56.40 30.94
CA PHE B 95 15.50 57.50 30.51
C PHE B 95 16.31 58.53 29.72
N CYS B 96 17.60 58.63 30.00
CA CYS B 96 18.48 59.49 29.22
C CYS B 96 18.73 58.89 27.85
N ASP B 97 19.15 59.73 26.91
CA ASP B 97 19.31 59.28 25.54
C ASP B 97 20.74 58.89 25.22
N THR B 98 21.70 59.28 26.07
CA THR B 98 23.10 59.05 25.75
C THR B 98 23.94 58.56 26.92
N GLU B 99 23.45 58.61 28.15
CA GLU B 99 24.31 58.37 29.29
C GLU B 99 24.44 56.90 29.66
N ASN B 100 23.88 56.00 28.87
CA ASN B 100 23.84 54.59 29.19
C ASN B 100 25.20 53.95 28.98
N THR B 101 25.62 53.16 29.97
CA THR B 101 26.83 52.36 29.89
C THR B 101 26.54 51.02 30.54
N GLN B 102 27.25 49.99 30.09
CA GLN B 102 27.08 48.64 30.60
C GLN B 102 28.39 48.22 31.23
N LEU B 103 28.42 48.23 32.55
CA LEU B 103 29.53 47.66 33.32
C LEU B 103 29.18 46.20 33.59
N SER B 104 29.80 45.29 32.85
CA SER B 104 29.56 43.87 33.00
C SER B 104 30.82 43.19 33.52
N GLU B 105 30.68 42.47 34.64
CA GLU B 105 31.79 41.74 35.24
C GLU B 105 31.50 40.24 35.17
N ALA B 106 32.57 39.45 35.19
CA ALA B 106 32.42 38.00 35.15
C ALA B 106 33.63 37.35 35.82
N HIS B 107 33.35 36.25 36.52
CA HIS B 107 34.40 35.47 37.16
C HIS B 107 34.10 34.00 36.92
N VAL B 108 35.16 33.19 36.91
CA VAL B 108 35.03 31.77 36.60
C VAL B 108 34.62 31.03 37.85
N GLU B 109 33.97 29.87 37.67
CA GLU B 109 33.59 29.00 38.76
C GLU B 109 33.56 27.56 38.26
N LYS B 110 34.15 26.67 39.04
CA LYS B 110 34.14 25.27 38.66
C LYS B 110 32.77 24.68 39.00
N SER B 111 32.34 23.71 38.21
CA SER B 111 31.06 23.09 38.47
C SER B 111 31.19 22.07 39.60
N GLU B 112 30.05 21.59 40.08
CA GLU B 112 30.07 20.48 41.03
C GLU B 112 30.49 19.19 40.36
N SER B 113 30.26 19.09 39.05
CA SER B 113 30.76 17.96 38.28
C SER B 113 32.24 18.06 37.97
N CYS B 114 32.89 19.19 38.30
CA CYS B 114 34.34 19.24 38.27
C CYS B 114 34.94 18.33 39.32
N LYS B 115 34.29 18.22 40.48
CA LYS B 115 34.64 17.18 41.43
C LYS B 115 33.91 15.89 41.10
N THR B 116 32.77 15.99 40.41
CA THR B 116 32.05 14.84 39.88
C THR B 116 32.84 14.14 38.78
N GLU B 117 33.66 14.88 38.04
CA GLU B 117 34.64 14.28 37.13
C GLU B 117 35.97 14.92 37.48
N PHE B 118 36.63 14.39 38.50
CA PHE B 118 37.88 14.96 38.95
C PHE B 118 39.01 14.28 38.20
N ALA B 119 39.72 15.07 37.42
CA ALA B 119 40.95 14.59 36.80
C ALA B 119 42.01 14.54 37.89
N SER B 120 42.44 13.34 38.24
CA SER B 120 43.45 13.14 39.26
C SER B 120 44.82 13.21 38.59
N ALA B 121 45.59 14.25 38.94
CA ALA B 121 46.96 14.39 38.48
C ALA B 121 47.83 13.69 39.51
N TYR B 122 47.83 12.36 39.45
CA TYR B 122 48.61 11.54 40.36
C TYR B 122 50.08 11.68 40.01
N ARG B 123 50.83 12.24 40.95
CA ARG B 123 52.29 12.22 40.90
C ARG B 123 52.68 10.79 41.16
N ALA B 124 53.36 10.18 40.17
CA ALA B 124 53.66 8.75 40.20
C ALA B 124 54.80 8.46 41.16
N HIS B 125 54.46 7.92 42.33
CA HIS B 125 55.46 7.55 43.32
C HIS B 125 55.86 6.10 43.11
N THR B 126 56.55 5.51 44.07
CA THR B 126 57.04 4.16 43.93
C THR B 126 55.90 3.15 44.03
N ALA B 127 56.18 1.92 43.60
CA ALA B 127 55.15 0.90 43.47
C ALA B 127 55.19 -0.05 44.65
N SER B 128 54.07 -0.70 44.94
CA SER B 128 53.99 -1.73 45.96
C SER B 128 53.74 -3.07 45.29
N ALA B 129 54.06 -4.15 45.99
CA ALA B 129 53.78 -5.49 45.51
C ALA B 129 52.85 -6.22 46.47
N SER B 130 51.81 -6.84 45.93
CA SER B 130 50.92 -7.69 46.70
C SER B 130 50.54 -8.89 45.85
N ALA B 131 50.78 -10.08 46.37
CA ALA B 131 50.69 -11.28 45.54
C ALA B 131 49.69 -12.27 46.12
N LYS B 132 49.15 -13.12 45.24
CA LYS B 132 48.36 -14.29 45.65
C LYS B 132 48.95 -15.50 44.92
N LEU B 133 49.13 -16.61 45.64
CA LEU B 133 49.77 -17.79 45.07
C LEU B 133 49.26 -19.05 45.75
N ARG B 134 49.01 -20.08 44.95
CA ARG B 134 48.73 -21.42 45.45
C ARG B 134 50.02 -22.22 45.42
N VAL B 135 50.21 -23.07 46.41
CA VAL B 135 51.37 -23.94 46.49
C VAL B 135 50.86 -25.34 46.80
N LEU B 136 51.44 -26.34 46.15
CA LEU B 136 51.07 -27.74 46.38
C LEU B 136 51.87 -28.21 47.59
N TYR B 137 51.39 -27.86 48.77
CA TYR B 137 52.08 -28.12 50.03
C TYR B 137 51.39 -29.27 50.73
N GLN B 138 52.09 -30.40 50.82
CA GLN B 138 51.57 -31.63 51.41
C GLN B 138 50.39 -32.19 50.60
N GLY B 139 50.40 -31.93 49.30
CA GLY B 139 49.26 -32.20 48.45
C GLY B 139 48.12 -31.20 48.54
N ASN B 140 48.15 -30.28 49.50
CA ASN B 140 47.07 -29.32 49.64
C ASN B 140 47.37 -28.15 48.72
N ASN B 141 46.31 -27.50 48.25
CA ASN B 141 46.46 -26.29 47.46
C ASN B 141 46.36 -25.12 48.43
N VAL B 142 47.50 -24.70 48.97
CA VAL B 142 47.55 -23.61 49.93
C VAL B 142 47.67 -22.32 49.13
N THR B 143 46.58 -21.57 49.06
CA THR B 143 46.54 -20.31 48.33
C THR B 143 46.56 -19.17 49.34
N VAL B 144 47.63 -18.38 49.31
CA VAL B 144 47.84 -17.30 50.27
C VAL B 144 48.32 -16.08 49.50
N SER B 145 47.92 -14.91 49.97
CA SER B 145 48.39 -13.64 49.43
C SER B 145 49.41 -13.09 50.43
N ALA B 146 50.13 -12.06 50.04
CA ALA B 146 51.15 -11.46 50.90
C ALA B 146 51.57 -10.11 50.37
N TYR B 147 52.06 -9.27 51.28
CA TYR B 147 52.64 -8.00 50.89
C TYR B 147 53.98 -8.27 50.22
N ALA B 148 54.00 -8.24 48.90
CA ALA B 148 55.09 -8.83 48.15
C ALA B 148 56.27 -7.90 47.98
N ASN B 149 56.82 -7.40 49.08
CA ASN B 149 58.09 -6.70 49.02
C ASN B 149 59.27 -7.64 49.12
N GLY B 150 59.03 -8.90 49.46
CA GLY B 150 60.08 -9.79 49.90
C GLY B 150 60.17 -9.97 51.39
N ASP B 151 59.52 -9.11 52.17
CA ASP B 151 59.64 -9.11 53.62
C ASP B 151 58.27 -9.05 54.27
N HIS B 152 57.33 -9.83 53.76
CA HIS B 152 56.02 -9.97 54.39
C HIS B 152 55.79 -11.48 54.53
N ALA B 153 55.65 -11.94 55.77
CA ALA B 153 55.64 -13.36 56.04
C ALA B 153 54.25 -13.91 55.77
N VAL B 154 54.18 -15.12 55.22
CA VAL B 154 52.93 -15.84 55.06
C VAL B 154 53.11 -17.20 55.72
N THR B 155 52.65 -17.33 56.94
CA THR B 155 52.72 -18.59 57.66
C THR B 155 51.41 -19.34 57.43
N VAL B 156 51.47 -20.43 56.68
CA VAL B 156 50.28 -21.21 56.36
C VAL B 156 50.64 -22.69 56.42
N LYS B 157 49.97 -23.43 57.30
CA LYS B 157 50.00 -24.90 57.32
C LYS B 157 51.35 -25.43 57.77
N ASP B 158 52.05 -24.66 58.60
CA ASP B 158 53.41 -24.94 59.01
C ASP B 158 54.43 -24.63 57.93
N ALA B 159 54.04 -23.92 56.88
CA ALA B 159 54.97 -23.46 55.87
C ALA B 159 55.07 -21.95 55.96
N LYS B 160 56.27 -21.44 56.23
CA LYS B 160 56.53 -20.01 56.12
C LYS B 160 56.81 -19.69 54.66
N PHE B 161 56.30 -18.58 54.18
CA PHE B 161 56.48 -18.18 52.80
C PHE B 161 56.90 -16.71 52.78
N ILE B 162 58.15 -16.47 52.38
CA ILE B 162 58.63 -15.14 52.05
C ILE B 162 58.31 -14.97 50.58
N VAL B 163 57.49 -13.99 50.25
CA VAL B 163 56.95 -13.84 48.91
C VAL B 163 57.59 -12.62 48.25
N GLY B 164 58.20 -12.83 47.09
CA GLY B 164 58.80 -11.75 46.37
C GLY B 164 60.23 -11.50 46.81
N PRO B 165 60.76 -10.29 46.57
CA PRO B 165 60.22 -9.09 45.95
C PRO B 165 60.22 -9.21 44.43
N MET B 166 59.67 -8.21 43.74
CA MET B 166 59.47 -8.31 42.30
C MET B 166 60.80 -8.17 41.57
N SER B 167 60.81 -8.60 40.31
CA SER B 167 62.03 -8.53 39.51
C SER B 167 62.18 -7.19 38.80
N SER B 168 61.13 -6.70 38.14
CA SER B 168 61.22 -5.53 37.28
C SER B 168 60.16 -4.50 37.67
N ALA B 169 60.55 -3.23 37.67
CA ALA B 169 59.66 -2.16 38.05
C ALA B 169 59.01 -1.45 36.87
N TRP B 170 59.01 -2.05 35.68
CA TRP B 170 58.46 -1.38 34.52
C TRP B 170 56.94 -1.43 34.54
N THR B 171 56.35 -0.56 35.33
CA THR B 171 54.95 -0.66 35.65
C THR B 171 54.14 0.01 34.56
N PRO B 172 52.82 -0.09 34.61
CA PRO B 172 51.99 0.71 33.72
C PRO B 172 51.91 2.16 34.12
N PHE B 173 52.30 2.52 35.35
CA PHE B 173 52.20 3.88 35.83
C PHE B 173 53.24 4.76 35.14
N ASP B 174 52.85 6.01 34.91
CA ASP B 174 53.74 7.06 34.43
C ASP B 174 54.05 8.03 35.58
N ASN B 175 54.94 8.99 35.33
CA ASN B 175 55.32 9.93 36.39
C ASN B 175 54.18 10.90 36.70
N LYS B 176 53.45 11.34 35.69
CA LYS B 176 52.21 12.07 35.87
C LYS B 176 51.10 11.21 35.29
N ILE B 177 50.33 10.56 36.14
CA ILE B 177 49.21 9.73 35.71
C ILE B 177 47.93 10.54 35.87
N VAL B 178 46.96 10.26 35.03
CA VAL B 178 45.70 10.98 35.00
C VAL B 178 44.59 9.97 35.24
N VAL B 179 43.84 10.18 36.30
CA VAL B 179 42.72 9.32 36.66
C VAL B 179 41.44 10.09 36.36
N TYR B 180 40.72 9.65 35.34
CA TYR B 180 39.47 10.29 34.92
C TYR B 180 38.38 9.24 35.05
N LYS B 181 37.89 9.07 36.27
CA LYS B 181 36.64 8.42 36.66
C LYS B 181 36.55 6.91 36.44
N GLY B 182 37.33 6.36 35.52
CA GLY B 182 37.78 4.99 35.52
C GLY B 182 39.08 4.84 34.76
N ASP B 183 39.61 5.92 34.20
CA ASP B 183 40.61 5.83 33.15
C ASP B 183 41.96 6.29 33.69
N VAL B 184 43.00 5.51 33.39
CA VAL B 184 44.37 5.86 33.75
C VAL B 184 45.13 6.14 32.46
N TYR B 185 45.38 7.41 32.20
CA TYR B 185 46.16 7.78 31.04
C TYR B 185 47.44 8.44 31.53
N ASN B 186 48.57 8.04 30.97
CA ASN B 186 49.86 8.62 31.37
C ASN B 186 50.04 9.95 30.63
N MET B 187 49.43 11.01 31.14
CA MET B 187 49.42 12.31 30.48
C MET B 187 49.97 13.36 31.44
N ASP B 188 50.85 14.23 30.93
CA ASP B 188 51.49 15.27 31.74
C ASP B 188 50.57 16.47 31.89
N TYR B 189 50.31 16.82 33.14
CA TYR B 189 49.38 17.91 33.42
C TYR B 189 50.05 19.27 33.24
N PRO B 190 49.31 20.35 33.43
CA PRO B 190 49.94 21.67 33.58
C PRO B 190 50.67 21.73 34.91
N PRO B 191 51.62 22.65 35.05
CA PRO B 191 52.64 22.53 36.11
C PRO B 191 52.19 22.84 37.53
N PHE B 192 53.16 22.92 38.44
CA PHE B 192 52.94 23.09 39.87
C PHE B 192 52.47 24.52 40.12
N GLY B 193 51.18 24.73 39.97
CA GLY B 193 50.63 26.05 39.81
C GLY B 193 50.66 26.51 38.39
N ALA B 194 50.54 25.59 37.43
CA ALA B 194 50.91 25.88 36.05
C ALA B 194 49.71 25.71 35.13
N GLY B 195 48.58 26.31 35.51
CA GLY B 195 47.44 26.34 34.61
C GLY B 195 47.68 27.23 33.41
N ARG B 196 47.62 26.62 32.27
CA ARG B 196 47.82 27.24 30.96
C ARG B 196 46.51 27.25 30.19
N PRO B 197 46.46 27.95 29.06
CA PRO B 197 45.18 28.15 28.40
C PRO B 197 44.76 26.96 27.54
N GLY B 198 43.51 26.53 27.73
CA GLY B 198 42.82 25.69 26.79
C GLY B 198 43.22 24.24 26.71
N GLN B 199 44.23 23.81 27.45
CA GLN B 199 44.65 22.41 27.41
C GLN B 199 43.72 21.58 28.30
N PHE B 200 44.02 20.29 28.36
CA PHE B 200 43.37 19.44 29.33
C PHE B 200 43.90 19.81 30.71
N GLY B 201 43.17 20.69 31.38
CA GLY B 201 43.72 21.47 32.47
C GLY B 201 43.58 22.97 32.33
N ASP B 202 42.51 23.44 31.68
CA ASP B 202 42.28 24.88 31.60
C ASP B 202 41.91 25.47 32.95
N ILE B 203 40.98 24.87 33.66
CA ILE B 203 40.66 25.24 35.04
C ILE B 203 41.29 24.18 35.93
N GLN B 204 42.50 24.46 36.40
CA GLN B 204 43.28 23.49 37.16
C GLN B 204 42.96 23.67 38.62
N SER B 205 43.00 22.57 39.37
CA SER B 205 42.61 22.59 40.78
C SER B 205 43.78 22.10 41.62
N ARG B 206 44.19 22.95 42.56
CA ARG B 206 45.18 22.55 43.55
C ARG B 206 44.58 21.55 44.51
N THR B 207 43.30 21.70 44.80
CA THR B 207 42.51 20.69 45.50
C THR B 207 41.30 20.41 44.63
N PRO B 208 41.02 19.14 44.36
CA PRO B 208 39.74 18.81 43.70
C PRO B 208 38.54 19.06 44.59
N GLU B 209 38.68 18.95 45.90
CA GLU B 209 37.67 19.42 46.81
C GLU B 209 37.98 20.85 47.26
N SER B 210 39.07 21.44 46.77
CA SER B 210 39.57 22.72 47.26
C SER B 210 38.77 23.93 46.79
N GLU B 211 39.27 25.12 47.08
CA GLU B 211 38.54 26.36 46.80
C GLU B 211 39.22 27.25 45.76
N ASP B 212 40.51 27.08 45.54
CA ASP B 212 41.23 27.87 44.55
C ASP B 212 41.16 27.22 43.18
N VAL B 213 41.38 28.02 42.14
CA VAL B 213 41.36 27.52 40.78
C VAL B 213 42.34 28.34 39.95
N TYR B 214 43.06 27.65 39.07
CA TYR B 214 43.93 28.29 38.11
C TYR B 214 43.26 28.21 36.75
N ALA B 215 42.58 29.29 36.38
CA ALA B 215 41.77 29.27 35.17
C ALA B 215 42.03 30.53 34.37
N ASN B 216 43.03 30.48 33.51
CA ASN B 216 43.22 31.50 32.48
C ASN B 216 42.75 30.77 31.23
N THR B 217 41.43 30.78 31.03
CA THR B 217 40.83 29.97 29.97
C THR B 217 40.67 30.73 28.67
N GLN B 218 41.38 31.85 28.50
CA GLN B 218 41.14 32.75 27.39
C GLN B 218 39.76 33.38 27.49
N LEU B 219 39.35 33.68 28.72
CA LEU B 219 38.06 34.30 28.96
C LEU B 219 38.09 35.73 28.47
N VAL B 220 37.31 36.00 27.43
CA VAL B 220 37.34 37.29 26.76
C VAL B 220 35.96 37.90 26.86
N LEU B 221 35.91 39.16 27.24
CA LEU B 221 34.65 39.89 27.20
C LEU B 221 34.56 40.60 25.85
N GLN B 222 33.54 40.26 25.09
CA GLN B 222 33.28 40.92 23.82
C GLN B 222 32.60 42.26 24.07
N ARG B 223 32.42 43.00 22.98
CA ARG B 223 31.69 44.28 23.04
C ARG B 223 30.22 44.01 23.29
N PRO B 224 29.46 45.00 23.78
CA PRO B 224 28.13 44.70 24.31
C PRO B 224 27.11 44.38 23.23
N SER B 225 26.00 43.79 23.68
CA SER B 225 24.96 43.37 22.74
C SER B 225 24.21 44.59 22.24
N ALA B 226 23.90 44.57 20.94
CA ALA B 226 23.27 45.71 20.30
C ALA B 226 21.79 45.77 20.64
N GLY B 227 21.46 46.57 21.65
CA GLY B 227 20.07 46.79 22.00
C GLY B 227 19.45 45.72 22.88
N THR B 228 20.16 44.63 23.14
CA THR B 228 19.75 43.62 24.08
C THR B 228 20.83 43.53 25.15
N VAL B 229 20.41 43.53 26.41
CA VAL B 229 21.35 43.55 27.52
C VAL B 229 21.92 42.15 27.67
N HIS B 230 23.04 41.91 27.02
CA HIS B 230 23.73 40.62 27.11
C HIS B 230 25.14 40.83 26.63
N VAL B 231 26.10 40.59 27.51
CA VAL B 231 27.48 40.95 27.26
C VAL B 231 28.12 39.92 26.34
N PRO B 232 28.93 40.35 25.38
CA PRO B 232 29.69 39.38 24.58
C PRO B 232 30.75 38.71 25.45
N TYR B 233 30.78 37.39 25.40
CA TYR B 233 31.65 36.64 26.28
C TYR B 233 32.30 35.51 25.50
N SER B 234 33.60 35.65 25.28
CA SER B 234 34.39 34.63 24.60
C SER B 234 35.06 33.78 25.67
N GLN B 235 34.89 32.47 25.58
CA GLN B 235 35.54 31.53 26.48
C GLN B 235 36.04 30.37 25.63
N ALA B 236 37.10 29.73 26.10
CA ALA B 236 37.66 28.62 25.36
C ALA B 236 36.78 27.38 25.55
N PRO B 237 36.96 26.33 24.75
CA PRO B 237 36.25 25.07 25.00
C PRO B 237 36.76 24.43 26.28
N SER B 238 35.83 23.82 27.01
CA SER B 238 36.05 23.34 28.37
C SER B 238 37.02 22.18 28.38
N GLY B 239 38.08 22.32 29.16
CA GLY B 239 39.12 21.29 29.21
C GLY B 239 38.67 20.02 29.90
N PHE B 240 37.65 20.10 30.75
CA PHE B 240 36.98 18.89 31.19
C PHE B 240 36.27 18.22 30.02
N LYS B 241 35.65 19.01 29.15
CA LYS B 241 35.00 18.43 27.99
C LYS B 241 35.98 18.14 26.88
N TYR B 242 36.93 19.02 26.62
CA TYR B 242 37.90 18.81 25.57
C TYR B 242 38.86 17.69 25.92
N TRP B 243 39.25 17.61 27.19
CA TRP B 243 40.03 16.46 27.66
C TRP B 243 39.12 15.27 27.93
N LEU B 244 37.82 15.50 28.02
CA LEU B 244 36.91 14.39 27.83
C LEU B 244 36.80 14.01 26.36
N LYS B 245 36.76 15.00 25.47
CA LYS B 245 36.81 14.76 24.04
C LYS B 245 38.13 14.17 23.62
N GLU B 246 39.21 14.59 24.27
CA GLU B 246 40.48 13.87 24.23
C GLU B 246 40.60 12.94 25.41
N ARG B 247 39.60 12.07 25.61
CA ARG B 247 39.62 11.11 26.70
C ARG B 247 40.68 10.04 26.52
N GLY B 248 40.70 9.36 25.38
CA GLY B 248 41.73 8.38 25.08
C GLY B 248 41.55 7.08 25.83
N ALA B 249 42.34 6.09 25.41
CA ALA B 249 42.30 4.79 26.04
C ALA B 249 43.02 4.84 27.37
N SER B 250 42.47 4.15 28.36
CA SER B 250 43.08 4.14 29.67
C SER B 250 44.20 3.10 29.73
N LEU B 251 44.69 2.86 30.95
CA LEU B 251 45.74 1.88 31.17
C LEU B 251 45.27 0.45 30.90
N GLN B 252 43.98 0.17 31.09
CA GLN B 252 43.47 -1.11 30.62
C GLN B 252 43.40 -1.14 29.09
N HIS B 253 42.97 -0.04 28.48
CA HIS B 253 42.93 0.05 27.03
C HIS B 253 44.31 0.19 26.42
N THR B 254 45.26 0.71 27.18
CA THR B 254 46.63 0.85 26.70
C THR B 254 47.60 -0.03 27.44
N ALA B 255 47.25 -1.28 27.66
CA ALA B 255 48.10 -2.14 28.47
C ALA B 255 49.30 -2.63 27.66
N PRO B 256 50.47 -2.02 27.84
CA PRO B 256 51.71 -2.68 27.43
C PRO B 256 52.15 -3.64 28.51
N PHE B 257 53.18 -4.44 28.20
CA PHE B 257 53.72 -5.43 29.13
C PHE B 257 52.81 -6.63 29.33
N GLY B 258 51.78 -6.76 28.50
CA GLY B 258 50.66 -7.62 28.82
C GLY B 258 49.97 -7.21 30.10
N CYS B 259 49.77 -5.93 30.31
CA CYS B 259 49.41 -5.45 31.64
C CYS B 259 47.90 -5.47 31.86
N GLN B 260 47.51 -5.70 33.11
CA GLN B 260 46.13 -5.53 33.54
C GLN B 260 46.06 -4.27 34.40
N ILE B 261 45.49 -3.21 33.83
CA ILE B 261 45.45 -1.91 34.46
C ILE B 261 44.29 -1.90 35.45
N ALA B 262 44.56 -1.44 36.66
CA ALA B 262 43.54 -1.25 37.68
C ALA B 262 43.74 0.10 38.34
N THR B 263 42.65 0.69 38.82
CA THR B 263 42.67 2.05 39.30
C THR B 263 41.63 2.22 40.40
N ASN B 264 41.92 3.15 41.30
CA ASN B 264 41.20 3.40 42.53
C ASN B 264 41.13 2.14 43.40
N PRO B 265 42.25 1.68 43.98
CA PRO B 265 43.66 2.04 43.94
C PRO B 265 44.25 1.44 42.70
N VAL B 266 45.41 1.95 42.26
CA VAL B 266 46.04 1.46 41.04
C VAL B 266 46.59 0.07 41.30
N ARG B 267 46.32 -0.85 40.39
CA ARG B 267 46.60 -2.26 40.62
C ARG B 267 47.13 -2.88 39.34
N ALA B 268 48.24 -3.59 39.47
CA ALA B 268 48.88 -4.27 38.34
C ALA B 268 48.32 -5.69 38.26
N MET B 269 47.03 -5.80 37.95
CA MET B 269 46.37 -7.09 37.80
C MET B 269 46.86 -7.68 36.49
N ASN B 270 47.61 -8.77 36.59
CA ASN B 270 48.29 -9.34 35.44
C ASN B 270 49.41 -8.42 34.98
N CYS B 271 50.28 -8.05 35.93
CA CYS B 271 51.50 -7.35 35.58
C CYS B 271 52.46 -8.38 35.01
N ALA B 272 52.39 -8.62 33.70
CA ALA B 272 53.12 -9.71 33.08
C ALA B 272 54.60 -9.35 32.91
N VAL B 273 55.36 -9.59 33.98
CA VAL B 273 56.78 -9.27 33.98
C VAL B 273 57.44 -9.96 35.16
N GLY B 274 58.74 -10.19 35.06
CA GLY B 274 59.61 -10.40 36.21
C GLY B 274 59.47 -11.74 36.89
N ASN B 275 60.13 -11.85 38.03
CA ASN B 275 60.12 -13.06 38.84
C ASN B 275 59.55 -12.75 40.21
N MET B 276 59.18 -13.79 40.92
CA MET B 276 58.62 -13.68 42.26
C MET B 276 59.36 -14.66 43.15
N PRO B 277 60.09 -14.20 44.16
CA PRO B 277 60.80 -15.14 45.03
C PRO B 277 59.90 -15.67 46.12
N ILE B 278 59.59 -16.96 46.01
CA ILE B 278 58.80 -17.68 47.00
C ILE B 278 59.74 -18.57 47.81
N SER B 279 59.83 -18.31 49.10
CA SER B 279 60.64 -19.09 50.02
C SER B 279 59.70 -19.79 50.99
N ILE B 280 59.53 -21.09 50.79
CA ILE B 280 58.74 -21.92 51.68
C ILE B 280 59.69 -22.62 52.64
N ASP B 281 59.77 -22.11 53.85
CA ASP B 281 60.36 -22.85 54.97
C ASP B 281 59.22 -23.70 55.51
N ILE B 282 59.05 -24.88 54.93
CA ILE B 282 58.01 -25.80 55.37
C ILE B 282 58.54 -26.62 56.54
N PRO B 283 57.70 -27.34 57.27
CA PRO B 283 58.21 -28.30 58.25
C PRO B 283 58.85 -29.48 57.56
N ASP B 284 60.07 -29.80 58.01
CA ASP B 284 60.86 -30.85 57.37
C ASP B 284 60.33 -32.23 57.73
N ALA B 285 59.54 -32.33 58.81
CA ALA B 285 58.89 -33.57 59.17
C ALA B 285 57.69 -33.87 58.29
N ALA B 286 57.24 -32.90 57.49
CA ALA B 286 56.35 -33.23 56.38
C ALA B 286 57.05 -34.14 55.37
N PHE B 287 58.34 -33.90 55.13
CA PHE B 287 59.13 -34.79 54.29
C PHE B 287 59.52 -36.02 55.07
N THR B 288 58.97 -37.16 54.66
CA THR B 288 59.28 -38.45 55.26
C THR B 288 60.61 -38.89 54.69
N ARG B 289 61.33 -39.71 55.45
CA ARG B 289 62.75 -39.90 55.21
C ARG B 289 63.01 -40.85 54.05
N VAL B 290 64.28 -41.24 53.91
CA VAL B 290 64.67 -42.22 52.90
C VAL B 290 64.15 -43.60 53.27
N VAL B 291 63.95 -43.85 54.56
CA VAL B 291 63.25 -45.06 54.97
C VAL B 291 61.75 -44.83 55.00
N ASP B 292 61.32 -43.58 54.87
CA ASP B 292 59.89 -43.27 54.96
C ASP B 292 59.14 -43.60 53.67
N ALA B 293 59.83 -43.87 52.59
CA ALA B 293 59.11 -44.01 51.33
C ALA B 293 59.13 -45.46 50.88
N PRO B 294 58.15 -45.83 50.04
CA PRO B 294 58.21 -47.15 49.40
C PRO B 294 59.29 -47.17 48.34
N SER B 295 59.74 -48.38 48.02
CA SER B 295 60.80 -48.56 47.04
C SER B 295 60.21 -48.72 45.65
N LEU B 296 60.17 -47.62 44.91
CA LEU B 296 59.74 -47.64 43.52
C LEU B 296 60.86 -48.22 42.69
N THR B 297 60.73 -49.50 42.34
CA THR B 297 61.80 -50.20 41.64
C THR B 297 61.27 -50.75 40.32
N ASP B 298 62.12 -50.69 39.31
CA ASP B 298 61.81 -51.23 37.98
C ASP B 298 60.73 -50.41 37.29
N MET B 299 60.83 -49.09 37.44
CA MET B 299 59.87 -48.18 36.84
C MET B 299 60.14 -48.08 35.34
N SER B 300 59.42 -48.89 34.57
CA SER B 300 59.55 -48.88 33.12
C SER B 300 58.43 -48.04 32.54
N CYS B 301 58.80 -46.99 31.82
CA CYS B 301 57.86 -46.01 31.33
C CYS B 301 57.71 -46.12 29.82
N GLU B 302 56.47 -46.23 29.36
CA GLU B 302 56.16 -46.19 27.95
C GLU B 302 55.30 -44.97 27.70
N VAL B 303 55.63 -44.21 26.66
CA VAL B 303 54.90 -42.98 26.36
C VAL B 303 53.79 -43.33 25.39
N PRO B 304 52.58 -43.59 25.88
CA PRO B 304 51.47 -43.85 24.95
C PRO B 304 50.97 -42.60 24.26
N ALA B 305 51.10 -41.43 24.88
CA ALA B 305 50.52 -40.20 24.33
C ALA B 305 51.57 -39.11 24.29
N CYS B 306 51.84 -38.60 23.10
CA CYS B 306 52.82 -37.53 22.93
C CYS B 306 52.38 -36.63 21.80
N THR B 307 51.89 -35.45 22.17
CA THR B 307 51.60 -34.39 21.20
C THR B 307 52.35 -33.17 21.68
N HIS B 308 52.94 -32.42 20.75
CA HIS B 308 53.52 -31.12 21.08
C HIS B 308 52.38 -30.11 21.02
N SER B 309 51.64 -30.00 22.11
CA SER B 309 50.47 -29.14 22.17
C SER B 309 50.54 -28.28 23.43
N SER B 310 49.54 -27.40 23.59
CA SER B 310 49.59 -26.41 24.65
C SER B 310 49.30 -27.02 26.01
N ASP B 311 48.41 -28.00 26.07
CA ASP B 311 48.02 -28.62 27.33
C ASP B 311 49.05 -29.67 27.75
N PHE B 312 48.70 -30.47 28.77
CA PHE B 312 49.56 -31.56 29.22
C PHE B 312 49.40 -32.72 28.25
N GLY B 313 50.10 -32.63 27.13
CA GLY B 313 50.03 -33.58 26.04
C GLY B 313 50.91 -34.80 26.16
N GLY B 314 51.44 -35.08 27.34
CA GLY B 314 52.22 -36.28 27.60
C GLY B 314 51.40 -37.27 28.42
N VAL B 315 51.27 -38.48 27.89
CA VAL B 315 50.56 -39.55 28.59
C VAL B 315 51.54 -40.70 28.77
N ALA B 316 52.10 -40.80 29.97
CA ALA B 316 53.20 -41.73 30.20
C ALA B 316 52.77 -42.78 31.22
N ILE B 317 52.73 -44.03 30.79
CA ILE B 317 52.36 -45.14 31.66
C ILE B 317 53.65 -45.81 32.10
N ILE B 318 53.96 -45.69 33.38
CA ILE B 318 55.15 -46.30 33.96
C ILE B 318 54.70 -47.46 34.84
N LYS B 319 54.92 -48.67 34.37
CA LYS B 319 54.80 -49.85 35.21
C LYS B 319 55.98 -49.89 36.18
N TYR B 320 55.70 -49.56 37.43
CA TYR B 320 56.74 -49.49 38.45
C TYR B 320 56.32 -50.35 39.64
N ALA B 321 57.30 -51.05 40.19
CA ALA B 321 57.08 -51.98 41.31
C ALA B 321 57.34 -51.20 42.59
N ALA B 322 56.29 -51.09 43.41
CA ALA B 322 56.34 -50.34 44.66
C ALA B 322 56.82 -51.23 45.79
N SER B 323 57.79 -50.73 46.56
CA SER B 323 58.24 -51.45 47.74
C SER B 323 57.22 -51.35 48.86
N LYS B 324 56.59 -50.18 49.01
CA LYS B 324 55.54 -50.01 49.99
C LYS B 324 54.42 -49.20 49.35
N LYS B 325 53.20 -49.41 49.84
CA LYS B 325 52.07 -48.66 49.33
C LYS B 325 52.11 -47.24 49.87
N GLY B 326 52.14 -46.27 48.97
CA GLY B 326 52.14 -44.88 49.38
C GLY B 326 52.25 -43.94 48.20
N LYS B 327 52.01 -42.67 48.48
CA LYS B 327 52.16 -41.61 47.50
C LYS B 327 53.62 -41.23 47.40
N CYS B 328 54.23 -41.52 46.27
CA CYS B 328 55.58 -41.11 45.94
C CYS B 328 55.49 -39.94 44.99
N ALA B 329 56.38 -38.98 45.16
CA ALA B 329 56.39 -37.79 44.34
C ALA B 329 56.86 -38.14 42.93
N VAL B 330 56.29 -37.47 41.94
CA VAL B 330 56.72 -37.57 40.55
C VAL B 330 57.48 -36.30 40.21
N HIS B 331 58.72 -36.46 39.79
CA HIS B 331 59.57 -35.32 39.47
C HIS B 331 59.81 -35.28 37.97
N SER B 332 59.62 -34.10 37.40
CA SER B 332 59.98 -33.90 36.00
C SER B 332 61.49 -33.77 35.92
N MET B 333 62.15 -34.83 35.47
CA MET B 333 63.58 -34.73 35.23
C MET B 333 63.89 -33.89 34.01
N THR B 334 62.99 -33.86 33.04
CA THR B 334 63.15 -33.05 31.84
C THR B 334 62.59 -31.67 32.15
N ASN B 335 63.40 -30.64 31.86
CA ASN B 335 62.90 -29.27 31.96
C ASN B 335 61.90 -28.95 30.87
N ALA B 336 61.96 -29.63 29.72
CA ALA B 336 61.04 -29.37 28.63
C ALA B 336 59.68 -30.05 28.81
N VAL B 337 59.51 -30.85 29.85
CA VAL B 337 58.24 -31.53 30.11
C VAL B 337 57.63 -30.88 31.33
N THR B 338 56.33 -31.07 31.48
CA THR B 338 55.62 -30.67 32.69
C THR B 338 54.72 -31.82 33.11
N ILE B 339 55.03 -32.41 34.24
CA ILE B 339 54.21 -33.46 34.81
C ILE B 339 52.97 -32.81 35.41
N ARG B 340 51.79 -33.27 34.99
CA ARG B 340 50.56 -32.71 35.54
C ARG B 340 50.33 -33.20 36.96
N GLU B 341 50.45 -34.51 37.18
CA GLU B 341 50.29 -35.07 38.51
C GLU B 341 51.55 -34.83 39.33
N ALA B 342 51.42 -34.93 40.64
CA ALA B 342 52.54 -34.71 41.55
C ALA B 342 52.96 -35.96 42.32
N GLU B 343 52.04 -36.60 43.01
CA GLU B 343 52.35 -37.82 43.75
C GLU B 343 51.35 -38.90 43.36
N ILE B 344 51.87 -40.10 43.11
CA ILE B 344 51.05 -41.26 42.76
C ILE B 344 51.20 -42.29 43.87
N GLU B 345 50.10 -43.00 44.15
CA GLU B 345 50.06 -43.94 45.26
C GLU B 345 50.30 -45.35 44.72
N VAL B 346 51.53 -45.79 44.80
CA VAL B 346 51.88 -47.14 44.33
C VAL B 346 51.64 -48.12 45.46
N GLU B 347 51.00 -49.25 45.14
CA GLU B 347 50.82 -50.32 46.11
C GLU B 347 51.78 -51.46 45.82
N GLY B 348 52.16 -51.67 44.56
CA GLY B 348 52.92 -52.82 44.13
C GLY B 348 53.44 -52.55 42.74
N ASN B 349 53.32 -53.51 41.83
CA ASN B 349 53.70 -53.34 40.42
C ASN B 349 52.73 -52.40 39.71
N SER B 350 52.85 -51.10 39.96
CA SER B 350 51.82 -50.15 39.58
C SER B 350 52.22 -49.43 38.29
N GLN B 351 51.26 -49.31 37.39
CA GLN B 351 51.43 -48.54 36.17
C GLN B 351 50.74 -47.19 36.37
N LEU B 352 51.55 -46.18 36.63
CA LEU B 352 51.06 -44.85 36.89
C LEU B 352 51.08 -44.05 35.61
N GLN B 353 50.01 -43.27 35.41
CA GLN B 353 49.90 -42.39 34.26
C GLN B 353 50.32 -40.99 34.69
N ILE B 354 51.28 -40.43 33.98
CA ILE B 354 51.71 -39.06 34.18
C ILE B 354 51.19 -38.25 33.00
N SER B 355 50.61 -37.09 33.32
CA SER B 355 50.13 -36.15 32.32
C SER B 355 51.21 -35.09 32.12
N PHE B 356 52.29 -35.49 31.49
CA PHE B 356 53.44 -34.64 31.30
C PHE B 356 53.49 -34.15 29.87
N SER B 357 53.18 -32.88 29.70
CA SER B 357 53.21 -32.22 28.41
C SER B 357 54.65 -31.89 28.06
N THR B 358 54.87 -31.52 26.80
CA THR B 358 56.18 -31.10 26.32
C THR B 358 55.99 -30.24 25.10
N ALA B 359 57.10 -29.93 24.43
CA ALA B 359 57.06 -29.15 23.21
C ALA B 359 57.94 -29.71 22.10
N LEU B 360 58.94 -30.53 22.43
CA LEU B 360 59.96 -30.92 21.47
C LEU B 360 59.46 -31.98 20.51
N ALA B 361 60.35 -32.44 19.62
CA ALA B 361 59.97 -33.45 18.65
C ALA B 361 59.88 -34.83 19.30
N SER B 362 61.00 -35.34 19.80
CA SER B 362 61.07 -36.60 20.52
C SER B 362 61.62 -36.26 21.91
N ALA B 363 60.73 -35.92 22.83
CA ALA B 363 61.12 -35.42 24.14
C ALA B 363 61.47 -36.59 25.04
N GLU B 364 62.58 -36.48 25.75
CA GLU B 364 63.01 -37.47 26.73
C GLU B 364 63.11 -36.76 28.08
N PHE B 365 62.24 -37.12 29.00
CA PHE B 365 62.28 -36.54 30.34
C PHE B 365 62.44 -37.66 31.36
N ARG B 366 63.15 -37.36 32.44
CA ARG B 366 63.32 -38.30 33.54
C ARG B 366 62.06 -38.27 34.37
N VAL B 367 61.66 -39.42 34.89
CA VAL B 367 60.56 -39.53 35.83
C VAL B 367 61.19 -39.84 37.17
N GLN B 368 61.18 -38.88 38.07
CA GLN B 368 61.72 -39.04 39.41
C GLN B 368 60.57 -39.53 40.26
N VAL B 369 60.28 -40.83 40.17
CA VAL B 369 59.28 -41.46 41.01
C VAL B 369 59.96 -41.68 42.35
N CYS B 370 59.82 -40.69 43.24
CA CYS B 370 59.80 -40.80 44.69
C CYS B 370 61.09 -41.24 45.40
N SER B 371 61.98 -41.91 44.68
CA SER B 371 63.38 -42.06 45.05
C SER B 371 64.28 -42.04 43.83
N THR B 372 63.75 -42.39 42.64
CA THR B 372 64.59 -42.72 41.52
C THR B 372 64.00 -42.19 40.21
N GLN B 373 64.87 -41.79 39.30
CA GLN B 373 64.45 -41.26 38.01
C GLN B 373 64.76 -42.27 36.91
N VAL B 374 63.84 -42.37 35.96
CA VAL B 374 64.03 -43.18 34.76
C VAL B 374 63.67 -42.31 33.56
N HIS B 375 64.62 -42.17 32.63
CA HIS B 375 64.39 -41.34 31.46
C HIS B 375 63.45 -42.05 30.49
N CYS B 376 62.41 -41.35 30.04
CA CYS B 376 61.43 -41.89 29.10
C CYS B 376 61.26 -40.90 27.96
N ALA B 377 61.22 -41.41 26.73
CA ALA B 377 61.22 -40.60 25.52
C ALA B 377 60.00 -40.94 24.67
N ALA B 378 59.45 -39.93 24.01
CA ALA B 378 58.26 -40.05 23.18
C ALA B 378 58.31 -39.03 22.05
N GLU B 379 57.90 -39.46 20.86
CA GLU B 379 57.91 -38.63 19.65
C GLU B 379 56.63 -37.82 19.64
N CYS B 380 56.73 -36.55 20.03
CA CYS B 380 55.57 -35.69 20.18
C CYS B 380 54.97 -35.35 18.83
N HIS B 381 53.65 -35.58 18.71
CA HIS B 381 52.87 -35.23 17.55
C HIS B 381 52.73 -33.71 17.45
N PRO B 382 52.36 -33.18 16.29
CA PRO B 382 52.31 -31.72 16.15
C PRO B 382 51.01 -31.17 16.69
N PRO B 383 50.81 -29.86 16.62
CA PRO B 383 49.51 -29.28 16.97
C PRO B 383 48.52 -29.44 15.82
N LYS B 384 47.26 -29.09 16.11
CA LYS B 384 46.28 -29.03 15.05
C LYS B 384 45.70 -27.61 14.88
N ASP B 385 45.48 -26.90 15.98
CA ASP B 385 44.74 -25.67 15.97
C ASP B 385 45.60 -24.50 15.51
N HIS B 386 44.96 -23.40 15.15
CA HIS B 386 45.70 -22.18 14.90
C HIS B 386 46.25 -21.56 16.17
N ILE B 387 45.42 -21.29 17.17
CA ILE B 387 45.86 -20.63 18.39
C ILE B 387 44.83 -20.86 19.48
N VAL B 388 45.31 -20.98 20.71
CA VAL B 388 44.46 -21.06 21.89
C VAL B 388 44.70 -19.78 22.69
N ASN B 389 44.00 -19.65 23.80
CA ASN B 389 44.09 -18.42 24.57
C ASN B 389 45.37 -18.29 25.35
N TYR B 390 45.62 -19.18 26.30
CA TYR B 390 46.75 -19.00 27.19
C TYR B 390 47.75 -20.10 26.89
N PRO B 391 49.03 -19.77 26.84
CA PRO B 391 50.03 -20.77 26.47
C PRO B 391 50.38 -21.69 27.64
N ALA B 392 51.35 -22.58 27.38
CA ALA B 392 51.87 -23.49 28.39
C ALA B 392 53.23 -23.98 27.94
N SER B 393 54.11 -24.23 28.91
CA SER B 393 55.49 -24.64 28.62
C SER B 393 55.58 -26.06 28.09
N TYR C 1 16.39 -22.88 -54.27
CA TYR C 1 17.61 -23.49 -53.76
C TYR C 1 17.79 -23.08 -52.31
N GLU C 2 18.80 -23.65 -51.66
CA GLU C 2 19.09 -23.37 -50.26
C GLU C 2 20.35 -22.53 -50.17
N HIS C 3 20.18 -21.22 -50.06
CA HIS C 3 21.30 -20.30 -49.92
C HIS C 3 21.78 -20.39 -48.47
N VAL C 4 23.07 -20.67 -48.30
CA VAL C 4 23.68 -20.73 -46.97
C VAL C 4 24.40 -19.41 -46.74
N THR C 5 23.94 -18.65 -45.74
CA THR C 5 24.59 -17.41 -45.37
C THR C 5 24.99 -17.49 -43.90
N VAL C 6 25.96 -16.67 -43.54
CA VAL C 6 26.40 -16.55 -42.15
C VAL C 6 26.28 -15.08 -41.78
N ILE C 7 25.24 -14.75 -41.01
CA ILE C 7 25.02 -13.37 -40.59
C ILE C 7 25.97 -13.07 -39.44
N PRO C 8 26.35 -11.82 -39.24
CA PRO C 8 27.13 -11.48 -38.06
C PRO C 8 26.23 -11.50 -36.84
N ASN C 9 26.67 -12.20 -35.80
CA ASN C 9 25.85 -12.43 -34.60
C ASN C 9 25.84 -11.16 -33.74
N THR C 10 25.09 -10.19 -34.21
CA THR C 10 24.91 -8.89 -33.56
C THR C 10 23.73 -8.27 -34.27
N VAL C 11 22.75 -7.82 -33.49
CA VAL C 11 21.46 -7.44 -34.06
C VAL C 11 21.57 -6.11 -34.78
N GLY C 12 20.61 -5.85 -35.67
CA GLY C 12 20.44 -4.52 -36.21
C GLY C 12 21.24 -4.21 -37.45
N VAL C 13 22.35 -4.90 -37.69
CA VAL C 13 23.09 -4.67 -38.93
C VAL C 13 22.33 -5.50 -39.95
N PRO C 14 21.46 -4.90 -40.76
CA PRO C 14 20.67 -5.68 -41.71
C PRO C 14 21.58 -6.11 -42.85
N TYR C 15 21.95 -7.38 -42.83
CA TYR C 15 22.81 -7.97 -43.83
C TYR C 15 22.01 -8.19 -45.11
N LYS C 16 22.67 -8.01 -46.24
CA LYS C 16 22.12 -8.42 -47.52
C LYS C 16 22.87 -9.66 -47.96
N THR C 17 22.15 -10.64 -48.49
CA THR C 17 22.72 -11.87 -49.01
C THR C 17 22.20 -12.07 -50.42
N LEU C 18 23.12 -12.14 -51.38
CA LEU C 18 22.74 -12.18 -52.79
C LEU C 18 22.58 -13.64 -53.21
N VAL C 19 21.35 -14.14 -53.14
CA VAL C 19 21.01 -15.46 -53.65
C VAL C 19 21.11 -15.39 -55.16
N ASN C 20 22.15 -16.02 -55.69
CA ASN C 20 22.37 -16.13 -57.13
C ASN C 20 21.82 -17.49 -57.52
N ARG C 21 20.81 -17.49 -58.39
CA ARG C 21 20.25 -18.72 -58.93
C ARG C 21 20.51 -18.75 -60.43
N PRO C 22 21.15 -19.78 -60.96
CA PRO C 22 21.25 -19.92 -62.41
C PRO C 22 19.88 -20.22 -62.99
N GLY C 23 19.60 -19.63 -64.14
CA GLY C 23 18.28 -19.73 -64.71
C GLY C 23 17.32 -18.70 -64.20
N TYR C 24 17.79 -17.74 -63.43
CA TYR C 24 16.94 -16.72 -62.87
C TYR C 24 17.71 -15.42 -62.83
N SER C 25 17.06 -14.35 -62.38
CA SER C 25 17.74 -13.09 -62.21
C SER C 25 18.52 -13.10 -60.89
N PRO C 26 19.30 -12.06 -60.61
CA PRO C 26 19.95 -11.98 -59.30
C PRO C 26 18.90 -11.72 -58.22
N MET C 27 18.95 -12.54 -57.17
CA MET C 27 17.94 -12.49 -56.12
C MET C 27 18.60 -12.12 -54.81
N VAL C 28 18.78 -10.82 -54.59
CA VAL C 28 19.32 -10.32 -53.34
C VAL C 28 18.20 -10.43 -52.33
N LEU C 29 18.57 -10.67 -51.07
CA LEU C 29 17.62 -10.65 -49.97
C LEU C 29 18.28 -9.90 -48.83
N GLU C 30 17.50 -9.52 -47.83
CA GLU C 30 18.01 -8.89 -46.63
C GLU C 30 17.54 -9.71 -45.44
N MET C 31 18.46 -10.00 -44.53
CA MET C 31 18.14 -10.67 -43.28
C MET C 31 18.74 -9.86 -42.14
N GLU C 32 18.16 -9.97 -40.96
CA GLU C 32 18.68 -9.32 -39.77
C GLU C 32 18.05 -9.96 -38.55
N LEU C 33 18.88 -10.41 -37.62
CA LEU C 33 18.39 -11.00 -36.38
C LEU C 33 17.92 -9.88 -35.47
N LEU C 34 16.63 -9.90 -35.11
CA LEU C 34 16.12 -8.94 -34.14
C LEU C 34 16.67 -9.22 -32.75
N SER C 35 16.38 -10.39 -32.18
CA SER C 35 16.90 -10.72 -30.87
C SER C 35 17.36 -12.17 -30.90
N VAL C 36 18.16 -12.55 -29.90
CA VAL C 36 18.67 -13.91 -29.80
C VAL C 36 18.79 -14.23 -28.33
N THR C 37 18.03 -15.20 -27.86
CA THR C 37 17.91 -15.52 -26.43
C THR C 37 18.79 -16.71 -26.10
N LEU C 38 19.46 -16.65 -24.95
CA LEU C 38 20.29 -17.74 -24.44
C LEU C 38 19.71 -18.21 -23.11
N GLU C 39 18.88 -19.25 -23.15
CA GLU C 39 18.18 -19.70 -21.95
C GLU C 39 18.98 -20.80 -21.29
N PRO C 40 19.66 -20.54 -20.18
CA PRO C 40 20.56 -21.54 -19.60
C PRO C 40 19.82 -22.61 -18.81
N THR C 41 20.47 -23.76 -18.69
CA THR C 41 19.94 -24.83 -17.85
C THR C 41 20.15 -24.45 -16.39
N LEU C 42 19.12 -24.61 -15.58
CA LEU C 42 19.16 -24.19 -14.18
C LEU C 42 18.93 -25.38 -13.27
N SER C 43 19.65 -25.41 -12.15
CA SER C 43 19.49 -26.45 -11.14
C SER C 43 19.40 -25.77 -9.78
N LEU C 44 18.20 -25.40 -9.37
CA LEU C 44 18.02 -24.57 -8.19
C LEU C 44 18.22 -25.39 -6.92
N ASP C 45 19.43 -25.33 -6.35
CA ASP C 45 19.71 -26.11 -5.15
C ASP C 45 19.46 -25.30 -3.88
N TYR C 46 20.16 -24.19 -3.72
CA TYR C 46 20.04 -23.41 -2.49
C TYR C 46 18.90 -22.40 -2.67
N ILE C 47 18.13 -22.22 -1.61
CA ILE C 47 17.05 -21.24 -1.59
C ILE C 47 17.39 -20.17 -0.55
N THR C 48 17.17 -18.92 -0.92
CA THR C 48 17.54 -17.79 -0.10
C THR C 48 16.30 -17.14 0.49
N CYS C 49 16.31 -16.97 1.81
CA CYS C 49 15.17 -16.46 2.54
C CYS C 49 15.68 -15.71 3.76
N GLU C 50 14.80 -15.45 4.71
CA GLU C 50 15.20 -14.79 5.94
C GLU C 50 15.04 -15.74 7.13
N TYR C 51 16.11 -15.95 7.86
CA TYR C 51 16.06 -16.76 9.06
C TYR C 51 15.54 -15.93 10.23
N LYS C 52 14.69 -16.54 11.05
CA LYS C 52 14.10 -15.88 12.19
C LYS C 52 14.14 -16.84 13.36
N THR C 53 14.62 -16.36 14.51
CA THR C 53 14.86 -17.22 15.67
C THR C 53 13.54 -17.37 16.43
N VAL C 54 12.84 -18.48 16.19
CA VAL C 54 11.61 -18.77 16.91
C VAL C 54 11.97 -19.24 18.31
N ILE C 55 11.98 -18.32 19.26
CA ILE C 55 12.28 -18.62 20.65
C ILE C 55 10.96 -18.61 21.42
N PRO C 56 10.70 -19.62 22.25
CA PRO C 56 9.39 -19.73 22.91
C PRO C 56 9.26 -18.77 24.09
N SER C 57 8.16 -18.92 24.83
CA SER C 57 7.95 -18.15 26.04
C SER C 57 8.91 -18.66 27.11
N PRO C 58 9.31 -17.82 28.07
CA PRO C 58 10.37 -18.22 29.01
C PRO C 58 9.83 -19.17 30.06
N TYR C 59 10.33 -20.40 30.02
CA TYR C 59 9.82 -21.47 30.87
C TYR C 59 10.37 -21.28 32.27
N VAL C 60 9.68 -20.52 33.09
CA VAL C 60 10.14 -20.20 34.43
C VAL C 60 9.64 -21.28 35.39
N LYS C 61 10.53 -22.15 35.83
CA LYS C 61 10.25 -23.08 36.92
C LYS C 61 10.48 -22.33 38.23
N CYS C 62 9.42 -21.80 38.82
CA CYS C 62 9.54 -20.99 40.02
C CYS C 62 9.81 -21.88 41.23
N CYS C 63 11.02 -21.78 41.77
CA CYS C 63 11.45 -22.61 42.88
C CYS C 63 11.74 -24.05 42.46
N GLY C 64 12.00 -24.28 41.17
CA GLY C 64 12.21 -25.62 40.68
C GLY C 64 13.11 -25.65 39.47
N THR C 65 13.94 -26.69 39.41
CA THR C 65 14.90 -26.87 38.33
C THR C 65 14.50 -28.09 37.51
N ALA C 66 14.32 -27.88 36.21
CA ALA C 66 13.99 -28.97 35.30
C ALA C 66 15.24 -29.40 34.51
N GLU C 67 15.01 -30.24 33.50
CA GLU C 67 16.07 -30.71 32.64
C GLU C 67 15.69 -30.40 31.20
N CYS C 68 16.56 -29.66 30.50
CA CYS C 68 16.26 -29.20 29.15
C CYS C 68 16.43 -30.32 28.15
N LYS C 69 15.44 -30.49 27.28
CA LYS C 69 15.44 -31.54 26.26
C LYS C 69 15.89 -30.95 24.93
N ASP C 70 16.57 -31.76 24.13
CA ASP C 70 17.05 -31.32 22.83
C ASP C 70 15.92 -31.42 21.80
N LYS C 71 15.24 -30.30 21.58
CA LYS C 71 14.20 -30.23 20.56
C LYS C 71 14.88 -30.16 19.19
N SER C 72 14.54 -31.11 18.33
CA SER C 72 15.14 -31.20 17.00
C SER C 72 14.54 -30.13 16.09
N LEU C 73 15.14 -28.95 16.14
CA LEU C 73 14.79 -27.87 15.24
C LEU C 73 16.07 -27.37 14.59
N PRO C 74 15.97 -26.40 13.69
CA PRO C 74 17.19 -25.80 13.15
C PRO C 74 17.81 -24.89 14.20
N ASP C 75 18.87 -25.38 14.82
CA ASP C 75 19.53 -24.68 15.92
C ASP C 75 18.62 -24.54 17.13
N TYR C 76 18.19 -25.67 17.67
CA TYR C 76 17.36 -25.64 18.86
C TYR C 76 18.19 -25.24 20.07
N SER C 77 18.03 -24.00 20.51
CA SER C 77 18.75 -23.48 21.64
C SER C 77 18.00 -23.91 22.89
N CYS C 78 18.64 -24.74 23.69
CA CYS C 78 18.09 -25.20 24.96
C CYS C 78 18.98 -24.66 26.05
N LYS C 79 18.39 -24.01 27.03
CA LYS C 79 19.18 -23.40 28.10
C LYS C 79 18.37 -23.46 29.37
N VAL C 80 19.01 -23.91 30.44
CA VAL C 80 18.45 -23.87 31.78
C VAL C 80 19.29 -22.89 32.58
N PHE C 81 18.85 -21.64 32.61
CA PHE C 81 19.45 -20.61 33.44
C PHE C 81 19.11 -20.93 34.89
N THR C 82 20.13 -21.14 35.70
CA THR C 82 19.91 -21.60 37.05
C THR C 82 19.72 -20.44 38.00
N GLY C 83 18.65 -20.53 38.79
CA GLY C 83 18.44 -19.59 39.88
C GLY C 83 17.99 -18.21 39.45
N VAL C 84 16.99 -18.14 38.59
CA VAL C 84 16.46 -16.85 38.14
C VAL C 84 15.61 -16.26 39.26
N TYR C 85 15.61 -14.93 39.37
CA TYR C 85 14.84 -14.22 40.38
C TYR C 85 13.75 -13.48 39.62
N PRO C 86 12.89 -14.21 38.92
CA PRO C 86 12.03 -13.58 37.92
C PRO C 86 10.82 -12.93 38.57
N PHE C 87 10.72 -11.62 38.35
CA PHE C 87 9.59 -10.84 38.81
C PHE C 87 8.80 -10.34 37.61
N MET C 88 7.50 -10.19 37.78
CA MET C 88 6.60 -9.83 36.69
C MET C 88 6.15 -8.37 36.81
N TRP C 89 5.23 -7.98 35.93
CA TRP C 89 4.67 -6.62 35.99
C TRP C 89 3.70 -6.48 37.14
N GLY C 90 3.14 -7.60 37.61
CA GLY C 90 2.35 -7.59 38.81
C GLY C 90 3.07 -8.21 39.98
N GLY C 91 4.35 -7.93 40.13
CA GLY C 91 5.11 -8.37 41.27
C GLY C 91 6.14 -9.45 40.96
N ALA C 92 6.15 -10.48 41.80
CA ALA C 92 7.04 -11.60 41.58
C ALA C 92 6.37 -12.67 40.71
N TYR C 93 7.07 -13.10 39.66
CA TYR C 93 6.58 -14.18 38.84
C TYR C 93 6.72 -15.53 39.55
N CYS C 94 7.65 -15.61 40.49
CA CYS C 94 7.79 -16.77 41.37
C CYS C 94 7.55 -16.35 42.82
N PHE C 95 6.75 -17.14 43.53
CA PHE C 95 6.58 -16.95 44.96
C PHE C 95 7.60 -17.77 45.74
N CYS C 96 8.32 -18.65 45.06
CA CYS C 96 9.39 -19.42 45.67
C CYS C 96 10.62 -18.56 45.89
N ASP C 97 11.61 -19.12 46.58
CA ASP C 97 12.71 -18.30 47.05
C ASP C 97 13.77 -18.05 45.99
N THR C 98 14.47 -19.09 45.53
CA THR C 98 15.63 -18.91 44.67
C THR C 98 15.79 -19.93 43.57
N GLU C 99 14.97 -20.99 43.54
CA GLU C 99 15.25 -22.11 42.66
C GLU C 99 14.58 -22.01 41.31
N ASN C 100 14.18 -20.81 40.90
CA ASN C 100 13.49 -20.59 39.65
C ASN C 100 14.48 -20.73 38.49
N THR C 101 14.16 -21.61 37.55
CA THR C 101 15.03 -21.89 36.43
C THR C 101 14.39 -21.36 35.15
N GLN C 102 15.23 -20.75 34.32
CA GLN C 102 14.80 -20.19 33.05
C GLN C 102 14.99 -21.25 31.98
N LEU C 103 13.91 -21.69 31.38
CA LEU C 103 13.94 -22.59 30.24
C LEU C 103 13.86 -21.73 29.00
N SER C 104 14.98 -21.60 28.31
CA SER C 104 15.06 -20.86 27.05
C SER C 104 15.23 -21.86 25.92
N GLU C 105 14.20 -22.00 25.11
CA GLU C 105 14.23 -22.88 23.96
C GLU C 105 14.01 -22.04 22.72
N ALA C 106 14.59 -22.49 21.62
CA ALA C 106 14.50 -21.75 20.37
C ALA C 106 14.82 -22.67 19.21
N HIS C 107 14.42 -22.24 18.03
CA HIS C 107 14.83 -22.88 16.79
C HIS C 107 14.95 -21.78 15.75
N VAL C 108 15.37 -22.15 14.57
CA VAL C 108 15.35 -21.25 13.42
C VAL C 108 14.07 -21.53 12.65
N GLU C 109 13.61 -20.54 11.91
CA GLU C 109 12.42 -20.68 11.09
C GLU C 109 12.56 -19.81 9.85
N LYS C 110 12.03 -20.31 8.74
CA LYS C 110 12.03 -19.56 7.50
C LYS C 110 11.03 -18.42 7.62
N SER C 111 11.41 -17.27 7.08
CA SER C 111 10.57 -16.09 7.19
C SER C 111 9.36 -16.19 6.26
N GLU C 112 8.39 -15.31 6.50
CA GLU C 112 7.23 -15.25 5.62
C GLU C 112 7.61 -14.70 4.26
N SER C 113 8.47 -13.68 4.23
CA SER C 113 9.01 -13.18 2.97
C SER C 113 10.03 -14.13 2.37
N CYS C 114 10.60 -15.03 3.19
CA CYS C 114 11.36 -16.14 2.64
C CYS C 114 10.46 -17.06 1.82
N LYS C 115 9.19 -17.20 2.22
CA LYS C 115 8.19 -17.86 1.40
C LYS C 115 7.87 -17.06 0.13
N THR C 116 8.12 -15.75 0.12
CA THR C 116 7.97 -14.97 -1.09
C THR C 116 9.29 -14.82 -1.85
N GLU C 117 10.29 -14.23 -1.24
CA GLU C 117 11.58 -13.98 -1.89
C GLU C 117 12.47 -15.17 -1.58
N PHE C 118 12.92 -15.86 -2.63
CA PHE C 118 13.88 -16.93 -2.44
C PHE C 118 14.99 -16.72 -3.45
N ALA C 119 16.23 -16.70 -2.96
CA ALA C 119 17.40 -16.68 -3.82
C ALA C 119 17.54 -18.05 -4.44
N SER C 120 17.44 -18.11 -5.76
CA SER C 120 17.48 -19.37 -6.50
C SER C 120 18.91 -19.64 -6.92
N ALA C 121 19.53 -20.64 -6.29
CA ALA C 121 20.91 -21.00 -6.58
C ALA C 121 20.87 -22.02 -7.70
N TYR C 122 20.68 -21.54 -8.91
CA TYR C 122 20.66 -22.36 -10.11
C TYR C 122 22.06 -22.89 -10.37
N ARG C 123 22.13 -24.21 -10.52
CA ARG C 123 23.31 -24.90 -11.05
C ARG C 123 23.23 -24.73 -12.55
N ALA C 124 24.28 -24.14 -13.13
CA ALA C 124 24.26 -23.69 -14.51
C ALA C 124 24.40 -24.86 -15.47
N HIS C 125 23.48 -24.94 -16.44
CA HIS C 125 23.52 -25.97 -17.46
C HIS C 125 23.73 -25.27 -18.79
N THR C 126 23.58 -26.00 -19.90
CA THR C 126 23.78 -25.42 -21.21
C THR C 126 22.67 -24.43 -21.56
N ALA C 127 22.97 -23.57 -22.52
CA ALA C 127 22.08 -22.49 -22.91
C ALA C 127 21.17 -22.94 -24.04
N SER C 128 19.89 -22.59 -23.94
CA SER C 128 18.94 -22.83 -25.00
C SER C 128 19.22 -21.84 -26.13
N ALA C 129 19.30 -22.34 -27.34
CA ALA C 129 19.51 -21.51 -28.52
C ALA C 129 18.17 -21.18 -29.15
N SER C 130 17.82 -19.89 -29.15
CA SER C 130 16.58 -19.42 -29.74
C SER C 130 16.73 -17.94 -30.08
N ALA C 131 16.15 -17.54 -31.21
CA ALA C 131 16.32 -16.17 -31.68
C ALA C 131 15.23 -15.79 -32.68
N LYS C 132 14.82 -14.52 -32.62
CA LYS C 132 13.82 -13.97 -33.55
C LYS C 132 14.56 -13.07 -34.53
N LEU C 133 14.28 -13.24 -35.83
CA LEU C 133 14.99 -12.48 -36.86
C LEU C 133 14.08 -12.22 -38.03
N ARG C 134 14.18 -11.01 -38.59
CA ARG C 134 13.37 -10.61 -39.73
C ARG C 134 14.20 -10.68 -41.00
N VAL C 135 13.54 -10.56 -42.15
CA VAL C 135 14.20 -10.53 -43.45
C VAL C 135 13.24 -9.90 -44.45
N LEU C 136 13.75 -8.96 -45.23
CA LEU C 136 13.02 -8.39 -46.35
C LEU C 136 13.43 -9.18 -47.58
N TYR C 137 12.77 -10.31 -47.78
CA TYR C 137 13.11 -11.24 -48.85
C TYR C 137 11.84 -11.61 -49.59
N GLN C 138 11.97 -11.87 -50.89
CA GLN C 138 10.86 -12.32 -51.73
C GLN C 138 9.81 -11.22 -51.94
N GLY C 139 10.20 -9.98 -51.75
CA GLY C 139 9.23 -8.91 -51.75
C GLY C 139 8.46 -8.74 -50.47
N ASN C 140 8.88 -9.38 -49.37
CA ASN C 140 8.16 -9.22 -48.12
C ASN C 140 9.12 -9.03 -46.97
N ASN C 141 8.80 -8.08 -46.10
CA ASN C 141 9.43 -7.99 -44.80
C ASN C 141 8.72 -8.98 -43.90
N VAL C 142 9.29 -10.17 -43.77
CA VAL C 142 8.71 -11.26 -42.99
C VAL C 142 9.74 -11.72 -41.96
N THR C 143 9.27 -12.08 -40.78
CA THR C 143 10.14 -12.50 -39.68
C THR C 143 9.93 -13.98 -39.41
N VAL C 144 10.96 -14.62 -38.88
CA VAL C 144 10.87 -15.98 -38.36
C VAL C 144 11.58 -15.99 -37.00
N SER C 145 10.93 -16.57 -36.01
CA SER C 145 11.56 -16.84 -34.72
C SER C 145 11.83 -18.33 -34.68
N ALA C 146 13.10 -18.71 -34.47
CA ALA C 146 13.47 -20.11 -34.53
C ALA C 146 14.32 -20.47 -33.32
N TYR C 147 14.02 -21.63 -32.75
CA TYR C 147 14.92 -22.23 -31.77
C TYR C 147 16.19 -22.63 -32.49
N ALA C 148 17.29 -21.94 -32.18
CA ALA C 148 18.45 -21.98 -33.04
C ALA C 148 19.43 -23.09 -32.70
N ASN C 149 18.93 -24.32 -32.61
CA ASN C 149 19.81 -25.47 -32.55
C ASN C 149 20.17 -25.97 -33.93
N GLY C 150 19.47 -25.52 -34.95
CA GLY C 150 19.63 -26.03 -36.29
C GLY C 150 18.48 -26.86 -36.78
N ASP C 151 17.60 -27.31 -35.90
CA ASP C 151 16.55 -28.24 -36.28
C ASP C 151 15.20 -27.72 -35.80
N HIS C 152 15.03 -26.41 -35.83
CA HIS C 152 13.72 -25.83 -35.55
C HIS C 152 13.43 -24.97 -36.76
N ALA C 153 12.93 -25.59 -37.82
CA ALA C 153 12.87 -24.96 -39.13
C ALA C 153 11.52 -24.25 -39.29
N VAL C 154 11.55 -23.10 -39.95
CA VAL C 154 10.35 -22.34 -40.22
C VAL C 154 10.22 -22.22 -41.74
N THR C 155 9.24 -22.91 -42.30
CA THR C 155 8.93 -22.78 -43.72
C THR C 155 7.88 -21.68 -43.84
N VAL C 156 8.32 -20.44 -43.71
CA VAL C 156 7.42 -19.29 -43.61
C VAL C 156 7.53 -18.49 -44.89
N LYS C 157 6.39 -18.03 -45.40
CA LYS C 157 6.32 -17.32 -46.68
C LYS C 157 6.68 -18.24 -47.85
N ASP C 158 6.50 -19.55 -47.66
CA ASP C 158 6.95 -20.60 -48.56
C ASP C 158 8.45 -20.86 -48.49
N ALA C 159 9.18 -20.23 -47.58
CA ALA C 159 10.64 -20.34 -47.55
C ALA C 159 11.06 -21.18 -46.34
N LYS C 160 11.79 -22.26 -46.60
CA LYS C 160 12.26 -23.11 -45.52
C LYS C 160 13.52 -22.48 -44.94
N PHE C 161 13.35 -21.59 -43.96
CA PHE C 161 14.46 -20.99 -43.26
C PHE C 161 14.87 -21.93 -42.13
N ILE C 162 16.13 -22.29 -42.10
CA ILE C 162 16.71 -23.09 -41.04
C ILE C 162 17.97 -22.37 -40.57
N VAL C 163 17.91 -21.80 -39.38
CA VAL C 163 19.06 -21.13 -38.78
C VAL C 163 19.52 -21.98 -37.60
N GLY C 164 20.73 -21.72 -37.13
CA GLY C 164 21.25 -22.45 -36.00
C GLY C 164 22.20 -23.54 -36.43
N PRO C 165 23.16 -23.91 -35.58
CA PRO C 165 23.51 -23.38 -34.26
C PRO C 165 24.33 -22.10 -34.34
N MET C 166 24.51 -21.47 -33.19
CA MET C 166 25.33 -20.27 -33.11
C MET C 166 26.80 -20.65 -33.04
N SER C 167 27.67 -19.70 -33.35
CA SER C 167 29.10 -19.96 -33.28
C SER C 167 29.66 -19.69 -31.89
N SER C 168 28.98 -18.88 -31.10
CA SER C 168 29.59 -18.26 -29.91
C SER C 168 29.32 -19.12 -28.67
N ALA C 169 30.00 -18.79 -27.58
CA ALA C 169 29.87 -19.51 -26.33
C ALA C 169 29.95 -18.61 -25.09
N TRP C 170 29.97 -17.29 -25.25
CA TRP C 170 30.15 -16.40 -24.11
C TRP C 170 28.87 -16.32 -23.30
N THR C 171 28.66 -17.33 -22.45
CA THR C 171 27.37 -17.63 -21.89
C THR C 171 27.09 -16.66 -20.75
N PRO C 172 25.87 -16.13 -20.69
CA PRO C 172 25.54 -15.17 -19.62
C PRO C 172 25.43 -15.80 -18.26
N PHE C 173 25.23 -17.10 -18.18
CA PHE C 173 25.32 -17.79 -16.90
C PHE C 173 26.78 -17.94 -16.52
N ASP C 174 27.02 -18.03 -15.22
CA ASP C 174 28.24 -18.60 -14.67
C ASP C 174 27.95 -20.06 -14.32
N ASN C 175 28.86 -20.72 -13.59
CA ASN C 175 28.62 -22.10 -13.16
C ASN C 175 27.54 -22.17 -12.09
N LYS C 176 27.51 -21.20 -11.20
CA LYS C 176 26.46 -21.07 -10.19
C LYS C 176 25.84 -19.69 -10.36
N ILE C 177 24.53 -19.60 -10.20
CA ILE C 177 23.84 -18.33 -10.38
C ILE C 177 22.81 -18.16 -9.27
N VAL C 178 22.62 -16.91 -8.85
CA VAL C 178 21.60 -16.57 -7.87
C VAL C 178 20.57 -15.71 -8.59
N VAL C 179 19.34 -16.19 -8.62
CA VAL C 179 18.19 -15.40 -9.02
C VAL C 179 17.68 -14.75 -7.75
N TYR C 180 17.78 -13.43 -7.68
CA TYR C 180 17.34 -12.66 -6.51
C TYR C 180 16.34 -11.64 -7.01
N LYS C 181 15.11 -12.09 -7.20
CA LYS C 181 13.88 -11.32 -7.34
C LYS C 181 13.74 -10.45 -8.59
N GLY C 182 14.84 -10.07 -9.21
CA GLY C 182 14.92 -9.68 -10.60
C GLY C 182 16.31 -9.89 -11.16
N ASP C 183 17.25 -10.35 -10.35
CA ASP C 183 18.65 -10.16 -10.66
C ASP C 183 19.37 -11.49 -10.76
N VAL C 184 20.09 -11.69 -11.85
CA VAL C 184 21.02 -12.80 -11.98
C VAL C 184 22.37 -12.31 -11.49
N TYR C 185 22.78 -12.80 -10.33
CA TYR C 185 24.12 -12.54 -9.83
C TYR C 185 24.91 -13.82 -9.97
N ASN C 186 26.01 -13.76 -10.73
CA ASN C 186 26.87 -14.92 -10.93
C ASN C 186 27.66 -15.13 -9.66
N MET C 187 27.14 -15.95 -8.75
CA MET C 187 27.76 -16.16 -7.46
C MET C 187 27.80 -17.65 -7.18
N ASP C 188 28.87 -18.11 -6.52
CA ASP C 188 29.00 -19.51 -6.13
C ASP C 188 28.24 -19.72 -4.82
N TYR C 189 27.30 -20.66 -4.86
CA TYR C 189 26.50 -20.94 -3.70
C TYR C 189 27.31 -21.73 -2.67
N PRO C 190 26.85 -21.80 -1.43
CA PRO C 190 27.57 -22.54 -0.40
C PRO C 190 27.23 -24.01 -0.47
N PRO C 191 27.66 -24.80 0.51
CA PRO C 191 27.20 -26.19 0.58
C PRO C 191 25.72 -26.28 0.90
N PHE C 192 25.01 -27.14 0.17
CA PHE C 192 23.57 -27.30 0.30
C PHE C 192 23.31 -28.00 1.61
N GLY C 193 22.95 -27.21 2.62
CA GLY C 193 22.87 -27.68 3.97
C GLY C 193 24.16 -27.56 4.76
N ALA C 194 25.26 -27.19 4.13
CA ALA C 194 26.55 -27.16 4.80
C ALA C 194 27.11 -25.75 4.78
N GLY C 195 26.28 -24.78 5.13
CA GLY C 195 26.69 -23.40 5.05
C GLY C 195 27.65 -23.00 6.16
N ARG C 196 28.13 -21.79 6.04
CA ARG C 196 28.95 -21.25 7.11
C ARG C 196 28.16 -20.19 7.88
N PRO C 197 28.67 -19.75 9.01
CA PRO C 197 28.05 -18.61 9.68
C PRO C 197 28.39 -17.33 8.94
N GLY C 198 27.41 -16.44 8.84
CA GLY C 198 27.59 -15.18 8.17
C GLY C 198 27.74 -15.25 6.66
N GLN C 199 27.36 -16.35 6.03
CA GLN C 199 27.56 -16.53 4.61
C GLN C 199 26.35 -16.02 3.83
N PHE C 200 26.61 -15.59 2.61
CA PHE C 200 25.54 -15.20 1.70
C PHE C 200 24.79 -16.44 1.28
N GLY C 201 23.66 -16.68 1.93
CA GLY C 201 23.05 -17.98 1.94
C GLY C 201 23.18 -18.71 3.25
N ASP C 202 23.07 -17.99 4.38
CA ASP C 202 23.14 -18.63 5.69
C ASP C 202 21.94 -19.52 5.95
N ILE C 203 20.78 -19.17 5.41
CA ILE C 203 19.62 -20.05 5.43
C ILE C 203 19.58 -20.73 4.07
N GLN C 204 19.85 -22.02 4.03
CA GLN C 204 19.86 -22.78 2.78
C GLN C 204 18.55 -23.51 2.66
N SER C 205 17.77 -23.14 1.66
CA SER C 205 16.53 -23.82 1.33
C SER C 205 16.85 -24.87 0.27
N ARG C 206 16.91 -26.13 0.70
CA ARG C 206 17.18 -27.25 -0.18
C ARG C 206 16.04 -27.51 -1.14
N THR C 207 14.84 -27.10 -0.80
CA THR C 207 13.71 -26.99 -1.70
C THR C 207 13.26 -25.54 -1.68
N PRO C 208 12.48 -25.12 -2.69
CA PRO C 208 12.01 -23.73 -2.72
C PRO C 208 10.93 -23.43 -1.71
N GLU C 209 9.96 -24.31 -1.56
CA GLU C 209 9.11 -24.31 -0.39
C GLU C 209 9.47 -25.46 0.53
N SER C 210 10.76 -25.78 0.65
CA SER C 210 11.23 -27.02 1.26
C SER C 210 11.02 -27.11 2.76
N GLU C 211 11.35 -28.25 3.36
CA GLU C 211 11.13 -28.47 4.78
C GLU C 211 12.45 -28.49 5.53
N ASP C 212 13.56 -28.49 4.79
CA ASP C 212 14.88 -28.50 5.42
C ASP C 212 15.50 -27.11 5.34
N VAL C 213 16.33 -26.79 6.31
CA VAL C 213 16.98 -25.50 6.38
C VAL C 213 18.41 -25.68 6.85
N TYR C 214 19.33 -25.58 5.92
CA TYR C 214 20.75 -25.59 6.24
C TYR C 214 21.09 -24.25 6.85
N ALA C 215 21.13 -24.20 8.17
CA ALA C 215 21.25 -22.93 8.86
C ALA C 215 22.13 -23.12 10.09
N ASN C 216 23.24 -22.39 10.12
CA ASN C 216 24.11 -22.30 11.29
C ASN C 216 24.31 -20.80 11.53
N THR C 217 23.37 -20.21 12.25
CA THR C 217 23.30 -18.77 12.42
C THR C 217 24.13 -18.28 13.58
N GLN C 218 24.72 -19.17 14.37
CA GLN C 218 25.47 -18.80 15.57
C GLN C 218 24.54 -18.21 16.61
N LEU C 219 23.35 -18.77 16.73
CA LEU C 219 22.40 -18.32 17.74
C LEU C 219 22.87 -18.82 19.10
N VAL C 220 23.62 -17.99 19.81
CA VAL C 220 24.17 -18.34 21.12
C VAL C 220 23.26 -17.74 22.18
N LEU C 221 22.74 -18.59 23.07
CA LEU C 221 21.92 -18.11 24.15
C LEU C 221 22.80 -17.40 25.18
N GLN C 222 22.45 -16.16 25.47
CA GLN C 222 23.15 -15.36 26.45
C GLN C 222 22.61 -15.64 27.85
N ARG C 223 23.03 -14.83 28.80
CA ARG C 223 22.58 -14.99 30.18
C ARG C 223 21.13 -14.53 30.31
N PRO C 224 20.46 -14.85 31.42
CA PRO C 224 19.03 -14.55 31.52
C PRO C 224 18.77 -13.07 31.77
N SER C 225 17.52 -12.67 31.54
CA SER C 225 17.11 -11.31 31.82
C SER C 225 17.09 -11.09 33.33
N ALA C 226 17.57 -9.93 33.75
CA ALA C 226 17.79 -9.66 35.17
C ALA C 226 16.46 -9.43 35.86
N GLY C 227 15.89 -10.52 36.38
CA GLY C 227 14.64 -10.42 37.13
C GLY C 227 13.39 -10.36 36.28
N THR C 228 13.54 -10.29 34.96
CA THR C 228 12.41 -10.22 34.04
C THR C 228 12.63 -11.26 32.95
N VAL C 229 11.53 -11.79 32.41
CA VAL C 229 11.59 -12.83 31.39
C VAL C 229 12.01 -12.15 30.09
N HIS C 230 13.29 -12.24 29.78
CA HIS C 230 13.81 -11.71 28.53
C HIS C 230 14.77 -12.77 28.00
N VAL C 231 14.69 -12.99 26.69
CA VAL C 231 15.46 -14.08 26.12
C VAL C 231 16.86 -13.55 25.82
N PRO C 232 17.83 -13.78 26.71
CA PRO C 232 19.22 -13.47 26.35
C PRO C 232 19.70 -14.50 25.34
N TYR C 233 19.81 -14.05 24.10
CA TYR C 233 20.18 -14.96 23.02
C TYR C 233 20.76 -14.15 21.88
N SER C 234 22.05 -14.30 21.66
CA SER C 234 22.75 -13.56 20.63
C SER C 234 22.87 -14.43 19.39
N GLN C 235 22.58 -13.86 18.24
CA GLN C 235 22.67 -14.62 17.00
C GLN C 235 23.40 -13.78 15.98
N ALA C 236 23.82 -14.42 14.90
CA ALA C 236 24.38 -13.68 13.79
C ALA C 236 23.25 -13.00 13.02
N PRO C 237 23.54 -12.00 12.20
CA PRO C 237 22.48 -11.35 11.43
C PRO C 237 22.03 -12.19 10.24
N SER C 238 21.13 -11.63 9.46
CA SER C 238 20.62 -12.27 8.26
C SER C 238 21.72 -12.35 7.20
N GLY C 239 22.17 -13.56 6.92
CA GLY C 239 23.17 -13.75 5.88
C GLY C 239 22.58 -13.54 4.50
N PHE C 240 21.29 -13.81 4.34
CA PHE C 240 20.60 -13.38 3.14
C PHE C 240 20.15 -11.94 3.28
N LYS C 241 19.98 -11.48 4.51
CA LYS C 241 19.83 -10.05 4.74
C LYS C 241 21.12 -9.32 4.49
N TYR C 242 22.25 -9.97 4.74
CA TYR C 242 23.52 -9.44 4.26
C TYR C 242 23.63 -9.58 2.76
N TRP C 243 23.06 -10.65 2.21
CA TRP C 243 22.98 -10.79 0.76
C TRP C 243 21.95 -9.84 0.19
N LEU C 244 20.96 -9.47 0.99
CA LEU C 244 20.14 -8.33 0.63
C LEU C 244 20.91 -7.03 0.78
N LYS C 245 21.75 -6.91 1.80
CA LYS C 245 22.60 -5.74 1.98
C LYS C 245 23.69 -5.67 0.93
N GLU C 246 24.44 -6.74 0.74
CA GLU C 246 25.31 -6.88 -0.41
C GLU C 246 24.54 -7.50 -1.56
N ARG C 247 23.68 -6.70 -2.19
CA ARG C 247 22.87 -7.15 -3.32
C ARG C 247 23.71 -7.51 -4.53
N GLY C 248 24.80 -6.78 -4.77
CA GLY C 248 25.71 -7.10 -5.84
C GLY C 248 25.22 -6.68 -7.21
N ALA C 249 26.18 -6.31 -8.06
CA ALA C 249 25.84 -5.78 -9.37
C ALA C 249 25.52 -6.93 -10.31
N SER C 250 24.32 -6.89 -10.88
CA SER C 250 23.89 -7.99 -11.73
C SER C 250 24.47 -7.84 -13.12
N LEU C 251 24.22 -8.85 -13.94
CA LEU C 251 24.69 -8.84 -15.33
C LEU C 251 23.87 -7.89 -16.21
N GLN C 252 22.75 -7.35 -15.72
CA GLN C 252 22.05 -6.29 -16.45
C GLN C 252 22.90 -5.04 -16.54
N HIS C 253 23.74 -4.78 -15.55
CA HIS C 253 24.84 -3.86 -15.73
C HIS C 253 26.14 -4.56 -16.04
N THR C 254 26.32 -5.78 -15.53
CA THR C 254 27.61 -6.45 -15.61
C THR C 254 27.73 -7.40 -16.79
N ALA C 255 27.07 -7.11 -17.91
CA ALA C 255 27.10 -8.04 -19.02
C ALA C 255 28.38 -7.86 -19.84
N PRO C 256 29.34 -8.77 -19.71
CA PRO C 256 30.40 -8.84 -20.71
C PRO C 256 29.84 -9.39 -22.01
N PHE C 257 30.44 -8.96 -23.11
CA PHE C 257 29.99 -9.37 -24.45
C PHE C 257 28.80 -8.55 -24.94
N GLY C 258 28.34 -7.59 -24.14
CA GLY C 258 27.17 -6.80 -24.49
C GLY C 258 25.88 -7.57 -24.46
N CYS C 259 25.80 -8.60 -23.62
CA CYS C 259 24.60 -9.43 -23.59
C CYS C 259 23.49 -8.75 -22.79
N GLN C 260 22.26 -9.14 -23.05
CA GLN C 260 21.12 -8.67 -22.28
C GLN C 260 20.63 -9.79 -21.37
N ILE C 261 21.20 -9.88 -20.17
CA ILE C 261 20.83 -10.92 -19.21
C ILE C 261 19.48 -10.56 -18.62
N ALA C 262 18.43 -11.21 -19.10
CA ALA C 262 17.08 -10.95 -18.64
C ALA C 262 16.41 -12.24 -18.18
N THR C 263 15.94 -12.22 -16.94
CA THR C 263 15.49 -13.42 -16.24
C THR C 263 13.99 -13.60 -16.42
N ASN C 264 13.46 -14.56 -15.65
CA ASN C 264 12.08 -15.02 -15.63
C ASN C 264 11.58 -15.52 -16.98
N PRO C 265 12.09 -16.65 -17.50
CA PRO C 265 13.14 -17.59 -17.14
C PRO C 265 14.47 -16.97 -17.49
N VAL C 266 15.56 -17.48 -16.89
CA VAL C 266 16.87 -16.84 -16.97
C VAL C 266 17.40 -16.96 -18.39
N ARG C 267 17.34 -15.86 -19.12
CA ARG C 267 17.65 -15.88 -20.54
C ARG C 267 18.73 -14.86 -20.84
N ALA C 268 19.40 -15.04 -21.96
CA ALA C 268 20.41 -14.10 -22.42
C ALA C 268 19.97 -13.55 -23.77
N MET C 269 19.12 -12.52 -23.74
CA MET C 269 18.58 -11.90 -24.94
C MET C 269 19.54 -10.81 -25.38
N ASN C 270 19.83 -10.76 -26.67
CA ASN C 270 20.71 -9.72 -27.23
C ASN C 270 22.16 -9.94 -26.83
N CYS C 271 22.57 -11.20 -26.82
CA CYS C 271 23.97 -11.53 -26.66
C CYS C 271 24.64 -11.39 -28.03
N ALA C 272 25.15 -10.21 -28.31
CA ALA C 272 25.81 -9.95 -29.60
C ALA C 272 27.19 -10.58 -29.60
N VAL C 273 27.30 -11.70 -30.30
CA VAL C 273 28.56 -12.42 -30.42
C VAL C 273 28.44 -13.41 -31.57
N GLY C 274 29.58 -13.78 -32.16
CA GLY C 274 29.67 -14.90 -33.08
C GLY C 274 29.07 -14.64 -34.45
N ASN C 275 28.73 -15.72 -35.13
CA ASN C 275 28.09 -15.70 -36.43
C ASN C 275 26.93 -16.69 -36.41
N MET C 276 25.99 -16.48 -37.32
CA MET C 276 24.77 -17.28 -37.37
C MET C 276 24.66 -17.88 -38.76
N PRO C 277 24.99 -19.15 -38.95
CA PRO C 277 24.76 -19.78 -40.24
C PRO C 277 23.29 -20.15 -40.40
N ILE C 278 22.62 -19.44 -41.31
CA ILE C 278 21.24 -19.71 -41.65
C ILE C 278 21.21 -20.11 -43.12
N SER C 279 20.55 -21.22 -43.42
CA SER C 279 20.25 -21.63 -44.78
C SER C 279 18.80 -21.29 -45.06
N ILE C 280 18.52 -20.89 -46.29
CA ILE C 280 17.16 -20.56 -46.72
C ILE C 280 16.88 -21.38 -47.97
N ASP C 281 16.04 -22.40 -47.82
CA ASP C 281 15.50 -23.14 -48.96
C ASP C 281 14.44 -22.25 -49.58
N ILE C 282 14.83 -21.57 -50.65
CA ILE C 282 13.90 -20.69 -51.35
C ILE C 282 13.09 -21.51 -52.34
N PRO C 283 11.84 -21.15 -52.62
CA PRO C 283 11.08 -21.88 -53.63
C PRO C 283 11.45 -21.46 -55.04
N ASP C 284 10.72 -22.02 -56.01
CA ASP C 284 11.00 -21.74 -57.40
C ASP C 284 10.47 -20.36 -57.81
N ALA C 285 9.52 -19.82 -57.06
CA ALA C 285 8.91 -18.55 -57.44
C ALA C 285 9.84 -17.37 -57.18
N ALA C 286 10.79 -17.53 -56.26
CA ALA C 286 11.84 -16.53 -56.11
C ALA C 286 12.81 -16.58 -57.28
N PHE C 287 13.01 -17.76 -57.86
CA PHE C 287 13.76 -17.87 -59.09
C PHE C 287 12.91 -17.35 -60.23
N THR C 288 13.08 -16.06 -60.53
CA THR C 288 12.39 -15.42 -61.65
C THR C 288 13.37 -15.29 -62.80
N ARG C 289 12.97 -15.87 -63.94
CA ARG C 289 13.88 -16.16 -65.05
C ARG C 289 14.37 -14.88 -65.72
N VAL C 290 15.65 -14.90 -66.09
CA VAL C 290 16.33 -13.68 -66.53
C VAL C 290 15.88 -13.27 -67.93
N VAL C 291 15.37 -14.24 -68.69
CA VAL C 291 14.73 -13.93 -69.97
C VAL C 291 13.42 -13.18 -69.74
N ASP C 292 12.77 -13.43 -68.61
CA ASP C 292 11.66 -12.59 -68.21
C ASP C 292 12.12 -11.39 -67.40
N ALA C 293 13.41 -11.25 -67.19
CA ALA C 293 13.89 -10.07 -66.49
C ALA C 293 13.92 -8.88 -67.42
N PRO C 294 13.91 -7.66 -66.89
CA PRO C 294 13.99 -6.47 -67.73
C PRO C 294 15.42 -6.27 -68.23
N SER C 295 15.53 -5.90 -69.50
CA SER C 295 16.83 -5.83 -70.15
C SER C 295 17.52 -4.52 -69.81
N LEU C 296 18.13 -4.47 -68.64
CA LEU C 296 18.73 -3.26 -68.12
C LEU C 296 20.20 -3.26 -68.48
N THR C 297 20.59 -2.38 -69.40
CA THR C 297 21.98 -2.22 -69.79
C THR C 297 22.24 -0.74 -70.04
N ASP C 298 23.51 -0.42 -70.26
CA ASP C 298 23.94 0.96 -70.46
C ASP C 298 23.78 1.80 -69.19
N MET C 299 24.38 1.30 -68.12
CA MET C 299 24.36 2.01 -66.85
C MET C 299 25.63 2.83 -66.68
N SER C 300 25.46 4.05 -66.17
CA SER C 300 26.57 4.85 -65.70
C SER C 300 26.22 5.31 -64.29
N CYS C 301 27.01 4.88 -63.32
CA CYS C 301 26.76 5.21 -61.92
C CYS C 301 27.51 6.47 -61.59
N GLU C 302 26.82 7.61 -61.65
CA GLU C 302 27.40 8.89 -61.31
C GLU C 302 27.33 9.08 -59.81
N VAL C 303 28.51 9.12 -59.18
CA VAL C 303 28.61 9.27 -57.74
C VAL C 303 28.37 10.75 -57.41
N PRO C 304 27.16 11.13 -56.98
CA PRO C 304 26.93 12.53 -56.65
C PRO C 304 27.52 12.97 -55.33
N ALA C 305 27.43 12.16 -54.28
CA ALA C 305 27.79 12.65 -52.96
C ALA C 305 28.57 11.57 -52.23
N CYS C 306 29.63 11.98 -51.54
CA CYS C 306 30.50 11.03 -50.85
C CYS C 306 30.77 11.51 -49.43
N THR C 307 30.19 10.79 -48.48
CA THR C 307 30.38 11.10 -47.07
C THR C 307 30.57 9.79 -46.34
N HIS C 308 31.81 9.47 -46.02
CA HIS C 308 32.12 8.26 -45.25
C HIS C 308 31.69 8.53 -43.82
N SER C 309 30.49 8.08 -43.48
CA SER C 309 29.86 8.35 -42.20
C SER C 309 29.17 7.08 -41.71
N SER C 310 28.30 7.23 -40.72
CA SER C 310 27.60 6.09 -40.16
C SER C 310 26.55 5.54 -41.12
N ASP C 311 25.98 6.38 -41.97
CA ASP C 311 24.97 5.94 -42.91
C ASP C 311 25.62 5.34 -44.16
N PHE C 312 24.78 4.94 -45.12
CA PHE C 312 25.26 4.44 -46.41
C PHE C 312 25.27 5.61 -47.39
N GLY C 313 26.04 6.64 -47.04
CA GLY C 313 26.03 7.98 -47.58
C GLY C 313 26.56 8.20 -48.99
N GLY C 314 26.65 7.16 -49.79
CA GLY C 314 26.92 7.28 -51.21
C GLY C 314 25.62 7.54 -51.93
N VAL C 315 25.65 8.47 -52.88
CA VAL C 315 24.54 8.68 -53.80
C VAL C 315 25.07 8.31 -55.17
N ALA C 316 24.26 7.59 -55.95
CA ALA C 316 24.71 7.12 -57.25
C ALA C 316 23.56 7.16 -58.24
N ILE C 317 23.51 8.20 -59.06
CA ILE C 317 22.57 8.28 -60.16
C ILE C 317 23.09 7.33 -61.23
N ILE C 318 22.60 6.10 -61.23
CA ILE C 318 22.95 5.12 -62.24
C ILE C 318 21.95 5.31 -63.37
N LYS C 319 22.40 5.94 -64.45
CA LYS C 319 21.65 5.98 -65.68
C LYS C 319 21.59 4.57 -66.22
N TYR C 320 20.38 4.06 -66.38
CA TYR C 320 20.19 2.73 -66.94
C TYR C 320 19.28 2.86 -68.14
N ALA C 321 19.31 1.85 -68.99
CA ALA C 321 18.42 1.74 -70.15
C ALA C 321 17.81 0.35 -70.05
N ALA C 322 16.58 0.29 -69.56
CA ALA C 322 15.89 -0.96 -69.35
C ALA C 322 15.14 -1.36 -70.62
N SER C 323 15.15 -2.66 -70.91
CA SER C 323 14.37 -3.15 -72.04
C SER C 323 12.88 -3.10 -71.74
N LYS C 324 12.46 -3.79 -70.69
CA LYS C 324 11.08 -3.66 -70.22
C LYS C 324 11.15 -3.18 -68.79
N LYS C 325 9.99 -2.82 -68.24
CA LYS C 325 9.91 -2.39 -66.85
C LYS C 325 10.08 -3.59 -65.93
N GLY C 326 10.47 -3.33 -64.70
CA GLY C 326 10.58 -4.41 -63.73
C GLY C 326 11.53 -4.05 -62.60
N LYS C 327 11.28 -4.70 -61.47
CA LYS C 327 12.14 -4.54 -60.31
C LYS C 327 13.42 -5.32 -60.57
N CYS C 328 14.42 -4.62 -61.11
CA CYS C 328 15.76 -5.16 -61.23
C CYS C 328 16.34 -5.20 -59.82
N ALA C 329 16.94 -6.34 -59.49
CA ALA C 329 17.53 -6.51 -58.18
C ALA C 329 18.81 -5.69 -58.11
N VAL C 330 18.71 -4.51 -57.51
CA VAL C 330 19.85 -3.60 -57.40
C VAL C 330 20.61 -3.99 -56.15
N HIS C 331 21.46 -5.00 -56.28
CA HIS C 331 22.23 -5.49 -55.15
C HIS C 331 23.65 -4.99 -55.31
N SER C 332 24.35 -4.90 -54.19
CA SER C 332 25.76 -4.58 -54.22
C SER C 332 26.54 -5.80 -54.70
N MET C 333 27.28 -5.62 -55.79
CA MET C 333 28.24 -6.62 -56.18
C MET C 333 29.65 -6.32 -55.68
N THR C 334 29.79 -5.43 -54.71
CA THR C 334 31.09 -4.96 -54.25
C THR C 334 31.35 -5.50 -52.86
N ASN C 335 32.48 -5.10 -52.27
CA ASN C 335 32.84 -5.60 -50.95
C ASN C 335 32.55 -4.62 -49.83
N ALA C 336 32.58 -3.32 -50.09
CA ALA C 336 32.52 -2.36 -49.01
C ALA C 336 31.21 -1.57 -48.93
N VAL C 337 30.44 -1.52 -50.01
CA VAL C 337 29.34 -0.57 -50.10
C VAL C 337 28.06 -1.23 -49.61
N THR C 338 27.47 -0.66 -48.58
CA THR C 338 26.11 -1.02 -48.18
C THR C 338 25.18 -0.16 -49.03
N ILE C 339 24.35 -0.81 -49.82
CA ILE C 339 23.31 -0.16 -50.61
C ILE C 339 22.06 -0.14 -49.76
N ARG C 340 21.34 0.99 -49.79
CA ARG C 340 20.14 1.13 -48.96
C ARG C 340 19.00 0.26 -49.48
N GLU C 341 18.69 0.36 -50.76
CA GLU C 341 17.63 -0.44 -51.34
C GLU C 341 18.12 -1.84 -51.67
N ALA C 342 17.17 -2.74 -51.97
CA ALA C 342 17.48 -4.08 -52.45
C ALA C 342 17.08 -4.28 -53.90
N GLU C 343 15.88 -3.87 -54.28
CA GLU C 343 15.42 -3.90 -55.66
C GLU C 343 14.98 -2.50 -56.04
N ILE C 344 15.15 -2.17 -57.31
CA ILE C 344 14.68 -0.90 -57.84
C ILE C 344 13.89 -1.20 -59.10
N GLU C 345 12.79 -0.49 -59.28
CA GLU C 345 11.95 -0.68 -60.44
C GLU C 345 12.61 0.04 -61.61
N VAL C 346 13.50 -0.64 -62.30
CA VAL C 346 14.07 -0.10 -63.53
C VAL C 346 13.00 -0.20 -64.59
N GLU C 347 12.56 0.94 -65.11
CA GLU C 347 11.37 1.00 -65.96
C GLU C 347 11.75 1.09 -67.43
N GLY C 348 12.82 1.82 -67.76
CA GLY C 348 13.15 2.09 -69.13
C GLY C 348 14.50 2.75 -69.21
N ASN C 349 14.62 3.81 -70.00
CA ASN C 349 15.86 4.58 -70.07
C ASN C 349 15.98 5.56 -68.90
N SER C 350 16.07 5.07 -67.68
CA SER C 350 15.94 5.92 -66.51
C SER C 350 17.18 5.87 -65.64
N GLN C 351 17.38 6.94 -64.88
CA GLN C 351 18.49 7.05 -63.95
C GLN C 351 17.97 6.80 -62.55
N LEU C 352 18.30 5.62 -62.03
CA LEU C 352 17.96 5.25 -60.67
C LEU C 352 19.08 5.70 -59.75
N GLN C 353 18.75 6.57 -58.80
CA GLN C 353 19.72 7.06 -57.82
C GLN C 353 19.72 6.10 -56.65
N ILE C 354 20.76 5.29 -56.55
CA ILE C 354 20.89 4.34 -55.45
C ILE C 354 21.57 5.05 -54.29
N SER C 355 21.10 4.73 -53.09
CA SER C 355 21.72 5.17 -51.86
C SER C 355 22.63 4.05 -51.37
N PHE C 356 23.91 4.18 -51.69
CA PHE C 356 24.92 3.22 -51.26
C PHE C 356 26.16 3.96 -50.81
N SER C 357 26.67 3.57 -49.65
CA SER C 357 27.93 4.07 -49.15
C SER C 357 28.55 3.00 -48.27
N THR C 358 29.84 3.18 -47.94
CA THR C 358 30.51 2.25 -47.07
C THR C 358 31.40 3.06 -46.13
N ALA C 359 32.22 2.34 -45.36
CA ALA C 359 33.14 3.00 -44.46
C ALA C 359 34.34 3.63 -45.15
N LEU C 360 34.84 3.01 -46.22
CA LEU C 360 36.05 3.49 -46.88
C LEU C 360 35.73 4.73 -47.70
N ALA C 361 36.60 5.75 -47.55
CA ALA C 361 36.40 7.02 -48.24
C ALA C 361 36.66 6.87 -49.73
N SER C 362 37.81 6.33 -50.10
CA SER C 362 38.11 5.99 -51.49
C SER C 362 37.42 4.66 -51.74
N ALA C 363 36.21 4.72 -52.26
CA ALA C 363 35.37 3.54 -52.44
C ALA C 363 35.14 3.31 -53.93
N GLU C 364 35.73 2.24 -54.47
CA GLU C 364 35.45 1.77 -55.81
C GLU C 364 34.73 0.43 -55.68
N PHE C 365 33.41 0.46 -55.78
CA PHE C 365 32.61 -0.72 -55.49
C PHE C 365 31.79 -1.10 -56.72
N ARG C 366 31.47 -2.38 -56.81
CA ARG C 366 30.66 -2.92 -57.89
C ARG C 366 29.21 -3.06 -57.42
N VAL C 367 28.28 -2.87 -58.33
CA VAL C 367 26.86 -3.00 -58.04
C VAL C 367 26.23 -3.68 -59.23
N GLN C 368 25.43 -4.71 -58.97
CA GLN C 368 24.71 -5.42 -60.02
C GLN C 368 23.23 -5.09 -59.85
N VAL C 369 22.68 -4.38 -60.83
CA VAL C 369 21.25 -4.14 -60.92
C VAL C 369 20.66 -5.27 -61.74
N CYS C 370 20.42 -6.40 -61.07
CA CYS C 370 19.68 -7.58 -61.54
C CYS C 370 20.32 -8.41 -62.65
N SER C 371 21.17 -7.80 -63.47
CA SER C 371 22.30 -8.44 -64.13
C SER C 371 23.45 -7.46 -64.27
N THR C 372 23.17 -6.18 -64.12
CA THR C 372 24.07 -5.15 -64.60
C THR C 372 25.17 -4.95 -63.59
N GLN C 373 26.39 -5.33 -63.95
CA GLN C 373 27.56 -5.07 -63.11
C GLN C 373 28.16 -3.73 -63.51
N VAL C 374 28.35 -2.86 -62.54
CA VAL C 374 28.87 -1.51 -62.79
C VAL C 374 29.83 -1.16 -61.66
N HIS C 375 30.76 -0.24 -61.95
CA HIS C 375 31.71 0.22 -60.96
C HIS C 375 31.40 1.66 -60.57
N CYS C 376 31.65 1.99 -59.30
CA CYS C 376 31.42 3.33 -58.77
C CYS C 376 32.53 3.66 -57.80
N ALA C 377 33.33 4.68 -58.13
CA ALA C 377 34.49 5.09 -57.34
C ALA C 377 34.29 6.53 -56.88
N ALA C 378 34.47 6.76 -55.59
CA ALA C 378 34.28 8.08 -54.97
C ALA C 378 35.34 8.28 -53.90
N GLU C 379 35.58 9.55 -53.54
CA GLU C 379 36.44 9.93 -52.42
C GLU C 379 35.53 10.47 -51.32
N CYS C 380 34.99 9.56 -50.49
CA CYS C 380 33.98 9.87 -49.50
C CYS C 380 34.54 10.73 -48.37
N HIS C 381 33.69 11.48 -47.77
CA HIS C 381 33.96 12.54 -46.82
C HIS C 381 34.41 11.97 -45.47
N PRO C 382 34.93 12.83 -44.60
CA PRO C 382 35.27 12.38 -43.26
C PRO C 382 34.04 12.36 -42.38
N PRO C 383 34.15 11.88 -41.15
CA PRO C 383 33.01 11.94 -40.23
C PRO C 383 32.85 13.36 -39.70
N LYS C 384 31.62 13.66 -39.26
CA LYS C 384 31.37 14.96 -38.66
C LYS C 384 31.46 14.91 -37.15
N ASP C 385 30.63 14.12 -36.50
CA ASP C 385 30.65 13.96 -35.05
C ASP C 385 31.50 12.75 -34.70
N HIS C 386 32.10 12.77 -33.52
CA HIS C 386 32.95 11.65 -33.12
C HIS C 386 32.15 10.43 -32.70
N ILE C 387 30.87 10.57 -32.37
CA ILE C 387 30.10 9.50 -31.74
C ILE C 387 28.84 9.26 -32.56
N VAL C 388 28.51 8.00 -32.76
CA VAL C 388 27.24 7.60 -33.35
C VAL C 388 26.55 6.69 -32.34
N ASN C 389 25.27 6.40 -32.59
CA ASN C 389 24.46 5.69 -31.61
C ASN C 389 24.78 4.21 -31.54
N TYR C 390 24.95 3.54 -32.68
CA TYR C 390 25.28 2.15 -32.76
C TYR C 390 26.32 2.16 -33.87
N PRO C 391 26.83 1.01 -34.28
CA PRO C 391 27.69 0.97 -35.47
C PRO C 391 26.91 1.24 -36.76
N ALA C 392 27.64 1.26 -37.87
CA ALA C 392 27.09 1.62 -39.16
C ALA C 392 27.67 0.72 -40.23
N SER C 393 27.53 1.15 -41.48
CA SER C 393 28.10 0.42 -42.59
C SER C 393 29.62 0.59 -42.60
N TYR D 1 36.82 -35.72 13.34
CA TYR D 1 37.96 -35.56 12.45
C TYR D 1 37.53 -35.72 11.00
N GLU D 2 38.30 -35.14 10.08
CA GLU D 2 37.98 -35.18 8.66
C GLU D 2 38.95 -36.12 7.95
N HIS D 3 38.41 -37.18 7.35
CA HIS D 3 39.14 -38.05 6.45
C HIS D 3 38.44 -37.99 5.10
N VAL D 4 39.16 -37.55 4.08
CA VAL D 4 38.60 -37.33 2.75
C VAL D 4 39.15 -38.40 1.82
N THR D 5 38.31 -39.35 1.42
CA THR D 5 38.76 -40.49 0.62
C THR D 5 38.02 -40.51 -0.70
N VAL D 6 38.43 -41.42 -1.56
CA VAL D 6 37.79 -41.62 -2.86
C VAL D 6 37.48 -43.10 -2.97
N ILE D 7 36.21 -43.44 -3.06
CA ILE D 7 35.84 -44.84 -3.25
C ILE D 7 35.92 -45.11 -4.75
N PRO D 8 36.03 -46.36 -5.17
CA PRO D 8 35.88 -46.66 -6.60
C PRO D 8 34.43 -46.51 -7.00
N ASN D 9 34.20 -46.09 -8.24
CA ASN D 9 32.84 -45.90 -8.76
C ASN D 9 32.30 -47.24 -9.26
N THR D 10 31.97 -48.11 -8.30
CA THR D 10 31.29 -49.37 -8.54
C THR D 10 30.79 -49.82 -7.18
N VAL D 11 29.48 -49.94 -7.05
CA VAL D 11 28.85 -50.07 -5.74
C VAL D 11 28.97 -51.50 -5.24
N GLY D 12 28.92 -51.66 -3.93
CA GLY D 12 29.00 -52.97 -3.32
C GLY D 12 30.36 -53.36 -2.80
N VAL D 13 31.40 -52.65 -3.19
CA VAL D 13 32.76 -52.94 -2.73
C VAL D 13 32.88 -52.40 -1.31
N PRO D 14 33.31 -53.21 -0.36
CA PRO D 14 33.51 -52.70 1.00
C PRO D 14 34.76 -51.82 1.05
N TYR D 15 34.56 -50.54 1.32
CA TYR D 15 35.65 -49.59 1.43
C TYR D 15 35.90 -49.27 2.89
N LYS D 16 36.64 -50.14 3.56
CA LYS D 16 37.05 -49.91 4.94
C LYS D 16 38.41 -49.25 4.90
N THR D 17 38.50 -48.03 5.45
CA THR D 17 39.73 -47.25 5.45
C THR D 17 40.12 -46.94 6.89
N LEU D 18 41.39 -47.10 7.21
CA LEU D 18 41.88 -46.89 8.56
C LEU D 18 42.29 -45.44 8.75
N VAL D 19 41.31 -44.57 8.92
CA VAL D 19 41.56 -43.19 9.32
C VAL D 19 41.97 -43.24 10.78
N ASN D 20 43.19 -42.79 11.07
CA ASN D 20 43.75 -42.85 12.41
C ASN D 20 44.51 -41.55 12.70
N ARG D 21 43.83 -40.60 13.34
CA ARG D 21 44.45 -39.34 13.74
C ARG D 21 45.21 -39.57 15.05
N PRO D 22 46.08 -38.65 15.45
CA PRO D 22 46.76 -38.79 16.76
C PRO D 22 45.78 -38.56 17.90
N GLY D 23 46.03 -39.23 19.01
CA GLY D 23 45.12 -39.15 20.14
C GLY D 23 43.90 -40.02 20.02
N TYR D 24 43.89 -40.94 19.07
CA TYR D 24 42.75 -41.80 18.84
C TYR D 24 43.24 -43.21 18.58
N SER D 25 42.32 -44.16 18.67
CA SER D 25 42.60 -45.51 18.20
C SER D 25 42.35 -45.56 16.70
N PRO D 26 42.51 -46.73 16.06
CA PRO D 26 42.25 -46.81 14.62
C PRO D 26 40.76 -46.72 14.33
N MET D 27 40.42 -45.97 13.30
CA MET D 27 39.04 -45.78 12.88
C MET D 27 38.88 -46.37 11.49
N VAL D 28 38.39 -47.59 11.41
CA VAL D 28 38.17 -48.27 10.15
C VAL D 28 36.78 -47.88 9.66
N LEU D 29 36.71 -46.83 8.86
CA LEU D 29 35.46 -46.34 8.31
C LEU D 29 35.13 -47.15 7.07
N GLU D 30 34.08 -47.95 7.15
CA GLU D 30 33.62 -48.76 6.05
C GLU D 30 32.52 -48.01 5.32
N MET D 31 32.66 -47.85 4.01
CA MET D 31 31.67 -47.21 3.17
C MET D 31 31.30 -48.19 2.06
N GLU D 32 30.08 -48.08 1.56
CA GLU D 32 29.56 -48.95 0.52
C GLU D 32 28.62 -48.11 -0.32
N LEU D 33 28.85 -48.08 -1.63
CA LEU D 33 28.05 -47.27 -2.53
C LEU D 33 26.70 -47.92 -2.71
N LEU D 34 25.66 -47.29 -2.17
CA LEU D 34 24.30 -47.80 -2.32
C LEU D 34 23.82 -47.67 -3.76
N SER D 35 23.92 -46.49 -4.34
CA SER D 35 23.54 -46.31 -5.73
C SER D 35 23.92 -44.90 -6.16
N VAL D 36 24.21 -44.73 -7.44
CA VAL D 36 24.57 -43.45 -8.02
C VAL D 36 23.87 -43.36 -9.37
N THR D 37 22.96 -42.40 -9.51
CA THR D 37 22.18 -42.21 -10.73
C THR D 37 22.51 -40.84 -11.30
N LEU D 38 22.34 -40.68 -12.60
CA LEU D 38 22.76 -39.46 -13.31
C LEU D 38 21.55 -38.82 -13.99
N GLU D 39 21.10 -37.68 -13.48
CA GLU D 39 19.94 -37.00 -14.02
C GLU D 39 20.36 -36.20 -15.24
N PRO D 40 20.11 -36.69 -16.46
CA PRO D 40 20.53 -35.95 -17.65
C PRO D 40 19.63 -34.77 -17.93
N THR D 41 20.21 -33.75 -18.55
CA THR D 41 19.48 -32.53 -18.85
C THR D 41 18.69 -32.71 -20.13
N LEU D 42 17.45 -33.17 -19.99
CA LEU D 42 16.59 -33.45 -21.13
C LEU D 42 15.87 -32.17 -21.54
N SER D 43 15.37 -32.15 -22.76
CA SER D 43 14.56 -31.05 -23.28
C SER D 43 13.77 -31.62 -24.45
N LEU D 44 12.45 -31.75 -24.27
CA LEU D 44 11.61 -32.46 -25.24
C LEU D 44 11.45 -31.64 -26.52
N ASP D 45 12.28 -31.94 -27.50
CA ASP D 45 12.27 -31.17 -28.74
C ASP D 45 11.31 -31.77 -29.77
N TYR D 46 11.15 -33.08 -29.74
CA TYR D 46 10.39 -33.74 -30.80
C TYR D 46 9.23 -34.49 -30.17
N ILE D 47 8.05 -34.25 -30.71
CA ILE D 47 6.85 -34.94 -30.28
C ILE D 47 6.41 -35.86 -31.41
N THR D 48 6.25 -37.14 -31.09
CA THR D 48 6.02 -38.15 -32.10
C THR D 48 4.86 -39.04 -31.72
N CYS D 49 4.19 -39.56 -32.74
CA CYS D 49 3.10 -40.51 -32.60
C CYS D 49 2.63 -40.84 -34.01
N GLU D 50 1.86 -41.90 -34.15
CA GLU D 50 1.41 -42.31 -35.48
C GLU D 50 0.21 -41.48 -35.92
N TYR D 51 0.41 -40.62 -36.89
CA TYR D 51 -0.62 -39.70 -37.33
C TYR D 51 -1.61 -40.42 -38.26
N LYS D 52 -2.79 -39.81 -38.41
CA LYS D 52 -3.86 -40.38 -39.20
C LYS D 52 -4.22 -39.42 -40.32
N THR D 53 -5.16 -39.82 -41.17
CA THR D 53 -5.58 -39.02 -42.30
C THR D 53 -7.07 -38.73 -42.15
N VAL D 54 -7.42 -37.45 -42.03
CA VAL D 54 -8.82 -37.05 -41.94
C VAL D 54 -9.32 -36.82 -43.36
N ILE D 55 -9.76 -37.89 -44.01
CA ILE D 55 -10.36 -37.77 -45.34
C ILE D 55 -11.86 -37.64 -45.13
N PRO D 56 -12.47 -36.56 -45.62
CA PRO D 56 -13.90 -36.33 -45.36
C PRO D 56 -14.76 -37.14 -46.32
N SER D 57 -16.06 -36.87 -46.29
CA SER D 57 -16.94 -37.39 -47.31
C SER D 57 -16.63 -36.72 -48.64
N PRO D 58 -16.84 -37.39 -49.77
CA PRO D 58 -16.37 -36.83 -51.04
C PRO D 58 -17.37 -35.87 -51.64
N TYR D 59 -16.88 -34.67 -51.96
CA TYR D 59 -17.72 -33.59 -52.50
C TYR D 59 -18.07 -33.94 -53.94
N VAL D 60 -19.22 -34.58 -54.13
CA VAL D 60 -19.64 -35.03 -55.45
C VAL D 60 -20.31 -33.86 -56.14
N LYS D 61 -19.53 -33.13 -56.94
CA LYS D 61 -20.04 -32.02 -57.74
C LYS D 61 -20.82 -32.63 -58.90
N CYS D 62 -22.09 -32.92 -58.66
CA CYS D 62 -22.93 -33.51 -59.67
C CYS D 62 -23.43 -32.42 -60.59
N CYS D 63 -23.47 -32.71 -61.88
CA CYS D 63 -24.02 -31.81 -62.90
C CYS D 63 -23.11 -30.65 -63.25
N GLY D 64 -21.89 -30.58 -62.70
CA GLY D 64 -21.03 -29.44 -62.91
C GLY D 64 -19.63 -29.71 -62.42
N THR D 65 -18.73 -28.80 -62.79
CA THR D 65 -17.31 -28.92 -62.49
C THR D 65 -17.09 -28.62 -61.02
N ALA D 66 -16.01 -29.17 -60.46
CA ALA D 66 -15.66 -28.96 -59.06
C ALA D 66 -14.96 -27.64 -58.87
N GLU D 67 -14.74 -27.27 -57.61
CA GLU D 67 -14.13 -25.99 -57.25
C GLU D 67 -12.91 -26.24 -56.37
N CYS D 68 -11.77 -25.69 -56.79
CA CYS D 68 -10.53 -25.85 -56.05
C CYS D 68 -10.57 -25.01 -54.78
N LYS D 69 -10.43 -25.66 -53.63
CA LYS D 69 -10.39 -24.99 -52.34
C LYS D 69 -9.22 -25.55 -51.54
N ASP D 70 -8.24 -24.71 -51.25
CA ASP D 70 -7.08 -25.14 -50.47
C ASP D 70 -7.38 -24.93 -48.99
N LYS D 71 -7.83 -25.97 -48.32
CA LYS D 71 -8.06 -25.92 -46.89
C LYS D 71 -6.72 -26.07 -46.18
N SER D 72 -6.31 -25.01 -45.49
CA SER D 72 -4.93 -24.89 -44.99
C SER D 72 -4.76 -25.72 -43.72
N LEU D 73 -4.65 -27.02 -43.92
CA LEU D 73 -4.40 -27.95 -42.83
C LEU D 73 -3.05 -28.61 -43.08
N PRO D 74 -2.56 -29.41 -42.14
CA PRO D 74 -1.33 -30.15 -42.38
C PRO D 74 -1.57 -31.25 -43.40
N ASP D 75 -0.89 -31.14 -44.54
CA ASP D 75 -1.17 -31.99 -45.70
C ASP D 75 -2.56 -31.74 -46.24
N TYR D 76 -2.83 -30.49 -46.62
CA TYR D 76 -4.12 -30.15 -47.21
C TYR D 76 -4.20 -30.74 -48.60
N SER D 77 -4.73 -31.94 -48.69
CA SER D 77 -4.83 -32.68 -49.94
C SER D 77 -6.20 -32.41 -50.55
N CYS D 78 -6.20 -31.83 -51.75
CA CYS D 78 -7.44 -31.55 -52.45
C CYS D 78 -7.23 -31.96 -53.89
N LYS D 79 -8.29 -32.47 -54.52
CA LYS D 79 -8.21 -32.83 -55.92
C LYS D 79 -9.62 -32.79 -56.47
N VAL D 80 -9.74 -32.49 -57.74
CA VAL D 80 -11.02 -32.53 -58.43
C VAL D 80 -10.88 -33.52 -59.58
N PHE D 81 -11.30 -34.76 -59.36
CA PHE D 81 -11.41 -35.73 -60.43
C PHE D 81 -12.74 -35.47 -61.12
N THR D 82 -12.72 -34.61 -62.14
CA THR D 82 -13.94 -34.27 -62.86
C THR D 82 -14.27 -35.39 -63.84
N GLY D 83 -15.56 -35.53 -64.12
CA GLY D 83 -15.99 -36.61 -64.99
C GLY D 83 -16.17 -37.93 -64.25
N VAL D 84 -16.55 -37.88 -63.00
CA VAL D 84 -16.76 -39.08 -62.22
C VAL D 84 -18.22 -39.51 -62.39
N TYR D 85 -18.41 -40.77 -62.74
CA TYR D 85 -19.74 -41.34 -62.93
C TYR D 85 -19.93 -42.33 -61.79
N PRO D 86 -20.01 -41.84 -60.56
CA PRO D 86 -20.17 -42.76 -59.42
C PRO D 86 -21.60 -43.24 -59.31
N PHE D 87 -21.74 -44.54 -59.03
CA PHE D 87 -23.03 -45.13 -58.76
C PHE D 87 -23.23 -45.14 -57.25
N MET D 88 -24.49 -45.25 -56.81
CA MET D 88 -24.82 -45.21 -55.41
C MET D 88 -25.25 -46.59 -54.91
N TRP D 89 -25.54 -46.68 -53.61
CA TRP D 89 -26.07 -47.91 -53.05
C TRP D 89 -27.51 -48.11 -53.48
N GLY D 90 -28.22 -47.02 -53.71
CA GLY D 90 -29.55 -47.12 -54.30
C GLY D 90 -29.52 -46.85 -55.78
N GLY D 91 -28.45 -47.25 -56.45
CA GLY D 91 -28.35 -47.09 -57.87
C GLY D 91 -27.26 -46.12 -58.29
N ALA D 92 -27.70 -44.93 -58.69
CA ALA D 92 -26.79 -43.88 -59.11
C ALA D 92 -26.73 -42.79 -58.05
N TYR D 93 -25.50 -42.39 -57.70
CA TYR D 93 -25.33 -41.26 -56.80
C TYR D 93 -25.53 -39.94 -57.53
N CYS D 94 -25.21 -39.90 -58.83
CA CYS D 94 -25.40 -38.73 -59.66
C CYS D 94 -26.66 -38.90 -60.49
N PHE D 95 -27.47 -37.84 -60.53
CA PHE D 95 -28.71 -37.90 -61.29
C PHE D 95 -28.45 -37.79 -62.79
N CYS D 96 -27.71 -36.78 -63.21
CA CYS D 96 -27.29 -36.66 -64.60
C CYS D 96 -26.10 -37.57 -64.86
N ASP D 97 -25.69 -37.64 -66.12
CA ASP D 97 -24.69 -38.62 -66.51
C ASP D 97 -23.29 -38.02 -66.63
N THR D 98 -23.16 -36.84 -67.22
CA THR D 98 -21.87 -36.32 -67.63
C THR D 98 -21.25 -35.32 -66.68
N GLU D 99 -22.04 -34.52 -65.97
CA GLU D 99 -21.47 -33.40 -65.23
C GLU D 99 -21.10 -33.76 -63.80
N ASN D 100 -21.13 -35.04 -63.47
CA ASN D 100 -20.75 -35.50 -62.15
C ASN D 100 -19.23 -35.55 -62.06
N THR D 101 -18.70 -35.12 -60.93
CA THR D 101 -17.28 -35.18 -60.65
C THR D 101 -17.07 -35.30 -59.16
N GLN D 102 -15.87 -35.65 -58.74
CA GLN D 102 -15.54 -35.84 -57.34
C GLN D 102 -14.45 -34.86 -56.96
N LEU D 103 -14.82 -33.81 -56.25
CA LEU D 103 -13.87 -33.00 -55.50
C LEU D 103 -13.61 -33.82 -54.24
N SER D 104 -12.48 -34.49 -54.21
CA SER D 104 -12.07 -35.31 -53.08
C SER D 104 -11.04 -34.54 -52.28
N GLU D 105 -11.26 -34.43 -50.98
CA GLU D 105 -10.38 -33.69 -50.10
C GLU D 105 -10.08 -34.51 -48.85
N ALA D 106 -8.93 -34.24 -48.25
CA ALA D 106 -8.51 -34.85 -47.00
C ALA D 106 -7.41 -34.00 -46.41
N HIS D 107 -7.22 -34.15 -45.10
CA HIS D 107 -6.09 -33.51 -44.43
C HIS D 107 -5.38 -34.59 -43.64
N VAL D 108 -4.31 -34.20 -42.98
CA VAL D 108 -3.62 -35.06 -42.04
C VAL D 108 -4.05 -34.66 -40.65
N GLU D 109 -4.38 -35.65 -39.82
CA GLU D 109 -4.81 -35.41 -38.45
C GLU D 109 -3.81 -36.07 -37.51
N LYS D 110 -3.80 -35.58 -36.27
CA LYS D 110 -2.85 -36.06 -35.28
C LYS D 110 -3.24 -37.44 -34.78
N SER D 111 -2.32 -38.08 -34.06
CA SER D 111 -2.60 -39.39 -33.51
C SER D 111 -3.56 -39.26 -32.33
N GLU D 112 -4.69 -39.97 -32.45
CA GLU D 112 -5.67 -40.00 -31.37
C GLU D 112 -5.13 -40.76 -30.17
N SER D 113 -4.25 -41.73 -30.42
CA SER D 113 -3.49 -42.36 -29.35
C SER D 113 -2.19 -41.62 -29.08
N CYS D 114 -2.05 -40.39 -29.56
CA CYS D 114 -0.89 -39.57 -29.21
C CYS D 114 -0.91 -39.18 -27.73
N LYS D 115 -2.10 -39.12 -27.12
CA LYS D 115 -2.22 -38.99 -25.68
C LYS D 115 -1.63 -40.20 -24.95
N THR D 116 -1.66 -41.38 -25.56
CA THR D 116 -0.97 -42.53 -25.01
C THR D 116 0.41 -42.73 -25.63
N GLU D 117 0.48 -42.91 -26.94
CA GLU D 117 1.73 -43.25 -27.61
C GLU D 117 2.44 -41.94 -27.95
N PHE D 118 3.54 -41.69 -27.24
CA PHE D 118 4.30 -40.48 -27.45
C PHE D 118 5.77 -40.84 -27.60
N ALA D 119 6.41 -40.19 -28.56
CA ALA D 119 7.86 -40.27 -28.73
C ALA D 119 8.43 -38.92 -28.37
N SER D 120 9.36 -38.91 -27.41
CA SER D 120 9.95 -37.70 -26.89
C SER D 120 11.40 -37.60 -27.33
N ALA D 121 11.72 -36.52 -28.04
CA ALA D 121 13.08 -36.21 -28.43
C ALA D 121 13.67 -35.31 -27.36
N TYR D 122 14.28 -35.92 -26.35
CA TYR D 122 14.94 -35.21 -25.29
C TYR D 122 16.24 -34.60 -25.81
N ARG D 123 16.33 -33.27 -25.73
CA ARG D 123 17.54 -32.55 -26.09
C ARG D 123 18.51 -32.72 -24.92
N ALA D 124 19.31 -33.79 -24.98
CA ALA D 124 20.12 -34.23 -23.85
C ALA D 124 21.30 -33.31 -23.63
N HIS D 125 21.26 -32.56 -22.54
CA HIS D 125 22.35 -31.66 -22.15
C HIS D 125 23.28 -32.41 -21.20
N THR D 126 23.99 -31.68 -20.35
CA THR D 126 24.81 -32.30 -19.32
C THR D 126 23.96 -32.98 -18.25
N ALA D 127 24.59 -33.83 -17.47
CA ALA D 127 23.90 -34.70 -16.53
C ALA D 127 24.25 -34.34 -15.09
N SER D 128 23.27 -34.41 -14.21
CA SER D 128 23.48 -34.16 -12.78
C SER D 128 23.55 -35.49 -12.05
N ALA D 129 24.62 -35.69 -11.28
CA ALA D 129 24.79 -36.91 -10.51
C ALA D 129 24.08 -36.81 -9.16
N SER D 130 23.67 -37.95 -8.63
CA SER D 130 23.10 -38.03 -7.30
C SER D 130 23.38 -39.41 -6.73
N ALA D 131 23.91 -39.45 -5.51
CA ALA D 131 24.47 -40.70 -5.00
C ALA D 131 23.79 -41.13 -3.72
N LYS D 132 23.97 -42.41 -3.37
CA LYS D 132 23.63 -42.95 -2.04
C LYS D 132 24.85 -43.74 -1.59
N LEU D 133 25.20 -43.64 -0.30
CA LEU D 133 26.32 -44.35 0.26
C LEU D 133 26.06 -44.63 1.74
N ARG D 134 26.38 -45.84 2.18
CA ARG D 134 26.25 -46.22 3.58
C ARG D 134 27.64 -46.33 4.18
N VAL D 135 27.74 -46.12 5.48
CA VAL D 135 29.00 -46.23 6.21
C VAL D 135 28.71 -46.86 7.56
N LEU D 136 29.66 -47.67 8.04
CA LEU D 136 29.63 -48.22 9.38
C LEU D 136 30.36 -47.24 10.27
N TYR D 137 29.63 -46.21 10.70
CA TYR D 137 30.19 -45.12 11.49
C TYR D 137 29.82 -45.37 12.94
N GLN D 138 30.84 -45.49 13.80
CA GLN D 138 30.66 -45.87 15.19
C GLN D 138 30.18 -47.32 15.32
N GLY D 139 30.45 -48.13 14.29
CA GLY D 139 29.84 -49.44 14.19
C GLY D 139 28.40 -49.46 13.78
N ASN D 140 27.81 -48.31 13.43
CA ASN D 140 26.43 -48.27 12.99
C ASN D 140 26.42 -48.17 11.47
N ASN D 141 25.85 -49.17 10.83
CA ASN D 141 25.74 -49.20 9.38
C ASN D 141 24.61 -48.27 8.98
N VAL D 142 24.91 -46.97 8.87
CA VAL D 142 23.94 -45.95 8.51
C VAL D 142 24.07 -45.68 7.02
N THR D 143 23.02 -45.13 6.42
CA THR D 143 23.00 -44.79 5.01
C THR D 143 22.77 -43.29 4.88
N VAL D 144 23.29 -42.70 3.82
CA VAL D 144 23.06 -41.30 3.50
C VAL D 144 23.00 -41.17 1.99
N SER D 145 21.93 -40.59 1.47
CA SER D 145 21.78 -40.34 0.04
C SER D 145 21.85 -38.83 -0.14
N ALA D 146 22.76 -38.37 -0.99
CA ALA D 146 22.95 -36.95 -1.15
C ALA D 146 22.94 -36.58 -2.63
N TYR D 147 22.67 -35.31 -2.88
CA TYR D 147 22.92 -34.76 -4.20
C TYR D 147 24.42 -34.71 -4.39
N ALA D 148 24.95 -35.68 -5.12
CA ALA D 148 26.39 -35.84 -5.21
C ALA D 148 27.03 -35.03 -6.32
N ASN D 149 26.72 -33.73 -6.38
CA ASN D 149 27.51 -32.82 -7.16
C ASN D 149 28.68 -32.25 -6.38
N GLY D 150 28.76 -32.58 -5.08
CA GLY D 150 29.74 -31.99 -4.21
C GLY D 150 29.28 -30.73 -3.51
N ASP D 151 28.13 -30.19 -3.87
CA ASP D 151 27.70 -28.90 -3.34
C ASP D 151 26.44 -29.07 -2.50
N HIS D 152 25.96 -30.29 -2.38
CA HIS D 152 24.73 -30.58 -1.64
C HIS D 152 25.13 -31.64 -0.62
N ALA D 153 26.23 -31.37 0.08
CA ALA D 153 26.89 -32.33 0.97
C ALA D 153 25.99 -32.59 2.16
N VAL D 154 25.98 -33.84 2.62
CA VAL D 154 24.95 -34.33 3.52
C VAL D 154 25.60 -34.61 4.86
N THR D 155 25.17 -33.90 5.89
CA THR D 155 25.46 -34.28 7.25
C THR D 155 24.56 -35.47 7.57
N VAL D 156 25.13 -36.50 8.17
CA VAL D 156 24.38 -37.69 8.57
C VAL D 156 25.11 -38.32 9.74
N LYS D 157 24.38 -38.51 10.85
CA LYS D 157 24.88 -39.23 12.02
C LYS D 157 26.02 -38.49 12.72
N ASP D 158 25.98 -37.16 12.65
CA ASP D 158 27.03 -36.29 13.14
C ASP D 158 28.24 -36.20 12.22
N ALA D 159 28.24 -36.90 11.09
CA ALA D 159 29.38 -36.91 10.19
C ALA D 159 28.96 -36.25 8.88
N LYS D 160 29.66 -35.21 8.51
CA LYS D 160 29.40 -34.56 7.24
C LYS D 160 30.06 -35.38 6.14
N PHE D 161 29.34 -35.70 5.10
CA PHE D 161 29.90 -36.33 3.92
C PHE D 161 29.82 -35.33 2.79
N ILE D 162 30.96 -35.09 2.15
CA ILE D 162 31.03 -34.33 0.91
C ILE D 162 31.21 -35.36 -0.19
N VAL D 163 30.15 -35.64 -0.92
CA VAL D 163 30.11 -36.75 -1.86
C VAL D 163 30.25 -36.21 -3.28
N GLY D 164 31.15 -36.80 -4.05
CA GLY D 164 31.36 -36.38 -5.41
C GLY D 164 32.47 -35.36 -5.53
N PRO D 165 32.70 -34.84 -6.74
CA PRO D 165 32.10 -35.15 -8.03
C PRO D 165 32.72 -36.41 -8.61
N MET D 166 32.00 -37.10 -9.49
CA MET D 166 32.49 -38.34 -10.06
C MET D 166 33.63 -38.04 -11.02
N SER D 167 34.58 -38.97 -11.11
CA SER D 167 35.74 -38.74 -11.95
C SER D 167 35.40 -38.88 -13.43
N SER D 168 34.35 -39.61 -13.76
CA SER D 168 33.98 -39.88 -15.14
C SER D 168 32.69 -39.15 -15.49
N ALA D 169 32.28 -39.25 -16.75
CA ALA D 169 31.00 -38.72 -17.19
C ALA D 169 30.39 -39.50 -18.34
N TRP D 170 30.98 -40.64 -18.70
CA TRP D 170 30.52 -41.38 -19.86
C TRP D 170 29.23 -42.13 -19.52
N THR D 171 28.13 -41.40 -19.56
CA THR D 171 26.87 -41.93 -19.10
C THR D 171 26.17 -42.39 -20.36
N PRO D 172 25.07 -43.14 -20.20
CA PRO D 172 24.35 -43.62 -21.38
C PRO D 172 23.59 -42.55 -22.14
N PHE D 173 23.43 -41.36 -21.57
CA PHE D 173 22.80 -40.26 -22.28
C PHE D 173 23.68 -39.80 -23.42
N ASP D 174 23.06 -39.57 -24.56
CA ASP D 174 23.71 -39.08 -25.77
C ASP D 174 23.31 -37.61 -25.98
N ASN D 175 23.63 -37.05 -27.14
CA ASN D 175 23.27 -35.67 -27.44
C ASN D 175 21.75 -35.52 -27.62
N LYS D 176 21.15 -36.38 -28.44
CA LYS D 176 19.71 -36.39 -28.64
C LYS D 176 19.20 -37.76 -28.22
N ILE D 177 18.34 -37.79 -27.21
CA ILE D 177 17.79 -39.04 -26.73
C ILE D 177 16.38 -39.15 -27.23
N VAL D 178 15.90 -40.38 -27.38
CA VAL D 178 14.52 -40.68 -27.69
C VAL D 178 13.97 -41.51 -26.54
N VAL D 179 12.83 -41.09 -26.01
CA VAL D 179 12.11 -41.82 -24.97
C VAL D 179 10.76 -42.19 -25.56
N TYR D 180 10.52 -43.50 -25.73
CA TYR D 180 9.23 -44.00 -26.20
C TYR D 180 8.74 -45.00 -25.18
N LYS D 181 8.14 -44.49 -24.10
CA LYS D 181 7.25 -45.17 -23.16
C LYS D 181 7.87 -46.26 -22.28
N GLY D 182 8.99 -46.83 -22.69
CA GLY D 182 10.00 -47.43 -21.86
C GLY D 182 11.35 -47.39 -22.53
N ASP D 183 11.43 -46.88 -23.75
CA ASP D 183 12.61 -47.04 -24.57
C ASP D 183 13.44 -45.78 -24.50
N VAL D 184 14.66 -45.91 -23.97
CA VAL D 184 15.65 -44.86 -24.03
C VAL D 184 16.67 -45.27 -25.09
N TYR D 185 16.60 -44.64 -26.25
CA TYR D 185 17.54 -44.92 -27.32
C TYR D 185 18.22 -43.63 -27.73
N ASN D 186 19.54 -43.65 -27.86
CA ASN D 186 20.28 -42.51 -28.37
C ASN D 186 20.06 -42.48 -29.87
N MET D 187 19.12 -41.64 -30.33
CA MET D 187 18.73 -41.62 -31.73
C MET D 187 18.84 -40.21 -32.27
N ASP D 188 19.23 -40.08 -33.54
CA ASP D 188 19.28 -38.78 -34.22
C ASP D 188 17.88 -38.43 -34.73
N TYR D 189 17.32 -37.38 -34.12
CA TYR D 189 15.96 -36.99 -34.43
C TYR D 189 15.93 -36.20 -35.74
N PRO D 190 14.74 -35.91 -36.26
CA PRO D 190 14.64 -35.01 -37.41
C PRO D 190 14.61 -33.56 -36.94
N PRO D 191 14.31 -32.62 -37.82
CA PRO D 191 14.08 -31.26 -37.36
C PRO D 191 12.77 -31.15 -36.60
N PHE D 192 12.74 -30.40 -35.51
CA PHE D 192 11.55 -30.20 -34.69
C PHE D 192 10.62 -29.29 -35.48
N GLY D 193 9.67 -29.90 -36.18
CA GLY D 193 8.93 -29.25 -37.22
C GLY D 193 9.56 -29.35 -38.60
N ALA D 194 10.85 -29.68 -38.69
CA ALA D 194 11.52 -29.85 -39.96
C ALA D 194 11.85 -31.33 -40.17
N GLY D 195 10.89 -32.19 -39.88
CA GLY D 195 11.08 -33.60 -40.12
C GLY D 195 11.03 -33.96 -41.59
N ARG D 196 11.43 -35.22 -41.89
CA ARG D 196 11.61 -35.83 -43.20
C ARG D 196 10.47 -36.81 -43.49
N PRO D 197 10.29 -37.18 -44.76
CA PRO D 197 9.16 -38.02 -45.12
C PRO D 197 9.46 -39.49 -44.87
N GLY D 198 8.55 -40.12 -44.12
CA GLY D 198 8.61 -41.55 -43.92
C GLY D 198 9.63 -42.06 -42.93
N GLN D 199 10.43 -41.19 -42.34
CA GLN D 199 11.48 -41.61 -41.43
C GLN D 199 10.89 -41.85 -40.05
N PHE D 200 11.75 -42.24 -39.11
CA PHE D 200 11.32 -42.41 -37.74
C PHE D 200 11.10 -41.05 -37.10
N GLY D 201 9.86 -40.59 -37.17
CA GLY D 201 9.53 -39.25 -36.76
C GLY D 201 8.97 -38.35 -37.85
N ASP D 202 8.24 -38.91 -38.82
CA ASP D 202 7.68 -38.09 -39.88
C ASP D 202 6.53 -37.22 -39.40
N ILE D 203 5.73 -37.71 -38.47
CA ILE D 203 4.73 -36.89 -37.80
C ILE D 203 5.44 -36.24 -36.64
N GLN D 204 6.15 -35.15 -36.91
CA GLN D 204 6.95 -34.47 -35.90
C GLN D 204 6.08 -33.43 -35.23
N SER D 205 6.31 -33.22 -33.93
CA SER D 205 5.69 -32.13 -33.19
C SER D 205 6.77 -31.46 -32.35
N ARG D 206 6.51 -30.20 -31.97
CA ARG D 206 7.44 -29.48 -31.12
C ARG D 206 7.45 -30.02 -29.70
N THR D 207 6.33 -30.58 -29.27
CA THR D 207 6.22 -31.29 -28.00
C THR D 207 5.24 -32.44 -28.21
N PRO D 208 5.11 -33.33 -27.23
CA PRO D 208 4.08 -34.37 -27.32
C PRO D 208 2.69 -33.85 -27.08
N GLU D 209 2.48 -32.99 -26.09
CA GLU D 209 1.16 -32.45 -25.80
C GLU D 209 0.83 -31.21 -26.63
N SER D 210 1.59 -30.92 -27.68
CA SER D 210 1.43 -29.72 -28.49
C SER D 210 0.17 -29.72 -29.36
N GLU D 211 0.06 -28.70 -30.23
CA GLU D 211 -1.13 -28.54 -31.05
C GLU D 211 -0.83 -28.65 -32.54
N ASP D 212 0.41 -28.37 -32.93
CA ASP D 212 0.80 -28.43 -34.34
C ASP D 212 1.74 -29.60 -34.58
N VAL D 213 1.79 -30.06 -35.83
CA VAL D 213 2.63 -31.19 -36.21
C VAL D 213 3.02 -31.04 -37.67
N TYR D 214 4.32 -31.11 -37.92
CA TYR D 214 4.85 -31.14 -39.27
C TYR D 214 4.80 -32.57 -39.77
N ALA D 215 4.46 -32.74 -41.04
CA ALA D 215 4.35 -34.07 -41.63
C ALA D 215 4.33 -33.94 -43.14
N ASN D 216 5.07 -34.85 -43.82
CA ASN D 216 5.01 -34.97 -45.28
C ASN D 216 4.74 -36.45 -45.56
N THR D 217 3.46 -36.81 -45.54
CA THR D 217 3.05 -38.21 -45.50
C THR D 217 2.86 -38.82 -46.88
N GLN D 218 3.18 -38.10 -47.95
CA GLN D 218 3.03 -38.60 -49.31
C GLN D 218 1.57 -38.80 -49.67
N LEU D 219 0.77 -37.77 -49.50
CA LEU D 219 -0.67 -37.87 -49.73
C LEU D 219 -0.95 -37.84 -51.22
N VAL D 220 -0.86 -38.99 -51.87
CA VAL D 220 -1.11 -39.10 -53.30
C VAL D 220 -2.56 -39.53 -53.48
N LEU D 221 -3.45 -38.55 -53.53
CA LEU D 221 -4.85 -38.84 -53.85
C LEU D 221 -4.95 -39.15 -55.33
N GLN D 222 -5.08 -40.44 -55.64
CA GLN D 222 -5.26 -40.87 -57.02
C GLN D 222 -6.72 -40.64 -57.42
N ARG D 223 -6.97 -40.74 -58.73
CA ARG D 223 -8.33 -40.59 -59.26
C ARG D 223 -9.17 -41.76 -58.78
N PRO D 224 -10.47 -41.56 -58.57
CA PRO D 224 -11.24 -42.53 -57.78
C PRO D 224 -11.58 -43.78 -58.58
N SER D 225 -12.08 -44.78 -57.87
CA SER D 225 -12.40 -46.05 -58.49
C SER D 225 -13.68 -45.93 -59.31
N ALA D 226 -13.95 -46.96 -60.11
CA ALA D 226 -15.06 -46.92 -61.04
C ALA D 226 -16.39 -47.09 -60.32
N GLY D 227 -17.18 -46.02 -60.32
CA GLY D 227 -18.57 -46.11 -59.89
C GLY D 227 -18.78 -46.10 -58.40
N THR D 228 -17.72 -46.00 -57.61
CA THR D 228 -17.80 -46.02 -56.16
C THR D 228 -17.19 -44.74 -55.63
N VAL D 229 -17.91 -44.06 -54.74
CA VAL D 229 -17.46 -42.80 -54.19
C VAL D 229 -16.42 -43.15 -53.13
N HIS D 230 -15.16 -43.20 -53.54
CA HIS D 230 -14.09 -43.67 -52.68
C HIS D 230 -12.84 -42.91 -53.07
N VAL D 231 -12.23 -42.28 -52.08
CA VAL D 231 -11.05 -41.47 -52.32
C VAL D 231 -9.87 -42.42 -52.39
N PRO D 232 -9.38 -42.76 -53.58
CA PRO D 232 -8.13 -43.49 -53.65
C PRO D 232 -6.98 -42.55 -53.31
N TYR D 233 -6.45 -42.73 -52.10
CA TYR D 233 -5.44 -41.83 -51.60
C TYR D 233 -4.25 -42.64 -51.12
N SER D 234 -3.13 -42.46 -51.82
CA SER D 234 -1.88 -43.11 -51.45
C SER D 234 -1.33 -42.39 -50.25
N GLN D 235 -0.70 -43.12 -49.34
CA GLN D 235 -0.15 -42.52 -48.13
C GLN D 235 1.10 -43.28 -47.75
N ALA D 236 2.01 -42.59 -47.10
CA ALA D 236 3.25 -43.22 -46.67
C ALA D 236 2.98 -44.08 -45.43
N PRO D 237 3.89 -44.98 -45.08
CA PRO D 237 3.66 -45.81 -43.89
C PRO D 237 3.88 -45.01 -42.62
N SER D 238 3.39 -45.57 -41.52
CA SER D 238 3.39 -44.88 -40.23
C SER D 238 4.79 -44.84 -39.62
N GLY D 239 5.26 -43.64 -39.34
CA GLY D 239 6.50 -43.50 -38.60
C GLY D 239 6.37 -43.92 -37.15
N PHE D 240 5.19 -43.79 -36.58
CA PHE D 240 4.93 -44.41 -35.29
C PHE D 240 4.91 -45.92 -35.44
N LYS D 241 4.38 -46.41 -36.55
CA LYS D 241 4.49 -47.83 -36.86
C LYS D 241 5.91 -48.20 -37.28
N TYR D 242 6.67 -47.27 -37.83
CA TYR D 242 8.02 -47.60 -38.23
C TYR D 242 8.97 -47.63 -37.05
N TRP D 243 9.21 -46.47 -36.44
CA TRP D 243 10.21 -46.33 -35.38
C TRP D 243 9.73 -46.93 -34.08
N LEU D 244 8.43 -47.15 -33.95
CA LEU D 244 7.96 -48.07 -32.93
C LEU D 244 8.24 -49.51 -33.30
N LYS D 245 7.87 -49.94 -34.50
CA LYS D 245 8.04 -51.31 -34.94
C LYS D 245 9.50 -51.66 -35.19
N GLU D 246 10.31 -50.69 -35.58
CA GLU D 246 11.73 -50.87 -35.71
C GLU D 246 12.44 -50.27 -34.52
N ARG D 247 11.84 -50.41 -33.34
CA ARG D 247 12.30 -49.78 -32.10
C ARG D 247 13.68 -50.25 -31.66
N GLY D 248 14.06 -51.49 -31.96
CA GLY D 248 15.39 -51.98 -31.66
C GLY D 248 15.68 -52.16 -30.18
N ALA D 249 16.90 -52.62 -29.90
CA ALA D 249 17.34 -52.76 -28.53
C ALA D 249 17.67 -51.39 -27.95
N SER D 250 17.17 -51.13 -26.74
CA SER D 250 17.33 -49.82 -26.13
C SER D 250 18.56 -49.79 -25.22
N LEU D 251 18.63 -48.74 -24.41
CA LEU D 251 19.69 -48.65 -23.41
C LEU D 251 19.50 -49.67 -22.30
N GLN D 252 18.28 -50.11 -22.05
CA GLN D 252 18.02 -51.13 -21.04
C GLN D 252 18.67 -52.46 -21.40
N HIS D 253 18.76 -52.77 -22.69
CA HIS D 253 19.58 -53.88 -23.14
C HIS D 253 21.00 -53.47 -23.48
N THR D 254 21.17 -52.37 -24.21
CA THR D 254 22.45 -52.01 -24.80
C THR D 254 23.27 -51.07 -23.94
N ALA D 255 23.19 -51.17 -22.63
CA ALA D 255 23.82 -50.20 -21.77
C ALA D 255 25.31 -50.52 -21.62
N PRO D 256 26.18 -49.82 -22.32
CA PRO D 256 27.62 -50.05 -22.17
C PRO D 256 28.15 -49.45 -20.88
N PHE D 257 29.34 -49.90 -20.50
CA PHE D 257 30.00 -49.47 -19.28
C PHE D 257 29.41 -50.11 -18.03
N GLY D 258 28.53 -51.10 -18.19
CA GLY D 258 27.87 -51.69 -17.06
C GLY D 258 26.87 -50.80 -16.38
N CYS D 259 26.26 -49.86 -17.11
CA CYS D 259 25.29 -48.97 -16.51
C CYS D 259 23.95 -49.66 -16.29
N GLN D 260 23.13 -49.09 -15.42
CA GLN D 260 21.75 -49.53 -15.25
C GLN D 260 20.84 -48.35 -15.59
N ILE D 261 20.51 -48.21 -16.86
CA ILE D 261 19.77 -47.04 -17.35
C ILE D 261 18.29 -47.25 -17.05
N ALA D 262 17.67 -46.27 -16.42
CA ALA D 262 16.24 -46.28 -16.17
C ALA D 262 15.71 -44.85 -16.29
N THR D 263 14.75 -44.67 -17.20
CA THR D 263 14.21 -43.37 -17.52
C THR D 263 12.95 -43.14 -16.72
N ASN D 264 12.37 -41.95 -16.92
CA ASN D 264 11.22 -41.42 -16.20
C ASN D 264 11.43 -41.41 -14.69
N PRO D 265 12.35 -40.60 -14.15
CA PRO D 265 13.34 -39.64 -14.65
C PRO D 265 14.54 -40.38 -15.18
N VAL D 266 15.23 -39.75 -16.14
CA VAL D 266 16.37 -40.38 -16.80
C VAL D 266 17.54 -40.45 -15.83
N ARG D 267 17.88 -41.67 -15.41
CA ARG D 267 18.89 -41.87 -14.38
C ARG D 267 19.61 -43.18 -14.65
N ALA D 268 20.93 -43.11 -14.68
CA ALA D 268 21.76 -44.28 -14.89
C ALA D 268 22.22 -44.76 -13.52
N MET D 269 21.38 -45.56 -12.87
CA MET D 269 21.69 -46.16 -11.58
C MET D 269 22.71 -47.26 -11.82
N ASN D 270 23.75 -47.29 -10.99
CA ASN D 270 24.85 -48.23 -11.15
C ASN D 270 25.67 -47.96 -12.40
N CYS D 271 26.08 -46.71 -12.56
CA CYS D 271 27.05 -46.36 -13.59
C CYS D 271 28.44 -46.72 -13.04
N ALA D 272 29.01 -47.80 -13.56
CA ALA D 272 30.26 -48.34 -13.03
C ALA D 272 31.45 -47.60 -13.64
N VAL D 273 31.79 -46.47 -13.03
CA VAL D 273 32.86 -45.63 -13.55
C VAL D 273 33.25 -44.57 -12.51
N GLY D 274 34.48 -44.09 -12.59
CA GLY D 274 34.95 -42.94 -11.85
C GLY D 274 35.50 -43.23 -10.46
N ASN D 275 36.04 -42.18 -9.84
CA ASN D 275 36.40 -42.20 -8.43
C ASN D 275 35.45 -41.25 -7.70
N MET D 276 34.82 -41.76 -6.65
CA MET D 276 33.80 -41.01 -5.94
C MET D 276 34.46 -40.34 -4.74
N PRO D 277 34.72 -39.04 -4.79
CA PRO D 277 35.29 -38.35 -3.63
C PRO D 277 34.25 -38.13 -2.55
N ILE D 278 34.43 -38.80 -1.42
CA ILE D 278 33.58 -38.64 -0.25
C ILE D 278 34.47 -38.24 0.92
N SER D 279 34.17 -37.09 1.52
CA SER D 279 34.91 -36.58 2.66
C SER D 279 34.01 -36.71 3.88
N ILE D 280 34.45 -37.52 4.85
CA ILE D 280 33.72 -37.72 6.08
C ILE D 280 34.41 -36.89 7.15
N ASP D 281 33.79 -35.77 7.51
CA ASP D 281 34.13 -35.06 8.75
C ASP D 281 33.36 -35.76 9.85
N ILE D 282 34.07 -36.56 10.62
CA ILE D 282 33.44 -37.35 11.68
C ILE D 282 33.59 -36.62 13.00
N PRO D 283 32.88 -37.02 14.05
CA PRO D 283 33.05 -36.36 15.35
C PRO D 283 34.36 -36.78 16.02
N ASP D 284 34.74 -36.02 17.04
CA ASP D 284 35.99 -36.30 17.74
C ASP D 284 35.81 -37.42 18.76
N ALA D 285 34.57 -37.78 19.07
CA ALA D 285 34.29 -38.67 20.19
C ALA D 285 34.68 -40.11 19.92
N ALA D 286 34.87 -40.48 18.66
CA ALA D 286 35.37 -41.81 18.35
C ALA D 286 36.85 -41.93 18.67
N PHE D 287 37.58 -40.82 18.61
CA PHE D 287 39.03 -40.86 18.70
C PHE D 287 39.48 -41.04 20.15
N THR D 288 39.48 -42.30 20.59
CA THR D 288 39.91 -42.66 21.93
C THR D 288 41.36 -43.11 21.84
N ARG D 289 42.24 -42.44 22.58
CA ARG D 289 43.67 -42.65 22.42
C ARG D 289 44.14 -43.89 23.16
N VAL D 290 45.45 -44.01 23.31
CA VAL D 290 46.06 -45.20 23.89
C VAL D 290 45.79 -45.28 25.38
N VAL D 291 45.56 -44.13 26.02
CA VAL D 291 45.09 -44.15 27.40
C VAL D 291 43.67 -44.69 27.49
N ASP D 292 42.86 -44.43 26.46
CA ASP D 292 41.53 -45.02 26.43
C ASP D 292 41.52 -46.40 25.82
N ALA D 293 42.47 -46.71 24.98
CA ALA D 293 42.30 -47.91 24.18
C ALA D 293 42.82 -49.16 24.91
N PRO D 294 42.37 -50.33 24.48
CA PRO D 294 42.98 -51.57 24.96
C PRO D 294 44.35 -51.74 24.33
N SER D 295 45.28 -52.30 25.11
CA SER D 295 46.66 -52.43 24.68
C SER D 295 46.99 -53.87 24.33
N LEU D 296 46.95 -54.17 23.04
CA LEU D 296 47.16 -55.52 22.55
C LEU D 296 48.64 -55.73 22.29
N THR D 297 49.27 -56.54 23.13
CA THR D 297 50.68 -56.85 22.99
C THR D 297 50.84 -58.34 22.83
N ASP D 298 51.81 -58.74 22.01
CA ASP D 298 51.97 -60.13 21.65
C ASP D 298 50.80 -60.66 20.83
N MET D 299 50.63 -60.09 19.65
CA MET D 299 49.70 -60.64 18.67
C MET D 299 50.46 -61.51 17.68
N SER D 300 50.02 -62.77 17.58
CA SER D 300 50.64 -63.72 16.66
C SER D 300 49.56 -64.22 15.71
N CYS D 301 49.74 -63.96 14.42
CA CYS D 301 48.72 -64.20 13.43
C CYS D 301 49.14 -65.35 12.55
N GLU D 302 48.60 -66.53 12.81
CA GLU D 302 48.84 -67.69 11.98
C GLU D 302 47.66 -67.85 11.03
N VAL D 303 47.94 -67.92 9.74
CA VAL D 303 46.86 -68.01 8.77
C VAL D 303 46.61 -69.47 8.47
N PRO D 304 45.73 -70.13 9.23
CA PRO D 304 45.37 -71.50 8.88
C PRO D 304 44.42 -71.56 7.70
N ALA D 305 43.71 -70.47 7.42
CA ALA D 305 42.81 -70.42 6.28
C ALA D 305 43.40 -69.49 5.25
N CYS D 306 43.60 -70.01 4.05
CA CYS D 306 44.13 -69.22 2.94
C CYS D 306 43.74 -69.92 1.64
N THR D 307 42.89 -69.28 0.87
CA THR D 307 42.42 -69.84 -0.40
C THR D 307 42.16 -68.69 -1.34
N HIS D 308 42.89 -68.65 -2.45
CA HIS D 308 42.75 -67.58 -3.44
C HIS D 308 41.44 -67.81 -4.18
N SER D 309 40.37 -67.24 -3.64
CA SER D 309 39.04 -67.35 -4.22
C SER D 309 38.42 -65.96 -4.26
N SER D 310 37.13 -65.93 -4.59
CA SER D 310 36.47 -64.64 -4.81
C SER D 310 36.17 -63.93 -3.49
N ASP D 311 35.66 -64.65 -2.50
CA ASP D 311 35.24 -64.06 -1.23
C ASP D 311 36.45 -63.86 -0.32
N PHE D 312 36.17 -63.55 0.95
CA PHE D 312 37.21 -63.34 1.95
C PHE D 312 37.80 -64.71 2.31
N GLY D 313 38.75 -65.16 1.50
CA GLY D 313 39.29 -66.49 1.58
C GLY D 313 40.45 -66.68 2.53
N GLY D 314 40.66 -65.78 3.46
CA GLY D 314 41.82 -65.80 4.33
C GLY D 314 41.41 -65.82 5.80
N VAL D 315 41.67 -66.94 6.46
CA VAL D 315 41.34 -67.10 7.87
C VAL D 315 42.64 -67.07 8.65
N ALA D 316 42.85 -66.01 9.44
CA ALA D 316 44.06 -65.87 10.24
C ALA D 316 43.67 -65.73 11.71
N ILE D 317 44.15 -66.66 12.52
CA ILE D 317 43.98 -66.58 13.96
C ILE D 317 45.07 -65.68 14.50
N ILE D 318 44.67 -64.50 14.95
CA ILE D 318 45.57 -63.58 15.65
C ILE D 318 45.36 -63.83 17.13
N LYS D 319 46.26 -64.61 17.73
CA LYS D 319 46.34 -64.77 19.17
C LYS D 319 46.98 -63.53 19.76
N TYR D 320 46.15 -62.64 20.29
CA TYR D 320 46.66 -61.39 20.83
C TYR D 320 46.75 -61.52 22.35
N ALA D 321 47.17 -60.43 22.99
CA ALA D 321 47.21 -60.33 24.44
C ALA D 321 46.90 -58.88 24.80
N ALA D 322 45.63 -58.60 25.07
CA ALA D 322 45.14 -57.25 25.24
C ALA D 322 45.27 -56.79 26.68
N SER D 323 45.83 -55.60 26.87
CA SER D 323 45.90 -55.04 28.22
C SER D 323 44.54 -54.54 28.68
N LYS D 324 43.72 -54.04 27.76
CA LYS D 324 42.41 -53.55 28.14
C LYS D 324 41.37 -54.21 27.26
N LYS D 325 40.23 -54.53 27.86
CA LYS D 325 39.15 -55.17 27.13
C LYS D 325 38.28 -54.12 26.48
N GLY D 326 37.78 -54.42 25.28
CA GLY D 326 36.92 -53.49 24.58
C GLY D 326 36.97 -53.71 23.09
N LYS D 327 36.60 -52.65 22.37
CA LYS D 327 36.65 -52.63 20.92
C LYS D 327 38.10 -52.40 20.51
N CYS D 328 38.49 -52.95 19.36
CA CYS D 328 39.83 -52.76 18.83
C CYS D 328 39.74 -52.69 17.32
N ALA D 329 40.42 -51.70 16.75
CA ALA D 329 40.40 -51.51 15.32
C ALA D 329 41.27 -52.56 14.64
N VAL D 330 40.62 -53.52 13.98
CA VAL D 330 41.31 -54.53 13.20
C VAL D 330 41.42 -54.00 11.78
N HIS D 331 42.43 -53.17 11.55
CA HIS D 331 42.50 -52.37 10.33
C HIS D 331 43.46 -53.03 9.37
N SER D 332 43.21 -52.83 8.08
CA SER D 332 44.04 -53.42 7.04
C SER D 332 45.31 -52.59 6.92
N MET D 333 46.44 -53.22 7.22
CA MET D 333 47.72 -52.56 7.01
C MET D 333 48.37 -52.93 5.69
N THR D 334 47.84 -53.92 5.00
CA THR D 334 48.39 -54.37 3.72
C THR D 334 47.51 -53.83 2.61
N ASN D 335 48.08 -53.71 1.40
CA ASN D 335 47.33 -53.18 0.27
C ASN D 335 46.50 -54.24 -0.44
N ALA D 336 46.94 -55.50 -0.40
CA ALA D 336 46.19 -56.56 -1.06
C ALA D 336 45.20 -57.25 -0.13
N VAL D 337 45.19 -56.91 1.15
CA VAL D 337 44.34 -57.60 2.11
C VAL D 337 42.95 -56.99 2.04
N THR D 338 41.94 -57.84 2.23
CA THR D 338 40.56 -57.39 2.38
C THR D 338 40.01 -58.06 3.62
N ILE D 339 40.21 -57.42 4.76
CA ILE D 339 39.73 -57.90 6.05
C ILE D 339 38.27 -57.49 6.21
N ARG D 340 37.40 -58.49 6.33
CA ARG D 340 35.97 -58.23 6.47
C ARG D 340 35.66 -57.59 7.83
N GLU D 341 36.32 -58.05 8.88
CA GLU D 341 36.18 -57.42 10.18
C GLU D 341 37.05 -56.17 10.25
N ALA D 342 36.53 -55.13 10.88
CA ALA D 342 37.28 -53.89 11.09
C ALA D 342 37.50 -53.56 12.55
N GLU D 343 36.67 -54.13 13.43
CA GLU D 343 36.86 -54.03 14.86
C GLU D 343 36.53 -55.38 15.47
N ILE D 344 37.33 -55.78 16.44
CA ILE D 344 37.13 -57.03 17.17
C ILE D 344 37.25 -56.74 18.66
N GLU D 345 36.67 -57.62 19.46
CA GLU D 345 36.76 -57.52 20.91
C GLU D 345 38.15 -57.97 21.32
N VAL D 346 38.84 -57.12 22.06
CA VAL D 346 40.05 -57.52 22.77
C VAL D 346 39.72 -57.57 24.24
N GLU D 347 39.44 -58.77 24.74
CA GLU D 347 39.03 -58.94 26.13
C GLU D 347 40.19 -59.47 26.97
N GLY D 348 41.07 -60.31 26.41
CA GLY D 348 42.21 -60.81 27.14
C GLY D 348 43.31 -61.34 26.24
N ASN D 349 44.00 -62.37 26.70
CA ASN D 349 45.08 -63.01 25.94
C ASN D 349 44.55 -64.04 24.97
N SER D 350 43.74 -63.61 24.00
CA SER D 350 42.98 -64.53 23.18
C SER D 350 43.22 -64.27 21.69
N GLN D 351 42.44 -64.95 20.87
CA GLN D 351 42.63 -64.92 19.43
C GLN D 351 41.34 -64.50 18.73
N LEU D 352 41.51 -63.74 17.66
CA LEU D 352 40.44 -63.44 16.74
C LEU D 352 40.76 -64.06 15.39
N GLN D 353 39.78 -64.74 14.80
CA GLN D 353 39.92 -65.33 13.48
C GLN D 353 39.46 -64.30 12.46
N ILE D 354 40.41 -63.57 11.88
CA ILE D 354 40.10 -62.53 10.92
C ILE D 354 39.94 -63.18 9.56
N SER D 355 38.79 -62.93 8.94
CA SER D 355 38.43 -63.51 7.66
C SER D 355 38.51 -62.42 6.59
N PHE D 356 39.67 -62.33 5.96
CA PHE D 356 39.87 -61.44 4.83
C PHE D 356 40.56 -62.19 3.73
N SER D 357 40.27 -61.77 2.51
CA SER D 357 40.79 -62.39 1.30
C SER D 357 41.93 -61.55 0.75
N THR D 358 42.56 -62.05 -0.31
CA THR D 358 43.62 -61.34 -1.00
C THR D 358 43.54 -61.67 -2.48
N ALA D 359 44.64 -61.44 -3.20
CA ALA D 359 44.76 -61.86 -4.59
C ALA D 359 45.88 -62.85 -4.85
N LEU D 360 47.10 -62.55 -4.39
CA LEU D 360 48.22 -63.46 -4.61
C LEU D 360 48.16 -64.57 -3.58
N ALA D 361 48.49 -65.79 -4.02
CA ALA D 361 48.27 -66.98 -3.20
C ALA D 361 49.25 -67.05 -2.03
N SER D 362 50.52 -66.77 -2.29
CA SER D 362 51.50 -66.56 -1.23
C SER D 362 51.37 -65.08 -0.92
N ALA D 363 50.87 -64.78 0.27
CA ALA D 363 50.55 -63.41 0.65
C ALA D 363 51.03 -63.13 2.06
N GLU D 364 51.88 -62.13 2.21
CA GLU D 364 52.23 -61.59 3.52
C GLU D 364 51.42 -60.32 3.71
N PHE D 365 50.20 -60.46 4.21
CA PHE D 365 49.29 -59.33 4.35
C PHE D 365 49.47 -58.74 5.73
N ARG D 366 49.29 -57.43 5.81
CA ARG D 366 49.47 -56.69 7.06
C ARG D 366 48.10 -56.33 7.64
N VAL D 367 47.94 -56.58 8.92
CA VAL D 367 46.76 -56.16 9.68
C VAL D 367 47.26 -55.56 10.98
N GLN D 368 46.62 -54.52 11.45
CA GLN D 368 46.98 -53.87 12.70
C GLN D 368 45.80 -54.02 13.63
N VAL D 369 46.07 -54.45 14.86
CA VAL D 369 45.08 -54.38 15.93
C VAL D 369 45.31 -53.08 16.67
N CYS D 370 44.87 -51.98 16.06
CA CYS D 370 44.51 -50.69 16.67
C CYS D 370 45.62 -49.86 17.33
N SER D 371 46.69 -50.49 17.76
CA SER D 371 47.98 -49.89 18.01
C SER D 371 49.09 -50.86 17.64
N THR D 372 48.75 -52.13 17.47
CA THR D 372 49.68 -53.14 17.04
C THR D 372 49.59 -53.26 15.53
N GLN D 373 50.72 -53.57 14.90
CA GLN D 373 50.75 -53.95 13.50
C GLN D 373 51.16 -55.40 13.42
N VAL D 374 51.01 -56.00 12.24
CA VAL D 374 51.51 -57.35 12.00
C VAL D 374 51.50 -57.59 10.50
N HIS D 375 52.49 -58.33 10.02
CA HIS D 375 52.48 -58.81 8.64
C HIS D 375 52.57 -60.34 8.65
N CYS D 376 51.41 -60.99 8.52
CA CYS D 376 51.32 -62.45 8.58
C CYS D 376 51.12 -62.97 7.16
N ALA D 377 51.66 -64.15 6.88
CA ALA D 377 51.68 -64.72 5.53
C ALA D 377 50.85 -65.99 5.46
N ALA D 378 50.46 -66.36 4.25
CA ALA D 378 49.65 -67.54 3.97
C ALA D 378 49.86 -68.01 2.55
N GLU D 379 49.58 -69.29 2.29
CA GLU D 379 49.68 -69.92 0.97
C GLU D 379 48.26 -70.22 0.51
N CYS D 380 47.78 -69.49 -0.49
CA CYS D 380 46.39 -69.58 -0.92
C CYS D 380 46.23 -70.57 -2.06
N HIS D 381 45.18 -71.33 -1.99
CA HIS D 381 44.90 -72.21 -3.11
C HIS D 381 43.90 -71.56 -4.05
N PRO D 382 44.07 -71.78 -5.35
CA PRO D 382 43.21 -71.08 -6.32
C PRO D 382 41.83 -71.68 -6.36
N PRO D 383 40.86 -71.00 -6.96
CA PRO D 383 39.47 -71.42 -6.85
C PRO D 383 39.13 -72.52 -7.85
N LYS D 384 37.90 -73.02 -7.72
CA LYS D 384 37.48 -74.13 -8.57
C LYS D 384 36.78 -73.65 -9.84
N ASP D 385 35.62 -73.02 -9.70
CA ASP D 385 34.80 -72.68 -10.86
C ASP D 385 35.25 -71.35 -11.45
N HIS D 386 35.09 -71.21 -12.76
CA HIS D 386 35.46 -69.97 -13.42
C HIS D 386 34.46 -68.86 -13.20
N ILE D 387 33.17 -69.18 -13.21
CA ILE D 387 32.12 -68.17 -13.23
C ILE D 387 31.77 -67.82 -11.79
N VAL D 388 31.88 -66.55 -11.45
CA VAL D 388 31.35 -66.02 -10.21
C VAL D 388 30.31 -64.96 -10.56
N ASN D 389 29.69 -64.40 -9.54
CA ASN D 389 28.73 -63.33 -9.75
C ASN D 389 29.28 -61.95 -9.40
N TYR D 390 29.92 -61.79 -8.25
CA TYR D 390 30.28 -60.48 -7.75
C TYR D 390 31.75 -60.25 -8.02
N PRO D 391 32.27 -59.07 -7.64
CA PRO D 391 33.69 -58.78 -7.83
C PRO D 391 34.57 -59.41 -6.76
N ALA D 392 35.83 -59.01 -6.76
CA ALA D 392 36.83 -59.70 -5.96
C ALA D 392 37.36 -58.81 -4.86
N SER D 393 38.32 -59.34 -4.11
CA SER D 393 38.89 -58.64 -2.97
C SER D 393 40.16 -57.90 -3.35
N ASN E 1 -9.52 47.61 -2.15
CA ASN E 1 -10.01 46.63 -1.20
C ASN E 1 -9.38 45.26 -1.49
N PHE E 2 -8.98 45.08 -2.75
CA PHE E 2 -8.32 43.87 -3.21
C PHE E 2 -9.19 42.62 -3.11
N ASN E 3 -10.30 42.59 -3.84
CA ASN E 3 -11.16 41.42 -3.88
C ASN E 3 -10.79 40.61 -5.12
N VAL E 4 -9.50 40.28 -5.24
CA VAL E 4 -9.08 39.38 -6.31
C VAL E 4 -9.05 37.97 -5.79
N TYR E 5 -9.03 37.81 -4.46
CA TYR E 5 -9.24 36.50 -3.86
C TYR E 5 -10.65 35.99 -4.05
N LYS E 6 -11.62 36.90 -4.28
CA LYS E 6 -12.94 36.50 -4.71
C LYS E 6 -12.92 35.88 -6.10
N ALA E 7 -12.00 36.30 -6.96
CA ALA E 7 -11.93 35.76 -8.32
C ALA E 7 -11.33 34.37 -8.38
N ILE E 8 -10.26 34.12 -7.63
CA ILE E 8 -9.59 32.84 -7.67
C ILE E 8 -10.37 31.82 -6.83
N ARG E 9 -10.41 30.60 -7.33
CA ARG E 9 -11.09 29.50 -6.65
C ARG E 9 -10.05 28.43 -6.39
N PRO E 10 -10.21 27.65 -5.32
CA PRO E 10 -9.18 26.67 -4.95
C PRO E 10 -9.14 25.49 -5.91
N TYR E 11 -7.92 25.14 -6.29
CA TYR E 11 -7.68 24.13 -7.32
C TYR E 11 -7.32 22.83 -6.63
N LEU E 12 -8.25 21.88 -6.71
CA LEU E 12 -8.01 20.52 -6.28
C LEU E 12 -7.54 19.71 -7.48
N ALA E 13 -6.24 19.47 -7.55
CA ALA E 13 -5.64 18.83 -8.71
C ALA E 13 -4.78 17.67 -8.24
N HIS E 14 -4.07 17.05 -9.18
CA HIS E 14 -3.35 15.82 -8.89
C HIS E 14 -2.10 16.07 -8.08
N CYS E 15 -2.28 16.20 -6.76
CA CYS E 15 -1.20 16.24 -5.80
C CYS E 15 -0.56 14.86 -5.82
N PRO E 16 0.73 14.76 -6.16
CA PRO E 16 1.29 13.45 -6.48
C PRO E 16 1.63 12.61 -5.26
N ASP E 17 1.71 13.21 -4.09
CA ASP E 17 2.05 12.44 -2.89
C ASP E 17 0.95 12.70 -1.86
N CYS E 18 -0.14 11.95 -1.97
CA CYS E 18 -1.25 12.09 -1.05
C CYS E 18 -1.13 11.19 0.17
N GLY E 19 0.06 10.73 0.53
CA GLY E 19 0.21 9.85 1.66
C GLY E 19 -0.05 8.41 1.29
N GLU E 20 0.91 7.54 1.52
CA GLU E 20 0.82 6.14 1.09
C GLU E 20 1.16 5.99 -0.40
N GLY E 21 1.76 7.01 -0.99
CA GLY E 21 2.29 6.93 -2.33
C GLY E 21 1.29 7.14 -3.45
N HIS E 22 0.02 7.34 -3.12
CA HIS E 22 -1.03 7.54 -4.12
C HIS E 22 -1.39 9.02 -4.20
N SER E 23 -1.13 9.63 -5.35
CA SER E 23 -1.56 10.98 -5.60
C SER E 23 -3.06 11.01 -5.80
N CYS E 24 -3.64 12.20 -5.67
CA CYS E 24 -5.08 12.34 -5.83
C CYS E 24 -5.37 13.82 -6.02
N HIS E 25 -6.65 14.13 -6.27
CA HIS E 25 -7.06 15.52 -6.46
C HIS E 25 -7.13 16.17 -5.08
N SER E 26 -6.00 16.66 -4.62
CA SER E 26 -5.97 17.36 -3.35
C SER E 26 -6.25 18.84 -3.58
N PRO E 27 -6.85 19.52 -2.62
CA PRO E 27 -6.98 20.99 -2.68
C PRO E 27 -5.82 21.72 -2.02
N VAL E 28 -4.87 20.99 -1.45
CA VAL E 28 -3.75 21.58 -0.73
C VAL E 28 -2.48 21.13 -1.41
N ALA E 29 -2.52 20.98 -2.74
CA ALA E 29 -1.36 20.49 -3.48
C ALA E 29 -0.27 21.54 -3.55
N LEU E 30 0.95 21.08 -3.81
CA LEU E 30 2.11 21.97 -3.84
C LEU E 30 2.47 22.24 -5.30
N GLU E 31 1.94 23.35 -5.83
CA GLU E 31 2.04 23.67 -7.24
C GLU E 31 3.46 24.03 -7.67
N ARG E 32 4.01 25.11 -7.12
CA ARG E 32 5.33 25.56 -7.54
C ARG E 32 6.08 26.06 -6.32
N ILE E 33 7.15 25.37 -5.97
CA ILE E 33 7.93 25.67 -4.77
C ILE E 33 9.01 26.66 -5.18
N ARG E 34 8.83 27.93 -4.79
CA ARG E 34 9.83 28.96 -5.06
C ARG E 34 10.86 28.91 -3.95
N ASN E 35 12.11 28.71 -4.33
CA ASN E 35 13.23 28.68 -3.40
C ASN E 35 14.26 29.72 -3.80
N GLU E 36 13.77 30.90 -4.16
CA GLU E 36 14.65 31.93 -4.70
C GLU E 36 15.26 32.83 -3.63
N ALA E 37 15.01 32.54 -2.36
CA ALA E 37 15.37 33.46 -1.30
C ALA E 37 16.87 33.39 -1.00
N THR E 38 17.49 34.56 -0.89
CA THR E 38 18.85 34.62 -0.36
C THR E 38 18.86 34.76 1.15
N ASP E 39 17.68 34.87 1.77
CA ASP E 39 17.59 34.84 3.22
C ASP E 39 17.25 33.47 3.76
N GLY E 40 16.94 32.50 2.90
CA GLY E 40 16.64 31.15 3.33
C GLY E 40 15.18 30.84 3.55
N THR E 41 14.26 31.68 3.06
CA THR E 41 12.84 31.41 3.23
C THR E 41 12.36 30.39 2.20
N LEU E 42 11.20 29.81 2.44
CA LEU E 42 10.53 28.94 1.49
C LEU E 42 9.25 29.60 1.00
N LYS E 43 8.94 29.42 -0.29
CA LYS E 43 7.68 29.90 -0.88
C LYS E 43 7.07 28.75 -1.70
N ILE E 44 5.88 28.31 -1.29
CA ILE E 44 5.19 27.22 -1.97
C ILE E 44 3.99 27.78 -2.72
N GLN E 45 3.66 27.14 -3.84
CA GLN E 45 2.47 27.44 -4.62
C GLN E 45 1.30 26.70 -3.99
N VAL E 46 0.32 27.44 -3.47
CA VAL E 46 -0.72 26.86 -2.64
C VAL E 46 -1.94 26.60 -3.51
N SER E 47 -2.36 25.33 -3.53
CA SER E 47 -3.47 24.90 -4.35
C SER E 47 -4.81 25.38 -3.82
N LEU E 48 -4.90 25.67 -2.52
CA LEU E 48 -6.07 26.31 -1.97
C LEU E 48 -5.88 27.82 -1.96
N GLN E 49 -6.85 28.50 -1.35
CA GLN E 49 -6.78 29.94 -1.15
C GLN E 49 -6.22 30.16 0.26
N ILE E 50 -4.92 30.46 0.33
CA ILE E 50 -4.26 30.74 1.59
C ILE E 50 -4.73 32.09 2.11
N GLY E 51 -5.43 32.06 3.23
CA GLY E 51 -6.08 33.26 3.71
C GLY E 51 -7.44 33.54 3.11
N ILE E 52 -7.86 32.77 2.11
CA ILE E 52 -9.07 33.05 1.36
C ILE E 52 -10.26 32.48 2.12
N LYS E 53 -11.25 33.32 2.37
CA LYS E 53 -12.43 32.90 3.09
C LYS E 53 -13.47 32.32 2.14
N THR E 54 -14.66 32.05 2.68
CA THR E 54 -15.75 31.57 1.85
C THR E 54 -16.33 32.68 1.01
N ASP E 55 -16.73 33.78 1.64
CA ASP E 55 -17.11 34.98 0.92
C ASP E 55 -15.94 35.95 0.76
N ASP E 56 -14.70 35.48 0.79
CA ASP E 56 -13.51 36.30 0.86
C ASP E 56 -13.25 36.84 2.27
N SER E 57 -13.65 36.12 3.32
CA SER E 57 -13.29 36.53 4.67
C SER E 57 -11.79 36.35 4.88
N HIS E 58 -11.05 37.43 4.69
CA HIS E 58 -9.61 37.40 4.82
C HIS E 58 -9.24 37.55 6.29
N ASP E 59 -9.39 36.48 7.04
CA ASP E 59 -8.97 36.45 8.43
C ASP E 59 -8.01 35.26 8.52
N TRP E 60 -7.34 35.11 9.66
CA TRP E 60 -6.40 34.00 9.83
C TRP E 60 -7.11 32.66 9.87
N THR E 61 -8.33 32.63 10.42
CA THR E 61 -9.06 31.38 10.58
C THR E 61 -9.82 30.95 9.33
N LYS E 62 -9.64 31.63 8.22
CA LYS E 62 -10.24 31.21 6.96
C LYS E 62 -9.16 30.97 5.93
N LEU E 63 -9.08 29.74 5.44
CA LEU E 63 -8.22 29.37 4.33
C LEU E 63 -8.99 28.39 3.47
N ARG E 64 -9.27 28.79 2.23
CA ARG E 64 -10.29 28.13 1.41
C ARG E 64 -9.65 27.06 0.53
N TYR E 65 -10.06 25.81 0.75
CA TYR E 65 -9.76 24.71 -0.16
C TYR E 65 -11.01 24.39 -0.95
N MET E 66 -10.86 24.34 -2.27
CA MET E 66 -11.98 24.12 -3.17
C MET E 66 -12.35 22.64 -3.15
N ASP E 67 -13.43 22.30 -2.45
CA ASP E 67 -13.93 20.94 -2.35
C ASP E 67 -15.36 20.91 -2.88
N ASN E 68 -15.60 20.02 -3.85
CA ASN E 68 -16.91 19.75 -4.42
C ASN E 68 -17.48 20.96 -5.17
N HIS E 69 -16.61 21.78 -5.74
CA HIS E 69 -17.06 22.99 -6.41
C HIS E 69 -17.38 24.09 -5.41
N MET E 70 -16.91 23.97 -4.17
CA MET E 70 -17.12 25.04 -3.23
C MET E 70 -15.85 25.29 -2.43
N PRO E 71 -15.35 26.52 -2.39
CA PRO E 71 -14.18 26.79 -1.57
C PRO E 71 -14.56 26.87 -0.11
N ALA E 72 -14.23 25.80 0.62
CA ALA E 72 -14.55 25.67 2.03
C ALA E 72 -13.33 26.06 2.84
N ASP E 73 -13.52 26.99 3.76
CA ASP E 73 -12.42 27.56 4.53
C ASP E 73 -12.18 26.74 5.78
N ALA E 74 -10.92 26.73 6.21
CA ALA E 74 -10.52 26.04 7.42
C ALA E 74 -9.67 26.98 8.25
N GLU E 75 -9.47 26.61 9.51
CA GLU E 75 -8.72 27.43 10.45
C GLU E 75 -7.22 27.28 10.21
N ARG E 76 -6.44 28.02 10.99
CA ARG E 76 -5.00 28.05 10.74
C ARG E 76 -4.28 26.90 11.43
N ALA E 77 -5.01 26.07 12.18
CA ALA E 77 -4.37 25.11 13.08
C ALA E 77 -3.99 23.81 12.38
N ARG E 78 -4.21 23.71 11.06
CA ARG E 78 -4.01 22.45 10.38
C ARG E 78 -2.82 22.42 9.45
N LEU E 79 -2.33 23.58 9.02
CA LEU E 79 -1.27 23.63 8.02
C LEU E 79 0.08 23.24 8.61
N PHE E 80 1.05 22.97 7.74
CA PHE E 80 2.39 22.63 8.15
C PHE E 80 3.24 22.38 6.91
N VAL E 81 4.54 22.64 7.04
CA VAL E 81 5.50 22.37 5.98
C VAL E 81 6.49 21.36 6.51
N ARG E 82 6.61 20.22 5.82
CA ARG E 82 7.38 19.10 6.33
C ARG E 82 8.45 18.73 5.32
N THR E 83 9.69 19.11 5.63
CA THR E 83 10.81 18.76 4.80
C THR E 83 11.68 17.79 5.59
N SER E 84 12.18 18.19 6.76
CA SER E 84 12.70 17.24 7.72
C SER E 84 11.81 17.14 8.94
N ALA E 85 10.98 18.14 9.18
CA ALA E 85 10.05 18.17 10.29
C ALA E 85 9.07 19.30 10.01
N PRO E 86 8.11 19.52 10.90
CA PRO E 86 7.20 20.66 10.71
C PRO E 86 7.91 21.99 10.95
N CYS E 87 8.13 22.71 9.85
CA CYS E 87 8.92 23.93 9.84
C CYS E 87 8.05 25.13 10.25
N THR E 88 8.72 26.26 10.47
CA THR E 88 8.08 27.47 10.98
C THR E 88 7.33 28.16 9.83
N ILE E 89 6.02 28.26 9.95
CA ILE E 89 5.20 28.88 8.91
C ILE E 89 5.30 30.40 9.08
N THR E 90 5.59 31.09 7.99
CA THR E 90 5.76 32.53 8.03
C THR E 90 4.53 33.30 7.59
N GLY E 91 4.03 33.08 6.38
CA GLY E 91 2.89 33.82 5.90
C GLY E 91 2.04 33.07 4.90
N THR E 92 0.83 33.55 4.64
CA THR E 92 -0.06 32.89 3.69
C THR E 92 -0.91 33.92 2.98
N MET E 93 -0.87 33.91 1.66
CA MET E 93 -1.68 34.83 0.86
C MET E 93 -2.00 34.14 -0.45
N GLY E 94 -3.18 33.51 -0.53
CA GLY E 94 -3.66 32.90 -1.76
C GLY E 94 -2.87 31.67 -2.14
N HIS E 95 -2.28 31.72 -3.33
CA HIS E 95 -1.36 30.68 -3.75
C HIS E 95 -0.01 30.79 -3.06
N PHE E 96 0.34 31.92 -2.48
CA PHE E 96 1.62 32.05 -1.80
C PHE E 96 1.51 31.43 -0.42
N ILE E 97 2.51 30.61 -0.08
CA ILE E 97 2.68 30.13 1.28
C ILE E 97 4.16 30.23 1.63
N LEU E 98 4.49 31.16 2.51
CA LEU E 98 5.89 31.44 2.86
C LEU E 98 6.17 30.87 4.23
N ALA E 99 7.41 30.47 4.46
CA ALA E 99 7.74 29.78 5.70
C ALA E 99 9.24 29.63 5.90
N ARG E 100 9.61 29.15 7.08
CA ARG E 100 10.98 28.80 7.43
C ARG E 100 10.99 27.33 7.79
N CYS E 101 11.18 26.48 6.81
CA CYS E 101 11.32 25.07 7.10
C CYS E 101 12.76 24.76 7.42
N PRO E 102 13.05 23.58 7.96
CA PRO E 102 14.44 23.17 8.17
C PRO E 102 15.05 22.64 6.87
N LYS E 103 16.24 22.07 7.02
CA LYS E 103 16.86 21.34 5.92
C LYS E 103 16.09 20.03 5.72
N GLY E 104 15.78 19.72 4.47
CA GLY E 104 14.97 18.55 4.16
C GLY E 104 15.12 18.10 2.73
N GLU E 105 14.66 16.86 2.48
CA GLU E 105 14.76 16.22 1.18
C GLU E 105 13.45 16.17 0.43
N THR E 106 12.31 16.27 1.12
CA THR E 106 11.01 16.37 0.49
C THR E 106 10.37 17.68 0.92
N LEU E 107 9.10 17.86 0.60
CA LEU E 107 8.31 19.00 1.06
C LEU E 107 6.84 18.60 1.04
N THR E 108 6.28 18.31 2.21
CA THR E 108 4.87 17.97 2.34
C THR E 108 4.15 19.18 2.92
N VAL E 109 3.18 19.70 2.18
CA VAL E 109 2.28 20.74 2.67
C VAL E 109 1.06 20.04 3.25
N GLY E 110 0.86 20.19 4.55
CA GLY E 110 -0.23 19.51 5.23
C GLY E 110 -1.24 20.51 5.77
N PHE E 111 -2.48 20.38 5.29
CA PHE E 111 -3.50 21.35 5.64
C PHE E 111 -4.67 20.61 6.27
N THR E 112 -5.18 21.19 7.36
CA THR E 112 -6.35 20.68 8.05
C THR E 112 -7.56 20.98 7.18
N ASP E 113 -8.37 19.96 6.91
CA ASP E 113 -9.49 20.10 5.99
C ASP E 113 -10.73 20.60 6.72
N SER E 114 -11.88 20.53 6.04
CA SER E 114 -13.13 20.93 6.67
C SER E 114 -13.58 19.91 7.71
N GLY E 115 -13.54 18.62 7.35
CA GLY E 115 -13.88 17.58 8.31
C GLY E 115 -12.62 16.94 8.87
N LYS E 116 -11.57 17.73 9.04
CA LYS E 116 -10.28 17.29 9.54
C LYS E 116 -9.52 16.39 8.57
N ILE E 117 -9.79 16.51 7.27
CA ILE E 117 -9.08 15.72 6.26
C ILE E 117 -7.75 16.40 6.01
N SER E 118 -6.71 15.92 6.68
CA SER E 118 -5.39 16.53 6.59
C SER E 118 -4.78 16.21 5.23
N HIS E 119 -4.95 17.11 4.29
CA HIS E 119 -4.37 16.97 2.96
C HIS E 119 -2.88 17.26 3.08
N SER E 120 -2.08 16.20 3.08
CA SER E 120 -0.63 16.33 3.12
C SER E 120 -0.07 15.93 1.76
N CYS E 121 0.31 16.94 0.99
CA CYS E 121 0.78 16.77 -0.38
C CYS E 121 2.29 16.85 -0.37
N THR E 122 2.95 15.73 -0.68
CA THR E 122 4.40 15.61 -0.60
C THR E 122 5.00 15.74 -1.99
N HIS E 123 5.92 16.67 -2.16
CA HIS E 123 6.67 16.83 -3.37
C HIS E 123 8.14 16.56 -3.07
N PRO E 124 8.89 15.99 -4.01
CA PRO E 124 10.33 15.79 -3.75
C PRO E 124 11.04 17.11 -3.93
N PHE E 125 11.42 17.74 -2.82
CA PHE E 125 12.05 19.07 -2.85
C PHE E 125 13.20 19.08 -1.85
N HIS E 126 14.42 19.09 -2.36
CA HIS E 126 15.60 19.02 -1.51
C HIS E 126 16.06 20.44 -1.19
N HIS E 127 15.33 21.11 -0.29
CA HIS E 127 15.59 22.49 0.11
C HIS E 127 16.81 22.50 1.04
N ASP E 128 17.71 23.43 0.80
CA ASP E 128 18.95 23.53 1.57
C ASP E 128 19.52 24.94 1.45
N PRO E 129 19.38 25.79 2.46
CA PRO E 129 19.78 27.19 2.33
C PRO E 129 21.29 27.33 2.38
N PRO E 130 21.87 28.12 1.46
CA PRO E 130 23.33 28.21 1.39
C PRO E 130 23.92 29.05 2.50
N VAL E 131 25.25 29.03 2.59
CA VAL E 131 25.93 29.64 3.72
C VAL E 131 26.20 31.11 3.43
N ILE E 132 26.07 31.93 4.47
CA ILE E 132 26.47 33.34 4.39
C ILE E 132 27.77 33.48 5.14
N GLY E 133 28.78 34.05 4.50
CA GLY E 133 30.03 34.34 5.17
C GLY E 133 31.11 33.31 4.99
N ARG E 134 31.98 33.17 6.00
CA ARG E 134 33.05 32.18 5.96
C ARG E 134 32.93 31.18 7.11
N GLU E 135 31.72 30.88 7.57
CA GLU E 135 31.49 30.03 8.72
C GLU E 135 30.13 29.36 8.61
N LYS E 136 29.97 28.22 9.29
CA LYS E 136 28.71 27.49 9.27
C LYS E 136 27.88 27.95 10.46
N PHE E 137 26.90 28.82 10.19
CA PHE E 137 26.01 29.29 11.24
C PHE E 137 24.84 28.33 11.39
N HIS E 138 24.23 28.36 12.57
CA HIS E 138 23.03 27.58 12.83
C HIS E 138 21.84 28.47 13.19
N SER E 139 22.04 29.42 14.11
CA SER E 139 20.99 30.31 14.58
C SER E 139 21.49 31.74 14.62
N ARG E 140 20.63 32.66 15.06
CA ARG E 140 21.05 34.06 15.15
C ARG E 140 21.86 34.27 16.41
N PRO E 141 23.15 34.56 16.31
CA PRO E 141 24.00 34.67 17.50
C PRO E 141 23.80 35.99 18.23
N GLN E 142 24.59 36.18 19.29
CA GLN E 142 24.48 37.41 20.07
C GLN E 142 25.10 38.58 19.32
N HIS E 143 26.41 38.54 19.10
CA HIS E 143 27.11 39.62 18.42
C HIS E 143 27.68 39.12 17.11
N ARG E 144 27.17 39.63 16.00
CA ARG E 144 27.60 39.18 14.71
C ARG E 144 27.29 40.21 13.64
N LYS E 145 28.08 40.18 12.58
CA LYS E 145 28.05 41.23 11.57
C LYS E 145 26.84 41.05 10.68
N GLU E 146 26.17 42.14 10.37
CA GLU E 146 25.01 42.10 9.49
C GLU E 146 25.51 41.91 8.07
N LEU E 147 25.61 40.66 7.64
CA LEU E 147 25.92 40.34 6.27
C LEU E 147 24.74 40.70 5.39
N PRO E 148 24.96 41.51 4.37
CA PRO E 148 23.86 41.84 3.45
C PRO E 148 23.55 40.65 2.56
N CYS E 149 22.37 40.07 2.76
CA CYS E 149 21.95 38.91 2.01
C CYS E 149 20.58 39.21 1.41
N SER E 150 19.96 38.17 0.85
CA SER E 150 18.64 38.30 0.27
C SER E 150 17.58 38.08 1.35
N THR E 151 16.34 37.95 0.91
CA THR E 151 15.28 37.44 1.76
C THR E 151 14.00 37.42 0.94
N TYR E 152 13.03 36.63 1.42
CA TYR E 152 11.67 36.69 0.91
C TYR E 152 10.92 37.69 1.79
N ALA E 153 10.61 38.86 1.22
CA ALA E 153 9.89 39.87 1.99
C ALA E 153 8.42 39.50 2.06
N GLN E 154 7.87 39.54 3.27
CA GLN E 154 6.55 38.99 3.57
C GLN E 154 5.41 39.94 3.29
N SER E 155 5.64 41.03 2.56
CA SER E 155 4.53 41.87 2.12
C SER E 155 3.79 41.17 0.99
N THR E 156 2.46 41.17 1.07
CA THR E 156 1.67 40.40 0.12
C THR E 156 1.25 41.25 -1.08
N ALA E 157 1.84 42.44 -1.23
CA ALA E 157 1.59 43.29 -2.38
C ALA E 157 2.27 42.72 -3.61
N ALA E 158 1.48 42.39 -4.64
CA ALA E 158 1.99 41.68 -5.82
C ALA E 158 2.68 42.69 -6.73
N THR E 159 3.95 42.96 -6.45
CA THR E 159 4.74 43.88 -7.24
C THR E 159 5.53 43.06 -8.25
N ALA E 160 5.00 42.97 -9.46
CA ALA E 160 5.59 42.17 -10.53
C ALA E 160 5.20 40.70 -10.44
N GLU E 161 4.35 40.35 -9.48
CA GLU E 161 3.85 39.00 -9.38
C GLU E 161 2.83 38.73 -10.48
N GLU E 162 2.72 37.48 -10.87
CA GLU E 162 1.84 37.11 -11.97
C GLU E 162 1.26 35.73 -11.72
N ILE E 163 -0.05 35.70 -11.54
CA ILE E 163 -0.80 34.46 -11.42
C ILE E 163 -1.73 34.41 -12.62
N GLU E 164 -1.58 33.35 -13.42
CA GLU E 164 -2.34 33.20 -14.64
C GLU E 164 -3.66 32.50 -14.35
N VAL E 165 -4.65 33.28 -13.95
CA VAL E 165 -6.00 32.78 -13.76
C VAL E 165 -6.62 32.53 -15.12
N HIS E 166 -6.76 31.25 -15.45
CA HIS E 166 -7.43 30.82 -16.66
C HIS E 166 -8.75 30.21 -16.25
N MET E 167 -9.61 29.98 -17.24
CA MET E 167 -10.91 29.40 -16.98
C MET E 167 -10.73 27.92 -16.64
N PRO E 168 -11.46 27.41 -15.66
CA PRO E 168 -11.31 26.00 -15.29
C PRO E 168 -11.89 25.10 -16.36
N PRO E 169 -11.30 23.94 -16.59
CA PRO E 169 -11.69 23.13 -17.73
C PRO E 169 -12.93 22.32 -17.44
N ASP E 170 -13.30 21.50 -18.42
CA ASP E 170 -14.46 20.63 -18.28
C ASP E 170 -14.10 19.48 -17.35
N THR E 171 -14.30 19.68 -16.06
CA THR E 171 -14.03 18.65 -15.07
C THR E 171 -15.18 17.65 -15.14
N PRO E 172 -14.99 16.41 -14.70
CA PRO E 172 -16.10 15.45 -14.77
C PRO E 172 -17.14 15.75 -13.69
N ASP E 173 -18.36 15.26 -13.92
CA ASP E 173 -19.43 15.39 -12.95
C ASP E 173 -20.11 14.03 -12.88
N ARG E 174 -19.73 13.21 -11.90
CA ARG E 174 -20.29 11.87 -11.76
C ARG E 174 -21.71 11.87 -11.25
N THR E 175 -22.12 12.92 -10.53
CA THR E 175 -23.48 13.01 -10.04
C THR E 175 -24.44 13.58 -11.08
N LEU E 176 -23.93 13.96 -12.26
CA LEU E 176 -24.79 14.51 -13.31
C LEU E 176 -25.70 13.48 -13.95
N MET E 177 -25.39 12.19 -13.80
CA MET E 177 -26.21 11.12 -14.33
C MET E 177 -27.22 10.68 -13.27
N SER E 178 -28.28 10.01 -13.73
CA SER E 178 -29.32 9.48 -12.86
C SER E 178 -29.94 8.26 -13.52
N GLN E 179 -31.01 7.77 -12.93
CA GLN E 179 -31.70 6.60 -13.43
C GLN E 179 -33.17 6.92 -13.67
N GLN E 180 -33.58 6.88 -14.94
CA GLN E 180 -34.99 6.80 -15.29
C GLN E 180 -35.28 5.32 -15.49
N SER E 181 -35.27 4.58 -14.38
CA SER E 181 -35.33 3.11 -14.37
C SER E 181 -33.95 2.51 -14.57
N GLY E 182 -32.92 3.35 -14.56
CA GLY E 182 -31.64 2.96 -15.05
C GLY E 182 -31.40 3.74 -16.33
N ASN E 183 -32.45 4.40 -16.80
CA ASN E 183 -32.48 5.16 -18.05
C ASN E 183 -31.74 6.48 -17.88
N VAL E 184 -31.72 7.28 -18.94
CA VAL E 184 -30.99 8.53 -18.92
C VAL E 184 -31.96 9.58 -18.37
N LYS E 185 -32.16 9.56 -17.06
CA LYS E 185 -32.77 10.65 -16.33
C LYS E 185 -31.64 11.37 -15.61
N ILE E 186 -30.74 11.95 -16.39
CA ILE E 186 -29.47 12.46 -15.86
C ILE E 186 -29.78 13.80 -15.22
N THR E 187 -30.14 13.78 -13.95
CA THR E 187 -30.43 14.98 -13.19
C THR E 187 -29.10 15.60 -12.81
N VAL E 188 -28.66 16.58 -13.60
CA VAL E 188 -27.40 17.27 -13.34
C VAL E 188 -27.50 18.11 -12.07
N ASN E 189 -28.69 18.62 -11.75
CA ASN E 189 -28.89 19.43 -10.56
C ASN E 189 -28.42 20.87 -10.76
N SER E 190 -28.26 21.26 -12.01
CA SER E 190 -27.99 22.66 -12.32
C SER E 190 -26.55 23.08 -12.20
N GLN E 191 -25.61 22.25 -12.65
CA GLN E 191 -24.20 22.59 -12.68
C GLN E 191 -23.80 22.92 -14.11
N THR E 192 -22.62 23.53 -14.25
CA THR E 192 -22.08 23.87 -15.56
C THR E 192 -21.58 22.60 -16.22
N VAL E 193 -22.51 21.84 -16.80
CA VAL E 193 -22.25 20.49 -17.25
C VAL E 193 -22.50 20.42 -18.75
N ARG E 194 -21.47 20.06 -19.49
CA ARG E 194 -21.63 19.54 -20.83
C ARG E 194 -22.24 18.16 -20.68
N TYR E 195 -23.56 18.08 -20.86
CA TYR E 195 -24.27 16.82 -20.73
C TYR E 195 -24.27 16.14 -22.08
N LYS E 196 -23.11 15.59 -22.43
CA LYS E 196 -22.97 14.86 -23.69
C LYS E 196 -23.50 13.47 -23.44
N CYS E 197 -24.51 13.07 -24.21
CA CYS E 197 -25.09 11.75 -24.08
C CYS E 197 -24.17 10.73 -24.75
N ASN E 198 -24.03 9.58 -24.10
CA ASN E 198 -23.41 8.42 -24.72
C ASN E 198 -24.47 7.44 -25.22
N CYS E 199 -25.58 8.00 -25.67
CA CYS E 199 -26.70 7.24 -26.21
C CYS E 199 -26.99 7.79 -27.59
N GLY E 200 -27.99 7.22 -28.25
CA GLY E 200 -28.33 7.64 -29.58
C GLY E 200 -29.04 8.97 -29.59
N ASP E 201 -28.98 9.64 -30.75
CA ASP E 201 -29.66 10.89 -30.93
C ASP E 201 -29.04 12.08 -30.21
N SER E 202 -29.63 12.45 -29.08
CA SER E 202 -29.18 13.58 -28.27
C SER E 202 -27.90 13.17 -27.57
N ASN E 203 -26.78 13.33 -28.24
CA ASN E 203 -25.50 12.97 -27.65
C ASN E 203 -24.68 14.16 -27.20
N GLU E 204 -25.24 15.36 -27.09
CA GLU E 204 -24.45 16.52 -26.71
C GLU E 204 -25.31 17.46 -25.88
N GLY E 205 -24.76 18.64 -25.62
CA GLY E 205 -25.48 19.72 -24.99
C GLY E 205 -24.86 20.16 -23.68
N LEU E 206 -24.42 21.41 -23.65
CA LEU E 206 -23.99 22.05 -22.41
C LEU E 206 -25.28 22.44 -21.70
N THR E 207 -25.79 21.55 -20.85
CA THR E 207 -27.16 21.60 -20.38
C THR E 207 -27.30 22.54 -19.19
N THR E 208 -28.55 22.71 -18.74
CA THR E 208 -28.89 23.49 -17.57
C THR E 208 -29.93 22.82 -16.67
N THR E 209 -30.27 21.55 -16.91
CA THR E 209 -31.26 20.84 -16.13
C THR E 209 -31.03 19.34 -16.27
N ASP E 210 -32.00 18.56 -15.81
CA ASP E 210 -31.94 17.11 -15.97
C ASP E 210 -32.21 16.74 -17.42
N LYS E 211 -31.40 15.83 -17.94
CA LYS E 211 -31.48 15.44 -19.33
C LYS E 211 -32.26 14.13 -19.41
N VAL E 212 -33.19 14.10 -20.36
CA VAL E 212 -34.11 12.99 -20.50
C VAL E 212 -33.80 12.30 -21.80
N ILE E 213 -32.84 11.40 -21.76
CA ILE E 213 -32.61 10.44 -22.83
C ILE E 213 -33.04 9.13 -22.20
N ASN E 214 -34.31 8.78 -22.38
CA ASN E 214 -34.73 7.43 -22.09
C ASN E 214 -34.15 6.52 -23.15
N ASN E 215 -33.78 5.32 -22.75
CA ASN E 215 -33.01 4.44 -23.61
C ASN E 215 -31.54 4.85 -23.64
N CYS E 216 -31.09 5.47 -22.54
CA CYS E 216 -29.69 5.80 -22.37
C CYS E 216 -29.18 5.13 -21.11
N LYS E 217 -27.99 4.54 -21.21
CA LYS E 217 -27.39 3.76 -20.14
C LYS E 217 -26.78 4.65 -19.06
N VAL E 218 -26.07 4.02 -18.12
CA VAL E 218 -25.34 4.75 -17.09
C VAL E 218 -24.17 5.50 -17.70
N ASP E 219 -23.43 4.86 -18.62
CA ASP E 219 -22.47 5.57 -19.43
C ASP E 219 -23.13 6.23 -20.62
N GLN E 220 -24.42 5.93 -20.83
CA GLN E 220 -25.23 6.48 -21.92
C GLN E 220 -25.53 7.97 -21.77
N CYS E 221 -25.21 8.59 -20.65
CA CYS E 221 -25.01 10.02 -20.52
C CYS E 221 -23.62 10.27 -19.97
N HIS E 222 -23.20 11.52 -20.01
CA HIS E 222 -21.93 11.94 -19.43
C HIS E 222 -21.98 13.44 -19.23
N ALA E 223 -22.14 13.86 -17.98
CA ALA E 223 -22.12 15.27 -17.64
C ALA E 223 -20.71 15.67 -17.27
N ALA E 224 -20.25 16.79 -17.82
CA ALA E 224 -18.93 17.32 -17.49
C ALA E 224 -19.12 18.63 -16.76
N VAL E 225 -18.74 18.64 -15.48
CA VAL E 225 -18.90 19.81 -14.61
C VAL E 225 -17.74 20.75 -14.86
N THR E 226 -17.96 21.74 -15.72
CA THR E 226 -16.91 22.62 -16.20
C THR E 226 -16.88 23.91 -15.38
N ASN E 227 -15.68 24.45 -15.17
CA ASN E 227 -15.48 25.64 -14.37
C ASN E 227 -15.64 26.87 -15.26
N HIS E 228 -16.87 27.32 -15.42
CA HIS E 228 -17.18 28.53 -16.15
C HIS E 228 -17.45 29.72 -15.26
N LYS E 229 -17.08 29.65 -13.98
CA LYS E 229 -17.47 30.67 -13.01
C LYS E 229 -16.32 31.53 -12.52
N LYS E 230 -15.25 30.93 -12.01
CA LYS E 230 -14.10 31.65 -11.49
C LYS E 230 -12.84 31.07 -12.12
N TRP E 231 -11.74 31.81 -11.99
CA TRP E 231 -10.49 31.45 -12.64
C TRP E 231 -9.60 30.70 -11.66
N GLN E 232 -8.58 30.05 -12.20
CA GLN E 232 -7.62 29.31 -11.39
C GLN E 232 -6.22 29.63 -11.93
N TYR E 233 -5.27 29.71 -11.00
CA TYR E 233 -3.90 30.07 -11.36
C TYR E 233 -3.27 28.92 -12.12
N ASN E 234 -3.08 29.14 -13.42
CA ASN E 234 -3.00 28.06 -14.39
C ASN E 234 -1.69 27.30 -14.36
N SER E 235 -1.48 26.55 -13.34
CA SER E 235 -0.40 25.60 -13.33
C SER E 235 -0.79 24.41 -14.20
N PRO E 236 0.12 23.89 -15.02
CA PRO E 236 -0.21 22.76 -15.90
C PRO E 236 -0.43 21.45 -15.16
N LEU E 237 -0.03 21.35 -13.89
CA LEU E 237 -0.45 20.25 -13.04
C LEU E 237 -1.94 20.31 -12.71
N VAL E 238 -2.57 21.48 -12.82
CA VAL E 238 -4.02 21.55 -12.86
C VAL E 238 -4.42 21.39 -14.32
N PRO E 239 -5.60 20.87 -14.62
CA PRO E 239 -6.02 20.73 -16.01
C PRO E 239 -6.38 22.07 -16.61
N ARG E 240 -5.46 22.57 -17.44
CA ARG E 240 -5.54 23.92 -17.95
C ARG E 240 -6.50 24.02 -19.13
N ASN E 241 -6.37 25.14 -19.85
CA ASN E 241 -7.19 25.36 -21.03
C ASN E 241 -6.72 24.45 -22.17
N ALA E 242 -7.41 23.33 -22.35
CA ALA E 242 -7.16 22.49 -23.52
C ALA E 242 -8.12 22.81 -24.64
N GLU E 243 -9.40 22.92 -24.31
CA GLU E 243 -10.39 23.63 -25.13
C GLU E 243 -10.52 25.09 -24.73
N LEU E 244 -9.64 25.55 -23.85
CA LEU E 244 -9.43 26.98 -23.68
C LEU E 244 -8.23 27.34 -24.54
N GLY E 245 -8.34 28.47 -25.23
CA GLY E 245 -7.31 28.88 -26.17
C GLY E 245 -6.29 29.76 -25.49
N ASP E 246 -6.28 31.06 -25.81
CA ASP E 246 -5.38 32.02 -25.19
C ASP E 246 -5.99 32.69 -23.96
N ARG E 247 -6.89 31.99 -23.27
CA ARG E 247 -7.57 32.58 -22.13
C ARG E 247 -6.67 32.54 -20.90
N LYS E 248 -5.92 33.62 -20.70
CA LYS E 248 -5.10 33.76 -19.51
C LYS E 248 -5.34 35.15 -18.94
N GLY E 249 -5.46 35.22 -17.62
CA GLY E 249 -5.55 36.46 -16.90
C GLY E 249 -4.41 36.57 -15.89
N LYS E 250 -4.06 37.80 -15.53
CA LYS E 250 -2.90 38.03 -14.70
C LYS E 250 -3.30 38.72 -13.41
N VAL E 251 -2.79 38.22 -12.29
CA VAL E 251 -3.00 38.83 -10.98
C VAL E 251 -1.65 39.06 -10.32
N HIS E 252 -1.54 40.12 -9.54
CA HIS E 252 -0.30 40.41 -8.82
C HIS E 252 -0.14 39.48 -7.63
N ILE E 253 0.88 38.63 -7.69
CA ILE E 253 1.05 37.54 -6.73
C ILE E 253 1.95 37.98 -5.58
N PRO E 254 1.57 37.69 -4.33
CA PRO E 254 2.22 38.33 -3.18
C PRO E 254 3.54 37.68 -2.81
N PHE E 255 4.08 38.14 -1.68
CA PHE E 255 5.32 37.66 -1.09
C PHE E 255 6.54 38.01 -1.93
N PRO E 256 6.85 39.29 -2.12
CA PRO E 256 7.98 39.66 -2.97
C PRO E 256 9.28 39.80 -2.18
N LEU E 257 10.32 39.12 -2.68
CA LEU E 257 11.61 39.08 -2.03
C LEU E 257 12.35 40.41 -2.13
N ALA E 258 13.26 40.64 -1.18
CA ALA E 258 14.04 41.88 -1.13
C ALA E 258 15.30 41.66 -0.29
N ASN E 259 16.19 42.65 -0.32
CA ASN E 259 17.50 42.53 0.32
C ASN E 259 17.39 42.80 1.82
N VAL E 260 18.05 41.95 2.62
CA VAL E 260 18.06 42.06 4.08
C VAL E 260 19.50 41.93 4.58
N THR E 261 19.67 41.87 5.90
CA THR E 261 21.00 41.73 6.48
C THR E 261 20.91 40.83 7.70
N CYS E 262 21.55 39.67 7.64
CA CYS E 262 21.48 38.67 8.70
C CYS E 262 22.73 38.74 9.56
N ARG E 263 22.57 38.56 10.87
CA ARG E 263 23.70 38.55 11.78
C ARG E 263 24.47 37.25 11.62
N VAL E 264 25.76 37.35 11.33
CA VAL E 264 26.62 36.17 11.22
C VAL E 264 27.58 36.19 12.40
N PRO E 265 27.80 35.06 13.06
CA PRO E 265 28.70 35.06 14.22
C PRO E 265 30.13 34.78 13.81
N LYS E 266 31.05 35.22 14.68
CA LYS E 266 32.47 35.04 14.49
C LYS E 266 33.01 34.25 15.68
N ALA E 267 34.07 33.48 15.46
CA ALA E 267 34.58 32.63 16.52
C ALA E 267 35.50 33.42 17.44
N ARG E 268 35.93 32.78 18.53
CA ARG E 268 36.90 33.38 19.42
C ARG E 268 38.27 33.35 18.75
N ASN E 269 39.09 34.34 19.06
CA ASN E 269 40.39 34.46 18.43
C ASN E 269 41.33 33.44 19.04
N PRO E 270 42.10 32.71 18.24
CA PRO E 270 42.90 31.61 18.81
C PRO E 270 44.27 32.08 19.22
N THR E 271 44.94 31.23 20.00
CA THR E 271 46.29 31.50 20.47
C THR E 271 47.25 31.34 19.30
N VAL E 272 48.20 32.27 19.17
CA VAL E 272 49.09 32.29 18.02
C VAL E 272 50.53 32.40 18.50
N THR E 273 51.21 31.26 18.56
CA THR E 273 52.64 31.25 18.81
C THR E 273 53.36 31.69 17.55
N TYR E 274 53.89 32.90 17.58
CA TYR E 274 54.67 33.44 16.47
C TYR E 274 56.15 33.20 16.71
N GLY E 275 56.59 32.00 16.36
CA GLY E 275 57.99 31.63 16.44
C GLY E 275 58.65 31.89 15.11
N LYS E 276 59.86 31.33 14.95
CA LYS E 276 60.83 31.77 13.94
C LYS E 276 60.38 31.43 12.54
N ASN E 277 59.65 32.36 11.93
CA ASN E 277 59.01 32.16 10.64
C ASN E 277 57.89 31.13 10.70
N GLN E 278 57.30 30.95 11.88
CA GLN E 278 56.26 29.93 12.03
C GLN E 278 55.19 30.50 12.94
N VAL E 279 53.94 30.18 12.63
CA VAL E 279 52.81 30.68 13.40
C VAL E 279 51.93 29.48 13.76
N ILE E 280 51.63 29.35 15.03
CA ILE E 280 50.77 28.27 15.52
C ILE E 280 49.49 28.92 16.00
N MET E 281 48.42 28.75 15.24
CA MET E 281 47.10 29.27 15.58
C MET E 281 46.25 28.12 16.08
N LEU E 282 45.61 28.32 17.23
CA LEU E 282 44.85 27.27 17.91
C LEU E 282 43.37 27.55 17.69
N LEU E 283 42.80 26.94 16.67
CA LEU E 283 41.39 27.15 16.36
C LEU E 283 40.52 26.20 17.19
N TYR E 284 39.45 26.73 17.76
CA TYR E 284 38.44 25.95 18.48
C TYR E 284 37.10 26.27 17.83
N PRO E 285 36.69 25.52 16.81
CA PRO E 285 35.53 25.92 16.01
C PRO E 285 34.20 25.58 16.67
N ASP E 286 33.20 26.40 16.35
CA ASP E 286 31.84 26.18 16.82
C ASP E 286 30.83 26.13 15.68
N HIS E 287 31.31 26.18 14.44
CA HIS E 287 30.50 25.95 13.26
C HIS E 287 31.43 25.41 12.19
N PRO E 288 30.91 25.08 11.03
CA PRO E 288 31.82 24.70 9.93
C PRO E 288 32.46 25.95 9.36
N THR E 289 33.70 26.24 9.74
CA THR E 289 34.27 27.56 9.53
C THR E 289 35.26 27.54 8.37
N LEU E 290 34.89 28.18 7.27
CA LEU E 290 35.82 28.31 6.15
C LEU E 290 36.88 29.36 6.51
N LEU E 291 38.02 28.89 7.01
CA LEU E 291 39.14 29.76 7.33
C LEU E 291 40.18 29.60 6.23
N SER E 292 40.67 30.73 5.73
CA SER E 292 41.60 30.73 4.63
C SER E 292 42.87 31.48 5.02
N TYR E 293 43.97 31.11 4.39
CA TYR E 293 45.22 31.84 4.56
C TYR E 293 45.74 32.17 3.17
N ARG E 294 46.55 33.21 3.09
CA ARG E 294 47.18 33.61 1.83
C ARG E 294 48.32 34.57 2.15
N ASN E 295 49.37 34.49 1.34
CA ASN E 295 50.56 35.31 1.53
C ASN E 295 50.23 36.77 1.22
N MET E 296 50.99 37.67 1.83
CA MET E 296 50.64 39.10 1.78
C MET E 296 51.14 39.81 0.53
N GLY E 297 51.65 39.08 -0.46
CA GLY E 297 52.19 39.72 -1.64
C GLY E 297 51.52 39.28 -2.92
N GLU E 298 52.32 39.15 -3.99
CA GLU E 298 51.76 38.88 -5.32
C GLU E 298 51.27 37.45 -5.45
N GLU E 299 52.14 36.47 -5.18
CA GLU E 299 51.70 35.08 -5.12
C GLU E 299 51.05 34.89 -3.76
N PRO E 300 49.72 34.95 -3.66
CA PRO E 300 49.10 34.78 -2.35
C PRO E 300 49.06 33.34 -1.89
N ASN E 301 48.74 32.41 -2.77
CA ASN E 301 48.64 30.98 -2.45
C ASN E 301 47.50 30.72 -1.47
N TYR E 302 46.33 31.25 -1.83
CA TYR E 302 45.23 31.36 -0.88
C TYR E 302 44.58 30.01 -0.63
N GLN E 303 45.14 29.27 0.31
CA GLN E 303 44.57 28.02 0.77
C GLN E 303 43.38 28.35 1.64
N GLU E 304 42.46 27.39 1.75
CA GLU E 304 41.28 27.57 2.58
C GLU E 304 40.74 26.21 2.98
N GLU E 305 40.31 26.09 4.23
CA GLU E 305 39.72 24.87 4.72
C GLU E 305 38.53 25.22 5.58
N TRP E 306 37.44 24.50 5.39
CA TRP E 306 36.34 24.49 6.35
C TRP E 306 36.85 23.74 7.57
N VAL E 307 36.54 24.23 8.75
CA VAL E 307 37.06 23.67 9.98
C VAL E 307 35.89 23.11 10.77
N THR E 308 36.11 21.96 11.39
CA THR E 308 35.10 21.29 12.20
C THR E 308 35.54 21.10 13.65
N HIS E 309 36.79 20.72 13.86
CA HIS E 309 37.23 20.33 15.20
C HIS E 309 38.26 21.33 15.72
N LYS E 310 38.95 20.96 16.80
CA LYS E 310 40.09 21.75 17.24
C LYS E 310 41.23 21.59 16.25
N LYS E 311 41.95 22.68 15.98
CA LYS E 311 42.95 22.64 14.93
C LYS E 311 44.18 23.43 15.34
N GLU E 312 45.33 22.99 14.85
CA GLU E 312 46.59 23.70 15.02
C GLU E 312 47.12 24.06 13.65
N VAL E 313 46.94 25.32 13.27
CA VAL E 313 47.37 25.81 11.96
C VAL E 313 48.80 26.29 12.08
N ILE E 314 49.67 25.75 11.24
CA ILE E 314 51.07 26.16 11.15
C ILE E 314 51.18 27.07 9.93
N ARG E 315 51.06 28.36 10.15
CA ARG E 315 51.21 29.37 9.12
C ARG E 315 52.70 29.63 8.88
N THR E 316 53.07 29.70 7.62
CA THR E 316 54.44 30.06 7.25
C THR E 316 54.55 31.58 7.15
N VAL E 317 55.59 32.12 7.76
CA VAL E 317 55.89 33.55 7.70
C VAL E 317 56.37 33.86 6.28
N PRO E 318 55.57 34.52 5.45
CA PRO E 318 56.04 34.88 4.11
C PRO E 318 56.90 36.14 4.17
N THR E 319 57.47 36.47 3.01
CA THR E 319 58.23 37.71 2.90
C THR E 319 57.30 38.91 2.93
N GLU E 320 56.12 38.78 2.33
CA GLU E 320 55.09 39.79 2.50
C GLU E 320 54.17 39.42 3.66
N GLY E 321 54.49 38.37 4.39
CA GLY E 321 53.69 37.96 5.53
C GLY E 321 52.58 37.00 5.14
N LEU E 322 51.64 36.81 6.07
CA LEU E 322 50.53 35.91 5.83
C LEU E 322 49.26 36.50 6.41
N GLU E 323 48.29 36.78 5.55
CA GLU E 323 46.96 37.20 5.97
C GLU E 323 46.08 35.95 6.05
N VAL E 324 45.50 35.71 7.22
CA VAL E 324 44.62 34.57 7.44
C VAL E 324 43.31 35.10 7.97
N THR E 325 42.21 34.70 7.33
CA THR E 325 40.86 34.99 7.79
C THR E 325 40.22 33.68 8.23
N TRP E 326 40.11 33.49 9.54
CA TRP E 326 39.59 32.25 10.12
C TRP E 326 38.20 32.56 10.67
N GLY E 327 37.18 32.29 9.85
CA GLY E 327 35.85 32.68 10.24
C GLY E 327 35.47 34.04 9.70
N ASN E 328 34.91 34.87 10.58
CA ASN E 328 34.14 36.02 10.12
C ASN E 328 34.69 37.36 10.57
N ASN E 329 35.88 37.41 11.16
CA ASN E 329 36.48 38.68 11.53
C ASN E 329 37.46 39.13 10.46
N GLU E 330 38.04 40.30 10.67
CA GLU E 330 39.16 40.72 9.84
C GLU E 330 40.37 39.85 10.18
N PRO E 331 40.99 39.21 9.20
CA PRO E 331 41.97 38.18 9.53
C PRO E 331 43.32 38.78 9.86
N TYR E 332 44.09 38.06 10.65
CA TYR E 332 45.37 38.55 11.16
C TYR E 332 46.42 38.50 10.06
N LYS E 333 47.27 39.51 10.04
CA LYS E 333 48.33 39.63 9.06
C LYS E 333 49.67 39.51 9.77
N TYR E 334 50.25 38.32 9.72
CA TYR E 334 51.56 38.06 10.31
C TYR E 334 52.64 38.70 9.45
N TRP E 335 53.60 39.33 10.12
CA TRP E 335 54.77 39.89 9.50
C TRP E 335 55.90 39.50 10.44
N PRO E 336 56.89 38.77 9.96
CA PRO E 336 57.91 38.26 10.86
C PRO E 336 59.06 39.23 11.04
N GLN E 337 59.32 39.56 12.29
CA GLN E 337 60.49 40.37 12.62
C GLN E 337 61.73 39.49 12.60
N LEU E 338 62.83 40.06 12.12
CA LEU E 338 64.10 39.32 12.04
C LEU E 338 64.73 39.09 13.41
N ASN F 1 8.55 24.22 54.92
CA ASN F 1 7.85 25.26 54.18
C ASN F 1 8.27 25.23 52.73
N PHE F 2 9.44 25.82 52.45
CA PHE F 2 9.99 25.91 51.11
C PHE F 2 9.13 26.73 50.15
N ASN F 3 8.92 28.02 50.44
CA ASN F 3 8.20 28.92 49.53
C ASN F 3 9.24 29.61 48.66
N VAL F 4 10.08 28.83 47.98
CA VAL F 4 11.13 29.40 47.15
C VAL F 4 10.55 29.96 45.86
N TYR F 5 9.49 29.35 45.35
CA TYR F 5 8.76 29.97 44.24
C TYR F 5 7.96 31.17 44.72
N LYS F 6 7.54 31.18 45.98
CA LYS F 6 7.00 32.40 46.58
C LYS F 6 8.10 33.43 46.75
N ALA F 7 9.32 32.99 47.07
CA ALA F 7 10.48 33.85 46.99
C ALA F 7 10.86 34.14 45.55
N ILE F 8 10.51 33.25 44.63
CA ILE F 8 10.72 33.48 43.22
C ILE F 8 9.77 34.54 42.70
N ARG F 9 10.17 35.19 41.61
CA ARG F 9 9.39 36.21 40.97
C ARG F 9 9.59 35.98 39.49
N PRO F 10 8.52 35.87 38.71
CA PRO F 10 8.68 35.58 37.29
C PRO F 10 9.17 36.81 36.54
N TYR F 11 10.29 36.61 35.86
CA TYR F 11 10.92 37.68 35.10
C TYR F 11 11.36 37.12 33.75
N LEU F 12 10.85 37.75 32.70
CA LEU F 12 11.16 37.36 31.33
C LEU F 12 12.53 37.87 30.96
N ALA F 13 13.08 37.35 29.86
CA ALA F 13 14.39 37.75 29.39
C ALA F 13 14.35 37.92 27.88
N HIS F 14 15.14 38.88 27.39
CA HIS F 14 15.25 39.11 25.97
C HIS F 14 16.11 38.04 25.31
N CYS F 15 15.45 36.99 24.83
CA CYS F 15 16.13 35.85 24.27
C CYS F 15 16.35 36.09 22.78
N PRO F 16 17.42 35.54 22.20
CA PRO F 16 17.71 35.83 20.79
C PRO F 16 16.98 34.95 19.80
N ASP F 17 16.65 33.71 20.17
CA ASP F 17 15.93 32.81 19.27
C ASP F 17 14.53 32.63 19.85
N CYS F 18 13.62 33.54 19.49
CA CYS F 18 12.28 33.53 20.03
C CYS F 18 11.26 33.06 19.02
N GLY F 19 11.64 32.93 17.76
CA GLY F 19 10.70 32.54 16.72
C GLY F 19 10.62 33.60 15.64
N GLU F 20 10.70 33.16 14.38
CA GLU F 20 10.58 34.05 13.23
C GLU F 20 11.79 34.97 13.06
N GLY F 21 12.93 34.56 13.60
CA GLY F 21 14.11 35.41 13.55
C GLY F 21 14.17 36.49 14.60
N HIS F 22 13.16 36.59 15.46
CA HIS F 22 13.09 37.63 16.46
C HIS F 22 13.03 37.01 17.85
N SER F 23 14.10 37.19 18.62
CA SER F 23 14.03 36.91 20.04
C SER F 23 13.67 38.19 20.78
N CYS F 24 12.87 38.03 21.84
CA CYS F 24 12.34 39.16 22.57
C CYS F 24 12.23 38.75 24.02
N HIS F 25 11.58 39.60 24.82
CA HIS F 25 11.45 39.37 26.26
C HIS F 25 10.41 38.28 26.50
N SER F 26 10.84 37.06 26.35
CA SER F 26 9.90 35.97 26.55
C SER F 26 10.12 35.36 27.93
N PRO F 27 9.18 34.58 28.44
CA PRO F 27 9.39 33.85 29.69
C PRO F 27 10.12 32.52 29.52
N VAL F 28 10.80 32.32 28.40
CA VAL F 28 11.35 31.01 28.04
C VAL F 28 12.84 31.15 27.80
N ALA F 29 13.48 32.04 28.54
CA ALA F 29 14.91 32.25 28.37
C ALA F 29 15.71 31.06 28.88
N LEU F 30 16.30 30.34 27.94
CA LEU F 30 17.31 29.33 28.25
C LEU F 30 18.55 30.07 28.73
N GLU F 31 18.82 29.97 30.02
CA GLU F 31 19.93 30.68 30.65
C GLU F 31 21.23 29.89 30.57
N ARG F 32 21.26 28.69 31.12
CA ARG F 32 22.49 27.92 31.15
C ARG F 32 22.14 26.45 30.97
N ILE F 33 22.19 25.99 29.73
CA ILE F 33 21.89 24.61 29.40
C ILE F 33 23.12 23.81 29.76
N ARG F 34 23.15 23.29 30.98
CA ARG F 34 24.31 22.58 31.50
C ARG F 34 24.39 21.20 30.85
N ASN F 35 25.53 20.91 30.26
CA ASN F 35 25.81 19.59 29.68
C ASN F 35 26.68 18.79 30.63
N GLU F 36 26.48 19.00 31.93
CA GLU F 36 27.22 18.26 32.94
C GLU F 36 26.67 16.86 33.17
N ALA F 37 25.52 16.53 32.58
CA ALA F 37 24.89 15.23 32.81
C ALA F 37 25.70 14.13 32.13
N THR F 38 26.40 13.33 32.94
CA THR F 38 27.31 12.31 32.44
C THR F 38 26.58 11.19 31.72
N ASP F 39 25.37 10.85 32.16
CA ASP F 39 24.56 9.89 31.44
C ASP F 39 23.72 10.52 30.33
N GLY F 40 23.57 11.85 30.32
CA GLY F 40 22.74 12.50 29.34
C GLY F 40 21.49 13.14 29.88
N THR F 41 21.56 13.78 31.05
CA THR F 41 20.44 14.60 31.52
C THR F 41 20.83 16.08 31.51
N LEU F 42 20.30 16.83 30.54
CA LEU F 42 20.64 18.22 30.34
C LEU F 42 19.91 19.10 31.36
N LYS F 43 20.66 19.93 32.07
CA LYS F 43 20.11 20.86 33.05
C LYS F 43 20.04 22.25 32.40
N ILE F 44 18.85 22.64 31.98
CA ILE F 44 18.65 23.93 31.32
C ILE F 44 18.10 24.91 32.36
N GLN F 45 18.42 26.19 32.19
CA GLN F 45 17.83 27.25 32.99
C GLN F 45 16.68 27.84 32.20
N VAL F 46 15.51 27.95 32.81
CA VAL F 46 14.34 28.45 32.10
C VAL F 46 14.04 29.86 32.58
N SER F 47 13.54 30.68 31.65
CA SER F 47 13.23 32.07 31.97
C SER F 47 12.01 32.19 32.85
N LEU F 48 11.09 31.24 32.77
CA LEU F 48 10.02 31.16 33.74
C LEU F 48 10.49 30.40 34.98
N GLN F 49 9.67 30.43 36.01
CA GLN F 49 9.87 29.62 37.20
C GLN F 49 9.07 28.35 36.99
N ILE F 50 9.69 27.35 36.36
CA ILE F 50 9.01 26.13 35.94
C ILE F 50 8.67 25.31 37.16
N GLY F 51 7.46 24.76 37.18
CA GLY F 51 6.95 24.14 38.37
C GLY F 51 6.57 25.09 39.47
N ILE F 52 6.00 26.25 39.15
CA ILE F 52 5.59 27.23 40.15
C ILE F 52 4.14 27.61 39.86
N LYS F 53 3.33 27.60 40.91
CA LYS F 53 1.95 27.99 40.75
C LYS F 53 1.83 29.51 40.80
N THR F 54 0.59 30.00 40.69
CA THR F 54 0.34 31.43 40.60
C THR F 54 0.56 32.13 41.92
N ASP F 55 0.30 31.45 43.03
CA ASP F 55 0.54 32.00 44.34
C ASP F 55 1.92 31.65 44.89
N ASP F 56 2.88 31.30 44.03
CA ASP F 56 4.23 30.86 44.36
C ASP F 56 4.28 29.41 44.85
N SER F 57 3.16 28.72 44.95
CA SER F 57 3.15 27.36 45.46
C SER F 57 3.35 26.37 44.32
N HIS F 58 3.07 25.10 44.59
CA HIS F 58 3.17 24.07 43.57
C HIS F 58 2.02 24.23 42.60
N ASP F 59 2.32 24.25 41.31
CA ASP F 59 1.29 24.17 40.29
C ASP F 59 1.50 22.82 39.62
N TRP F 60 0.76 21.81 40.09
CA TRP F 60 1.05 20.43 39.71
C TRP F 60 0.64 20.13 38.28
N THR F 61 -0.24 20.95 37.72
CA THR F 61 -0.47 20.96 36.28
C THR F 61 -0.05 22.27 35.64
N LYS F 62 0.56 23.17 36.41
CA LYS F 62 0.83 24.51 35.93
C LYS F 62 2.32 24.75 35.75
N LEU F 63 2.63 25.77 34.94
CA LEU F 63 3.97 26.28 34.77
C LEU F 63 3.94 27.76 35.07
N ARG F 64 4.99 28.25 35.71
CA ARG F 64 5.06 29.62 36.18
C ARG F 64 6.06 30.39 35.36
N TYR F 65 5.71 31.63 35.01
CA TYR F 65 6.64 32.60 34.46
C TYR F 65 6.20 33.98 34.94
N MET F 66 6.76 35.01 34.31
CA MET F 66 6.28 36.37 34.49
C MET F 66 5.61 36.84 33.20
N ASP F 67 4.30 37.01 33.25
CA ASP F 67 3.52 37.51 32.12
C ASP F 67 2.97 38.89 32.48
N ASN F 68 3.39 39.90 31.72
CA ASN F 68 2.80 41.24 31.73
C ASN F 68 2.97 42.02 33.03
N HIS F 69 4.07 41.78 33.74
CA HIS F 69 4.29 42.39 35.05
C HIS F 69 3.59 41.63 36.17
N MET F 70 2.87 40.56 35.82
CA MET F 70 2.18 39.70 36.75
C MET F 70 2.72 38.29 36.60
N PRO F 71 2.23 37.32 37.36
CA PRO F 71 2.61 35.94 37.09
C PRO F 71 1.95 35.45 35.82
N ALA F 72 2.75 34.80 34.98
CA ALA F 72 2.25 34.19 33.76
C ALA F 72 2.13 32.70 34.02
N ASP F 73 0.95 32.31 34.51
CA ASP F 73 0.68 30.92 34.81
C ASP F 73 0.08 30.25 33.59
N ALA F 74 0.50 29.01 33.33
CA ALA F 74 0.03 28.27 32.16
C ALA F 74 -0.04 26.79 32.51
N GLU F 75 -0.37 25.98 31.51
CA GLU F 75 -0.42 24.54 31.70
C GLU F 75 0.99 23.97 31.71
N ARG F 76 1.16 22.87 32.45
CA ARG F 76 2.47 22.23 32.55
C ARG F 76 2.69 21.26 31.40
N ALA F 77 1.67 21.02 30.58
CA ALA F 77 1.82 20.06 29.49
C ALA F 77 2.52 20.67 28.28
N ARG F 78 2.10 21.87 27.85
CA ARG F 78 2.54 22.41 26.56
C ARG F 78 3.97 22.89 26.50
N LEU F 79 4.61 23.11 27.65
CA LEU F 79 5.98 23.59 27.67
C LEU F 79 6.92 22.49 27.23
N PHE F 80 7.44 22.59 26.01
CA PHE F 80 8.20 21.52 25.41
C PHE F 80 9.56 22.03 25.00
N VAL F 81 10.48 21.11 24.77
CA VAL F 81 11.84 21.43 24.33
C VAL F 81 12.10 20.65 23.06
N ARG F 82 12.35 21.37 21.97
CA ARG F 82 12.72 20.75 20.71
C ARG F 82 14.16 21.08 20.43
N THR F 83 15.05 20.11 20.67
CA THR F 83 16.46 20.32 20.37
C THR F 83 16.62 19.90 18.92
N SER F 84 16.36 18.66 18.56
CA SER F 84 16.21 18.25 17.19
C SER F 84 14.92 17.48 16.97
N ALA F 85 14.34 16.97 18.04
CA ALA F 85 13.11 16.18 18.02
C ALA F 85 12.32 16.57 19.25
N PRO F 86 11.18 15.95 19.47
CA PRO F 86 10.45 16.20 20.72
C PRO F 86 11.21 15.64 21.92
N CYS F 87 11.71 16.56 22.75
CA CYS F 87 12.60 16.23 23.85
C CYS F 87 11.87 15.63 25.04
N THR F 88 12.55 14.69 25.70
CA THR F 88 12.02 13.99 26.87
C THR F 88 12.25 14.86 28.09
N ILE F 89 11.18 15.45 28.60
CA ILE F 89 11.25 16.40 29.70
C ILE F 89 11.46 15.63 31.00
N THR F 90 12.48 16.01 31.76
CA THR F 90 12.77 15.37 33.04
C THR F 90 12.07 16.04 34.22
N GLY F 91 12.27 17.34 34.41
CA GLY F 91 11.65 18.03 35.53
C GLY F 91 11.65 19.54 35.42
N THR F 92 10.75 20.21 36.13
CA THR F 92 10.67 21.67 36.10
C THR F 92 10.65 22.20 37.52
N MET F 93 11.79 22.70 37.97
CA MET F 93 11.92 23.26 39.32
C MET F 93 12.62 24.59 39.17
N GLY F 94 11.87 25.68 39.32
CA GLY F 94 12.44 27.01 39.22
C GLY F 94 12.85 27.33 37.80
N HIS F 95 14.06 27.83 37.63
CA HIS F 95 14.65 27.91 36.31
C HIS F 95 15.08 26.54 35.79
N PHE F 96 15.39 25.60 36.68
CA PHE F 96 16.00 24.33 36.33
C PHE F 96 15.00 23.41 35.62
N ILE F 97 15.43 22.87 34.48
CA ILE F 97 14.61 22.00 33.65
C ILE F 97 15.46 20.82 33.21
N LEU F 98 14.91 19.62 33.34
CA LEU F 98 15.60 18.39 33.06
C LEU F 98 15.24 17.92 31.65
N ALA F 99 16.26 17.56 30.87
CA ALA F 99 16.08 17.19 29.49
C ALA F 99 16.74 15.86 29.19
N ARG F 100 15.96 14.94 28.66
CA ARG F 100 16.46 13.68 28.11
C ARG F 100 16.20 13.78 26.61
N CYS F 101 16.46 14.96 26.05
CA CYS F 101 16.14 15.38 24.69
C CYS F 101 16.98 14.65 23.66
N PRO F 102 16.67 14.80 22.38
CA PRO F 102 17.43 14.12 21.34
C PRO F 102 18.75 14.82 21.08
N LYS F 103 19.60 14.15 20.28
CA LYS F 103 20.90 14.68 19.95
C LYS F 103 20.76 15.78 18.90
N GLY F 104 21.56 16.83 19.04
CA GLY F 104 21.52 17.93 18.09
C GLY F 104 22.65 18.92 18.32
N GLU F 105 22.69 19.92 17.44
CA GLU F 105 23.57 21.06 17.60
C GLU F 105 22.85 22.31 18.09
N THR F 106 21.54 22.40 17.89
CA THR F 106 20.75 23.53 18.36
C THR F 106 19.72 23.05 19.35
N LEU F 107 19.09 24.00 20.04
CA LEU F 107 18.06 23.71 21.03
C LEU F 107 17.09 24.88 21.09
N THR F 108 15.82 24.64 20.77
CA THR F 108 14.75 25.59 20.99
C THR F 108 13.90 25.08 22.14
N VAL F 109 13.49 25.99 23.01
CA VAL F 109 12.60 25.66 24.12
C VAL F 109 11.28 26.33 23.82
N GLY F 110 10.30 25.56 23.34
CA GLY F 110 9.04 26.11 22.90
C GLY F 110 7.94 25.80 23.89
N PHE F 111 7.49 26.85 24.57
CA PHE F 111 6.50 26.69 25.63
C PHE F 111 5.21 27.38 25.21
N THR F 112 4.13 26.60 25.22
CA THR F 112 2.81 27.10 24.84
C THR F 112 2.26 27.95 25.98
N ASP F 113 2.02 29.23 25.68
CA ASP F 113 1.52 30.16 26.69
C ASP F 113 0.01 30.06 26.85
N SER F 114 -0.57 30.99 27.63
CA SER F 114 -1.98 30.89 27.97
C SER F 114 -2.88 31.25 26.79
N GLY F 115 -2.45 32.22 25.98
CA GLY F 115 -3.19 32.56 24.77
C GLY F 115 -2.56 31.88 23.56
N LYS F 116 -2.01 30.70 23.76
CA LYS F 116 -1.26 29.97 22.75
C LYS F 116 0.08 30.61 22.44
N ILE F 117 0.69 31.31 23.39
CA ILE F 117 1.90 32.06 23.14
C ILE F 117 3.08 31.10 23.21
N SER F 118 3.39 30.46 22.09
CA SER F 118 4.49 29.51 22.04
C SER F 118 5.82 30.27 22.00
N HIS F 119 6.35 30.58 23.18
CA HIS F 119 7.61 31.29 23.31
C HIS F 119 8.74 30.33 22.95
N SER F 120 9.64 30.78 22.07
CA SER F 120 10.77 29.99 21.66
C SER F 120 12.01 30.44 22.43
N CYS F 121 12.87 29.47 22.72
CA CYS F 121 14.17 29.75 23.33
C CYS F 121 15.23 29.09 22.46
N THR F 122 15.73 29.81 21.48
CA THR F 122 16.62 29.25 20.47
C THR F 122 18.07 29.54 20.83
N HIS F 123 18.90 28.50 20.80
CA HIS F 123 20.32 28.68 20.98
C HIS F 123 21.05 27.50 20.34
N PRO F 124 22.37 27.56 20.23
CA PRO F 124 23.11 26.35 19.87
C PRO F 124 23.29 25.49 21.11
N PHE F 125 22.59 24.37 21.16
CA PHE F 125 22.75 23.40 22.24
C PHE F 125 23.34 22.15 21.61
N HIS F 126 24.67 22.04 21.66
CA HIS F 126 25.35 20.92 21.00
C HIS F 126 25.15 19.67 21.85
N HIS F 127 24.01 19.00 21.66
CA HIS F 127 23.64 17.82 22.43
C HIS F 127 24.33 16.63 21.79
N ASP F 128 25.39 16.16 22.43
CA ASP F 128 26.13 15.04 21.91
C ASP F 128 26.39 14.11 23.09
N PRO F 129 26.10 12.83 22.96
CA PRO F 129 26.18 11.94 24.13
C PRO F 129 27.62 11.53 24.39
N PRO F 130 27.94 11.20 25.63
CA PRO F 130 29.25 10.63 25.90
C PRO F 130 29.27 9.16 25.53
N VAL F 131 30.46 8.62 25.36
CA VAL F 131 30.58 7.25 24.88
C VAL F 131 30.61 6.28 26.05
N ILE F 132 29.83 5.21 25.94
CA ILE F 132 29.90 4.09 26.88
C ILE F 132 30.30 2.86 26.08
N GLY F 133 31.33 2.15 26.56
CA GLY F 133 31.71 0.90 25.94
C GLY F 133 32.46 1.07 24.65
N ARG F 134 32.61 0.00 23.90
CA ARG F 134 33.31 0.08 22.62
C ARG F 134 32.36 0.22 21.44
N GLU F 135 31.11 -0.23 21.59
CA GLU F 135 30.15 -0.19 20.50
C GLU F 135 29.55 1.20 20.41
N LYS F 136 29.31 1.67 19.19
CA LYS F 136 28.61 2.92 18.93
C LYS F 136 27.13 2.56 18.96
N PHE F 137 26.58 2.54 20.16
CA PHE F 137 25.18 2.20 20.37
C PHE F 137 24.49 3.38 21.04
N HIS F 138 23.32 3.71 20.52
CA HIS F 138 22.59 4.89 20.96
C HIS F 138 21.47 4.55 21.93
N SER F 139 20.87 3.38 21.79
CA SER F 139 19.62 3.04 22.46
C SER F 139 19.83 2.79 23.95
N ARG F 140 18.73 2.75 24.69
CA ARG F 140 18.76 2.34 26.08
C ARG F 140 18.69 0.82 26.13
N PRO F 141 19.77 0.13 26.52
CA PRO F 141 19.89 -1.29 26.24
C PRO F 141 19.09 -2.17 27.19
N GLN F 142 18.66 -3.32 26.65
CA GLN F 142 17.94 -4.29 27.46
C GLN F 142 18.87 -4.99 28.43
N HIS F 143 19.88 -5.69 27.92
CA HIS F 143 20.89 -6.30 28.76
C HIS F 143 22.28 -5.94 28.23
N ARG F 144 23.28 -6.00 29.10
CA ARG F 144 24.64 -5.76 28.67
C ARG F 144 25.51 -5.26 29.80
N LYS F 145 26.59 -4.58 29.41
CA LYS F 145 27.67 -4.25 30.31
C LYS F 145 27.28 -3.12 31.25
N GLU F 146 27.66 -3.26 32.52
CA GLU F 146 27.43 -2.22 33.50
C GLU F 146 28.52 -1.17 33.37
N LEU F 147 28.14 0.03 32.96
CA LEU F 147 29.01 1.18 32.96
C LEU F 147 28.61 2.12 34.08
N PRO F 148 29.42 2.22 35.13
CA PRO F 148 29.13 3.22 36.16
C PRO F 148 29.50 4.61 35.62
N CYS F 149 28.48 5.45 35.47
CA CYS F 149 28.70 6.73 34.82
C CYS F 149 28.01 7.83 35.61
N SER F 150 27.98 9.01 35.01
CA SER F 150 27.36 10.18 35.61
C SER F 150 25.87 10.15 35.31
N THR F 151 25.15 11.10 35.89
CA THR F 151 23.77 11.33 35.48
C THR F 151 23.30 12.64 36.10
N TYR F 152 22.98 13.61 35.25
CA TYR F 152 22.50 14.91 35.69
C TYR F 152 21.07 14.75 36.17
N ALA F 153 20.91 14.31 37.42
CA ALA F 153 19.60 14.04 37.97
C ALA F 153 18.89 15.36 38.25
N GLN F 154 17.56 15.29 38.37
CA GLN F 154 16.75 16.46 38.67
C GLN F 154 16.55 16.65 40.16
N SER F 155 17.62 16.73 40.95
CA SER F 155 17.48 17.04 42.35
C SER F 155 17.04 18.49 42.51
N THR F 156 15.76 18.68 42.85
CA THR F 156 15.17 20.01 42.86
C THR F 156 15.59 20.80 44.09
N ALA F 157 15.91 20.10 45.18
CA ALA F 157 16.35 20.73 46.42
C ALA F 157 17.73 21.33 46.29
N ALA F 158 17.95 22.50 46.90
CA ALA F 158 19.16 23.27 46.69
C ALA F 158 20.23 22.85 47.69
N THR F 159 20.71 21.62 47.53
CA THR F 159 21.87 21.14 48.28
C THR F 159 23.10 21.52 47.49
N ALA F 160 23.64 22.69 47.81
CA ALA F 160 24.67 23.31 47.00
C ALA F 160 24.05 24.07 45.84
N GLU F 161 22.73 24.23 45.86
CA GLU F 161 22.05 24.99 44.83
C GLU F 161 21.92 26.44 45.26
N GLU F 162 22.23 27.33 44.32
CA GLU F 162 22.26 28.76 44.59
C GLU F 162 22.05 29.52 43.29
N ILE F 163 20.85 30.03 43.12
CA ILE F 163 20.52 30.90 42.00
C ILE F 163 20.67 32.33 42.49
N GLU F 164 21.37 33.15 41.70
CA GLU F 164 21.60 34.54 42.05
C GLU F 164 20.37 35.36 41.68
N VAL F 165 19.52 35.58 42.68
CA VAL F 165 18.35 36.43 42.52
C VAL F 165 18.66 37.82 43.07
N HIS F 166 17.88 38.79 42.65
CA HIS F 166 18.06 40.15 43.13
C HIS F 166 16.90 41.00 42.63
N MET F 167 16.62 42.06 43.36
CA MET F 167 15.70 43.06 42.86
C MET F 167 16.38 43.80 41.71
N PRO F 168 15.89 43.63 40.49
CA PRO F 168 16.63 44.09 39.31
C PRO F 168 16.43 45.57 39.07
N PRO F 169 16.83 46.06 37.89
CA PRO F 169 16.54 47.45 37.54
C PRO F 169 15.05 47.65 37.29
N ASP F 170 14.68 48.93 37.18
CA ASP F 170 13.27 49.33 37.17
C ASP F 170 12.60 48.94 35.87
N THR F 171 11.46 48.25 35.98
CA THR F 171 10.79 47.68 34.82
C THR F 171 10.14 48.82 34.07
N PRO F 172 10.57 49.13 32.84
CA PRO F 172 10.00 50.26 32.10
C PRO F 172 8.58 49.97 31.64
N ASP F 173 7.80 51.04 31.47
CA ASP F 173 6.39 50.91 31.13
C ASP F 173 5.99 52.11 30.30
N ARG F 174 5.45 51.86 29.11
CA ARG F 174 4.89 52.95 28.33
C ARG F 174 3.51 53.36 28.81
N THR F 175 2.83 52.51 29.57
CA THR F 175 1.55 52.89 30.15
C THR F 175 1.72 53.76 31.38
N LEU F 176 2.92 53.82 31.95
CA LEU F 176 3.17 54.65 33.11
C LEU F 176 3.18 56.13 32.77
N MET F 177 3.64 56.49 31.57
CA MET F 177 3.46 57.83 31.07
C MET F 177 1.99 58.02 30.73
N SER F 178 1.36 58.96 31.42
CA SER F 178 -0.07 59.14 31.28
C SER F 178 -0.32 60.24 30.26
N GLN F 179 -1.50 60.16 29.63
CA GLN F 179 -1.96 61.16 28.69
C GLN F 179 -2.32 62.40 29.48
N GLN F 180 -1.32 63.26 29.71
CA GLN F 180 -1.51 64.53 30.38
C GLN F 180 -1.47 65.61 29.30
N SER F 181 -1.08 65.20 28.10
CA SER F 181 -1.32 65.97 26.89
C SER F 181 -0.41 67.18 26.72
N GLY F 182 0.64 67.29 27.52
CA GLY F 182 1.45 68.49 27.57
C GLY F 182 1.55 68.89 29.03
N ASN F 183 0.64 68.34 29.81
CA ASN F 183 0.83 68.16 31.24
C ASN F 183 1.40 66.77 31.42
N VAL F 184 1.85 66.46 32.63
CA VAL F 184 2.34 65.13 32.95
C VAL F 184 1.30 64.48 33.86
N LYS F 185 0.23 63.97 33.26
CA LYS F 185 -0.89 63.44 34.03
C LYS F 185 -0.68 61.94 34.12
N ILE F 186 0.30 61.54 34.93
CA ILE F 186 0.81 60.18 34.94
C ILE F 186 -0.08 59.36 35.86
N THR F 187 -0.52 58.21 35.36
CA THR F 187 -1.26 57.24 36.16
C THR F 187 -0.24 56.25 36.69
N VAL F 188 -0.44 55.80 37.93
CA VAL F 188 0.52 54.88 38.54
C VAL F 188 0.11 53.44 38.30
N ASN F 189 -1.05 53.03 38.83
CA ASN F 189 -1.41 51.61 38.88
C ASN F 189 -0.73 50.91 40.06
N SER F 190 -0.20 51.70 40.99
CA SER F 190 0.33 51.17 42.23
C SER F 190 1.76 50.66 42.19
N GLN F 191 2.49 50.92 41.12
CA GLN F 191 3.86 50.44 40.97
C GLN F 191 4.84 51.54 41.33
N THR F 192 6.11 51.15 41.47
CA THR F 192 7.18 52.07 41.86
C THR F 192 7.54 52.94 40.66
N VAL F 193 6.74 53.96 40.43
CA VAL F 193 6.78 54.72 39.17
C VAL F 193 7.91 55.71 39.25
N ARG F 194 9.09 55.28 38.84
CA ARG F 194 10.20 56.18 38.57
C ARG F 194 9.86 56.88 37.26
N TYR F 195 9.43 58.14 37.34
CA TYR F 195 9.07 58.90 36.17
C TYR F 195 10.07 60.04 36.03
N LYS F 196 10.81 60.03 34.93
CA LYS F 196 11.70 61.13 34.59
C LYS F 196 10.96 61.97 33.56
N CYS F 197 10.34 63.05 34.01
CA CYS F 197 9.57 63.92 33.14
C CYS F 197 10.54 64.76 32.32
N ASN F 198 10.24 64.89 31.03
CA ASN F 198 10.95 65.79 30.14
C ASN F 198 10.25 67.14 30.06
N CYS F 199 10.14 67.80 31.21
CA CYS F 199 9.59 69.13 31.29
C CYS F 199 10.29 69.86 32.43
N GLY F 200 9.86 71.09 32.66
CA GLY F 200 10.53 71.95 33.62
C GLY F 200 10.19 71.61 35.05
N ASP F 201 11.06 72.07 35.95
CA ASP F 201 10.88 71.90 37.37
C ASP F 201 11.04 70.46 37.83
N SER F 202 9.95 69.92 38.37
CA SER F 202 9.91 68.56 38.87
C SER F 202 9.67 67.64 37.68
N ASN F 203 10.72 67.40 36.90
CA ASN F 203 10.63 66.35 35.90
C ASN F 203 11.22 65.05 36.43
N GLU F 204 11.12 64.78 37.72
CA GLU F 204 11.67 63.60 38.37
C GLU F 204 10.57 62.96 39.20
N GLY F 205 10.95 62.04 40.07
CA GLY F 205 10.02 61.42 40.97
C GLY F 205 9.92 59.91 40.77
N LEU F 206 10.23 59.19 41.85
CA LEU F 206 9.94 57.77 41.98
C LEU F 206 8.55 57.69 42.63
N THR F 207 7.52 58.01 41.86
CA THR F 207 6.20 58.29 42.39
C THR F 207 5.46 57.01 42.73
N THR F 208 4.59 57.08 43.73
CA THR F 208 3.70 55.99 44.10
C THR F 208 2.25 56.20 43.68
N THR F 209 1.89 57.39 43.23
CA THR F 209 0.53 57.70 42.81
C THR F 209 0.57 58.49 41.51
N ASP F 210 -0.60 58.84 41.01
CA ASP F 210 -0.68 59.58 39.75
C ASP F 210 -0.48 61.07 39.98
N LYS F 211 0.25 61.71 39.08
CA LYS F 211 0.55 63.13 39.21
C LYS F 211 0.01 63.87 38.01
N VAL F 212 0.09 65.20 38.07
CA VAL F 212 -0.29 66.09 36.98
C VAL F 212 0.79 67.15 36.87
N ILE F 213 1.34 67.29 35.67
CA ILE F 213 2.50 68.14 35.44
C ILE F 213 2.04 69.25 34.51
N ASN F 214 2.55 70.45 34.73
CA ASN F 214 2.42 71.52 33.75
C ASN F 214 3.72 71.68 32.98
N ASN F 215 3.60 72.00 31.69
CA ASN F 215 4.72 72.43 30.87
C ASN F 215 5.69 71.28 30.56
N CYS F 216 5.16 70.08 30.47
CA CYS F 216 5.97 68.89 30.23
C CYS F 216 5.12 67.88 29.49
N LYS F 217 5.55 67.53 28.28
CA LYS F 217 4.77 66.71 27.38
C LYS F 217 4.70 65.26 27.85
N VAL F 218 3.70 64.54 27.33
CA VAL F 218 3.53 63.12 27.66
C VAL F 218 4.63 62.30 27.00
N ASP F 219 5.16 62.79 25.87
CA ASP F 219 6.34 62.17 25.29
C ASP F 219 7.60 62.49 26.08
N GLN F 220 7.56 63.54 26.90
CA GLN F 220 8.69 63.85 27.76
C GLN F 220 8.82 62.92 28.96
N CYS F 221 7.72 62.34 29.44
CA CYS F 221 7.77 61.59 30.68
C CYS F 221 8.11 60.14 30.39
N HIS F 222 9.27 59.71 30.89
CA HIS F 222 9.70 58.33 30.75
C HIS F 222 9.51 57.67 32.10
N ALA F 223 8.51 56.81 32.18
CA ALA F 223 8.11 56.22 33.45
C ALA F 223 8.45 54.75 33.43
N ALA F 224 8.69 54.20 34.62
CA ALA F 224 9.00 52.79 34.74
C ALA F 224 8.55 52.34 36.12
N VAL F 225 8.33 51.05 36.27
CA VAL F 225 7.87 50.49 37.53
C VAL F 225 9.08 49.93 38.26
N THR F 226 9.10 50.09 39.58
CA THR F 226 10.26 49.79 40.40
C THR F 226 10.36 48.29 40.58
N ASN F 227 11.35 47.68 39.92
CA ASN F 227 11.54 46.23 39.89
C ASN F 227 12.30 45.79 41.14
N HIS F 228 11.64 45.96 42.29
CA HIS F 228 12.20 45.71 43.61
C HIS F 228 11.26 44.93 44.50
N LYS F 229 10.34 44.15 43.92
CA LYS F 229 9.40 43.37 44.69
C LYS F 229 9.85 41.94 44.99
N LYS F 230 10.74 41.37 44.18
CA LYS F 230 11.22 40.00 44.38
C LYS F 230 12.66 39.89 43.88
N TRP F 231 13.32 38.79 44.24
CA TRP F 231 14.60 38.43 43.67
C TRP F 231 14.37 37.67 42.37
N GLN F 232 15.00 38.13 41.30
CA GLN F 232 14.93 37.49 40.01
C GLN F 232 16.29 36.93 39.68
N TYR F 233 16.32 35.88 38.87
CA TYR F 233 17.54 35.12 38.63
C TYR F 233 18.50 35.91 37.76
N ASN F 234 19.46 36.58 38.41
CA ASN F 234 20.22 37.65 37.80
C ASN F 234 21.26 37.13 36.82
N SER F 235 20.81 36.69 35.68
CA SER F 235 21.69 36.22 34.62
C SER F 235 22.10 37.40 33.77
N PRO F 236 23.08 37.22 32.88
CA PRO F 236 23.55 38.34 32.03
C PRO F 236 22.52 38.77 30.99
N LEU F 237 21.68 37.88 30.52
CA LEU F 237 20.68 38.22 29.52
C LEU F 237 19.53 39.03 30.09
N VAL F 238 19.40 39.11 31.41
CA VAL F 238 18.37 39.94 32.02
C VAL F 238 19.02 41.29 32.30
N PRO F 239 18.26 42.38 32.26
CA PRO F 239 18.83 43.68 32.63
C PRO F 239 18.99 43.75 34.14
N ARG F 240 20.25 43.69 34.56
CA ARG F 240 20.58 43.78 35.96
C ARG F 240 20.41 45.21 36.46
N ASN F 241 20.37 45.35 37.77
CA ASN F 241 20.17 46.65 38.40
C ASN F 241 21.42 47.50 38.26
N ALA F 242 21.31 48.57 37.47
CA ALA F 242 22.33 49.61 37.50
C ALA F 242 22.11 50.53 38.70
N GLU F 243 20.92 50.50 39.28
CA GLU F 243 20.63 51.12 40.57
C GLU F 243 20.87 50.18 41.73
N LEU F 244 21.47 49.03 41.47
CA LEU F 244 21.90 48.12 42.52
C LEU F 244 23.38 47.86 42.33
N GLY F 245 24.04 47.46 43.41
CA GLY F 245 25.44 47.11 43.36
C GLY F 245 25.63 45.62 43.35
N ASP F 246 25.98 45.07 44.50
CA ASP F 246 26.05 43.62 44.68
C ASP F 246 25.04 43.12 45.70
N ARG F 247 24.01 43.91 46.00
CA ARG F 247 22.97 43.49 46.93
C ARG F 247 22.07 42.48 46.23
N LYS F 248 22.44 41.21 46.30
CA LYS F 248 21.72 40.15 45.63
C LYS F 248 21.85 38.88 46.45
N GLY F 249 20.76 38.10 46.45
CA GLY F 249 20.69 36.88 47.21
C GLY F 249 20.93 35.67 46.33
N LYS F 250 21.00 34.51 46.98
CA LYS F 250 21.24 33.25 46.30
C LYS F 250 20.37 32.20 46.97
N VAL F 251 19.46 31.62 46.20
CA VAL F 251 18.45 30.71 46.70
C VAL F 251 18.84 29.30 46.29
N HIS F 252 18.07 28.32 46.75
CA HIS F 252 18.30 26.93 46.39
C HIS F 252 18.08 26.70 44.89
N ILE F 253 18.76 25.69 44.35
CA ILE F 253 18.77 25.48 42.91
C ILE F 253 18.23 24.09 42.60
N PRO F 254 17.68 23.87 41.41
CA PRO F 254 17.25 22.52 41.03
C PRO F 254 18.36 21.76 40.32
N PHE F 255 18.04 20.51 39.97
CA PHE F 255 18.82 19.65 39.08
C PHE F 255 20.18 19.22 39.63
N PRO F 256 20.21 18.43 40.70
CA PRO F 256 21.48 17.90 41.20
C PRO F 256 21.87 16.58 40.53
N LEU F 257 23.04 16.59 39.91
CA LEU F 257 23.57 15.39 39.28
C LEU F 257 24.09 14.42 40.32
N ALA F 258 24.07 13.14 39.97
CA ALA F 258 24.53 12.06 40.85
C ALA F 258 25.22 10.99 40.01
N ASN F 259 25.63 9.91 40.67
CA ASN F 259 26.33 8.82 40.03
C ASN F 259 25.37 7.66 39.79
N VAL F 260 25.31 7.17 38.55
CA VAL F 260 24.39 6.11 38.19
C VAL F 260 25.13 5.03 37.41
N THR F 261 24.40 4.11 36.81
CA THR F 261 24.97 3.06 35.99
C THR F 261 24.27 3.10 34.63
N CYS F 262 24.77 2.29 33.70
CA CYS F 262 24.18 2.17 32.37
C CYS F 262 24.39 0.74 31.86
N ARG F 263 23.50 0.29 31.00
CA ARG F 263 23.64 -1.01 30.35
C ARG F 263 24.08 -0.80 28.92
N VAL F 264 25.11 -1.53 28.50
CA VAL F 264 25.68 -1.36 27.16
C VAL F 264 25.55 -2.67 26.40
N PRO F 265 25.76 -2.69 25.09
CA PRO F 265 25.70 -3.95 24.35
C PRO F 265 27.05 -4.63 24.25
N LYS F 266 27.00 -5.94 24.05
CA LYS F 266 28.17 -6.75 23.71
C LYS F 266 27.77 -7.62 22.53
N ALA F 267 28.26 -7.30 21.35
CA ALA F 267 27.76 -7.91 20.13
C ALA F 267 28.41 -9.26 19.89
N ARG F 268 27.90 -9.99 18.91
CA ARG F 268 28.36 -11.35 18.67
C ARG F 268 29.72 -11.33 17.98
N ASN F 269 30.71 -11.93 18.65
CA ASN F 269 32.05 -11.99 18.13
C ASN F 269 32.11 -12.99 16.98
N PRO F 270 32.75 -12.66 15.87
CA PRO F 270 32.68 -13.54 14.69
C PRO F 270 33.60 -14.74 14.81
N THR F 271 33.57 -15.56 13.77
CA THR F 271 34.39 -16.76 13.72
C THR F 271 35.84 -16.38 13.48
N VAL F 272 36.75 -17.06 14.15
CA VAL F 272 38.18 -16.78 14.04
C VAL F 272 38.87 -18.00 13.45
N THR F 273 39.10 -17.98 12.15
CA THR F 273 39.89 -19.01 11.49
C THR F 273 41.35 -18.78 11.85
N TYR F 274 41.95 -19.75 12.51
CA TYR F 274 43.32 -19.63 12.99
C TYR F 274 44.30 -20.27 12.03
N GLY F 275 45.06 -19.43 11.32
CA GLY F 275 46.19 -19.86 10.54
C GLY F 275 47.44 -19.34 11.22
N LYS F 276 48.57 -19.49 10.53
CA LYS F 276 49.89 -19.47 11.14
C LYS F 276 50.27 -18.08 11.64
N ASN F 277 49.95 -17.82 12.90
CA ASN F 277 50.21 -16.54 13.55
C ASN F 277 49.14 -15.50 13.23
N GLN F 278 48.11 -15.88 12.49
CA GLN F 278 47.12 -14.92 12.04
C GLN F 278 45.74 -15.56 12.10
N VAL F 279 44.85 -14.91 12.83
CA VAL F 279 43.47 -15.35 12.99
C VAL F 279 42.57 -14.36 12.28
N ILE F 280 41.76 -14.85 11.35
CA ILE F 280 40.78 -14.02 10.67
C ILE F 280 39.50 -14.10 11.48
N MET F 281 39.14 -13.00 12.11
CA MET F 281 37.89 -12.88 12.84
C MET F 281 36.89 -12.13 11.96
N LEU F 282 35.88 -12.84 11.48
CA LEU F 282 34.87 -12.28 10.58
C LEU F 282 33.77 -11.66 11.43
N LEU F 283 34.04 -10.49 11.99
CA LEU F 283 33.09 -9.86 12.90
C LEU F 283 32.04 -9.12 12.11
N TYR F 284 30.79 -9.19 12.58
CA TYR F 284 29.68 -8.43 12.00
C TYR F 284 29.09 -7.54 13.08
N PRO F 285 29.62 -6.33 13.25
CA PRO F 285 29.13 -5.47 14.34
C PRO F 285 27.87 -4.73 13.92
N ASP F 286 26.97 -4.55 14.89
CA ASP F 286 25.70 -3.85 14.66
C ASP F 286 25.69 -2.43 15.21
N HIS F 287 26.70 -2.05 15.98
CA HIS F 287 26.94 -0.65 16.33
C HIS F 287 28.38 -0.34 15.96
N PRO F 288 28.80 0.93 16.09
CA PRO F 288 30.18 1.26 15.71
C PRO F 288 31.16 0.76 16.77
N THR F 289 31.79 -0.37 16.50
CA THR F 289 32.42 -1.14 17.57
C THR F 289 33.84 -0.64 17.77
N LEU F 290 34.27 -0.56 19.01
CA LEU F 290 35.68 -0.37 19.29
C LEU F 290 36.30 -1.76 19.44
N LEU F 291 37.05 -2.17 18.43
CA LEU F 291 37.81 -3.42 18.46
C LEU F 291 39.28 -3.04 18.56
N SER F 292 39.94 -3.53 19.58
CA SER F 292 41.34 -3.20 19.81
C SER F 292 42.16 -4.47 19.83
N TYR F 293 43.31 -4.40 19.19
CA TYR F 293 44.32 -5.44 19.28
C TYR F 293 45.49 -4.84 20.05
N ARG F 294 46.01 -5.64 20.97
CA ARG F 294 47.18 -5.26 21.75
C ARG F 294 48.13 -6.44 21.73
N ASN F 295 49.42 -6.14 21.77
CA ASN F 295 50.43 -7.19 21.83
C ASN F 295 50.36 -7.85 23.20
N MET F 296 50.71 -9.12 23.26
CA MET F 296 50.62 -9.85 24.51
C MET F 296 51.77 -9.55 25.44
N GLY F 297 52.82 -8.89 24.96
CA GLY F 297 53.97 -8.57 25.78
C GLY F 297 54.26 -7.08 25.87
N GLU F 298 55.55 -6.73 25.85
CA GLU F 298 55.99 -5.35 26.11
C GLU F 298 55.59 -4.41 24.98
N GLU F 299 55.96 -4.73 23.74
CA GLU F 299 55.63 -3.87 22.61
C GLU F 299 54.17 -4.12 22.24
N PRO F 300 53.24 -3.27 22.67
CA PRO F 300 51.83 -3.58 22.42
C PRO F 300 51.39 -3.30 21.00
N ASN F 301 51.75 -2.14 20.46
CA ASN F 301 51.28 -1.68 19.16
C ASN F 301 49.76 -1.55 19.14
N TYR F 302 49.26 -0.75 20.08
CA TYR F 302 47.88 -0.83 20.51
C TYR F 302 46.94 -0.26 19.45
N GLN F 303 46.49 -1.15 18.57
CA GLN F 303 45.62 -0.78 17.47
C GLN F 303 44.20 -0.80 18.00
N GLU F 304 43.39 0.13 17.50
CA GLU F 304 41.98 0.19 17.81
C GLU F 304 41.25 0.71 16.57
N GLU F 305 40.05 0.19 16.36
CA GLU F 305 39.28 0.52 15.17
C GLU F 305 37.82 0.61 15.55
N TRP F 306 37.08 1.46 14.85
CA TRP F 306 35.65 1.57 15.02
C TRP F 306 34.99 0.94 13.81
N VAL F 307 34.04 0.06 14.06
CA VAL F 307 33.45 -0.77 13.01
C VAL F 307 32.05 -0.25 12.71
N THR F 308 31.74 -0.13 11.42
CA THR F 308 30.41 0.21 10.93
C THR F 308 29.71 -0.95 10.25
N HIS F 309 30.36 -1.60 9.28
CA HIS F 309 29.79 -2.76 8.64
C HIS F 309 30.51 -4.01 9.11
N LYS F 310 30.17 -5.16 8.54
CA LYS F 310 30.90 -6.38 8.86
C LYS F 310 32.29 -6.32 8.23
N LYS F 311 33.27 -6.95 8.87
CA LYS F 311 34.62 -6.99 8.33
C LYS F 311 35.38 -8.14 8.98
N GLU F 312 36.34 -8.68 8.25
CA GLU F 312 37.17 -9.77 8.75
C GLU F 312 38.53 -9.21 9.13
N VAL F 313 38.73 -8.96 10.41
CA VAL F 313 40.01 -8.50 10.93
C VAL F 313 40.97 -9.67 10.89
N ILE F 314 42.00 -9.56 10.05
CA ILE F 314 43.04 -10.58 9.97
C ILE F 314 44.09 -10.19 10.99
N ARG F 315 43.87 -10.58 12.24
CA ARG F 315 44.78 -10.28 13.33
C ARG F 315 46.03 -11.14 13.20
N THR F 316 47.14 -10.50 12.84
CA THR F 316 48.42 -11.17 12.86
C THR F 316 48.88 -11.26 14.31
N VAL F 317 48.51 -12.34 14.97
CA VAL F 317 48.61 -12.48 16.42
C VAL F 317 50.08 -12.71 16.76
N PRO F 318 50.61 -12.06 17.79
CA PRO F 318 52.02 -12.27 18.15
C PRO F 318 52.20 -13.59 18.90
N THR F 319 53.47 -14.00 18.97
CA THR F 319 53.83 -15.10 19.86
C THR F 319 53.62 -14.71 21.32
N GLU F 320 53.88 -13.45 21.64
CA GLU F 320 53.48 -12.93 22.95
C GLU F 320 51.96 -12.86 23.06
N GLY F 321 51.27 -12.56 21.98
CA GLY F 321 49.83 -12.68 22.00
C GLY F 321 49.14 -11.42 21.56
N LEU F 322 47.81 -11.47 21.57
CA LEU F 322 46.99 -10.33 21.17
C LEU F 322 45.73 -10.31 22.03
N GLU F 323 45.51 -9.18 22.67
CA GLU F 323 44.26 -8.91 23.35
C GLU F 323 43.35 -8.20 22.36
N VAL F 324 42.15 -8.74 22.15
CA VAL F 324 41.21 -8.22 21.17
C VAL F 324 39.95 -7.80 21.90
N THR F 325 39.91 -6.55 22.32
CA THR F 325 38.75 -6.00 23.01
C THR F 325 37.81 -5.44 21.96
N TRP F 326 36.82 -6.23 21.56
CA TRP F 326 35.82 -5.80 20.58
C TRP F 326 34.50 -5.72 21.33
N GLY F 327 33.68 -4.75 20.97
CA GLY F 327 32.38 -4.61 21.59
C GLY F 327 32.46 -4.12 23.02
N ASN F 328 31.61 -4.70 23.87
CA ASN F 328 31.64 -4.40 25.29
C ASN F 328 32.18 -5.56 26.12
N ASN F 329 32.59 -6.64 25.49
CA ASN F 329 32.95 -7.84 26.25
C ASN F 329 34.40 -7.78 26.71
N GLU F 330 34.82 -8.84 27.38
CA GLU F 330 36.23 -8.99 27.76
C GLU F 330 37.06 -9.26 26.51
N PRO F 331 38.34 -8.90 26.50
CA PRO F 331 39.13 -9.01 25.27
C PRO F 331 39.52 -10.45 25.01
N TYR F 332 39.48 -10.83 23.74
CA TYR F 332 39.81 -12.18 23.34
C TYR F 332 41.31 -12.38 23.45
N LYS F 333 41.71 -13.62 23.68
CA LYS F 333 43.11 -13.96 23.87
C LYS F 333 43.67 -14.53 22.58
N TYR F 334 44.89 -14.18 22.28
CA TYR F 334 45.64 -14.77 21.19
C TYR F 334 46.98 -15.21 21.73
N TRP F 335 47.15 -16.52 21.87
CA TRP F 335 48.42 -17.17 22.12
C TRP F 335 48.61 -17.95 20.83
N PRO F 336 49.81 -17.98 20.29
CA PRO F 336 50.00 -18.73 19.05
C PRO F 336 50.13 -20.21 19.34
N GLN F 337 49.27 -20.99 18.70
CA GLN F 337 49.26 -22.43 18.89
C GLN F 337 50.42 -23.05 18.14
N LEU F 338 51.18 -23.89 18.83
CA LEU F 338 52.40 -24.46 18.28
C LEU F 338 52.14 -25.54 17.24
N ASN G 1 -17.14 -15.21 12.32
CA ASN G 1 -17.19 -13.96 13.08
C ASN G 1 -15.79 -13.45 13.34
N PHE G 2 -14.93 -14.37 13.79
CA PHE G 2 -13.53 -14.10 14.08
C PHE G 2 -13.29 -13.08 15.18
N ASN G 3 -13.73 -13.40 16.40
CA ASN G 3 -13.41 -12.59 17.58
C ASN G 3 -11.99 -12.97 17.98
N VAL G 4 -11.00 -12.36 17.32
CA VAL G 4 -9.60 -12.74 17.49
C VAL G 4 -9.07 -12.32 18.84
N TYR G 5 -9.66 -11.31 19.45
CA TYR G 5 -9.32 -10.99 20.83
C TYR G 5 -10.12 -11.82 21.83
N LYS G 6 -11.04 -12.68 21.36
CA LYS G 6 -11.75 -13.56 22.27
C LYS G 6 -10.83 -14.61 22.85
N ALA G 7 -10.06 -15.30 22.01
CA ALA G 7 -8.97 -16.12 22.48
C ALA G 7 -7.75 -15.27 22.80
N ILE G 8 -7.73 -14.04 22.30
CA ILE G 8 -6.66 -13.11 22.57
C ILE G 8 -6.76 -12.57 23.99
N ARG G 9 -5.71 -11.88 24.40
CA ARG G 9 -5.65 -11.21 25.69
C ARG G 9 -4.54 -10.19 25.60
N PRO G 10 -4.80 -8.94 25.99
CA PRO G 10 -3.73 -7.95 26.00
C PRO G 10 -2.75 -8.22 27.13
N TYR G 11 -1.53 -8.54 26.73
CA TYR G 11 -0.50 -8.96 27.67
C TYR G 11 0.50 -7.83 27.84
N LEU G 12 0.61 -7.36 29.08
CA LEU G 12 1.56 -6.32 29.43
C LEU G 12 2.91 -6.97 29.68
N ALA G 13 3.86 -6.70 28.78
CA ALA G 13 5.17 -7.33 28.84
C ALA G 13 6.21 -6.29 29.21
N HIS G 14 7.33 -6.76 29.76
CA HIS G 14 8.35 -5.85 30.26
C HIS G 14 9.18 -5.29 29.12
N CYS G 15 8.66 -4.23 28.50
CA CYS G 15 9.38 -3.50 27.49
C CYS G 15 10.48 -2.74 28.23
N PRO G 16 11.74 -2.85 27.79
CA PRO G 16 12.81 -2.19 28.55
C PRO G 16 12.93 -0.70 28.28
N ASP G 17 12.86 -0.27 27.03
CA ASP G 17 12.97 1.15 26.73
C ASP G 17 11.55 1.65 26.53
N CYS G 18 10.86 1.94 27.64
CA CYS G 18 9.50 2.45 27.60
C CYS G 18 9.45 3.97 27.54
N GLY G 19 10.57 4.63 27.76
CA GLY G 19 10.60 6.07 27.92
C GLY G 19 11.04 6.40 29.33
N GLU G 20 12.06 7.23 29.47
CA GLU G 20 12.65 7.53 30.77
C GLU G 20 13.55 6.40 31.26
N GLY G 21 13.99 5.55 30.34
CA GLY G 21 15.00 4.55 30.64
C GLY G 21 14.55 3.32 31.39
N HIS G 22 13.33 3.29 31.91
CA HIS G 22 12.90 2.23 32.81
C HIS G 22 12.10 1.19 32.05
N SER G 23 12.27 -0.07 32.41
CA SER G 23 11.43 -1.13 31.90
C SER G 23 10.07 -1.06 32.58
N CYS G 24 9.03 -1.43 31.85
CA CYS G 24 7.69 -1.44 32.40
C CYS G 24 6.91 -2.53 31.69
N HIS G 25 5.89 -3.05 32.37
CA HIS G 25 5.10 -4.15 31.85
C HIS G 25 3.95 -3.59 31.01
N SER G 26 4.30 -2.93 29.92
CA SER G 26 3.25 -2.30 29.13
C SER G 26 2.84 -3.23 27.99
N PRO G 27 1.61 -3.11 27.50
CA PRO G 27 1.18 -3.90 26.33
C PRO G 27 1.60 -3.34 24.98
N VAL G 28 2.39 -2.26 24.97
CA VAL G 28 2.89 -1.71 23.72
C VAL G 28 4.36 -2.09 23.59
N ALA G 29 4.75 -3.21 24.19
CA ALA G 29 6.09 -3.74 24.02
C ALA G 29 6.27 -4.28 22.61
N LEU G 30 7.38 -3.91 21.98
CA LEU G 30 7.66 -4.33 20.62
C LEU G 30 8.07 -5.78 20.65
N GLU G 31 7.11 -6.67 20.45
CA GLU G 31 7.34 -8.11 20.47
C GLU G 31 8.15 -8.56 19.26
N ARG G 32 7.63 -8.33 18.06
CA ARG G 32 8.36 -8.75 16.87
C ARG G 32 8.25 -7.64 15.85
N ILE G 33 9.37 -6.99 15.58
CA ILE G 33 9.45 -5.93 14.59
C ILE G 33 9.66 -6.61 13.25
N ARG G 34 8.57 -6.91 12.56
CA ARG G 34 8.64 -7.54 11.25
C ARG G 34 9.11 -6.51 10.24
N ASN G 35 10.38 -6.63 9.83
CA ASN G 35 10.98 -5.71 8.88
C ASN G 35 11.25 -6.42 7.56
N GLU G 36 10.44 -7.45 7.28
CA GLU G 36 10.66 -8.27 6.11
C GLU G 36 10.20 -7.63 4.80
N ALA G 37 9.33 -6.63 4.87
CA ALA G 37 8.71 -6.08 3.67
C ALA G 37 9.69 -5.23 2.89
N THR G 38 9.78 -5.46 1.58
CA THR G 38 10.74 -4.74 0.76
C THR G 38 10.34 -3.30 0.48
N ASP G 39 9.06 -2.95 0.66
CA ASP G 39 8.61 -1.63 0.25
C ASP G 39 8.37 -0.67 1.41
N GLY G 40 8.62 -1.08 2.66
CA GLY G 40 8.53 -0.17 3.77
C GLY G 40 7.50 -0.52 4.82
N THR G 41 6.80 -1.62 4.68
CA THR G 41 5.81 -2.00 5.67
C THR G 41 6.50 -2.66 6.86
N LEU G 42 6.55 -1.96 7.98
CA LEU G 42 7.13 -2.48 9.21
C LEU G 42 6.00 -2.97 10.10
N LYS G 43 6.07 -4.24 10.49
CA LYS G 43 5.04 -4.86 11.31
C LYS G 43 5.59 -4.96 12.74
N ILE G 44 5.15 -4.07 13.60
CA ILE G 44 5.47 -4.13 15.02
C ILE G 44 4.53 -5.14 15.67
N GLN G 45 5.10 -6.06 16.45
CA GLN G 45 4.33 -7.01 17.23
C GLN G 45 3.84 -6.31 18.49
N VAL G 46 2.52 -6.32 18.71
CA VAL G 46 1.93 -5.57 19.81
C VAL G 46 1.45 -6.54 20.88
N SER G 47 1.96 -6.32 22.10
CA SER G 47 1.62 -7.19 23.23
C SER G 47 0.22 -6.95 23.75
N LEU G 48 -0.34 -5.77 23.50
CA LEU G 48 -1.74 -5.53 23.81
C LEU G 48 -2.59 -5.79 22.57
N GLN G 49 -3.88 -5.54 22.70
CA GLN G 49 -4.83 -5.64 21.60
C GLN G 49 -4.91 -4.28 20.93
N ILE G 50 -3.90 -3.96 20.14
CA ILE G 50 -3.82 -2.70 19.42
C ILE G 50 -4.78 -2.77 18.24
N GLY G 51 -5.67 -1.79 18.15
CA GLY G 51 -6.73 -1.79 17.17
C GLY G 51 -7.96 -2.57 17.56
N ILE G 52 -7.89 -3.41 18.59
CA ILE G 52 -9.03 -4.19 19.05
C ILE G 52 -9.55 -3.52 20.31
N LYS G 53 -10.85 -3.63 20.52
CA LYS G 53 -11.50 -3.03 21.68
C LYS G 53 -11.15 -3.82 22.93
N THR G 54 -11.14 -3.12 24.06
CA THR G 54 -10.89 -3.76 25.35
C THR G 54 -12.08 -4.62 25.78
N ASP G 55 -13.28 -4.29 25.31
CA ASP G 55 -14.47 -5.10 25.57
C ASP G 55 -14.74 -6.11 24.47
N ASP G 56 -13.78 -6.35 23.59
CA ASP G 56 -13.90 -7.25 22.45
C ASP G 56 -14.72 -6.64 21.31
N SER G 57 -14.82 -5.32 21.23
CA SER G 57 -15.47 -4.72 20.07
C SER G 57 -14.46 -4.62 18.93
N HIS G 58 -14.95 -4.75 17.72
CA HIS G 58 -14.15 -4.45 16.54
C HIS G 58 -14.29 -2.96 16.24
N ASP G 59 -13.45 -2.16 16.86
CA ASP G 59 -13.60 -0.70 16.79
C ASP G 59 -12.26 -0.11 16.38
N TRP G 60 -12.26 0.67 15.30
CA TRP G 60 -11.03 1.31 14.84
C TRP G 60 -10.60 2.44 15.77
N THR G 61 -11.55 3.05 16.47
CA THR G 61 -11.20 4.08 17.43
C THR G 61 -10.79 3.51 18.78
N LYS G 62 -10.91 2.20 18.98
CA LYS G 62 -10.69 1.60 20.29
C LYS G 62 -9.49 0.66 20.26
N LEU G 63 -8.43 1.07 20.96
CA LEU G 63 -7.28 0.21 21.14
C LEU G 63 -7.29 -0.25 22.58
N ARG G 64 -7.51 -1.54 22.80
CA ARG G 64 -7.64 -2.10 24.14
C ARG G 64 -6.27 -2.58 24.58
N TYR G 65 -5.64 -1.83 25.48
CA TYR G 65 -4.43 -2.28 26.15
C TYR G 65 -4.85 -3.07 27.37
N MET G 66 -4.40 -4.33 27.42
CA MET G 66 -4.83 -5.26 28.46
C MET G 66 -4.17 -4.87 29.78
N ASP G 67 -4.79 -3.90 30.45
CA ASP G 67 -4.20 -3.24 31.62
C ASP G 67 -4.85 -3.80 32.88
N ASN G 68 -4.01 -4.39 33.74
CA ASN G 68 -4.28 -4.68 35.14
C ASN G 68 -5.46 -5.60 35.41
N HIS G 69 -5.55 -6.70 34.67
CA HIS G 69 -6.67 -7.62 34.83
C HIS G 69 -7.92 -7.15 34.09
N MET G 70 -7.81 -6.09 33.30
CA MET G 70 -8.95 -5.73 32.48
C MET G 70 -8.47 -5.33 31.09
N PRO G 71 -9.37 -5.16 30.13
CA PRO G 71 -8.99 -4.41 28.93
C PRO G 71 -9.30 -2.94 29.13
N ALA G 72 -8.27 -2.10 29.03
CA ALA G 72 -8.45 -0.68 29.11
C ALA G 72 -8.38 -0.11 27.70
N ASP G 73 -9.51 0.42 27.24
CA ASP G 73 -9.63 0.88 25.87
C ASP G 73 -9.32 2.36 25.79
N ALA G 74 -8.49 2.73 24.83
CA ALA G 74 -8.14 4.11 24.61
C ALA G 74 -8.42 4.45 23.15
N GLU G 75 -8.15 5.71 22.81
CA GLU G 75 -8.40 6.23 21.46
C GLU G 75 -7.44 5.60 20.48
N ARG G 76 -7.85 5.55 19.20
CA ARG G 76 -7.02 4.93 18.19
C ARG G 76 -5.85 5.81 17.79
N ALA G 77 -5.93 7.11 18.09
CA ALA G 77 -4.87 8.04 17.71
C ALA G 77 -3.79 8.15 18.78
N ARG G 78 -3.85 7.32 19.81
CA ARG G 78 -2.84 7.36 20.86
C ARG G 78 -1.48 6.82 20.45
N LEU G 79 -1.43 5.99 19.42
CA LEU G 79 -0.15 5.43 19.00
C LEU G 79 0.47 6.27 17.90
N PHE G 80 1.75 6.59 18.06
CA PHE G 80 2.58 7.07 16.96
C PHE G 80 3.75 6.10 16.83
N VAL G 81 4.57 6.30 15.82
CA VAL G 81 5.75 5.46 15.61
C VAL G 81 6.94 6.36 15.33
N ARG G 82 7.66 6.73 16.40
CA ARG G 82 8.81 7.61 16.26
C ARG G 82 10.05 6.75 16.06
N THR G 83 10.49 6.65 14.80
CA THR G 83 11.74 5.96 14.49
C THR G 83 12.81 7.03 14.36
N SER G 84 12.71 7.93 13.40
CA SER G 84 13.36 9.22 13.52
C SER G 84 12.36 10.28 13.94
N ALA G 85 11.11 10.12 13.54
CA ALA G 85 10.00 10.95 13.94
C ALA G 85 8.75 10.13 13.70
N PRO G 86 7.57 10.67 14.01
CA PRO G 86 6.34 9.89 13.89
C PRO G 86 5.97 9.57 12.45
N CYS G 87 6.01 8.28 12.14
CA CYS G 87 5.78 7.77 10.79
C CYS G 87 4.32 7.37 10.59
N THR G 88 3.97 7.13 9.35
CA THR G 88 2.58 6.93 8.94
C THR G 88 2.19 5.48 9.22
N ILE G 89 1.27 5.30 10.15
CA ILE G 89 0.77 3.96 10.49
C ILE G 89 -0.25 3.56 9.44
N THR G 90 -0.03 2.42 8.79
CA THR G 90 -0.93 1.93 7.76
C THR G 90 -2.06 1.09 8.31
N GLY G 91 -1.85 0.36 9.39
CA GLY G 91 -2.91 -0.45 9.98
C GLY G 91 -2.48 -1.11 11.26
N THR G 92 -3.43 -1.49 12.10
CA THR G 92 -3.11 -2.08 13.41
C THR G 92 -4.27 -2.94 13.88
N MET G 93 -4.03 -4.24 13.96
CA MET G 93 -5.06 -5.19 14.38
C MET G 93 -4.42 -6.15 15.37
N GLY G 94 -4.82 -6.03 16.64
CA GLY G 94 -4.52 -7.03 17.65
C GLY G 94 -3.06 -7.06 18.02
N HIS G 95 -2.41 -8.14 17.61
CA HIS G 95 -0.99 -8.33 17.83
C HIS G 95 -0.13 -7.65 16.78
N PHE G 96 -0.67 -7.35 15.61
CA PHE G 96 0.12 -6.76 14.54
C PHE G 96 -0.17 -5.28 14.40
N ILE G 97 0.85 -4.52 14.01
CA ILE G 97 0.67 -3.12 13.60
C ILE G 97 1.67 -2.82 12.50
N LEU G 98 1.18 -2.69 11.26
CA LEU G 98 2.02 -2.45 10.10
C LEU G 98 1.91 -0.98 9.72
N ALA G 99 3.06 -0.35 9.54
CA ALA G 99 3.13 1.09 9.29
C ALA G 99 4.34 1.43 8.42
N ARG G 100 4.40 2.69 8.01
CA ARG G 100 5.50 3.22 7.21
C ARG G 100 6.12 4.37 8.01
N CYS G 101 7.31 4.15 8.53
CA CYS G 101 8.04 5.16 9.27
C CYS G 101 9.12 5.79 8.41
N PRO G 102 9.80 6.81 8.91
CA PRO G 102 10.96 7.36 8.23
C PRO G 102 12.22 6.55 8.56
N LYS G 103 13.35 7.09 8.11
CA LYS G 103 14.64 6.45 8.38
C LYS G 103 15.03 6.60 9.84
N GLY G 104 15.72 5.59 10.38
CA GLY G 104 16.11 5.61 11.78
C GLY G 104 16.73 4.30 12.23
N GLU G 105 17.33 4.35 13.43
CA GLU G 105 18.02 3.22 14.01
C GLU G 105 17.43 2.75 15.34
N THR G 106 16.82 3.64 16.10
CA THR G 106 15.97 3.24 17.22
C THR G 106 14.55 3.46 16.76
N LEU G 107 13.62 2.77 17.41
CA LEU G 107 12.22 2.86 17.05
C LEU G 107 11.43 2.81 18.34
N THR G 108 10.76 3.91 18.68
CA THR G 108 9.85 3.97 19.80
C THR G 108 8.44 4.00 19.24
N VAL G 109 7.74 2.89 19.35
CA VAL G 109 6.32 2.82 19.07
C VAL G 109 5.63 3.40 20.29
N GLY G 110 5.03 4.58 20.13
CA GLY G 110 4.30 5.21 21.21
C GLY G 110 2.85 4.80 21.15
N PHE G 111 2.27 4.60 22.33
CA PHE G 111 0.87 4.20 22.42
C PHE G 111 0.22 4.99 23.54
N THR G 112 -1.03 5.37 23.31
CA THR G 112 -1.81 6.10 24.29
C THR G 112 -2.38 5.11 25.29
N ASP G 113 -2.30 5.45 26.56
CA ASP G 113 -2.97 4.69 27.61
C ASP G 113 -4.29 5.37 27.95
N SER G 114 -5.06 4.78 28.88
CA SER G 114 -6.33 5.38 29.29
C SER G 114 -6.09 6.62 30.14
N GLY G 115 -4.99 6.65 30.88
CA GLY G 115 -4.55 7.87 31.54
C GLY G 115 -3.45 8.52 30.71
N LYS G 116 -3.48 8.30 29.40
CA LYS G 116 -2.54 8.87 28.44
C LYS G 116 -1.12 8.36 28.63
N ILE G 117 -0.96 7.16 29.18
CA ILE G 117 0.35 6.62 29.52
C ILE G 117 1.04 6.22 28.23
N SER G 118 1.92 7.08 27.74
CA SER G 118 2.54 6.92 26.43
C SER G 118 3.55 5.80 26.49
N HIS G 119 3.08 4.58 26.31
CA HIS G 119 3.93 3.39 26.27
C HIS G 119 4.71 3.46 24.97
N SER G 120 5.92 4.00 25.06
CA SER G 120 6.74 4.20 23.89
C SER G 120 7.89 3.22 23.93
N CYS G 121 7.65 2.06 23.34
CA CYS G 121 8.60 0.96 23.32
C CYS G 121 9.72 1.35 22.37
N THR G 122 10.93 1.50 22.91
CA THR G 122 12.08 1.96 22.16
C THR G 122 13.08 0.82 22.01
N HIS G 123 13.09 0.21 20.84
CA HIS G 123 14.07 -0.82 20.56
C HIS G 123 15.06 -0.30 19.53
N PRO G 124 16.11 -1.07 19.22
CA PRO G 124 16.96 -0.71 18.08
C PRO G 124 16.29 -1.17 16.78
N PHE G 125 15.76 -0.23 16.01
CA PHE G 125 15.07 -0.56 14.77
C PHE G 125 15.81 0.09 13.61
N HIS G 126 16.81 -0.59 13.07
CA HIS G 126 17.67 -0.01 12.03
C HIS G 126 16.91 0.00 10.71
N HIS G 127 16.05 0.99 10.51
CA HIS G 127 15.12 1.01 9.39
C HIS G 127 15.61 1.96 8.31
N ASP G 128 16.12 1.39 7.22
CA ASP G 128 16.37 2.13 6.00
C ASP G 128 16.45 1.14 4.85
N PRO G 129 15.39 0.95 4.08
CA PRO G 129 15.39 -0.07 3.04
C PRO G 129 16.15 0.39 1.82
N PRO G 130 17.03 -0.45 1.27
CA PRO G 130 17.79 -0.04 0.09
C PRO G 130 16.96 -0.19 -1.18
N VAL G 131 16.60 0.96 -1.74
CA VAL G 131 15.70 0.97 -2.89
C VAL G 131 16.50 0.66 -4.15
N ILE G 132 15.85 0.05 -5.12
CA ILE G 132 16.49 -0.28 -6.39
C ILE G 132 16.37 0.94 -7.28
N GLY G 133 17.16 0.96 -8.34
CA GLY G 133 17.02 1.99 -9.36
C GLY G 133 18.34 2.60 -9.76
N ARG G 134 18.34 3.40 -10.82
CA ARG G 134 19.54 4.04 -11.29
C ARG G 134 19.85 5.33 -10.53
N GLU G 135 18.99 5.74 -9.61
CA GLU G 135 19.21 6.91 -8.78
C GLU G 135 18.82 6.56 -7.35
N LYS G 136 19.46 7.25 -6.38
CA LYS G 136 19.14 7.08 -4.97
C LYS G 136 17.88 7.90 -4.68
N PHE G 137 16.73 7.24 -4.74
CA PHE G 137 15.44 7.90 -4.64
C PHE G 137 15.12 8.28 -3.21
N HIS G 138 14.25 9.27 -3.06
CA HIS G 138 13.74 9.66 -1.75
C HIS G 138 12.21 9.56 -1.68
N SER G 139 11.52 10.18 -2.62
CA SER G 139 10.07 10.28 -2.61
C SER G 139 9.45 9.54 -3.77
N ARG G 140 8.14 9.69 -3.93
CA ARG G 140 7.44 9.09 -5.06
C ARG G 140 7.69 9.93 -6.30
N PRO G 141 7.94 9.33 -7.46
CA PRO G 141 8.32 10.09 -8.64
C PRO G 141 7.13 10.78 -9.31
N GLN G 142 7.46 11.73 -10.18
CA GLN G 142 6.46 12.31 -11.07
C GLN G 142 6.10 11.31 -12.16
N HIS G 143 7.08 10.87 -12.95
CA HIS G 143 6.93 9.75 -13.88
C HIS G 143 8.15 8.83 -13.75
N ARG G 144 7.90 7.58 -13.37
CA ARG G 144 8.99 6.62 -13.22
C ARG G 144 8.45 5.21 -13.06
N LYS G 145 9.35 4.25 -13.23
CA LYS G 145 8.94 2.87 -13.46
C LYS G 145 8.59 2.20 -12.14
N GLU G 146 7.64 1.26 -12.20
CA GLU G 146 7.21 0.54 -11.00
C GLU G 146 8.05 -0.72 -10.87
N LEU G 147 9.15 -0.61 -10.13
CA LEU G 147 10.05 -1.72 -9.89
C LEU G 147 9.41 -2.68 -8.90
N PRO G 148 9.48 -3.98 -9.15
CA PRO G 148 8.83 -4.93 -8.25
C PRO G 148 9.67 -5.13 -6.99
N CYS G 149 9.06 -4.86 -5.84
CA CYS G 149 9.66 -5.10 -4.54
C CYS G 149 8.61 -5.72 -3.64
N SER G 150 8.96 -5.85 -2.36
CA SER G 150 8.06 -6.44 -1.37
C SER G 150 7.07 -5.38 -0.90
N THR G 151 6.08 -5.80 -0.11
CA THR G 151 5.21 -4.86 0.57
C THR G 151 4.38 -5.59 1.63
N TYR G 152 4.49 -5.12 2.87
CA TYR G 152 3.78 -5.70 4.00
C TYR G 152 2.32 -5.30 3.89
N ALA G 153 1.54 -6.13 3.19
CA ALA G 153 0.23 -5.70 2.69
C ALA G 153 -0.81 -5.70 3.80
N GLN G 154 -1.89 -4.94 3.58
CA GLN G 154 -2.84 -4.59 4.63
C GLN G 154 -4.00 -5.57 4.77
N SER G 155 -3.95 -6.71 4.08
CA SER G 155 -4.93 -7.75 4.34
C SER G 155 -4.61 -8.42 5.67
N THR G 156 -5.58 -8.39 6.60
CA THR G 156 -5.34 -8.88 7.95
C THR G 156 -5.72 -10.35 8.10
N ALA G 157 -5.68 -11.12 7.01
CA ALA G 157 -6.09 -12.52 7.02
C ALA G 157 -5.10 -13.41 7.75
N ALA G 158 -5.61 -14.26 8.65
CA ALA G 158 -4.76 -15.13 9.47
C ALA G 158 -4.65 -16.50 8.81
N THR G 159 -4.36 -16.49 7.51
CA THR G 159 -4.16 -17.70 6.73
C THR G 159 -2.82 -17.57 6.00
N ALA G 160 -1.90 -18.47 6.33
CA ALA G 160 -0.50 -18.32 5.92
C ALA G 160 0.25 -17.45 6.92
N GLU G 161 -0.40 -17.16 8.04
CA GLU G 161 0.25 -16.51 9.16
C GLU G 161 -0.30 -17.10 10.45
N GLU G 162 0.51 -17.06 11.50
CA GLU G 162 0.09 -17.65 12.77
C GLU G 162 0.83 -16.98 13.91
N ILE G 163 0.12 -16.89 15.03
CA ILE G 163 0.70 -16.52 16.30
C ILE G 163 0.72 -17.77 17.17
N GLU G 164 1.76 -17.88 17.98
CA GLU G 164 1.87 -18.97 18.93
C GLU G 164 0.99 -18.67 20.13
N VAL G 165 -0.29 -19.00 20.02
CA VAL G 165 -1.26 -18.74 21.07
C VAL G 165 -1.15 -19.84 22.10
N HIS G 166 -0.17 -19.71 22.97
CA HIS G 166 0.07 -20.67 24.05
C HIS G 166 -0.79 -20.24 25.24
N MET G 167 -0.59 -20.92 26.36
CA MET G 167 -1.45 -20.72 27.51
C MET G 167 -1.05 -19.42 28.20
N PRO G 168 -2.02 -18.69 28.76
CA PRO G 168 -1.67 -17.48 29.52
C PRO G 168 -0.97 -17.85 30.81
N PRO G 169 0.08 -17.13 31.16
CA PRO G 169 0.79 -17.43 32.41
C PRO G 169 -0.02 -16.95 33.60
N ASP G 170 0.22 -17.58 34.74
CA ASP G 170 -0.45 -17.22 35.97
C ASP G 170 0.10 -15.89 36.47
N THR G 171 -0.79 -14.94 36.73
CA THR G 171 -0.38 -13.59 37.11
C THR G 171 0.07 -13.61 38.56
N PRO G 172 1.14 -12.89 38.92
CA PRO G 172 1.50 -12.77 40.33
C PRO G 172 0.50 -11.86 41.04
N ASP G 173 0.14 -12.24 42.27
CA ASP G 173 -0.94 -11.56 42.97
C ASP G 173 -0.48 -11.27 44.40
N ARG G 174 0.13 -10.11 44.59
CA ARG G 174 0.39 -9.61 45.93
C ARG G 174 -0.77 -8.80 46.48
N THR G 175 -1.82 -8.57 45.69
CA THR G 175 -2.90 -7.69 46.10
C THR G 175 -4.02 -8.42 46.82
N LEU G 176 -3.99 -9.75 46.89
CA LEU G 176 -5.18 -10.49 47.28
C LEU G 176 -5.42 -10.52 48.78
N MET G 177 -4.51 -11.08 49.55
CA MET G 177 -4.71 -11.29 50.98
C MET G 177 -4.29 -10.05 51.77
N SER G 178 -5.14 -9.65 52.71
CA SER G 178 -4.88 -8.48 53.54
C SER G 178 -4.29 -8.90 54.88
N GLN G 179 -3.63 -7.94 55.52
CA GLN G 179 -3.14 -8.08 56.88
C GLN G 179 -4.15 -7.41 57.80
N GLN G 180 -5.16 -8.20 58.21
CA GLN G 180 -6.28 -7.73 59.02
C GLN G 180 -5.72 -7.39 60.39
N SER G 181 -5.69 -6.08 60.67
CA SER G 181 -5.27 -5.53 61.96
C SER G 181 -3.77 -5.65 62.21
N GLY G 182 -3.01 -6.05 61.20
CA GLY G 182 -1.62 -6.43 61.39
C GLY G 182 -1.42 -7.93 61.35
N ASN G 183 -2.49 -8.71 61.22
CA ASN G 183 -2.47 -10.16 61.33
C ASN G 183 -3.29 -10.80 60.21
N VAL G 184 -3.40 -12.12 60.24
CA VAL G 184 -3.77 -12.88 59.05
C VAL G 184 -5.28 -12.98 58.97
N LYS G 185 -5.88 -11.93 58.41
CA LYS G 185 -7.23 -11.95 57.86
C LYS G 185 -7.10 -11.58 56.39
N ILE G 186 -6.83 -12.59 55.56
CA ILE G 186 -6.50 -12.41 54.15
C ILE G 186 -7.76 -12.71 53.35
N THR G 187 -7.81 -12.18 52.11
CA THR G 187 -9.00 -12.26 51.27
C THR G 187 -8.63 -12.85 49.91
N VAL G 188 -9.63 -13.39 49.22
CA VAL G 188 -9.41 -13.91 47.86
C VAL G 188 -9.88 -12.90 46.82
N ASN G 189 -11.18 -12.58 46.81
CA ASN G 189 -11.76 -11.61 45.88
C ASN G 189 -11.80 -12.10 44.43
N SER G 190 -12.18 -13.37 44.25
CA SER G 190 -12.66 -13.84 42.96
C SER G 190 -11.64 -14.22 41.91
N GLN G 191 -10.69 -15.10 42.22
CA GLN G 191 -9.76 -15.61 41.24
C GLN G 191 -9.26 -16.99 41.66
N THR G 192 -8.36 -17.55 40.84
CA THR G 192 -7.67 -18.80 41.14
C THR G 192 -6.39 -18.44 41.88
N VAL G 193 -6.56 -17.93 43.10
CA VAL G 193 -5.48 -17.33 43.87
C VAL G 193 -4.63 -18.45 44.44
N ARG G 194 -3.46 -18.64 43.85
CA ARG G 194 -2.46 -19.57 44.37
C ARG G 194 -1.88 -18.95 45.63
N TYR G 195 -2.53 -19.19 46.75
CA TYR G 195 -2.12 -18.65 48.04
C TYR G 195 -1.14 -19.62 48.67
N LYS G 196 -0.18 -19.08 49.39
CA LYS G 196 0.81 -19.89 50.08
C LYS G 196 1.31 -19.06 51.26
N CYS G 197 0.94 -19.49 52.46
CA CYS G 197 1.32 -18.82 53.69
C CYS G 197 2.82 -19.00 53.92
N ASN G 198 3.40 -18.06 54.65
CA ASN G 198 4.82 -18.11 55.03
C ASN G 198 5.06 -18.95 56.28
N CYS G 199 4.54 -20.17 56.27
CA CYS G 199 4.62 -21.09 57.37
C CYS G 199 3.94 -22.37 56.93
N GLY G 200 4.12 -23.42 57.72
CA GLY G 200 3.57 -24.72 57.41
C GLY G 200 2.09 -24.78 57.65
N ASP G 201 1.49 -25.87 57.19
CA ASP G 201 0.06 -26.01 57.35
C ASP G 201 -0.63 -25.24 56.24
N SER G 202 -1.11 -24.05 56.56
CA SER G 202 -1.61 -23.11 55.56
C SER G 202 -0.39 -22.59 54.83
N ASN G 203 0.02 -23.31 53.81
CA ASN G 203 1.15 -22.89 52.97
C ASN G 203 0.88 -23.16 51.50
N GLU G 204 -0.34 -23.53 51.13
CA GLU G 204 -0.67 -23.86 49.75
C GLU G 204 -2.17 -23.67 49.55
N GLY G 205 -2.61 -23.90 48.32
CA GLY G 205 -3.99 -23.70 47.96
C GLY G 205 -4.16 -22.68 46.86
N LEU G 206 -4.65 -23.15 45.72
CA LEU G 206 -4.99 -22.33 44.57
C LEU G 206 -6.48 -22.02 44.61
N THR G 207 -6.96 -21.57 45.77
CA THR G 207 -8.37 -21.36 46.03
C THR G 207 -8.74 -19.88 45.85
N THR G 208 -9.95 -19.53 46.26
CA THR G 208 -10.43 -18.15 46.22
C THR G 208 -11.03 -17.68 47.53
N THR G 209 -10.43 -18.03 48.67
CA THR G 209 -10.94 -17.71 49.99
C THR G 209 -9.96 -16.84 50.74
N ASP G 210 -10.23 -16.64 52.03
CA ASP G 210 -9.39 -15.79 52.85
C ASP G 210 -8.51 -16.62 53.75
N LYS G 211 -7.41 -16.03 54.21
CA LYS G 211 -6.43 -16.76 54.98
C LYS G 211 -6.47 -16.26 56.41
N VAL G 212 -6.79 -17.17 57.32
CA VAL G 212 -6.85 -16.88 58.74
C VAL G 212 -5.59 -17.47 59.36
N ILE G 213 -4.56 -16.65 59.47
CA ILE G 213 -3.24 -17.11 59.87
C ILE G 213 -2.70 -16.08 60.84
N ASN G 214 -1.80 -16.50 61.72
CA ASN G 214 -1.21 -15.59 62.68
C ASN G 214 0.24 -15.93 62.96
N ASN G 215 0.96 -14.97 63.55
CA ASN G 215 2.28 -15.19 64.13
C ASN G 215 3.39 -15.32 63.08
N CYS G 216 3.05 -15.01 61.84
CA CYS G 216 3.84 -15.40 60.68
C CYS G 216 3.98 -14.19 59.78
N LYS G 217 4.28 -14.43 58.52
CA LYS G 217 4.27 -13.35 57.55
C LYS G 217 2.85 -13.07 57.05
N VAL G 218 2.35 -11.87 57.37
CA VAL G 218 1.17 -11.36 56.67
C VAL G 218 1.52 -11.09 55.22
N ASP G 219 2.73 -10.60 54.95
CA ASP G 219 3.22 -10.56 53.59
C ASP G 219 3.77 -11.91 53.15
N GLN G 220 4.10 -12.78 54.11
CA GLN G 220 4.54 -14.14 53.84
C GLN G 220 3.46 -15.01 53.23
N CYS G 221 2.19 -14.68 53.44
CA CYS G 221 1.12 -15.21 52.62
C CYS G 221 1.24 -14.58 51.24
N HIS G 222 1.94 -15.29 50.36
CA HIS G 222 2.18 -14.83 49.00
C HIS G 222 1.35 -15.68 48.07
N ALA G 223 0.68 -15.04 47.12
CA ALA G 223 -0.28 -15.73 46.27
C ALA G 223 -0.08 -15.29 44.84
N ALA G 224 -0.90 -15.86 43.95
CA ALA G 224 -0.86 -15.56 42.54
C ALA G 224 -2.28 -15.47 42.02
N VAL G 225 -2.46 -14.74 40.93
CA VAL G 225 -3.77 -14.60 40.29
C VAL G 225 -3.82 -15.52 39.07
N THR G 226 -4.62 -16.56 39.16
CA THR G 226 -4.72 -17.56 38.11
C THR G 226 -5.73 -17.11 37.06
N ASN G 227 -5.32 -17.11 35.80
CA ASN G 227 -6.19 -16.75 34.68
C ASN G 227 -6.20 -17.93 33.70
N HIS G 228 -7.20 -18.79 33.84
CA HIS G 228 -7.41 -19.90 32.92
C HIS G 228 -8.43 -19.59 31.85
N LYS G 229 -8.58 -18.33 31.47
CA LYS G 229 -9.66 -17.93 30.59
C LYS G 229 -9.22 -17.61 29.17
N LYS G 230 -7.93 -17.43 28.93
CA LYS G 230 -7.45 -17.05 27.61
C LYS G 230 -5.99 -17.47 27.45
N TRP G 231 -5.59 -17.63 26.19
CA TRP G 231 -4.20 -17.85 25.83
C TRP G 231 -3.59 -16.51 25.43
N GLN G 232 -2.38 -16.58 24.88
CA GLN G 232 -1.70 -15.38 24.43
C GLN G 232 -0.75 -15.77 23.31
N TYR G 233 -0.58 -14.84 22.36
CA TYR G 233 0.44 -15.00 21.33
C TYR G 233 1.80 -14.91 21.99
N ASN G 234 2.48 -16.06 22.06
CA ASN G 234 3.54 -16.29 23.02
C ASN G 234 4.80 -15.51 22.70
N SER G 235 4.81 -14.24 23.04
CA SER G 235 5.93 -13.33 22.85
C SER G 235 7.08 -13.75 23.76
N PRO G 236 8.33 -13.48 23.37
CA PRO G 236 9.47 -13.97 24.15
C PRO G 236 9.66 -13.24 25.46
N LEU G 237 9.08 -12.06 25.59
CA LEU G 237 9.04 -11.38 26.87
C LEU G 237 8.11 -12.06 27.86
N VAL G 238 7.13 -12.82 27.38
CA VAL G 238 6.14 -13.44 28.24
C VAL G 238 6.75 -14.67 28.92
N PRO G 239 6.50 -14.88 30.20
CA PRO G 239 6.97 -16.10 30.86
C PRO G 239 6.12 -17.28 30.47
N ARG G 240 6.76 -18.25 29.84
CA ARG G 240 6.12 -19.40 29.25
C ARG G 240 5.98 -20.52 30.27
N ASN G 241 5.68 -21.72 29.75
CA ASN G 241 5.32 -22.86 30.59
C ASN G 241 6.56 -23.48 31.23
N ALA G 242 7.04 -22.86 32.30
CA ALA G 242 7.85 -23.58 33.27
C ALA G 242 7.01 -23.94 34.49
N GLU G 243 5.91 -23.22 34.67
CA GLU G 243 4.75 -23.70 35.41
C GLU G 243 3.69 -24.28 34.48
N LEU G 244 4.12 -24.79 33.33
CA LEU G 244 3.29 -25.53 32.40
C LEU G 244 4.19 -26.52 31.71
N GLY G 245 3.61 -27.36 30.87
CA GLY G 245 4.39 -28.36 30.14
C GLY G 245 4.77 -27.87 28.76
N ASP G 246 4.11 -28.40 27.74
CA ASP G 246 4.14 -27.85 26.39
C ASP G 246 2.72 -27.66 25.84
N ARG G 247 1.76 -27.38 26.70
CA ARG G 247 0.38 -27.18 26.27
C ARG G 247 0.26 -25.80 25.63
N LYS G 248 0.65 -25.70 24.37
CA LYS G 248 0.63 -24.43 23.67
C LYS G 248 -0.29 -24.55 22.47
N GLY G 249 -0.85 -23.40 22.08
CA GLY G 249 -1.78 -23.32 20.98
C GLY G 249 -1.25 -22.45 19.85
N LYS G 250 -2.02 -22.40 18.76
CA LYS G 250 -1.63 -21.64 17.59
C LYS G 250 -2.87 -21.03 16.96
N VAL G 251 -2.75 -19.76 16.56
CA VAL G 251 -3.85 -19.02 15.94
C VAL G 251 -3.32 -18.32 14.71
N HIS G 252 -4.19 -17.57 14.04
CA HIS G 252 -3.82 -16.93 12.78
C HIS G 252 -2.96 -15.69 13.03
N ILE G 253 -2.41 -15.16 11.94
CA ILE G 253 -1.57 -13.97 11.99
C ILE G 253 -1.94 -13.03 10.83
N PRO G 254 -2.30 -11.79 11.11
CA PRO G 254 -2.73 -10.86 10.05
C PRO G 254 -1.56 -10.06 9.48
N PHE G 255 -1.91 -9.09 8.62
CA PHE G 255 -1.01 -8.16 7.94
C PHE G 255 -0.07 -8.86 6.96
N PRO G 256 -0.58 -9.59 5.98
CA PRO G 256 0.29 -10.44 5.16
C PRO G 256 0.93 -9.68 4.01
N LEU G 257 2.22 -9.89 3.86
CA LEU G 257 3.00 -9.21 2.83
C LEU G 257 2.83 -9.88 1.47
N ALA G 258 2.90 -9.07 0.42
CA ALA G 258 2.88 -9.55 -0.95
C ALA G 258 3.71 -8.62 -1.82
N ASN G 259 3.85 -8.96 -3.09
CA ASN G 259 4.73 -8.21 -3.98
C ASN G 259 3.99 -7.04 -4.61
N VAL G 260 4.68 -5.90 -4.72
CA VAL G 260 4.15 -4.73 -5.40
C VAL G 260 5.22 -4.18 -6.33
N THR G 261 4.95 -3.05 -6.97
CA THR G 261 5.90 -2.37 -7.85
C THR G 261 5.82 -0.87 -7.63
N CYS G 262 6.87 -0.29 -7.06
CA CYS G 262 6.90 1.12 -6.66
C CYS G 262 7.54 1.96 -7.76
N ARG G 263 6.96 3.12 -8.05
CA ARG G 263 7.41 3.95 -9.16
C ARG G 263 8.58 4.82 -8.70
N VAL G 264 9.65 4.80 -9.48
CA VAL G 264 10.88 5.54 -9.17
C VAL G 264 11.24 6.41 -10.37
N PRO G 265 11.84 7.58 -10.16
CA PRO G 265 12.11 8.48 -11.27
C PRO G 265 13.53 8.33 -11.80
N LYS G 266 13.74 8.89 -12.99
CA LYS G 266 15.04 8.89 -13.64
C LYS G 266 15.44 10.35 -13.86
N ALA G 267 16.74 10.61 -13.88
CA ALA G 267 17.22 11.99 -13.88
C ALA G 267 17.16 12.61 -15.27
N ARG G 268 17.69 13.82 -15.39
CA ARG G 268 17.75 14.48 -16.68
C ARG G 268 18.85 13.86 -17.52
N ASN G 269 18.75 14.04 -18.83
CA ASN G 269 19.77 13.53 -19.73
C ASN G 269 20.99 14.43 -19.62
N PRO G 270 22.17 13.89 -19.35
CA PRO G 270 23.34 14.74 -19.13
C PRO G 270 23.87 15.30 -20.45
N THR G 271 24.64 16.37 -20.35
CA THR G 271 25.21 17.01 -21.53
C THR G 271 26.36 16.17 -22.04
N VAL G 272 26.27 15.69 -23.26
CA VAL G 272 27.25 14.75 -23.82
C VAL G 272 27.92 15.40 -25.03
N THR G 273 29.21 15.66 -24.91
CA THR G 273 30.00 16.19 -26.00
C THR G 273 30.91 15.09 -26.52
N TYR G 274 30.83 14.85 -27.83
CA TYR G 274 31.58 13.76 -28.45
C TYR G 274 32.69 14.31 -29.34
N GLY G 275 33.89 14.35 -28.79
CA GLY G 275 35.08 14.70 -29.53
C GLY G 275 35.84 13.44 -29.83
N LYS G 276 37.16 13.61 -30.02
CA LYS G 276 38.02 12.58 -30.61
C LYS G 276 38.18 11.42 -29.66
N ASN G 277 37.28 10.46 -29.82
CA ASN G 277 37.17 9.29 -28.94
C ASN G 277 36.62 9.62 -27.55
N GLN G 278 36.13 10.84 -27.34
CA GLN G 278 35.92 11.28 -25.97
C GLN G 278 34.49 11.77 -25.80
N VAL G 279 33.76 11.13 -24.88
CA VAL G 279 32.36 11.45 -24.64
C VAL G 279 32.26 12.00 -23.23
N ILE G 280 32.13 13.32 -23.13
CA ILE G 280 32.05 14.01 -21.85
C ILE G 280 30.59 14.25 -21.52
N MET G 281 30.10 13.62 -20.46
CA MET G 281 28.71 13.71 -20.04
C MET G 281 28.64 14.34 -18.66
N LEU G 282 27.88 15.42 -18.55
CA LEU G 282 27.76 16.21 -17.33
C LEU G 282 26.43 15.87 -16.68
N LEU G 283 26.47 14.91 -15.77
CA LEU G 283 25.28 14.51 -15.04
C LEU G 283 25.10 15.39 -13.81
N TYR G 284 23.86 15.84 -13.60
CA TYR G 284 23.47 16.59 -12.41
C TYR G 284 22.33 15.82 -11.75
N PRO G 285 22.61 15.11 -10.66
CA PRO G 285 21.58 14.20 -10.11
C PRO G 285 20.68 14.88 -9.09
N ASP G 286 19.42 14.45 -9.08
CA ASP G 286 18.51 14.78 -8.00
C ASP G 286 18.54 13.76 -6.88
N HIS G 287 19.23 12.65 -7.08
CA HIS G 287 19.43 11.63 -6.06
C HIS G 287 20.80 11.03 -6.28
N PRO G 288 21.19 10.04 -5.47
CA PRO G 288 22.49 9.38 -5.70
C PRO G 288 22.46 8.51 -6.95
N THR G 289 22.98 9.01 -8.05
CA THR G 289 22.65 8.47 -9.37
C THR G 289 23.68 7.46 -9.81
N LEU G 290 23.25 6.24 -10.07
CA LEU G 290 24.16 5.19 -10.49
C LEU G 290 24.51 5.38 -11.97
N LEU G 291 25.76 5.76 -12.23
CA LEU G 291 26.28 5.91 -13.59
C LEU G 291 27.31 4.83 -13.82
N SER G 292 27.05 3.95 -14.77
CA SER G 292 27.92 2.82 -15.04
C SER G 292 28.26 2.80 -16.52
N TYR G 293 29.56 2.82 -16.80
CA TYR G 293 30.04 2.75 -18.17
C TYR G 293 30.93 1.53 -18.28
N ARG G 294 30.76 0.80 -19.39
CA ARG G 294 31.51 -0.40 -19.67
C ARG G 294 31.73 -0.48 -21.17
N ASN G 295 32.50 -1.48 -21.58
CA ASN G 295 32.65 -1.79 -22.99
C ASN G 295 31.34 -2.34 -23.53
N MET G 296 31.14 -2.21 -24.84
CA MET G 296 29.97 -2.81 -25.47
C MET G 296 30.21 -4.25 -25.91
N GLY G 297 31.39 -4.80 -25.60
CA GLY G 297 31.76 -6.11 -26.07
C GLY G 297 32.53 -6.94 -25.06
N GLU G 298 33.57 -7.63 -25.54
CA GLU G 298 34.23 -8.65 -24.74
C GLU G 298 35.09 -8.04 -23.65
N GLU G 299 35.72 -6.90 -23.91
CA GLU G 299 36.44 -6.18 -22.87
C GLU G 299 35.37 -5.48 -22.04
N PRO G 300 35.04 -6.00 -20.84
CA PRO G 300 33.92 -5.42 -20.09
C PRO G 300 34.16 -4.02 -19.56
N ASN G 301 35.18 -3.84 -18.72
CA ASN G 301 35.52 -2.55 -18.12
C ASN G 301 34.34 -1.89 -17.39
N TYR G 302 33.61 -2.71 -16.64
CA TYR G 302 32.30 -2.30 -16.17
C TYR G 302 32.39 -1.41 -14.94
N GLN G 303 32.87 -0.18 -15.14
CA GLN G 303 33.04 0.77 -14.05
C GLN G 303 31.69 1.38 -13.74
N GLU G 304 31.50 1.78 -12.50
CA GLU G 304 30.24 2.35 -12.07
C GLU G 304 30.45 3.14 -10.79
N GLU G 305 29.70 4.22 -10.65
CA GLU G 305 29.78 5.07 -9.47
C GLU G 305 28.43 5.71 -9.20
N TRP G 306 28.11 5.86 -7.93
CA TRP G 306 27.01 6.72 -7.51
C TRP G 306 27.50 8.15 -7.65
N VAL G 307 26.63 9.03 -8.14
CA VAL G 307 26.97 10.42 -8.37
C VAL G 307 26.20 11.27 -7.36
N THR G 308 26.84 12.32 -6.86
CA THR G 308 26.31 13.18 -5.80
C THR G 308 26.34 14.67 -6.15
N HIS G 309 27.33 15.10 -6.92
CA HIS G 309 27.38 16.49 -7.36
C HIS G 309 27.28 16.50 -8.87
N LYS G 310 27.49 17.65 -9.50
CA LYS G 310 27.60 17.67 -10.95
C LYS G 310 28.91 17.03 -11.36
N LYS G 311 28.87 16.15 -12.34
CA LYS G 311 30.09 15.44 -12.75
C LYS G 311 30.14 15.36 -14.26
N GLU G 312 31.21 15.88 -14.84
CA GLU G 312 31.43 15.80 -16.28
C GLU G 312 32.40 14.66 -16.55
N VAL G 313 31.88 13.44 -16.58
CA VAL G 313 32.68 12.24 -16.76
C VAL G 313 32.92 12.06 -18.26
N ILE G 314 34.18 11.93 -18.64
CA ILE G 314 34.56 11.77 -20.04
C ILE G 314 34.96 10.31 -20.24
N ARG G 315 34.08 9.55 -20.87
CA ARG G 315 34.38 8.18 -21.25
C ARG G 315 35.17 8.18 -22.55
N THR G 316 36.34 7.54 -22.53
CA THR G 316 37.01 7.19 -23.77
C THR G 316 36.20 6.09 -24.43
N VAL G 317 35.50 6.43 -25.50
CA VAL G 317 34.47 5.59 -26.08
C VAL G 317 35.16 4.43 -26.81
N PRO G 318 34.86 3.19 -26.48
CA PRO G 318 35.59 2.07 -27.09
C PRO G 318 35.13 1.82 -28.52
N THR G 319 35.97 1.08 -29.25
CA THR G 319 35.61 0.64 -30.59
C THR G 319 34.55 -0.45 -30.53
N GLU G 320 34.49 -1.19 -29.41
CA GLU G 320 33.40 -2.13 -29.19
C GLU G 320 32.17 -1.43 -28.64
N GLY G 321 32.27 -0.17 -28.28
CA GLY G 321 31.12 0.59 -27.85
C GLY G 321 31.15 0.88 -26.36
N LEU G 322 30.58 2.02 -26.01
CA LEU G 322 30.53 2.45 -24.61
C LEU G 322 29.10 2.27 -24.11
N GLU G 323 28.89 1.26 -23.29
CA GLU G 323 27.57 1.00 -22.71
C GLU G 323 27.50 1.70 -21.36
N VAL G 324 26.73 2.77 -21.28
CA VAL G 324 26.63 3.57 -20.07
C VAL G 324 25.16 3.63 -19.68
N THR G 325 24.89 3.52 -18.39
CA THR G 325 23.58 3.76 -17.82
C THR G 325 23.75 4.71 -16.65
N TRP G 326 23.13 5.87 -16.74
CA TRP G 326 23.29 6.91 -15.72
C TRP G 326 21.90 7.30 -15.25
N GLY G 327 21.40 6.57 -14.27
CA GLY G 327 20.03 6.79 -13.85
C GLY G 327 19.10 5.74 -14.43
N ASN G 328 17.82 5.86 -14.05
CA ASN G 328 16.83 4.84 -14.32
C ASN G 328 16.37 4.78 -15.77
N ASN G 329 16.82 5.70 -16.62
CA ASN G 329 16.61 5.53 -18.05
C ASN G 329 17.54 4.44 -18.57
N GLU G 330 17.17 3.87 -19.72
CA GLU G 330 17.98 2.83 -20.33
C GLU G 330 19.27 3.44 -20.87
N PRO G 331 20.33 2.66 -21.01
CA PRO G 331 21.66 3.25 -21.19
C PRO G 331 21.90 3.74 -22.62
N TYR G 332 22.82 4.67 -22.75
CA TYR G 332 23.33 5.06 -24.05
C TYR G 332 24.42 4.10 -24.46
N LYS G 333 24.38 3.69 -25.72
CA LYS G 333 25.47 2.96 -26.36
C LYS G 333 26.25 3.96 -27.20
N TYR G 334 27.56 3.87 -27.16
CA TYR G 334 28.43 4.70 -27.96
C TYR G 334 29.08 3.84 -29.04
N TRP G 335 28.86 4.23 -30.30
CA TRP G 335 29.64 3.77 -31.43
C TRP G 335 30.55 4.95 -31.74
N PRO G 336 31.86 4.78 -31.58
CA PRO G 336 32.79 5.90 -31.82
C PRO G 336 33.05 6.12 -33.29
N GLN G 337 32.09 6.75 -33.95
CA GLN G 337 32.05 6.75 -35.41
C GLN G 337 32.84 7.91 -36.00
N LEU G 338 33.75 7.59 -36.91
CA LEU G 338 34.44 8.60 -37.70
C LEU G 338 35.61 9.28 -36.99
N ASN H 1 -29.68 -37.63 -20.93
CA ASN H 1 -30.13 -38.66 -21.86
C ASN H 1 -28.94 -39.23 -22.61
N PHE H 2 -28.28 -38.39 -23.41
CA PHE H 2 -27.17 -38.82 -24.26
C PHE H 2 -27.67 -39.78 -25.34
N ASN H 3 -28.68 -39.36 -26.10
CA ASN H 3 -29.29 -40.21 -27.12
C ASN H 3 -28.65 -39.86 -28.46
N VAL H 4 -27.33 -40.03 -28.53
CA VAL H 4 -26.62 -39.79 -29.78
C VAL H 4 -26.93 -40.88 -30.79
N TYR H 5 -27.22 -42.09 -30.31
CA TYR H 5 -27.68 -43.14 -31.21
C TYR H 5 -29.08 -42.87 -31.74
N LYS H 6 -29.89 -42.10 -31.02
CA LYS H 6 -31.12 -41.59 -31.60
C LYS H 6 -30.84 -40.63 -32.75
N ALA H 7 -29.79 -39.83 -32.63
CA ALA H 7 -29.38 -38.98 -33.73
C ALA H 7 -28.60 -39.75 -34.79
N ILE H 8 -27.87 -40.79 -34.40
CA ILE H 8 -27.13 -41.58 -35.35
C ILE H 8 -28.08 -42.48 -36.13
N ARG H 9 -27.64 -42.90 -37.31
CA ARG H 9 -28.46 -43.75 -38.17
C ARG H 9 -27.54 -44.79 -38.79
N PRO H 10 -28.09 -45.88 -39.33
CA PRO H 10 -27.25 -46.82 -40.07
C PRO H 10 -26.87 -46.24 -41.42
N TYR H 11 -25.58 -46.32 -41.71
CA TYR H 11 -25.03 -45.78 -42.94
C TYR H 11 -24.51 -46.92 -43.79
N LEU H 12 -25.04 -47.00 -45.01
CA LEU H 12 -24.65 -48.02 -45.97
C LEU H 12 -23.30 -47.62 -46.57
N ALA H 13 -22.63 -48.57 -47.21
CA ALA H 13 -21.33 -48.30 -47.79
C ALA H 13 -21.07 -49.23 -48.96
N HIS H 14 -20.79 -48.63 -50.12
CA HIS H 14 -20.30 -49.41 -51.25
C HIS H 14 -18.87 -49.82 -50.99
N CYS H 15 -18.72 -50.98 -50.39
CA CYS H 15 -17.44 -51.46 -49.91
C CYS H 15 -16.93 -52.54 -50.85
N PRO H 16 -15.62 -52.60 -51.08
CA PRO H 16 -15.07 -53.70 -51.88
C PRO H 16 -15.03 -55.01 -51.12
N ASP H 17 -14.97 -54.98 -49.80
CA ASP H 17 -15.14 -56.17 -48.99
C ASP H 17 -16.62 -56.48 -49.05
N CYS H 18 -16.99 -57.47 -49.86
CA CYS H 18 -18.37 -57.89 -49.96
C CYS H 18 -18.54 -59.39 -49.77
N GLY H 19 -17.59 -60.19 -50.24
CA GLY H 19 -17.76 -61.62 -50.25
C GLY H 19 -18.05 -62.08 -51.65
N GLU H 20 -17.33 -63.10 -52.12
CA GLU H 20 -17.51 -63.61 -53.48
C GLU H 20 -16.90 -62.70 -54.52
N GLY H 21 -15.95 -61.86 -54.11
CA GLY H 21 -15.27 -60.98 -55.03
C GLY H 21 -15.97 -59.69 -55.34
N HIS H 22 -17.26 -59.57 -55.05
CA HIS H 22 -18.03 -58.39 -55.38
C HIS H 22 -18.34 -57.63 -54.10
N SER H 23 -17.76 -56.43 -53.97
CA SER H 23 -18.15 -55.53 -52.91
C SER H 23 -19.53 -54.96 -53.23
N CYS H 24 -20.29 -54.65 -52.19
CA CYS H 24 -21.67 -54.22 -52.39
C CYS H 24 -21.90 -53.02 -51.50
N HIS H 25 -23.11 -52.47 -51.57
CA HIS H 25 -23.49 -51.37 -50.67
C HIS H 25 -23.99 -51.95 -49.35
N SER H 26 -23.07 -52.53 -48.59
CA SER H 26 -23.46 -53.19 -47.35
C SER H 26 -23.26 -52.23 -46.18
N PRO H 27 -24.00 -52.42 -45.09
CA PRO H 27 -23.80 -51.56 -43.91
C PRO H 27 -22.72 -52.04 -42.96
N VAL H 28 -21.91 -53.01 -43.36
CA VAL H 28 -20.91 -53.60 -42.46
C VAL H 28 -19.53 -53.21 -42.95
N ALA H 29 -19.41 -52.04 -43.55
CA ALA H 29 -18.12 -51.56 -44.00
C ALA H 29 -17.40 -50.84 -42.86
N LEU H 30 -16.16 -51.26 -42.61
CA LEU H 30 -15.34 -50.68 -41.55
C LEU H 30 -14.53 -49.53 -42.13
N GLU H 31 -14.78 -48.34 -41.61
CA GLU H 31 -14.10 -47.12 -42.07
C GLU H 31 -12.64 -47.09 -41.65
N ARG H 32 -12.36 -47.30 -40.37
CA ARG H 32 -10.98 -47.26 -39.88
C ARG H 32 -10.84 -48.27 -38.75
N ILE H 33 -9.70 -48.95 -38.71
CA ILE H 33 -9.37 -49.87 -37.63
C ILE H 33 -8.32 -49.18 -36.75
N ARG H 34 -8.77 -48.46 -35.74
CA ARG H 34 -7.88 -47.79 -34.79
C ARG H 34 -7.43 -48.81 -33.75
N ASN H 35 -6.35 -49.52 -34.07
CA ASN H 35 -5.83 -50.59 -33.26
C ASN H 35 -4.38 -50.32 -32.89
N GLU H 36 -4.11 -49.12 -32.39
CA GLU H 36 -2.74 -48.73 -32.11
C GLU H 36 -2.20 -49.27 -30.80
N ALA H 37 -3.04 -49.92 -29.99
CA ALA H 37 -2.69 -50.23 -28.61
C ALA H 37 -1.74 -51.41 -28.53
N THR H 38 -0.84 -51.37 -27.54
CA THR H 38 0.16 -52.43 -27.38
C THR H 38 -0.43 -53.69 -26.75
N ASP H 39 -1.61 -53.61 -26.15
CA ASP H 39 -2.24 -54.79 -25.57
C ASP H 39 -2.81 -55.73 -26.62
N GLY H 40 -3.06 -55.26 -27.84
CA GLY H 40 -3.47 -56.13 -28.91
C GLY H 40 -4.94 -56.08 -29.26
N THR H 41 -5.74 -55.29 -28.55
CA THR H 41 -7.12 -55.11 -28.94
C THR H 41 -7.20 -54.22 -30.18
N LEU H 42 -8.05 -54.61 -31.12
CA LEU H 42 -8.27 -53.85 -32.35
C LEU H 42 -9.63 -53.19 -32.26
N LYS H 43 -9.66 -51.86 -32.37
CA LYS H 43 -10.90 -51.09 -32.28
C LYS H 43 -11.22 -50.57 -33.67
N ILE H 44 -12.14 -51.24 -34.35
CA ILE H 44 -12.51 -50.91 -35.72
C ILE H 44 -13.90 -50.28 -35.73
N GLN H 45 -14.04 -49.17 -36.44
CA GLN H 45 -15.32 -48.50 -36.60
C GLN H 45 -15.97 -49.03 -37.87
N VAL H 46 -17.24 -49.43 -37.76
CA VAL H 46 -17.96 -50.08 -38.84
C VAL H 46 -19.09 -49.17 -39.29
N SER H 47 -19.81 -49.63 -40.31
CA SER H 47 -20.88 -48.80 -40.88
C SER H 47 -22.19 -48.93 -40.13
N LEU H 48 -22.42 -50.03 -39.43
CA LEU H 48 -23.71 -50.29 -38.82
C LEU H 48 -23.85 -49.50 -37.52
N GLN H 49 -25.05 -49.55 -36.95
CA GLN H 49 -25.30 -49.03 -35.61
C GLN H 49 -25.29 -50.21 -34.67
N ILE H 50 -24.12 -50.76 -34.45
CA ILE H 50 -23.98 -52.01 -33.70
C ILE H 50 -23.94 -51.68 -32.22
N GLY H 51 -24.65 -52.47 -31.44
CA GLY H 51 -24.85 -52.16 -30.04
C GLY H 51 -25.86 -51.07 -29.77
N ILE H 52 -26.67 -50.70 -30.76
CA ILE H 52 -27.68 -49.66 -30.59
C ILE H 52 -29.04 -50.28 -30.86
N LYS H 53 -30.06 -49.74 -30.22
CA LYS H 53 -31.41 -50.19 -30.47
C LYS H 53 -31.94 -49.54 -31.74
N THR H 54 -32.78 -50.29 -32.46
CA THR H 54 -33.51 -49.73 -33.58
C THR H 54 -34.58 -48.76 -33.10
N ASP H 55 -35.08 -48.97 -31.88
CA ASP H 55 -35.95 -48.01 -31.22
C ASP H 55 -35.18 -46.96 -30.44
N ASP H 56 -33.90 -46.76 -30.73
CA ASP H 56 -33.02 -45.72 -30.20
C ASP H 56 -32.52 -45.98 -28.79
N SER H 57 -32.95 -47.05 -28.13
CA SER H 57 -32.51 -47.29 -26.76
C SER H 57 -31.22 -48.10 -26.77
N HIS H 58 -30.79 -48.52 -25.59
CA HIS H 58 -29.70 -49.49 -25.49
C HIS H 58 -30.27 -50.84 -25.90
N ASP H 59 -29.67 -51.45 -26.92
CA ASP H 59 -30.06 -52.79 -27.35
C ASP H 59 -29.01 -53.73 -26.80
N TRP H 60 -29.30 -54.37 -25.67
CA TRP H 60 -28.29 -55.15 -24.95
C TRP H 60 -27.95 -56.43 -25.67
N THR H 61 -28.87 -56.94 -26.50
CA THR H 61 -28.59 -58.06 -27.37
C THR H 61 -28.79 -57.72 -28.84
N LYS H 62 -29.12 -56.47 -29.16
CA LYS H 62 -29.49 -56.09 -30.51
C LYS H 62 -28.67 -54.92 -31.01
N LEU H 63 -28.19 -55.04 -32.24
CA LEU H 63 -27.46 -53.98 -32.92
C LEU H 63 -28.14 -53.73 -34.25
N ARG H 64 -28.18 -52.46 -34.67
CA ARG H 64 -28.97 -52.02 -35.80
C ARG H 64 -28.05 -51.91 -37.02
N TYR H 65 -28.64 -52.02 -38.21
CA TYR H 65 -27.93 -51.76 -39.45
C TYR H 65 -28.90 -51.11 -40.42
N MET H 66 -28.36 -50.34 -41.35
CA MET H 66 -29.18 -49.64 -42.33
C MET H 66 -29.64 -50.64 -43.38
N ASP H 67 -30.90 -51.05 -43.32
CA ASP H 67 -31.48 -51.98 -44.27
C ASP H 67 -32.41 -51.21 -45.23
N ASN H 68 -32.00 -51.14 -46.50
CA ASN H 68 -32.82 -50.67 -47.63
C ASN H 68 -33.26 -49.21 -47.56
N HIS H 69 -32.45 -48.33 -46.99
CA HIS H 69 -32.90 -46.96 -46.82
C HIS H 69 -33.79 -46.80 -45.59
N MET H 70 -33.84 -47.81 -44.73
CA MET H 70 -34.49 -47.72 -43.45
C MET H 70 -33.55 -48.27 -42.40
N PRO H 71 -33.88 -48.17 -41.11
CA PRO H 71 -33.11 -48.91 -40.12
C PRO H 71 -33.62 -50.33 -40.04
N ALA H 72 -32.83 -51.21 -39.45
CA ALA H 72 -33.25 -52.58 -39.22
C ALA H 72 -32.30 -53.23 -38.23
N ASP H 73 -32.86 -53.66 -37.10
CA ASP H 73 -32.07 -54.23 -36.03
C ASP H 73 -31.89 -55.72 -36.27
N ALA H 74 -30.85 -56.28 -35.65
CA ALA H 74 -30.65 -57.72 -35.59
C ALA H 74 -30.10 -58.04 -34.22
N GLU H 75 -30.02 -59.34 -33.93
CA GLU H 75 -29.42 -59.80 -32.69
C GLU H 75 -27.92 -59.57 -32.71
N ARG H 76 -27.32 -59.48 -31.52
CA ARG H 76 -25.90 -59.16 -31.45
C ARG H 76 -25.02 -60.37 -31.74
N ALA H 77 -25.62 -61.57 -31.78
CA ALA H 77 -24.85 -62.79 -32.03
C ALA H 77 -24.38 -62.90 -33.48
N ARG H 78 -24.98 -62.13 -34.40
CA ARG H 78 -24.58 -62.17 -35.80
C ARG H 78 -23.31 -61.43 -36.13
N LEU H 79 -22.68 -60.78 -35.15
CA LEU H 79 -21.42 -60.10 -35.40
C LEU H 79 -20.29 -61.13 -35.43
N PHE H 80 -19.43 -61.03 -36.44
CA PHE H 80 -18.30 -61.93 -36.58
C PHE H 80 -17.10 -61.13 -37.05
N VAL H 81 -15.94 -61.38 -36.45
CA VAL H 81 -14.72 -60.66 -36.76
C VAL H 81 -13.61 -61.68 -36.94
N ARG H 82 -13.33 -62.04 -38.19
CA ARG H 82 -12.38 -63.08 -38.48
C ARG H 82 -11.14 -62.47 -39.11
N THR H 83 -10.00 -62.62 -38.43
CA THR H 83 -8.73 -62.17 -38.97
C THR H 83 -8.02 -63.39 -39.51
N SER H 84 -7.72 -64.38 -38.69
CA SER H 84 -7.46 -65.73 -39.18
C SER H 84 -8.65 -66.64 -38.91
N ALA H 85 -9.16 -66.63 -37.70
CA ALA H 85 -10.46 -67.20 -37.39
C ALA H 85 -11.25 -66.14 -36.64
N PRO H 86 -12.50 -66.42 -36.30
CA PRO H 86 -13.34 -65.41 -35.64
C PRO H 86 -12.91 -65.17 -34.20
N CYS H 87 -12.26 -64.04 -33.99
CA CYS H 87 -11.69 -63.68 -32.70
C CYS H 87 -12.77 -63.20 -31.74
N THR H 88 -12.37 -63.00 -30.48
CA THR H 88 -13.28 -62.60 -29.42
C THR H 88 -13.54 -61.10 -29.55
N ILE H 89 -14.75 -60.75 -29.96
CA ILE H 89 -15.18 -59.36 -30.02
C ILE H 89 -15.43 -58.89 -28.59
N THR H 90 -14.78 -57.80 -28.19
CA THR H 90 -14.88 -57.32 -26.82
C THR H 90 -16.11 -56.47 -26.57
N GLY H 91 -16.42 -55.53 -27.44
CA GLY H 91 -17.56 -54.65 -27.22
C GLY H 91 -17.94 -53.90 -28.47
N THR H 92 -19.15 -53.34 -28.52
CA THR H 92 -19.63 -52.65 -29.71
C THR H 92 -20.57 -51.53 -29.29
N MET H 93 -20.27 -50.31 -29.73
CA MET H 93 -21.16 -49.18 -29.52
C MET H 93 -21.23 -48.44 -30.84
N GLY H 94 -22.43 -48.40 -31.43
CA GLY H 94 -22.68 -47.57 -32.60
C GLY H 94 -21.98 -48.11 -33.83
N HIS H 95 -21.08 -47.30 -34.36
CA HIS H 95 -20.19 -47.74 -35.42
C HIS H 95 -18.96 -48.45 -34.90
N PHE H 96 -18.51 -48.15 -33.70
CA PHE H 96 -17.25 -48.69 -33.20
C PHE H 96 -17.47 -50.09 -32.62
N ILE H 97 -16.46 -50.94 -32.78
CA ILE H 97 -16.45 -52.26 -32.17
C ILE H 97 -14.99 -52.62 -31.89
N LEU H 98 -14.71 -52.98 -30.65
CA LEU H 98 -13.38 -53.39 -30.22
C LEU H 98 -13.38 -54.90 -30.01
N ALA H 99 -12.27 -55.55 -30.35
CA ALA H 99 -12.22 -56.99 -30.29
C ALA H 99 -10.78 -57.48 -30.09
N ARG H 100 -10.66 -58.72 -29.61
CA ARG H 100 -9.40 -59.43 -29.53
C ARG H 100 -9.44 -60.50 -30.62
N CYS H 101 -9.02 -60.13 -31.82
CA CYS H 101 -9.00 -61.02 -32.95
C CYS H 101 -7.60 -61.61 -33.11
N PRO H 102 -7.45 -62.69 -33.87
CA PRO H 102 -6.15 -63.35 -34.01
C PRO H 102 -5.24 -62.60 -34.99
N LYS H 103 -4.11 -63.24 -35.29
CA LYS H 103 -3.23 -62.72 -36.32
C LYS H 103 -3.87 -62.89 -37.69
N GLY H 104 -3.48 -62.03 -38.62
CA GLY H 104 -4.00 -62.13 -39.97
C GLY H 104 -3.53 -60.98 -40.85
N GLU H 105 -3.74 -61.15 -42.15
CA GLU H 105 -3.51 -60.09 -43.12
C GLU H 105 -4.79 -59.43 -43.61
N THR H 106 -5.91 -60.12 -43.59
CA THR H 106 -7.19 -59.56 -43.97
C THR H 106 -8.16 -59.72 -42.81
N LEU H 107 -8.89 -58.64 -42.52
CA LEU H 107 -9.90 -58.63 -41.47
C LEU H 107 -11.27 -58.67 -42.12
N THR H 108 -12.09 -59.64 -41.75
CA THR H 108 -13.44 -59.79 -42.26
C THR H 108 -14.43 -59.50 -41.14
N VAL H 109 -15.42 -58.67 -41.43
CA VAL H 109 -16.46 -58.31 -40.48
C VAL H 109 -17.78 -58.76 -41.08
N GLY H 110 -18.41 -59.75 -40.45
CA GLY H 110 -19.68 -60.27 -40.93
C GLY H 110 -20.80 -59.83 -40.02
N PHE H 111 -21.83 -59.27 -40.65
CA PHE H 111 -23.07 -58.92 -39.98
C PHE H 111 -24.15 -59.87 -40.48
N THR H 112 -24.52 -60.80 -39.60
CA THR H 112 -25.56 -61.78 -39.87
C THR H 112 -26.88 -61.05 -39.93
N ASP H 113 -27.55 -61.12 -41.08
CA ASP H 113 -28.71 -60.29 -41.32
C ASP H 113 -29.95 -60.84 -40.62
N SER H 114 -31.07 -60.13 -40.75
CA SER H 114 -32.33 -60.60 -40.17
C SER H 114 -32.85 -61.82 -40.93
N GLY H 115 -32.56 -61.89 -42.23
CA GLY H 115 -32.84 -63.09 -43.00
C GLY H 115 -31.57 -63.94 -43.13
N LYS H 116 -30.64 -63.77 -42.20
CA LYS H 116 -29.34 -64.45 -42.22
C LYS H 116 -28.42 -63.96 -43.32
N ILE H 117 -28.59 -62.72 -43.78
CA ILE H 117 -27.75 -62.21 -44.86
C ILE H 117 -26.45 -61.73 -44.20
N SER H 118 -25.51 -62.66 -44.05
CA SER H 118 -24.26 -62.38 -43.36
C SER H 118 -23.33 -61.61 -44.29
N HIS H 119 -23.39 -60.29 -44.21
CA HIS H 119 -22.53 -59.42 -44.99
C HIS H 119 -21.12 -59.50 -44.44
N SER H 120 -20.22 -60.11 -45.22
CA SER H 120 -18.84 -60.29 -44.83
C SER H 120 -17.96 -59.30 -45.60
N CYS H 121 -17.60 -58.21 -44.92
CA CYS H 121 -16.77 -57.17 -45.49
C CYS H 121 -15.34 -57.44 -45.06
N THR H 122 -14.50 -57.84 -46.02
CA THR H 122 -13.11 -58.15 -45.75
C THR H 122 -12.23 -57.05 -46.33
N HIS H 123 -11.52 -56.34 -45.47
CA HIS H 123 -10.47 -55.47 -45.94
C HIS H 123 -9.13 -56.15 -45.66
N PRO H 124 -8.03 -55.64 -46.20
CA PRO H 124 -6.72 -56.16 -45.78
C PRO H 124 -6.32 -55.51 -44.46
N PHE H 125 -6.45 -56.26 -43.36
CA PHE H 125 -6.18 -55.74 -42.02
C PHE H 125 -5.01 -56.50 -41.43
N HIS H 126 -3.83 -55.91 -41.46
CA HIS H 126 -2.61 -56.61 -41.06
C HIS H 126 -2.43 -56.48 -39.55
N HIS H 127 -3.28 -57.15 -38.79
CA HIS H 127 -3.27 -57.05 -37.33
C HIS H 127 -2.32 -58.08 -36.75
N ASP H 128 -1.16 -57.62 -36.33
CA ASP H 128 -0.19 -58.45 -35.62
C ASP H 128 0.74 -57.52 -34.85
N PRO H 129 0.35 -57.09 -33.66
CA PRO H 129 1.19 -56.15 -32.92
C PRO H 129 2.33 -56.88 -32.24
N PRO H 130 3.49 -56.24 -32.12
CA PRO H 130 4.62 -56.91 -31.48
C PRO H 130 4.46 -56.94 -29.97
N VAL H 131 4.85 -58.08 -29.39
CA VAL H 131 4.69 -58.26 -27.95
C VAL H 131 5.92 -57.73 -27.24
N ILE H 132 5.69 -57.10 -26.10
CA ILE H 132 6.77 -56.41 -25.39
C ILE H 132 7.52 -57.45 -24.57
N GLY H 133 8.78 -57.16 -24.26
CA GLY H 133 9.53 -57.96 -23.32
C GLY H 133 10.69 -58.74 -23.92
N ARG H 134 11.29 -59.60 -23.10
CA ARG H 134 12.49 -60.32 -23.52
C ARG H 134 12.16 -61.60 -24.28
N GLU H 135 10.88 -61.94 -24.43
CA GLU H 135 10.47 -63.17 -25.09
C GLU H 135 9.16 -62.94 -25.82
N LYS H 136 8.98 -63.59 -26.97
CA LYS H 136 7.77 -63.47 -27.76
C LYS H 136 6.75 -64.46 -27.21
N PHE H 137 5.88 -63.97 -26.33
CA PHE H 137 4.87 -64.77 -25.64
C PHE H 137 3.77 -65.20 -26.59
N HIS H 138 3.03 -66.22 -26.18
CA HIS H 138 1.97 -66.79 -26.99
C HIS H 138 0.59 -66.66 -26.37
N SER H 139 0.49 -66.79 -25.05
CA SER H 139 -0.79 -66.76 -24.36
C SER H 139 -0.73 -65.87 -23.11
N ARG H 140 -1.80 -65.88 -22.32
CA ARG H 140 -1.83 -65.13 -21.08
C ARG H 140 -1.15 -65.93 -19.97
N PRO H 141 -0.11 -65.40 -19.34
CA PRO H 141 0.71 -66.23 -18.45
C PRO H 141 0.11 -66.42 -17.07
N GLN H 142 0.40 -67.58 -16.49
CA GLN H 142 0.11 -67.81 -15.09
C GLN H 142 1.06 -66.98 -14.23
N HIS H 143 2.36 -67.22 -14.34
CA HIS H 143 3.37 -66.46 -13.63
C HIS H 143 4.21 -65.69 -14.65
N ARG H 144 4.35 -64.39 -14.44
CA ARG H 144 5.05 -63.55 -15.39
C ARG H 144 5.07 -62.11 -14.93
N LYS H 145 5.77 -61.27 -15.70
CA LYS H 145 5.94 -59.88 -15.34
C LYS H 145 4.95 -59.02 -16.11
N GLU H 146 4.43 -57.98 -15.47
CA GLU H 146 3.37 -57.17 -16.06
C GLU H 146 3.95 -55.89 -16.66
N LEU H 147 4.27 -55.95 -17.95
CA LEU H 147 4.82 -54.79 -18.65
C LEU H 147 3.70 -53.82 -19.00
N PRO H 148 3.98 -52.52 -19.02
CA PRO H 148 2.93 -51.55 -19.31
C PRO H 148 2.72 -51.39 -20.81
N CYS H 149 1.55 -51.81 -21.28
CA CYS H 149 1.16 -51.66 -22.67
C CYS H 149 -0.17 -50.95 -22.75
N SER H 150 -0.42 -50.33 -23.91
CA SER H 150 -1.65 -49.59 -24.12
C SER H 150 -2.69 -50.49 -24.74
N THR H 151 -3.97 -50.21 -24.47
CA THR H 151 -5.06 -50.99 -25.03
C THR H 151 -6.32 -50.14 -25.06
N TYR H 152 -7.14 -50.37 -26.08
CA TYR H 152 -8.43 -49.68 -26.25
C TYR H 152 -9.36 -50.19 -25.16
N ALA H 153 -9.59 -49.35 -24.13
CA ALA H 153 -10.29 -49.80 -22.94
C ALA H 153 -11.79 -49.81 -23.18
N GLN H 154 -12.52 -50.41 -22.23
CA GLN H 154 -13.92 -50.78 -22.42
C GLN H 154 -14.92 -49.68 -22.06
N SER H 155 -14.46 -48.47 -21.77
CA SER H 155 -15.39 -47.38 -21.49
C SER H 155 -15.93 -46.83 -22.81
N THR H 156 -17.17 -47.17 -23.13
CA THR H 156 -17.69 -46.91 -24.48
C THR H 156 -18.35 -45.54 -24.59
N ALA H 157 -18.13 -44.65 -23.61
CA ALA H 157 -18.66 -43.28 -23.67
C ALA H 157 -17.86 -42.43 -24.65
N ALA H 158 -18.48 -41.43 -25.25
CA ALA H 158 -17.90 -40.68 -26.36
C ALA H 158 -17.09 -39.50 -25.86
N THR H 159 -16.11 -39.78 -25.00
CA THR H 159 -15.22 -38.77 -24.48
C THR H 159 -13.91 -38.84 -25.23
N ALA H 160 -13.51 -37.70 -25.79
CA ALA H 160 -12.27 -37.61 -26.57
C ALA H 160 -12.45 -38.12 -28.00
N GLU H 161 -13.67 -38.44 -28.38
CA GLU H 161 -13.95 -38.82 -29.75
C GLU H 161 -14.77 -37.74 -30.43
N GLU H 162 -14.50 -37.53 -31.72
CA GLU H 162 -15.29 -36.60 -32.49
C GLU H 162 -15.56 -37.22 -33.85
N ILE H 163 -16.68 -37.94 -33.90
CA ILE H 163 -17.12 -38.62 -35.12
C ILE H 163 -17.69 -37.57 -36.05
N GLU H 164 -17.29 -37.63 -37.31
CA GLU H 164 -17.74 -36.68 -38.32
C GLU H 164 -19.15 -37.02 -38.77
N VAL H 165 -20.13 -36.71 -37.92
CA VAL H 165 -21.52 -36.98 -38.18
C VAL H 165 -22.10 -35.79 -38.92
N HIS H 166 -22.02 -35.85 -40.24
CA HIS H 166 -22.45 -34.75 -41.09
C HIS H 166 -23.87 -35.03 -41.52
N MET H 167 -24.37 -34.19 -42.41
CA MET H 167 -25.67 -34.40 -43.01
C MET H 167 -25.62 -35.67 -43.87
N PRO H 168 -26.69 -36.46 -43.89
CA PRO H 168 -26.70 -37.69 -44.68
C PRO H 168 -26.72 -37.35 -46.16
N PRO H 169 -26.13 -38.21 -46.99
CA PRO H 169 -25.95 -37.85 -48.41
C PRO H 169 -27.26 -37.93 -49.17
N ASP H 170 -27.19 -37.49 -50.42
CA ASP H 170 -28.36 -37.54 -51.29
C ASP H 170 -28.63 -38.99 -51.66
N THR H 171 -29.53 -39.63 -50.92
CA THR H 171 -29.78 -41.04 -51.10
C THR H 171 -30.67 -41.19 -52.32
N PRO H 172 -30.12 -41.51 -53.49
CA PRO H 172 -30.99 -41.83 -54.62
C PRO H 172 -31.56 -43.22 -54.44
N ASP H 173 -32.71 -43.45 -55.05
CA ASP H 173 -33.34 -44.77 -55.02
C ASP H 173 -34.31 -44.82 -56.20
N ARG H 174 -34.30 -45.92 -56.95
CA ARG H 174 -35.03 -46.01 -58.19
C ARG H 174 -36.53 -46.22 -58.01
N THR H 175 -37.01 -46.44 -56.78
CA THR H 175 -38.41 -46.76 -56.57
C THR H 175 -39.31 -45.53 -56.46
N LEU H 176 -38.80 -44.34 -56.79
CA LEU H 176 -39.66 -43.17 -56.78
C LEU H 176 -40.58 -43.11 -57.99
N MET H 177 -40.12 -43.53 -59.15
CA MET H 177 -40.87 -43.36 -60.39
C MET H 177 -41.59 -44.65 -60.75
N SER H 178 -42.74 -44.51 -61.40
CA SER H 178 -43.47 -45.63 -61.96
C SER H 178 -44.00 -45.23 -63.32
N GLN H 179 -44.53 -46.21 -64.04
CA GLN H 179 -44.98 -46.02 -65.40
C GLN H 179 -46.47 -45.74 -65.38
N GLN H 180 -46.85 -44.51 -65.75
CA GLN H 180 -48.24 -44.13 -65.94
C GLN H 180 -48.63 -44.53 -67.37
N SER H 181 -48.78 -45.85 -67.56
CA SER H 181 -48.93 -46.46 -68.89
C SER H 181 -47.59 -46.51 -69.60
N GLY H 182 -46.50 -46.39 -68.85
CA GLY H 182 -45.20 -46.13 -69.42
C GLY H 182 -44.88 -44.65 -69.35
N ASN H 183 -45.85 -43.87 -68.86
CA ASN H 183 -45.76 -42.42 -68.77
C ASN H 183 -45.33 -42.04 -67.37
N VAL H 184 -45.18 -40.74 -67.11
CA VAL H 184 -44.57 -40.24 -65.89
C VAL H 184 -45.64 -40.28 -64.81
N LYS H 185 -45.76 -41.42 -64.14
CA LYS H 185 -46.64 -41.55 -62.99
C LYS H 185 -45.82 -42.14 -61.87
N ILE H 186 -45.09 -41.30 -61.16
CA ILE H 186 -44.24 -41.72 -60.05
C ILE H 186 -45.00 -41.38 -58.78
N THR H 187 -45.08 -42.33 -57.86
CA THR H 187 -45.73 -42.11 -56.59
C THR H 187 -44.75 -41.35 -55.70
N VAL H 188 -45.28 -40.64 -54.70
CA VAL H 188 -44.40 -39.97 -53.75
C VAL H 188 -43.76 -40.99 -52.82
N ASN H 189 -44.57 -41.70 -52.03
CA ASN H 189 -44.08 -42.76 -51.16
C ASN H 189 -43.50 -42.23 -49.84
N SER H 190 -43.72 -40.95 -49.59
CA SER H 190 -43.30 -40.37 -48.33
C SER H 190 -41.81 -40.11 -48.20
N GLN H 191 -41.22 -39.36 -49.12
CA GLN H 191 -39.79 -39.07 -49.08
C GLN H 191 -39.55 -37.63 -49.51
N THR H 192 -38.32 -37.17 -49.28
CA THR H 192 -37.86 -35.89 -49.79
C THR H 192 -37.40 -36.14 -51.22
N VAL H 193 -38.34 -36.12 -52.16
CA VAL H 193 -38.15 -36.64 -53.51
C VAL H 193 -37.66 -35.52 -54.42
N ARG H 194 -36.35 -35.46 -54.61
CA ARG H 194 -35.75 -34.70 -55.69
C ARG H 194 -36.14 -35.39 -56.98
N TYR H 195 -36.93 -34.72 -57.81
CA TYR H 195 -37.46 -35.32 -59.03
C TYR H 195 -36.80 -34.69 -60.25
N LYS H 196 -36.02 -35.51 -60.95
CA LYS H 196 -35.38 -35.10 -62.20
C LYS H 196 -36.10 -35.80 -63.34
N CYS H 197 -37.02 -35.10 -64.00
CA CYS H 197 -37.80 -35.68 -65.08
C CYS H 197 -37.12 -35.39 -66.41
N ASN H 198 -37.01 -36.42 -67.24
CA ASN H 198 -36.48 -36.27 -68.59
C ASN H 198 -37.59 -36.01 -69.60
N CYS H 199 -38.44 -35.03 -69.30
CA CYS H 199 -39.47 -34.58 -70.22
C CYS H 199 -39.13 -33.15 -70.62
N GLY H 200 -40.03 -32.55 -71.39
CA GLY H 200 -39.82 -31.20 -71.87
C GLY H 200 -39.97 -30.15 -70.79
N ASP H 201 -39.10 -29.16 -70.86
CA ASP H 201 -39.16 -28.01 -69.97
C ASP H 201 -38.71 -28.27 -68.54
N SER H 202 -39.63 -28.10 -67.59
CA SER H 202 -39.32 -28.10 -66.17
C SER H 202 -39.40 -29.52 -65.64
N ASN H 203 -38.34 -30.30 -65.87
CA ASN H 203 -38.30 -31.64 -65.32
C ASN H 203 -37.64 -31.70 -63.94
N GLU H 204 -37.34 -30.56 -63.33
CA GLU H 204 -36.76 -30.51 -62.00
C GLU H 204 -37.87 -30.51 -60.96
N GLY H 205 -37.52 -30.17 -59.74
CA GLY H 205 -38.50 -30.06 -58.69
C GLY H 205 -38.33 -31.12 -57.62
N LEU H 206 -37.99 -30.65 -56.43
CA LEU H 206 -37.74 -31.51 -55.27
C LEU H 206 -38.97 -31.44 -54.38
N THR H 207 -39.96 -32.25 -54.69
CA THR H 207 -41.23 -32.25 -53.97
C THR H 207 -41.22 -33.33 -52.90
N THR H 208 -42.34 -33.45 -52.21
CA THR H 208 -42.58 -34.55 -51.29
C THR H 208 -43.89 -35.28 -51.57
N THR H 209 -44.49 -35.07 -52.73
CA THR H 209 -45.81 -35.63 -53.04
C THR H 209 -45.73 -36.44 -54.32
N ASP H 210 -46.90 -36.82 -54.83
CA ASP H 210 -46.97 -37.63 -56.04
C ASP H 210 -46.66 -36.80 -57.26
N LYS H 211 -46.12 -37.45 -58.30
CA LYS H 211 -45.71 -36.75 -59.50
C LYS H 211 -46.34 -37.42 -60.71
N VAL H 212 -47.04 -36.61 -61.49
CA VAL H 212 -47.56 -37.05 -62.77
C VAL H 212 -46.94 -36.16 -63.83
N ILE H 213 -45.74 -36.52 -64.27
CA ILE H 213 -45.16 -36.00 -65.48
C ILE H 213 -45.53 -37.02 -66.53
N ASN H 214 -46.74 -36.90 -67.07
CA ASN H 214 -47.20 -37.78 -68.14
C ASN H 214 -46.42 -37.45 -69.40
N ASN H 215 -46.13 -38.48 -70.17
CA ASN H 215 -45.10 -38.39 -71.20
C ASN H 215 -43.71 -38.40 -70.57
N CYS H 216 -43.61 -39.01 -69.40
CA CYS H 216 -42.33 -39.30 -68.77
C CYS H 216 -42.04 -40.78 -68.97
N LYS H 217 -41.03 -41.27 -68.26
CA LYS H 217 -40.77 -42.70 -68.20
C LYS H 217 -40.03 -43.01 -66.91
N VAL H 218 -39.76 -44.29 -66.70
CA VAL H 218 -38.84 -44.66 -65.63
C VAL H 218 -37.43 -44.26 -66.03
N ASP H 219 -37.08 -44.42 -67.30
CA ASP H 219 -35.86 -43.83 -67.82
C ASP H 219 -36.07 -42.34 -68.09
N GLN H 220 -37.31 -41.94 -68.30
CA GLN H 220 -37.66 -40.53 -68.42
C GLN H 220 -37.83 -39.84 -67.06
N CYS H 221 -37.62 -40.55 -65.95
CA CYS H 221 -37.70 -39.96 -64.63
C CYS H 221 -36.49 -40.35 -63.79
N HIS H 222 -36.31 -39.61 -62.69
CA HIS H 222 -35.32 -39.96 -61.67
C HIS H 222 -35.82 -39.44 -60.34
N ALA H 223 -35.83 -40.30 -59.32
CA ALA H 223 -36.25 -39.92 -57.99
C ALA H 223 -35.09 -40.09 -57.01
N ALA H 224 -34.91 -39.11 -56.12
CA ALA H 224 -33.89 -39.21 -55.09
C ALA H 224 -34.55 -38.88 -53.77
N VAL H 225 -34.16 -39.59 -52.71
CA VAL H 225 -34.78 -39.46 -51.41
C VAL H 225 -33.89 -38.61 -50.52
N THR H 226 -34.46 -37.55 -49.93
CA THR H 226 -33.70 -36.56 -49.19
C THR H 226 -33.71 -36.93 -47.72
N ASN H 227 -32.58 -36.73 -47.06
CA ASN H 227 -32.40 -37.12 -45.66
C ASN H 227 -32.04 -35.88 -44.85
N HIS H 228 -33.04 -35.32 -44.19
CA HIS H 228 -32.82 -34.31 -43.16
C HIS H 228 -33.09 -34.86 -41.76
N LYS H 229 -32.74 -36.11 -41.49
CA LYS H 229 -33.20 -36.79 -40.29
C LYS H 229 -32.10 -37.20 -39.31
N LYS H 230 -30.88 -37.47 -39.78
CA LYS H 230 -29.85 -37.98 -38.89
C LYS H 230 -28.48 -37.51 -39.36
N TRP H 231 -27.54 -37.49 -38.42
CA TRP H 231 -26.13 -37.29 -38.72
C TRP H 231 -25.50 -38.64 -39.03
N GLN H 232 -24.57 -38.64 -39.97
CA GLN H 232 -23.94 -39.88 -40.42
C GLN H 232 -22.44 -39.70 -40.37
N TYR H 233 -21.75 -40.73 -39.90
CA TYR H 233 -20.30 -40.69 -39.73
C TYR H 233 -19.62 -40.64 -41.09
N ASN H 234 -18.80 -39.60 -41.28
CA ASN H 234 -18.32 -39.22 -42.61
C ASN H 234 -17.27 -40.17 -43.15
N SER H 235 -17.69 -41.39 -43.50
CA SER H 235 -16.83 -42.44 -44.02
C SER H 235 -16.39 -42.07 -45.43
N PRO H 236 -15.18 -42.47 -45.84
CA PRO H 236 -14.70 -42.17 -47.19
C PRO H 236 -15.41 -42.95 -48.29
N LEU H 237 -16.17 -43.98 -47.94
CA LEU H 237 -17.14 -44.55 -48.86
C LEU H 237 -18.35 -43.65 -49.05
N VAL H 238 -18.64 -42.78 -48.09
CA VAL H 238 -19.86 -41.98 -48.11
C VAL H 238 -19.72 -40.84 -49.12
N PRO H 239 -20.72 -40.61 -49.95
CA PRO H 239 -20.69 -39.45 -50.84
C PRO H 239 -21.04 -38.19 -50.06
N ARG H 240 -20.01 -37.39 -49.81
CA ARG H 240 -20.13 -36.22 -48.97
C ARG H 240 -20.63 -35.02 -49.76
N ASN H 241 -20.51 -33.85 -49.15
CA ASN H 241 -21.20 -32.64 -49.60
C ASN H 241 -20.57 -32.09 -50.86
N ALA H 242 -21.07 -32.53 -52.01
CA ALA H 242 -20.93 -31.74 -53.23
C ALA H 242 -22.15 -30.86 -53.43
N GLU H 243 -23.31 -31.33 -52.97
CA GLU H 243 -24.52 -30.53 -52.86
C GLU H 243 -24.68 -29.88 -51.49
N LEU H 244 -23.60 -29.84 -50.72
CA LEU H 244 -23.54 -29.10 -49.48
C LEU H 244 -22.12 -28.54 -49.37
N GLY H 245 -21.92 -27.64 -48.43
CA GLY H 245 -20.61 -27.05 -48.20
C GLY H 245 -19.84 -27.86 -47.20
N ASP H 246 -19.54 -27.27 -46.04
CA ASP H 246 -18.89 -27.99 -44.94
C ASP H 246 -19.76 -28.05 -43.70
N ARG H 247 -21.07 -27.88 -43.85
CA ARG H 247 -21.98 -27.86 -42.72
C ARG H 247 -22.20 -29.30 -42.24
N LYS H 248 -21.27 -29.79 -41.44
CA LYS H 248 -21.33 -31.15 -40.96
C LYS H 248 -21.37 -31.13 -39.43
N GLY H 249 -21.38 -32.32 -38.83
CA GLY H 249 -21.51 -32.46 -37.40
C GLY H 249 -20.36 -33.23 -36.79
N LYS H 250 -20.23 -33.10 -35.47
CA LYS H 250 -19.20 -33.79 -34.71
C LYS H 250 -19.83 -34.32 -33.44
N VAL H 251 -19.60 -35.60 -33.15
CA VAL H 251 -20.22 -36.28 -32.02
C VAL H 251 -19.14 -36.97 -31.21
N HIS H 252 -19.54 -37.61 -30.12
CA HIS H 252 -18.62 -38.39 -29.32
C HIS H 252 -18.23 -39.68 -30.04
N ILE H 253 -17.10 -40.23 -29.65
CA ILE H 253 -16.64 -41.51 -30.20
C ILE H 253 -16.25 -42.41 -29.02
N PRO H 254 -16.82 -43.60 -28.90
CA PRO H 254 -16.62 -44.39 -27.69
C PRO H 254 -15.33 -45.22 -27.73
N PHE H 255 -15.15 -46.00 -26.66
CA PHE H 255 -14.05 -46.95 -26.49
C PHE H 255 -12.69 -46.26 -26.38
N PRO H 256 -12.46 -45.46 -25.33
CA PRO H 256 -11.18 -44.77 -25.19
C PRO H 256 -10.07 -45.71 -24.72
N LEU H 257 -8.87 -45.45 -25.22
CA LEU H 257 -7.69 -46.25 -24.88
C LEU H 257 -7.19 -45.92 -23.49
N ALA H 258 -6.28 -46.74 -22.99
CA ALA H 258 -5.68 -46.57 -21.67
C ALA H 258 -4.53 -47.56 -21.48
N ASN H 259 -3.64 -47.24 -20.55
CA ASN H 259 -2.44 -48.06 -20.34
C ASN H 259 -2.63 -49.00 -19.16
N VAL H 260 -2.40 -50.29 -19.40
CA VAL H 260 -2.51 -51.31 -18.36
C VAL H 260 -1.20 -52.08 -18.35
N THR H 261 -1.12 -53.13 -17.53
CA THR H 261 0.11 -53.90 -17.37
C THR H 261 -0.19 -55.37 -17.61
N CYS H 262 0.23 -55.87 -18.76
CA CYS H 262 -0.03 -57.24 -19.16
C CYS H 262 1.08 -58.15 -18.66
N ARG H 263 0.71 -59.29 -18.09
CA ARG H 263 1.67 -60.26 -17.58
C ARG H 263 2.15 -61.14 -18.73
N VAL H 264 3.46 -61.29 -18.85
CA VAL H 264 4.08 -62.07 -19.91
C VAL H 264 4.98 -63.10 -19.24
N PRO H 265 5.33 -64.19 -19.91
CA PRO H 265 6.09 -65.24 -19.23
C PRO H 265 7.59 -65.05 -19.41
N LYS H 266 8.33 -65.72 -18.56
CA LYS H 266 9.78 -65.80 -18.63
C LYS H 266 10.16 -67.25 -18.39
N ALA H 267 11.09 -67.77 -19.19
CA ALA H 267 11.38 -69.19 -19.18
C ALA H 267 12.45 -69.50 -18.14
N ARG H 268 12.58 -70.79 -17.81
CA ARG H 268 13.51 -71.22 -16.77
C ARG H 268 14.95 -71.06 -17.24
N ASN H 269 15.84 -70.87 -16.29
CA ASN H 269 17.24 -70.65 -16.59
C ASN H 269 17.86 -71.96 -17.03
N PRO H 270 18.78 -71.96 -17.99
CA PRO H 270 19.31 -73.22 -18.49
C PRO H 270 20.43 -73.75 -17.62
N THR H 271 21.06 -74.82 -18.12
CA THR H 271 22.19 -75.41 -17.42
C THR H 271 23.40 -74.50 -17.58
N VAL H 272 24.13 -74.27 -16.49
CA VAL H 272 25.30 -73.41 -16.50
C VAL H 272 26.55 -74.25 -16.25
N THR H 273 27.56 -74.06 -17.08
CA THR H 273 28.87 -74.65 -16.87
C THR H 273 29.90 -73.53 -16.91
N TYR H 274 30.45 -73.20 -15.76
CA TYR H 274 31.39 -72.10 -15.64
C TYR H 274 32.82 -72.62 -15.68
N GLY H 275 33.36 -72.74 -16.88
CA GLY H 275 34.73 -73.17 -17.07
C GLY H 275 35.58 -71.94 -17.38
N LYS H 276 36.83 -72.21 -17.76
CA LYS H 276 37.88 -71.20 -17.77
C LYS H 276 37.64 -70.18 -18.87
N ASN H 277 36.96 -69.10 -18.51
CA ASN H 277 36.58 -68.05 -19.46
C ASN H 277 35.37 -68.43 -20.28
N GLN H 278 34.68 -69.51 -19.92
CA GLN H 278 33.57 -69.98 -20.74
C GLN H 278 32.37 -70.25 -19.85
N VAL H 279 31.19 -69.95 -20.36
CA VAL H 279 29.94 -70.16 -19.65
C VAL H 279 28.98 -70.87 -20.57
N ILE H 280 28.86 -72.18 -20.39
CA ILE H 280 28.02 -73.01 -21.24
C ILE H 280 26.61 -72.93 -20.68
N MET H 281 25.73 -72.23 -21.38
CA MET H 281 24.35 -72.07 -20.99
C MET H 281 23.48 -72.88 -21.94
N LEU H 282 22.97 -74.00 -21.45
CA LEU H 282 22.10 -74.89 -22.21
C LEU H 282 20.66 -74.53 -21.86
N LEU H 283 20.18 -73.43 -22.42
CA LEU H 283 18.80 -73.03 -22.23
C LEU H 283 17.94 -73.63 -23.35
N TYR H 284 16.72 -74.04 -23.01
CA TYR H 284 15.77 -74.58 -23.96
C TYR H 284 14.51 -73.72 -23.88
N PRO H 285 14.35 -72.75 -24.77
CA PRO H 285 13.21 -71.84 -24.66
C PRO H 285 11.92 -72.46 -25.16
N ASP H 286 10.83 -72.22 -24.42
CA ASP H 286 9.51 -72.70 -24.80
C ASP H 286 8.74 -71.70 -25.65
N HIS H 287 9.40 -70.62 -26.07
CA HIS H 287 8.80 -69.65 -26.97
C HIS H 287 9.94 -68.99 -27.73
N PRO H 288 9.65 -68.07 -28.62
CA PRO H 288 10.73 -67.22 -29.15
C PRO H 288 11.23 -66.29 -28.05
N THR H 289 12.43 -66.53 -27.54
CA THR H 289 12.91 -65.78 -26.39
C THR H 289 14.22 -65.09 -26.75
N LEU H 290 14.19 -63.76 -26.76
CA LEU H 290 15.40 -63.00 -27.05
C LEU H 290 16.36 -63.10 -25.87
N LEU H 291 17.61 -63.46 -26.15
CA LEU H 291 18.66 -63.51 -25.16
C LEU H 291 19.79 -62.63 -25.67
N SER H 292 20.31 -61.79 -24.80
CA SER H 292 21.34 -60.83 -25.17
C SER H 292 22.56 -61.03 -24.29
N TYR H 293 23.72 -61.08 -24.92
CA TYR H 293 24.96 -61.18 -24.19
C TYR H 293 25.73 -59.90 -24.42
N ARG H 294 26.29 -59.35 -23.34
CA ARG H 294 26.96 -58.08 -23.41
C ARG H 294 28.10 -58.09 -22.41
N ASN H 295 29.19 -57.42 -22.77
CA ASN H 295 30.31 -57.27 -21.86
C ASN H 295 29.93 -56.27 -20.78
N MET H 296 30.32 -56.58 -19.54
CA MET H 296 30.02 -55.72 -18.40
C MET H 296 31.07 -54.64 -18.19
N GLY H 297 31.84 -54.29 -19.23
CA GLY H 297 32.82 -53.23 -19.14
C GLY H 297 32.62 -52.22 -20.25
N GLU H 298 33.71 -51.58 -20.70
CA GLU H 298 33.61 -50.46 -21.63
C GLU H 298 33.20 -50.91 -23.03
N GLU H 299 33.70 -52.06 -23.47
CA GLU H 299 33.34 -52.58 -24.78
C GLU H 299 32.24 -53.62 -24.58
N PRO H 300 30.96 -53.26 -24.76
CA PRO H 300 29.89 -54.22 -24.49
C PRO H 300 29.79 -55.36 -25.48
N ASN H 301 29.68 -55.06 -26.78
CA ASN H 301 29.49 -56.07 -27.81
C ASN H 301 28.17 -56.82 -27.60
N TYR H 302 27.15 -56.06 -27.22
CA TYR H 302 25.90 -56.63 -26.76
C TYR H 302 25.12 -57.19 -27.93
N GLN H 303 25.39 -58.45 -28.25
CA GLN H 303 24.71 -59.13 -29.34
C GLN H 303 23.52 -59.88 -28.75
N GLU H 304 22.37 -59.68 -29.35
CA GLU H 304 21.16 -60.35 -28.92
C GLU H 304 20.68 -61.22 -30.06
N GLU H 305 20.07 -62.35 -29.69
CA GLU H 305 19.48 -63.26 -30.66
C GLU H 305 18.21 -63.82 -30.04
N TRP H 306 17.15 -63.88 -30.84
CA TRP H 306 15.95 -64.60 -30.47
C TRP H 306 16.31 -66.08 -30.50
N VAL H 307 15.76 -66.84 -29.58
CA VAL H 307 16.03 -68.26 -29.50
C VAL H 307 14.73 -69.02 -29.79
N THR H 308 14.84 -70.09 -30.57
CA THR H 308 13.76 -71.04 -30.78
C THR H 308 14.11 -72.45 -30.31
N HIS H 309 15.20 -73.02 -30.81
CA HIS H 309 15.50 -74.43 -30.53
C HIS H 309 16.28 -74.56 -29.24
N LYS H 310 16.78 -75.77 -28.96
CA LYS H 310 17.60 -75.99 -27.77
C LYS H 310 18.97 -75.37 -27.98
N LYS H 311 19.34 -74.42 -27.14
CA LYS H 311 20.54 -73.63 -27.39
C LYS H 311 21.51 -73.77 -26.23
N GLU H 312 22.67 -74.37 -26.50
CA GLU H 312 23.79 -74.35 -25.58
C GLU H 312 24.81 -73.36 -26.13
N VAL H 313 24.85 -72.16 -25.55
CA VAL H 313 25.80 -71.14 -25.96
C VAL H 313 26.92 -71.12 -24.93
N ILE H 314 28.14 -71.34 -25.39
CA ILE H 314 29.33 -71.27 -24.55
C ILE H 314 29.83 -69.84 -24.66
N ARG H 315 29.25 -68.94 -23.86
CA ARG H 315 29.54 -67.52 -23.92
C ARG H 315 30.90 -67.24 -23.31
N THR H 316 31.59 -66.25 -23.86
CA THR H 316 32.89 -65.86 -23.34
C THR H 316 32.70 -65.07 -22.05
N VAL H 317 33.32 -65.55 -20.98
CA VAL H 317 33.30 -64.87 -19.69
C VAL H 317 34.14 -63.60 -19.84
N PRO H 318 33.53 -62.42 -19.86
CA PRO H 318 34.31 -61.18 -19.95
C PRO H 318 35.00 -60.91 -18.63
N THR H 319 36.07 -60.13 -18.71
CA THR H 319 36.82 -59.77 -17.51
C THR H 319 36.03 -58.83 -16.65
N GLU H 320 35.37 -57.85 -17.26
CA GLU H 320 34.41 -57.04 -16.53
C GLU H 320 33.14 -57.82 -16.25
N GLY H 321 32.85 -58.83 -17.07
CA GLY H 321 31.70 -59.68 -16.86
C GLY H 321 30.77 -59.67 -18.06
N LEU H 322 29.76 -60.53 -17.99
CA LEU H 322 28.80 -60.68 -19.07
C LEU H 322 27.41 -60.56 -18.48
N GLU H 323 26.62 -59.67 -19.06
CA GLU H 323 25.18 -59.59 -18.83
C GLU H 323 24.52 -60.42 -19.91
N VAL H 324 23.77 -61.43 -19.50
CA VAL H 324 23.13 -62.37 -20.41
C VAL H 324 21.65 -62.42 -20.05
N THR H 325 20.86 -61.63 -20.76
CA THR H 325 19.43 -61.53 -20.51
C THR H 325 18.73 -62.49 -21.46
N TRP H 326 18.35 -63.65 -20.94
CA TRP H 326 17.66 -64.69 -21.70
C TRP H 326 16.21 -64.65 -21.26
N GLY H 327 15.34 -64.13 -22.12
CA GLY H 327 13.94 -64.04 -21.75
C GLY H 327 13.70 -62.90 -20.80
N ASN H 328 12.52 -62.89 -20.19
CA ASN H 328 12.04 -61.72 -19.46
C ASN H 328 12.64 -61.58 -18.08
N ASN H 329 13.40 -62.55 -17.60
CA ASN H 329 13.96 -62.47 -16.25
C ASN H 329 15.16 -61.54 -16.22
N GLU H 330 15.66 -61.30 -15.01
CA GLU H 330 16.82 -60.44 -14.82
C GLU H 330 18.06 -61.10 -15.38
N PRO H 331 18.95 -60.34 -16.01
CA PRO H 331 20.01 -60.96 -16.82
C PRO H 331 21.12 -61.51 -15.94
N TYR H 332 21.64 -62.65 -16.37
CA TYR H 332 22.66 -63.36 -15.62
C TYR H 332 23.98 -62.63 -15.73
N LYS H 333 24.59 -62.36 -14.59
CA LYS H 333 25.88 -61.70 -14.50
C LYS H 333 26.93 -62.77 -14.34
N TYR H 334 27.98 -62.70 -15.15
CA TYR H 334 29.11 -63.59 -15.01
C TYR H 334 30.37 -62.76 -14.81
N TRP H 335 30.97 -62.88 -13.62
CA TRP H 335 32.27 -62.30 -13.38
C TRP H 335 33.19 -63.51 -13.48
N PRO H 336 34.15 -63.50 -14.41
CA PRO H 336 35.01 -64.67 -14.54
C PRO H 336 36.10 -64.65 -13.49
N GLN H 337 35.93 -65.52 -12.50
CA GLN H 337 36.84 -65.57 -11.37
C GLN H 337 37.95 -66.57 -11.64
N LEU H 338 39.17 -66.06 -11.71
CA LEU H 338 40.35 -66.87 -12.01
C LEU H 338 40.69 -67.86 -10.91
N GLN I 1 -43.21 -1.02 -26.47
CA GLN I 1 -42.53 -0.50 -25.29
C GLN I 1 -41.44 -1.45 -24.83
N ILE I 2 -40.62 -1.00 -23.88
CA ILE I 2 -39.46 -1.76 -23.42
C ILE I 2 -39.97 -2.93 -22.60
N GLN I 3 -40.14 -4.07 -23.27
CA GLN I 3 -40.70 -5.27 -22.66
C GLN I 3 -39.81 -6.42 -23.08
N LEU I 4 -39.40 -7.23 -22.11
CA LEU I 4 -38.51 -8.35 -22.36
C LEU I 4 -39.37 -9.53 -22.78
N VAL I 5 -38.98 -10.20 -23.86
CA VAL I 5 -39.49 -11.51 -24.22
C VAL I 5 -38.85 -12.49 -23.26
N GLN I 6 -39.66 -13.06 -22.37
CA GLN I 6 -39.20 -13.75 -21.17
C GLN I 6 -38.58 -15.09 -21.52
N SER I 7 -37.89 -15.66 -20.55
CA SER I 7 -37.22 -16.92 -20.75
C SER I 7 -38.21 -18.08 -20.71
N GLY I 8 -37.73 -19.26 -21.08
CA GLY I 8 -38.53 -20.44 -20.92
C GLY I 8 -38.33 -21.04 -19.56
N ARG I 9 -38.97 -22.19 -19.33
CA ARG I 9 -38.77 -22.94 -18.11
C ARG I 9 -37.37 -23.56 -18.14
N GLU I 10 -36.45 -22.94 -17.43
CA GLU I 10 -35.09 -23.42 -17.35
C GLU I 10 -35.00 -24.53 -16.31
N VAL I 11 -35.34 -25.73 -16.75
CA VAL I 11 -35.31 -26.92 -15.90
C VAL I 11 -33.94 -27.57 -16.05
N LYS I 12 -32.98 -27.09 -15.27
CA LYS I 12 -31.64 -27.65 -15.33
C LYS I 12 -31.53 -28.53 -14.10
N ASN I 13 -30.38 -29.12 -13.89
CA ASN I 13 -30.18 -29.88 -12.67
C ASN I 13 -29.69 -28.96 -11.56
N PRO I 14 -29.43 -29.51 -10.37
CA PRO I 14 -28.74 -28.70 -9.36
C PRO I 14 -27.27 -28.56 -9.75
N GLY I 15 -26.95 -27.39 -10.29
CA GLY I 15 -25.74 -27.20 -11.05
C GLY I 15 -25.98 -27.08 -12.55
N GLU I 16 -27.22 -27.28 -12.99
CA GLU I 16 -27.58 -27.06 -14.39
C GLU I 16 -27.83 -25.58 -14.66
N THR I 17 -27.48 -25.13 -15.85
CA THR I 17 -27.53 -23.71 -16.20
C THR I 17 -28.37 -23.49 -17.45
N VAL I 18 -29.21 -22.46 -17.40
CA VAL I 18 -30.08 -22.10 -18.52
C VAL I 18 -30.39 -20.61 -18.42
N LYS I 19 -30.60 -19.99 -19.58
CA LYS I 19 -30.84 -18.55 -19.65
C LYS I 19 -32.33 -18.29 -19.50
N ILE I 20 -32.68 -17.32 -18.67
CA ILE I 20 -33.95 -16.61 -18.76
C ILE I 20 -33.69 -15.43 -19.67
N SER I 21 -34.05 -15.57 -20.94
CA SER I 21 -33.81 -14.54 -21.93
C SER I 21 -34.79 -13.40 -21.72
N CYS I 22 -34.39 -12.22 -22.17
CA CYS I 22 -35.24 -11.04 -22.14
C CYS I 22 -35.05 -10.37 -23.48
N LYS I 23 -35.85 -10.76 -24.46
CA LYS I 23 -35.82 -10.17 -25.79
C LYS I 23 -36.38 -8.76 -25.67
N ALA I 24 -35.50 -7.79 -25.48
CA ALA I 24 -35.90 -6.45 -25.09
C ALA I 24 -36.42 -5.68 -26.29
N SER I 25 -37.73 -5.45 -26.30
CA SER I 25 -38.37 -4.61 -27.30
C SER I 25 -38.57 -3.25 -26.68
N GLY I 26 -38.96 -2.29 -27.51
CA GLY I 26 -38.90 -0.88 -27.17
C GLY I 26 -37.64 -0.21 -27.65
N TYR I 27 -36.49 -0.83 -27.46
CA TYR I 27 -35.26 -0.49 -28.16
C TYR I 27 -34.68 -1.76 -28.76
N THR I 28 -33.41 -1.68 -29.14
CA THR I 28 -32.61 -2.87 -29.46
C THR I 28 -32.09 -3.48 -28.16
N PHE I 29 -31.13 -4.39 -28.27
CA PHE I 29 -30.51 -4.87 -27.05
C PHE I 29 -29.53 -3.80 -26.60
N THR I 30 -28.94 -3.11 -27.58
CA THR I 30 -28.22 -1.87 -27.35
C THR I 30 -29.14 -0.65 -27.30
N GLU I 31 -30.46 -0.84 -27.21
CA GLU I 31 -31.40 0.26 -27.06
C GLU I 31 -32.47 0.02 -25.99
N TYR I 32 -32.50 -1.16 -25.35
CA TYR I 32 -33.60 -1.50 -24.44
C TYR I 32 -33.10 -1.78 -23.03
N PRO I 33 -33.46 -0.93 -22.07
CA PRO I 33 -32.84 -0.96 -20.74
C PRO I 33 -33.36 -2.11 -19.90
N MET I 34 -32.71 -3.26 -20.06
CA MET I 34 -33.08 -4.47 -19.36
C MET I 34 -32.61 -4.37 -17.92
N LEU I 35 -33.56 -4.49 -17.00
CA LEU I 35 -33.22 -4.81 -15.63
C LEU I 35 -33.38 -6.31 -15.49
N TRP I 36 -32.27 -6.98 -15.18
CA TRP I 36 -32.28 -8.38 -14.80
C TRP I 36 -33.04 -8.47 -13.49
N VAL I 37 -33.87 -9.49 -13.35
CA VAL I 37 -34.68 -9.64 -12.15
C VAL I 37 -35.01 -11.11 -11.99
N LYS I 38 -34.91 -11.57 -10.75
CA LYS I 38 -35.36 -12.90 -10.37
C LYS I 38 -36.64 -12.72 -9.58
N GLN I 39 -37.77 -13.01 -10.21
CA GLN I 39 -39.04 -13.13 -9.52
C GLN I 39 -38.93 -14.41 -8.71
N ALA I 40 -38.53 -14.27 -7.45
CA ALA I 40 -38.13 -15.33 -6.55
C ALA I 40 -39.35 -16.20 -6.20
N PRO I 41 -39.14 -17.43 -5.75
CA PRO I 41 -40.26 -18.29 -5.38
C PRO I 41 -41.04 -17.83 -4.16
N GLY I 42 -40.37 -17.17 -3.21
CA GLY I 42 -41.04 -16.73 -2.00
C GLY I 42 -41.52 -15.29 -1.96
N LYS I 43 -40.63 -14.34 -2.26
CA LYS I 43 -40.89 -12.93 -2.01
C LYS I 43 -41.28 -12.12 -3.25
N GLY I 44 -40.70 -12.46 -4.41
CA GLY I 44 -40.94 -11.67 -5.59
C GLY I 44 -39.65 -11.23 -6.26
N PHE I 45 -39.63 -9.95 -6.65
CA PHE I 45 -38.59 -9.40 -7.51
C PHE I 45 -37.28 -9.22 -6.74
N ARG I 46 -36.36 -10.16 -6.97
CA ARG I 46 -35.01 -10.10 -6.41
C ARG I 46 -34.09 -9.74 -7.55
N TRP I 47 -33.51 -8.55 -7.48
CA TRP I 47 -32.99 -7.86 -8.64
C TRP I 47 -31.69 -8.50 -9.14
N MET I 48 -31.67 -8.85 -10.43
CA MET I 48 -30.44 -9.17 -11.11
C MET I 48 -29.79 -7.94 -11.74
N GLY I 49 -30.30 -6.75 -11.46
CA GLY I 49 -29.63 -5.52 -11.81
C GLY I 49 -30.48 -4.66 -12.73
N LEU I 50 -29.98 -3.46 -13.00
CA LEU I 50 -30.62 -2.54 -13.92
C LEU I 50 -29.62 -2.15 -14.98
N ILE I 51 -30.09 -1.97 -16.21
CA ILE I 51 -29.22 -1.58 -17.31
C ILE I 51 -30.00 -0.72 -18.28
N TYR I 52 -29.64 0.55 -18.35
CA TYR I 52 -30.28 1.52 -19.23
C TYR I 52 -29.97 1.24 -20.69
N THR I 53 -30.79 1.80 -21.58
CA THR I 53 -31.01 1.35 -22.96
C THR I 53 -29.79 1.24 -23.84
N ASN I 54 -28.98 2.30 -23.90
CA ASN I 54 -27.83 2.43 -24.80
C ASN I 54 -26.76 1.37 -24.55
N THR I 55 -26.69 0.88 -23.31
CA THR I 55 -26.11 -0.43 -23.08
C THR I 55 -27.18 -1.52 -23.14
N GLY I 56 -28.21 -1.42 -22.30
CA GLY I 56 -29.25 -2.43 -22.25
C GLY I 56 -29.06 -3.51 -21.22
N GLU I 57 -27.82 -3.92 -20.96
CA GLU I 57 -27.56 -5.10 -20.15
C GLU I 57 -27.62 -4.75 -18.68
N PRO I 58 -28.37 -5.50 -17.87
CA PRO I 58 -28.51 -5.19 -16.46
C PRO I 58 -27.25 -5.46 -15.66
N THR I 59 -26.66 -4.37 -15.17
CA THR I 59 -25.59 -4.42 -14.20
C THR I 59 -26.20 -4.95 -12.91
N TYR I 60 -25.49 -5.88 -12.28
CA TYR I 60 -26.05 -6.82 -11.31
C TYR I 60 -26.43 -6.14 -10.00
N ALA I 61 -27.12 -6.90 -9.16
CA ALA I 61 -27.53 -6.39 -7.86
C ALA I 61 -26.41 -6.58 -6.83
N GLU I 62 -26.79 -6.46 -5.55
CA GLU I 62 -25.84 -6.72 -4.47
C GLU I 62 -25.55 -8.21 -4.34
N GLU I 63 -26.59 -9.01 -4.11
CA GLU I 63 -26.44 -10.46 -4.25
C GLU I 63 -26.86 -10.92 -5.64
N PHE I 64 -27.27 -9.99 -6.51
CA PHE I 64 -27.90 -10.30 -7.79
C PHE I 64 -26.92 -10.67 -8.90
N LYS I 65 -25.64 -10.79 -8.60
CA LYS I 65 -24.68 -11.33 -9.56
C LYS I 65 -24.26 -12.71 -9.10
N GLY I 66 -23.65 -13.48 -9.99
CA GLY I 66 -23.16 -14.79 -9.61
C GLY I 66 -23.81 -15.93 -10.38
N ARG I 67 -24.65 -16.71 -9.69
CA ARG I 67 -25.44 -17.76 -10.32
C ARG I 67 -26.41 -17.20 -11.36
N PHE I 68 -27.06 -16.07 -11.07
CA PHE I 68 -27.75 -15.29 -12.07
C PHE I 68 -26.72 -14.41 -12.76
N VAL I 69 -26.56 -14.64 -14.06
CA VAL I 69 -25.48 -14.02 -14.83
C VAL I 69 -26.13 -13.13 -15.88
N PHE I 70 -25.85 -11.84 -15.82
CA PHE I 70 -26.39 -10.91 -16.80
C PHE I 70 -25.50 -10.91 -18.03
N SER I 71 -26.10 -11.10 -19.20
CA SER I 71 -25.40 -10.99 -20.46
C SER I 71 -26.34 -10.30 -21.44
N LEU I 72 -25.80 -9.93 -22.61
CA LEU I 72 -26.59 -9.20 -23.58
C LEU I 72 -26.36 -9.77 -24.98
N GLU I 73 -27.41 -10.29 -25.58
CA GLU I 73 -27.44 -10.56 -27.01
C GLU I 73 -28.01 -9.30 -27.65
N ILE I 74 -27.15 -8.28 -27.71
CA ILE I 74 -27.50 -6.90 -28.06
C ILE I 74 -27.98 -6.78 -29.50
N SER I 75 -27.26 -7.44 -30.42
CA SER I 75 -27.70 -7.48 -31.81
C SER I 75 -28.92 -8.39 -32.00
N ALA I 76 -29.20 -9.28 -31.04
CA ALA I 76 -30.41 -10.09 -31.06
C ALA I 76 -31.55 -9.43 -30.29
N SER I 77 -31.35 -8.19 -29.85
CA SER I 77 -32.42 -7.38 -29.25
C SER I 77 -32.82 -7.89 -27.88
N THR I 78 -31.86 -8.44 -27.13
CA THR I 78 -32.20 -9.07 -25.86
C THR I 78 -31.01 -9.15 -24.92
N ALA I 79 -31.28 -9.52 -23.69
CA ALA I 79 -30.26 -9.94 -22.75
C ALA I 79 -30.56 -11.37 -22.35
N TYR I 80 -29.63 -11.98 -21.63
CA TYR I 80 -29.89 -13.25 -21.00
C TYR I 80 -29.55 -13.14 -19.53
N LEU I 81 -30.56 -13.21 -18.69
CA LEU I 81 -30.38 -13.40 -17.25
C LEU I 81 -30.29 -14.90 -17.03
N GLN I 82 -29.06 -15.42 -17.04
CA GLN I 82 -28.86 -16.85 -17.00
C GLN I 82 -28.95 -17.31 -15.56
N ILE I 83 -29.93 -18.16 -15.28
CA ILE I 83 -29.97 -18.91 -14.04
C ILE I 83 -28.97 -20.04 -14.24
N ASN I 84 -27.74 -19.79 -13.82
CA ASN I 84 -26.63 -20.65 -14.20
C ASN I 84 -26.04 -21.35 -12.98
N ASN I 85 -26.07 -22.68 -13.04
CA ASN I 85 -25.32 -23.57 -12.16
C ASN I 85 -25.76 -23.48 -10.70
N LEU I 86 -27.04 -23.19 -10.52
CA LEU I 86 -27.56 -22.92 -9.19
C LEU I 86 -27.79 -24.22 -8.43
N THR I 87 -28.01 -24.09 -7.12
CA THR I 87 -28.43 -25.19 -6.27
C THR I 87 -29.94 -25.39 -6.37
N ASN I 88 -30.48 -26.19 -5.45
CA ASN I 88 -31.87 -26.60 -5.57
C ASN I 88 -32.86 -25.50 -5.16
N GLU I 89 -32.42 -24.54 -4.34
CA GLU I 89 -33.32 -23.57 -3.75
C GLU I 89 -33.39 -22.25 -4.50
N ASP I 90 -33.11 -22.23 -5.80
CA ASP I 90 -33.12 -21.01 -6.59
C ASP I 90 -34.11 -21.03 -7.74
N THR I 91 -35.19 -21.78 -7.62
CA THR I 91 -36.20 -21.85 -8.68
C THR I 91 -36.98 -20.54 -8.75
N ALA I 92 -36.75 -19.77 -9.81
CA ALA I 92 -37.31 -18.42 -9.89
C ALA I 92 -37.57 -18.02 -11.33
N THR I 93 -38.20 -16.87 -11.53
CA THR I 93 -38.57 -16.39 -12.84
C THR I 93 -37.53 -15.38 -13.31
N TYR I 94 -37.02 -15.59 -14.51
CA TYR I 94 -36.08 -14.68 -15.15
C TYR I 94 -36.91 -13.63 -15.89
N PHE I 95 -36.76 -12.37 -15.49
CA PHE I 95 -37.53 -11.29 -16.06
C PHE I 95 -36.64 -10.07 -16.25
N CYS I 96 -37.05 -9.19 -17.15
CA CYS I 96 -36.46 -7.88 -17.31
C CYS I 96 -37.41 -6.80 -16.79
N VAL I 97 -36.87 -5.60 -16.64
CA VAL I 97 -37.64 -4.43 -16.21
C VAL I 97 -37.13 -3.25 -17.00
N ARG I 98 -38.04 -2.60 -17.74
CA ARG I 98 -37.69 -1.69 -18.81
C ARG I 98 -37.31 -0.32 -18.28
N ASP I 99 -36.01 -0.04 -18.22
CA ASP I 99 -35.49 1.16 -17.59
C ASP I 99 -35.69 2.38 -18.49
N TYR I 100 -36.94 2.80 -18.62
CA TYR I 100 -37.40 4.01 -19.31
C TYR I 100 -38.87 4.08 -18.96
N PHE I 101 -39.40 5.29 -18.80
CA PHE I 101 -40.61 5.39 -18.00
C PHE I 101 -40.28 5.08 -16.54
N ILE I 102 -39.78 6.09 -15.83
CA ILE I 102 -38.70 6.16 -14.83
C ILE I 102 -38.42 5.04 -13.83
N SER I 103 -39.24 3.99 -13.80
CA SER I 103 -38.95 2.76 -13.10
C SER I 103 -38.72 1.72 -14.19
N LEU I 104 -38.78 0.44 -13.86
CA LEU I 104 -38.84 -0.58 -14.90
C LEU I 104 -40.21 -0.40 -15.57
N ASP I 105 -40.23 0.34 -16.68
CA ASP I 105 -41.46 0.84 -17.28
C ASP I 105 -42.21 -0.21 -18.08
N TYR I 106 -41.58 -1.36 -18.34
CA TYR I 106 -42.26 -2.57 -18.77
C TYR I 106 -41.66 -3.70 -17.96
N TRP I 107 -42.21 -4.89 -18.09
CA TRP I 107 -41.65 -6.05 -17.43
C TRP I 107 -41.28 -7.09 -18.48
N GLY I 108 -40.20 -7.82 -18.20
CA GLY I 108 -39.91 -9.03 -18.93
C GLY I 108 -40.92 -10.10 -18.60
N GLN I 109 -41.07 -11.04 -19.53
CA GLN I 109 -42.13 -12.05 -19.42
C GLN I 109 -41.86 -13.08 -18.35
N GLY I 110 -40.61 -13.26 -17.96
CA GLY I 110 -40.30 -14.20 -16.91
C GLY I 110 -40.13 -15.61 -17.45
N THR I 111 -39.36 -16.41 -16.72
CA THR I 111 -39.18 -17.82 -17.07
C THR I 111 -38.96 -18.60 -15.80
N THR I 112 -39.70 -19.70 -15.62
CA THR I 112 -39.63 -20.53 -14.44
C THR I 112 -38.43 -21.48 -14.55
N LEU I 113 -37.42 -21.26 -13.70
CA LEU I 113 -36.23 -22.08 -13.68
C LEU I 113 -36.19 -22.88 -12.37
N THR I 114 -35.82 -24.14 -12.50
CA THR I 114 -35.80 -25.09 -11.39
C THR I 114 -34.59 -26.02 -11.56
N VAL I 115 -33.95 -26.35 -10.44
CA VAL I 115 -32.75 -27.18 -10.44
C VAL I 115 -33.15 -28.62 -10.14
N SER I 116 -33.32 -29.41 -11.21
CA SER I 116 -33.57 -30.85 -11.09
C SER I 116 -33.35 -31.54 -12.43
N SER I 117 -32.44 -32.51 -12.47
CA SER I 117 -32.05 -33.11 -13.74
C SER I 117 -32.70 -34.47 -13.91
N ALA I 118 -32.82 -34.92 -15.17
CA ALA I 118 -33.50 -36.17 -15.47
C ALA I 118 -33.11 -36.80 -16.80
N LYS I 119 -33.69 -37.96 -17.09
CA LYS I 119 -33.34 -38.79 -18.25
C LYS I 119 -34.12 -38.35 -19.49
N THR I 120 -34.17 -39.22 -20.49
CA THR I 120 -34.92 -38.95 -21.72
C THR I 120 -35.97 -40.03 -21.89
N THR I 121 -37.13 -39.83 -21.27
CA THR I 121 -38.29 -40.69 -21.41
C THR I 121 -39.34 -39.89 -22.17
N ALA I 122 -40.53 -40.48 -22.31
CA ALA I 122 -41.52 -39.89 -23.20
C ALA I 122 -42.49 -38.99 -22.44
N PRO I 123 -43.20 -38.11 -23.15
CA PRO I 123 -44.30 -37.36 -22.53
C PRO I 123 -45.64 -38.07 -22.73
N SER I 124 -46.68 -37.50 -22.11
CA SER I 124 -47.99 -38.12 -22.12
C SER I 124 -49.07 -37.12 -22.54
N VAL I 125 -49.87 -37.51 -23.51
CA VAL I 125 -51.09 -36.80 -23.89
C VAL I 125 -52.20 -37.83 -24.09
N TYR I 126 -53.31 -37.66 -23.38
CA TYR I 126 -54.42 -38.61 -23.42
C TYR I 126 -55.74 -37.85 -23.43
N PRO I 127 -56.60 -38.09 -24.41
CA PRO I 127 -57.75 -37.19 -24.62
C PRO I 127 -58.88 -37.41 -23.62
N LEU I 128 -59.44 -36.29 -23.15
CA LEU I 128 -60.62 -36.28 -22.32
C LEU I 128 -61.76 -35.91 -23.26
N ALA I 129 -62.54 -36.88 -23.62
CA ALA I 129 -63.60 -36.80 -24.61
C ALA I 129 -64.93 -36.52 -23.95
N PRO I 130 -66.01 -36.53 -24.73
CA PRO I 130 -67.36 -36.46 -24.15
C PRO I 130 -67.71 -37.75 -23.41
N VAL I 131 -68.81 -37.69 -22.66
CA VAL I 131 -69.21 -38.75 -21.76
C VAL I 131 -69.73 -39.98 -22.49
N CYS I 132 -69.72 -41.12 -21.81
CA CYS I 132 -70.36 -42.33 -22.35
C CYS I 132 -71.88 -42.15 -22.43
N GLY I 133 -72.47 -41.44 -21.49
CA GLY I 133 -73.79 -40.86 -21.68
C GLY I 133 -73.66 -39.35 -21.74
N GLY I 134 -73.69 -38.81 -22.96
CA GLY I 134 -73.62 -37.38 -23.16
C GLY I 134 -72.25 -36.77 -22.94
N THR I 135 -72.12 -35.97 -21.87
CA THR I 135 -70.92 -35.16 -21.60
C THR I 135 -70.85 -33.97 -22.55
N THR I 136 -72.02 -33.57 -23.03
CA THR I 136 -72.19 -32.49 -24.00
C THR I 136 -73.47 -31.74 -23.65
N GLY I 137 -73.35 -30.44 -23.38
CA GLY I 137 -74.50 -29.58 -23.14
C GLY I 137 -74.50 -28.44 -24.15
N SER I 138 -74.68 -27.22 -23.63
CA SER I 138 -74.52 -26.01 -24.45
C SER I 138 -73.09 -25.84 -24.92
N SER I 139 -72.11 -26.22 -24.11
CA SER I 139 -70.76 -26.53 -24.58
C SER I 139 -70.50 -28.01 -24.24
N VAL I 140 -69.32 -28.51 -24.56
CA VAL I 140 -69.03 -29.92 -24.31
C VAL I 140 -67.57 -30.02 -23.92
N THR I 141 -67.26 -30.96 -23.04
CA THR I 141 -65.91 -31.13 -22.52
C THR I 141 -65.16 -32.05 -23.47
N LEU I 142 -64.48 -31.48 -24.45
CA LEU I 142 -63.45 -32.19 -25.19
C LEU I 142 -62.11 -31.77 -24.60
N GLY I 143 -61.01 -32.35 -25.08
CA GLY I 143 -59.72 -31.84 -24.70
C GLY I 143 -58.74 -32.96 -24.44
N CYS I 144 -57.71 -32.68 -23.64
CA CYS I 144 -56.69 -33.69 -23.40
C CYS I 144 -55.95 -33.43 -22.10
N LEU I 145 -55.37 -34.50 -21.54
CA LEU I 145 -54.60 -34.45 -20.31
C LEU I 145 -53.13 -34.67 -20.64
N VAL I 146 -52.28 -33.84 -20.06
CA VAL I 146 -50.83 -33.93 -20.22
C VAL I 146 -50.33 -34.67 -18.97
N LYS I 147 -49.88 -35.91 -19.18
CA LYS I 147 -49.59 -36.83 -18.09
C LYS I 147 -48.23 -37.50 -18.28
N GLY I 148 -47.56 -37.72 -17.16
CA GLY I 148 -46.34 -38.49 -17.08
C GLY I 148 -45.10 -37.84 -17.68
N TYR I 149 -44.94 -36.54 -17.48
CA TYR I 149 -43.86 -35.81 -18.13
C TYR I 149 -43.02 -35.02 -17.12
N PHE I 150 -41.90 -34.52 -17.59
CA PHE I 150 -41.01 -33.66 -16.85
C PHE I 150 -39.88 -33.32 -17.81
N PRO I 151 -39.17 -32.20 -17.66
CA PRO I 151 -39.21 -30.91 -16.96
C PRO I 151 -39.78 -29.85 -17.89
N GLU I 152 -39.52 -28.57 -17.58
CA GLU I 152 -39.77 -27.50 -18.54
C GLU I 152 -38.76 -27.58 -19.68
N PRO I 153 -39.22 -27.51 -20.94
CA PRO I 153 -40.60 -27.26 -21.36
C PRO I 153 -41.37 -28.50 -21.81
N VAL I 154 -42.64 -28.54 -21.41
CA VAL I 154 -43.62 -29.47 -21.94
C VAL I 154 -44.98 -28.79 -21.80
N THR I 155 -45.70 -28.71 -22.92
CA THR I 155 -46.91 -27.90 -23.00
C THR I 155 -48.12 -28.78 -23.17
N LEU I 156 -49.23 -28.36 -22.56
CA LEU I 156 -50.49 -29.10 -22.59
C LEU I 156 -51.60 -28.15 -23.03
N THR I 157 -52.09 -28.36 -24.25
CA THR I 157 -53.15 -27.53 -24.83
C THR I 157 -54.41 -28.35 -24.95
N TRP I 158 -55.53 -27.65 -25.18
CA TRP I 158 -56.85 -28.27 -25.32
C TRP I 158 -57.57 -27.62 -26.48
N ASN I 159 -58.32 -28.43 -27.24
CA ASN I 159 -59.19 -27.94 -28.30
C ASN I 159 -58.49 -27.80 -29.65
N SER I 160 -57.16 -27.92 -29.63
CA SER I 160 -56.34 -27.98 -30.83
C SER I 160 -56.23 -26.66 -31.58
N GLY I 161 -56.35 -25.53 -30.89
CA GLY I 161 -56.16 -24.23 -31.50
C GLY I 161 -57.41 -23.58 -32.06
N SER I 162 -58.34 -24.36 -32.63
CA SER I 162 -59.67 -23.84 -32.89
C SER I 162 -60.52 -23.85 -31.63
N LEU I 163 -60.15 -24.65 -30.64
CA LEU I 163 -60.83 -24.72 -29.35
C LEU I 163 -60.08 -23.88 -28.32
N SER I 164 -60.15 -22.55 -28.48
CA SER I 164 -59.65 -21.63 -27.47
C SER I 164 -60.71 -21.23 -26.46
N SER I 165 -61.99 -21.39 -26.80
CA SER I 165 -63.06 -21.02 -25.88
C SER I 165 -63.41 -22.18 -24.98
N GLY I 166 -63.61 -21.91 -23.69
CA GLY I 166 -64.04 -22.93 -22.77
C GLY I 166 -62.91 -23.74 -22.17
N VAL I 167 -61.72 -23.16 -22.07
CA VAL I 167 -60.53 -23.87 -21.59
C VAL I 167 -60.52 -23.86 -20.06
N HIS I 168 -60.73 -25.03 -19.48
CA HIS I 168 -60.59 -25.25 -18.04
C HIS I 168 -59.46 -26.26 -17.89
N THR I 169 -58.31 -25.78 -17.42
CA THR I 169 -57.06 -26.50 -17.62
C THR I 169 -56.35 -26.72 -16.29
N PHE I 170 -55.67 -27.84 -16.19
CA PHE I 170 -54.72 -28.20 -15.15
C PHE I 170 -53.34 -28.31 -15.77
N PRO I 171 -52.32 -27.70 -15.18
CA PRO I 171 -50.96 -27.88 -15.70
C PRO I 171 -50.38 -29.22 -15.23
N ALA I 172 -49.31 -29.65 -15.90
CA ALA I 172 -48.69 -30.91 -15.57
C ALA I 172 -47.83 -30.77 -14.31
N LEU I 173 -48.36 -31.23 -13.18
CA LEU I 173 -47.68 -31.12 -11.90
C LEU I 173 -46.93 -32.43 -11.63
N LEU I 174 -45.71 -32.32 -11.12
CA LEU I 174 -44.81 -33.45 -11.03
C LEU I 174 -45.21 -34.38 -9.89
N GLN I 175 -46.17 -35.25 -10.15
CA GLN I 175 -46.52 -36.33 -9.23
C GLN I 175 -45.73 -37.55 -9.67
N SER I 176 -44.84 -38.00 -8.78
CA SER I 176 -43.95 -39.13 -9.05
C SER I 176 -42.90 -38.80 -10.10
N GLY I 177 -42.60 -37.52 -10.27
CA GLY I 177 -41.82 -37.03 -11.39
C GLY I 177 -42.60 -36.85 -12.68
N LEU I 178 -43.83 -37.34 -12.76
CA LEU I 178 -44.63 -37.26 -13.97
C LEU I 178 -45.60 -36.10 -13.83
N TYR I 179 -45.53 -35.18 -14.78
CA TYR I 179 -46.41 -34.02 -14.80
C TYR I 179 -47.81 -34.47 -15.20
N THR I 180 -48.76 -34.23 -14.32
CA THR I 180 -50.14 -34.65 -14.49
C THR I 180 -51.05 -33.44 -14.43
N LEU I 181 -51.88 -33.28 -15.46
CA LEU I 181 -52.95 -32.30 -15.47
C LEU I 181 -53.89 -32.59 -16.64
N SER I 182 -55.02 -31.89 -16.68
CA SER I 182 -56.02 -32.14 -17.70
C SER I 182 -56.66 -30.83 -18.14
N SER I 183 -56.74 -30.64 -19.45
CA SER I 183 -57.26 -29.41 -20.01
C SER I 183 -58.47 -29.75 -20.86
N SER I 184 -59.64 -29.38 -20.34
CA SER I 184 -60.88 -29.57 -21.06
C SER I 184 -61.27 -28.28 -21.75
N VAL I 185 -61.36 -28.35 -23.07
CA VAL I 185 -61.94 -27.29 -23.89
C VAL I 185 -63.44 -27.50 -23.89
N THR I 186 -64.16 -26.49 -23.40
CA THR I 186 -65.60 -26.39 -23.55
C THR I 186 -65.86 -25.93 -24.98
N VAL I 187 -65.96 -26.90 -25.89
CA VAL I 187 -66.03 -26.64 -27.32
C VAL I 187 -67.45 -26.96 -27.75
N THR I 188 -67.72 -26.74 -29.03
CA THR I 188 -69.09 -26.85 -29.54
C THR I 188 -69.54 -28.30 -29.61
N SER I 189 -70.85 -28.50 -29.55
CA SER I 189 -71.43 -29.82 -29.70
C SER I 189 -71.25 -30.36 -31.12
N ASN I 190 -71.21 -29.48 -32.11
CA ASN I 190 -70.78 -29.86 -33.44
C ASN I 190 -69.26 -29.92 -33.54
N THR I 191 -68.54 -29.43 -32.53
CA THR I 191 -67.08 -29.55 -32.52
C THR I 191 -66.63 -30.71 -31.65
N TRP I 192 -67.41 -31.05 -30.62
CA TRP I 192 -67.14 -32.20 -29.77
C TRP I 192 -68.43 -33.00 -29.54
N PRO I 193 -68.50 -34.25 -30.02
CA PRO I 193 -67.52 -34.98 -30.82
C PRO I 193 -67.93 -34.99 -32.29
N SER I 194 -68.63 -33.94 -32.71
CA SER I 194 -69.00 -33.80 -34.11
C SER I 194 -67.80 -33.43 -34.96
N GLN I 195 -67.10 -32.37 -34.59
CA GLN I 195 -65.92 -31.92 -35.31
C GLN I 195 -64.67 -32.45 -34.65
N THR I 196 -63.53 -31.87 -35.04
CA THR I 196 -62.27 -32.16 -34.39
C THR I 196 -62.07 -31.27 -33.17
N ILE I 197 -61.73 -31.89 -32.04
CA ILE I 197 -61.36 -31.20 -30.81
C ILE I 197 -60.46 -32.17 -30.06
N THR I 198 -59.34 -31.67 -29.53
CA THR I 198 -58.42 -32.52 -28.78
C THR I 198 -57.35 -31.70 -28.08
N CYS I 199 -56.67 -32.31 -27.11
CA CYS I 199 -55.59 -31.67 -26.38
C CYS I 199 -54.26 -32.23 -26.84
N ASN I 200 -53.18 -31.79 -26.22
CA ASN I 200 -51.83 -32.14 -26.66
C ASN I 200 -50.79 -31.88 -25.58
N VAL I 201 -49.71 -32.66 -25.62
CA VAL I 201 -48.53 -32.48 -24.77
C VAL I 201 -47.29 -32.49 -25.66
N ALA I 202 -46.37 -31.56 -25.42
CA ALA I 202 -45.27 -31.30 -26.36
C ALA I 202 -43.97 -30.92 -25.67
N HIS I 203 -42.84 -31.23 -26.35
CA HIS I 203 -41.49 -30.83 -25.96
C HIS I 203 -40.57 -31.05 -27.16
N PRO I 204 -39.67 -30.12 -27.47
CA PRO I 204 -38.95 -30.19 -28.75
C PRO I 204 -37.66 -31.00 -28.73
N ALA I 205 -37.46 -31.85 -27.73
CA ALA I 205 -36.17 -32.51 -27.52
C ALA I 205 -35.89 -33.57 -28.58
N SER I 206 -36.85 -34.45 -28.86
CA SER I 206 -36.85 -35.22 -30.08
C SER I 206 -37.74 -34.58 -31.13
N SER I 207 -38.16 -33.33 -30.91
CA SER I 207 -39.24 -32.72 -31.64
C SER I 207 -40.53 -33.51 -31.47
N THR I 208 -40.89 -33.77 -30.22
CA THR I 208 -41.98 -34.68 -29.88
C THR I 208 -43.22 -33.91 -29.44
N LYS I 209 -44.31 -34.02 -30.19
CA LYS I 209 -45.59 -33.41 -29.84
C LYS I 209 -46.71 -34.40 -30.09
N VAL I 210 -47.71 -34.43 -29.21
CA VAL I 210 -48.81 -35.40 -29.29
C VAL I 210 -50.13 -34.70 -29.04
N ASP I 211 -51.18 -35.19 -29.71
CA ASP I 211 -52.57 -34.78 -29.48
C ASP I 211 -53.38 -36.00 -29.08
N LYS I 212 -54.35 -35.80 -28.19
CA LYS I 212 -55.26 -36.84 -27.72
C LYS I 212 -56.68 -36.31 -27.95
N LYS I 213 -57.54 -37.14 -28.54
CA LYS I 213 -58.81 -36.68 -29.08
C LYS I 213 -59.83 -36.42 -27.99
N ILE I 214 -60.47 -35.26 -28.05
CA ILE I 214 -61.66 -34.97 -27.25
C ILE I 214 -62.87 -35.28 -28.11
N GLU I 215 -63.33 -36.53 -28.07
CA GLU I 215 -64.54 -36.96 -28.75
C GLU I 215 -65.24 -38.01 -27.90
N SER I 216 -66.55 -38.15 -28.12
CA SER I 216 -67.37 -39.11 -27.38
C SER I 216 -66.99 -40.54 -27.74
N ARG I 217 -67.22 -41.46 -26.81
CA ARG I 217 -66.71 -42.82 -26.95
C ARG I 217 -67.53 -43.68 -27.90
N ARG I 218 -68.80 -43.36 -28.12
CA ARG I 218 -69.66 -44.19 -28.96
C ARG I 218 -69.40 -43.95 -30.44
N GLN J 1 -32.33 -3.18 1.78
CA GLN J 1 -33.23 -3.91 0.89
C GLN J 1 -34.49 -3.11 0.74
N ALA J 2 -35.01 -3.06 -0.48
CA ALA J 2 -36.19 -2.25 -0.74
C ALA J 2 -37.41 -3.13 -0.59
N VAL J 3 -37.71 -3.52 0.66
CA VAL J 3 -38.98 -4.10 1.06
C VAL J 3 -39.35 -3.50 2.41
N VAL J 4 -40.22 -2.49 2.40
CA VAL J 4 -40.71 -1.83 3.62
C VAL J 4 -41.93 -2.59 4.09
N THR J 5 -42.60 -2.11 5.15
CA THR J 5 -43.86 -2.68 5.59
C THR J 5 -44.91 -2.23 4.60
N GLN J 6 -45.00 -2.96 3.49
CA GLN J 6 -45.53 -2.44 2.25
C GLN J 6 -47.05 -2.55 2.23
N GLU J 7 -47.64 -2.02 1.17
CA GLU J 7 -49.06 -2.25 0.96
C GLU J 7 -49.26 -3.70 0.52
N SER J 8 -49.41 -4.57 1.52
CA SER J 8 -49.53 -6.00 1.29
C SER J 8 -50.99 -6.43 1.33
N ALA J 9 -51.88 -5.52 1.72
CA ALA J 9 -53.26 -5.87 1.95
C ALA J 9 -54.17 -4.88 1.22
N LEU J 10 -54.98 -5.43 0.32
CA LEU J 10 -55.96 -4.67 -0.43
C LEU J 10 -57.09 -5.60 -0.85
N THR J 11 -58.26 -5.42 -0.25
CA THR J 11 -59.47 -6.13 -0.63
C THR J 11 -60.60 -5.11 -0.68
N THR J 12 -60.97 -4.69 -1.89
CA THR J 12 -61.97 -3.65 -2.08
C THR J 12 -63.00 -4.11 -3.10
N SER J 13 -63.83 -3.17 -3.53
CA SER J 13 -64.88 -3.40 -4.51
C SER J 13 -64.44 -2.85 -5.86
N PRO J 14 -65.26 -3.01 -6.89
CA PRO J 14 -64.87 -2.55 -8.23
C PRO J 14 -64.91 -1.03 -8.35
N GLY J 15 -63.80 -0.47 -8.82
CA GLY J 15 -63.64 0.96 -8.91
C GLY J 15 -63.05 1.61 -7.68
N GLU J 16 -62.75 0.83 -6.65
CA GLU J 16 -62.23 1.36 -5.39
C GLU J 16 -60.79 1.82 -5.55
N THR J 17 -60.46 2.91 -4.86
CA THR J 17 -59.11 3.48 -4.87
C THR J 17 -58.23 2.59 -4.01
N VAL J 18 -57.53 1.67 -4.67
CA VAL J 18 -56.67 0.69 -4.01
C VAL J 18 -55.47 1.42 -3.44
N THR J 19 -55.44 1.54 -2.13
CA THR J 19 -54.39 2.25 -1.41
C THR J 19 -53.43 1.23 -0.83
N LEU J 20 -52.28 1.09 -1.48
CA LEU J 20 -51.13 0.48 -0.86
C LEU J 20 -50.43 1.55 -0.03
N THR J 21 -50.93 1.74 1.20
CA THR J 21 -50.39 2.71 2.13
C THR J 21 -49.34 2.02 2.98
N CYS J 22 -48.22 1.72 2.33
CA CYS J 22 -47.17 0.92 2.93
C CYS J 22 -46.31 1.84 3.76
N ARG J 23 -46.26 1.55 5.06
CA ARG J 23 -45.35 2.21 5.98
C ARG J 23 -43.94 1.75 5.65
N SER J 24 -43.11 2.69 5.20
CA SER J 24 -41.75 2.41 4.79
C SER J 24 -40.92 2.10 6.02
N ASN J 25 -40.13 1.04 5.94
CA ASN J 25 -39.24 0.69 7.04
C ASN J 25 -38.04 1.61 7.12
N ILE J 26 -37.74 2.35 6.05
CA ILE J 26 -36.73 3.40 6.11
C ILE J 26 -37.34 4.79 5.98
N GLY J 27 -38.27 5.00 5.04
CA GLY J 27 -38.93 6.28 4.92
C GLY J 27 -39.48 6.48 3.52
N ALA J 28 -39.83 7.73 3.25
CA ALA J 28 -40.47 8.05 1.97
C ALA J 28 -39.43 8.18 0.85
N VAL J 29 -39.56 7.32 -0.16
CA VAL J 29 -38.79 7.44 -1.39
C VAL J 29 -39.36 8.58 -2.21
N THR J 30 -38.55 9.16 -3.08
CA THR J 30 -38.88 10.42 -3.74
C THR J 30 -39.36 10.16 -5.16
N SER J 31 -39.41 11.24 -5.95
CA SER J 31 -39.54 11.08 -7.39
C SER J 31 -38.22 10.67 -8.04
N SER J 32 -37.11 11.24 -7.61
CA SER J 32 -35.79 10.74 -7.96
C SER J 32 -35.46 9.46 -7.20
N ASN J 33 -36.02 9.31 -5.99
CA ASN J 33 -36.07 8.06 -5.25
C ASN J 33 -37.06 7.08 -5.85
N CYS J 34 -37.95 7.55 -6.74
CA CYS J 34 -38.73 6.73 -7.68
C CYS J 34 -39.72 5.83 -6.98
N ALA J 35 -40.46 6.39 -6.03
CA ALA J 35 -41.38 5.61 -5.22
C ALA J 35 -42.62 5.25 -6.03
N ASN J 36 -42.48 4.22 -6.86
CA ASN J 36 -43.47 3.90 -7.86
C ASN J 36 -44.36 2.78 -7.33
N TRP J 37 -45.66 3.01 -7.45
CA TRP J 37 -46.67 2.05 -7.02
C TRP J 37 -47.12 1.29 -8.25
N VAL J 38 -46.28 0.36 -8.69
CA VAL J 38 -46.50 -0.37 -9.93
C VAL J 38 -47.39 -1.56 -9.63
N GLN J 39 -47.90 -2.17 -10.70
CA GLN J 39 -48.66 -3.40 -10.61
C GLN J 39 -47.81 -4.54 -11.14
N GLU J 40 -47.21 -5.29 -10.22
CA GLU J 40 -46.55 -6.56 -10.51
C GLU J 40 -47.68 -7.58 -10.61
N LYS J 41 -48.02 -7.97 -11.82
CA LYS J 41 -49.27 -8.68 -12.02
C LYS J 41 -49.11 -10.15 -11.68
N PRO J 42 -50.20 -10.91 -11.70
CA PRO J 42 -50.10 -12.36 -11.55
C PRO J 42 -49.47 -12.98 -12.78
N ASP J 43 -48.70 -14.04 -12.57
CA ASP J 43 -47.90 -14.64 -13.64
C ASP J 43 -46.62 -13.86 -13.87
N HIS J 44 -46.22 -13.02 -12.91
CA HIS J 44 -44.94 -12.31 -12.93
C HIS J 44 -44.91 -11.21 -14.00
N PHE J 45 -45.98 -10.43 -14.06
CA PHE J 45 -46.13 -9.39 -15.08
C PHE J 45 -45.84 -8.04 -14.45
N PHE J 46 -44.59 -7.60 -14.55
CA PHE J 46 -44.16 -6.31 -14.04
C PHE J 46 -44.76 -5.20 -14.89
N THR J 47 -45.50 -4.30 -14.23
CA THR J 47 -46.13 -3.19 -14.91
C THR J 47 -46.23 -2.02 -13.94
N GLY J 48 -46.28 -0.82 -14.50
CA GLY J 48 -46.33 0.41 -13.71
C GLY J 48 -47.66 1.11 -13.84
N LEU J 49 -48.38 1.20 -12.72
CA LEU J 49 -49.56 2.03 -12.65
C LEU J 49 -49.11 3.45 -12.34
N ILE J 50 -48.26 3.59 -11.33
CA ILE J 50 -47.58 4.84 -11.03
C ILE J 50 -46.09 4.57 -10.97
N GLY J 51 -45.33 5.27 -11.79
CA GLY J 51 -43.92 4.99 -11.91
C GLY J 51 -43.10 6.25 -11.87
N ASP J 52 -41.94 6.16 -11.23
CA ASP J 52 -41.04 7.29 -11.08
C ASP J 52 -41.45 8.23 -9.94
N THR J 53 -42.38 7.76 -9.11
CA THR J 53 -42.64 8.40 -7.82
C THR J 53 -43.45 9.70 -7.85
N ASN J 54 -43.71 10.26 -9.03
CA ASN J 54 -44.59 11.42 -9.12
C ASN J 54 -45.44 11.37 -10.38
N ASN J 55 -45.33 10.31 -11.17
CA ASN J 55 -46.03 10.20 -12.45
C ASN J 55 -46.79 8.88 -12.49
N ARG J 56 -47.97 8.91 -13.11
CA ARG J 56 -48.68 7.67 -13.42
C ARG J 56 -47.93 6.96 -14.52
N ARG J 57 -47.77 5.64 -14.36
CA ARG J 57 -47.01 4.86 -15.32
C ARG J 57 -47.84 4.59 -16.56
N SER J 58 -47.15 4.31 -17.66
CA SER J 58 -47.80 3.99 -18.92
C SER J 58 -48.35 2.56 -18.87
N GLY J 59 -49.31 2.29 -19.75
CA GLY J 59 -49.82 0.94 -19.92
C GLY J 59 -50.73 0.42 -18.82
N VAL J 60 -51.07 1.24 -17.84
CA VAL J 60 -51.91 0.84 -16.71
C VAL J 60 -53.24 1.58 -16.86
N PRO J 61 -54.19 1.39 -15.94
CA PRO J 61 -55.37 2.25 -15.91
C PRO J 61 -54.98 3.66 -15.49
N ALA J 62 -55.82 4.62 -15.85
CA ALA J 62 -55.49 6.04 -15.68
C ALA J 62 -55.55 6.50 -14.24
N ARG J 63 -56.19 5.74 -13.35
CA ARG J 63 -56.34 6.17 -11.96
C ARG J 63 -55.16 5.79 -11.07
N PHE J 64 -54.09 5.24 -11.65
CA PHE J 64 -52.95 4.79 -10.86
C PHE J 64 -52.13 6.00 -10.43
N SER J 65 -51.58 5.93 -9.22
CA SER J 65 -50.70 6.97 -8.71
C SER J 65 -49.70 6.33 -7.77
N GLY J 66 -48.43 6.44 -8.14
CA GLY J 66 -47.36 5.91 -7.32
C GLY J 66 -46.52 7.03 -6.74
N SER J 67 -46.47 7.11 -5.43
CA SER J 67 -45.89 8.25 -4.74
C SER J 67 -45.55 7.83 -3.31
N LEU J 68 -45.41 8.82 -2.43
CA LEU J 68 -45.29 8.61 -1.00
C LEU J 68 -46.67 8.75 -0.35
N ILE J 69 -47.08 7.73 0.40
CA ILE J 69 -48.31 7.71 1.18
C ILE J 69 -47.98 7.23 2.58
N GLY J 70 -48.64 7.80 3.58
CA GLY J 70 -48.27 7.55 4.97
C GLY J 70 -46.98 8.26 5.28
N ASP J 71 -45.93 7.47 5.53
CA ASP J 71 -44.55 7.95 5.51
C ASP J 71 -43.70 7.03 4.64
N LYS J 72 -44.34 6.34 3.70
CA LYS J 72 -43.77 5.21 3.00
C LYS J 72 -44.34 5.19 1.58
N ALA J 73 -44.31 4.01 0.99
CA ALA J 73 -44.82 3.81 -0.36
C ALA J 73 -46.34 4.02 -0.39
N ALA J 74 -46.82 4.69 -1.42
CA ALA J 74 -48.21 5.07 -1.51
C ALA J 74 -48.72 4.80 -2.90
N LEU J 75 -49.56 3.77 -2.99
CA LEU J 75 -50.24 3.42 -4.23
C LEU J 75 -51.67 3.89 -4.06
N THR J 76 -52.09 4.82 -4.91
CA THR J 76 -53.49 5.17 -5.05
C THR J 76 -53.91 4.76 -6.45
N ILE J 77 -54.38 3.53 -6.59
CA ILE J 77 -54.82 2.99 -7.87
C ILE J 77 -56.32 3.23 -7.94
N THR J 78 -56.71 4.33 -8.55
CA THR J 78 -58.12 4.70 -8.71
C THR J 78 -58.71 3.78 -9.78
N GLY J 79 -59.86 3.22 -9.49
CA GLY J 79 -60.51 2.32 -10.42
C GLY J 79 -60.01 0.89 -10.28
N ALA J 80 -59.72 0.48 -9.05
CA ALA J 80 -59.34 -0.91 -8.80
C ALA J 80 -60.58 -1.79 -8.85
N GLN J 81 -60.52 -2.84 -9.66
CA GLN J 81 -61.67 -3.66 -9.98
C GLN J 81 -61.50 -5.08 -9.49
N THR J 82 -62.51 -5.91 -9.75
CA THR J 82 -62.45 -7.32 -9.39
C THR J 82 -61.58 -8.11 -10.35
N GLU J 83 -61.53 -7.69 -11.62
CA GLU J 83 -60.64 -8.30 -12.60
C GLU J 83 -59.24 -7.69 -12.57
N ASP J 84 -59.00 -6.74 -11.66
CA ASP J 84 -57.74 -6.04 -11.52
C ASP J 84 -56.79 -6.73 -10.56
N GLU J 85 -56.85 -8.06 -10.45
CA GLU J 85 -55.99 -8.84 -9.56
C GLU J 85 -54.54 -8.72 -10.00
N ALA J 86 -53.73 -8.08 -9.16
CA ALA J 86 -52.34 -7.74 -9.48
C ALA J 86 -51.70 -7.26 -8.18
N ILE J 87 -50.43 -6.87 -8.23
CA ILE J 87 -49.66 -6.59 -7.03
C ILE J 87 -49.33 -5.11 -6.98
N TYR J 88 -49.99 -4.41 -6.07
CA TYR J 88 -49.63 -3.04 -5.71
C TYR J 88 -48.30 -3.11 -4.99
N PHE J 89 -47.23 -2.84 -5.73
CA PHE J 89 -45.90 -2.75 -5.17
C PHE J 89 -45.47 -1.30 -5.21
N CYS J 90 -45.51 -0.65 -4.06
CA CYS J 90 -44.96 0.68 -3.87
C CYS J 90 -43.51 0.55 -3.45
N ALA J 91 -42.62 0.92 -4.35
CA ALA J 91 -41.21 0.62 -4.22
C ALA J 91 -40.42 1.87 -4.58
N LEU J 92 -39.12 1.70 -4.77
CA LEU J 92 -38.24 2.84 -4.97
C LEU J 92 -37.59 2.74 -6.32
N TRP J 93 -36.94 3.84 -6.73
CA TRP J 93 -36.05 3.83 -7.88
C TRP J 93 -34.70 4.36 -7.43
N TYR J 94 -33.66 3.52 -7.50
CA TYR J 94 -32.39 3.76 -6.82
C TYR J 94 -31.48 4.66 -7.66
N ASN J 95 -31.95 5.09 -8.82
CA ASN J 95 -31.13 5.88 -9.73
C ASN J 95 -30.18 5.01 -10.55
N ASN J 96 -30.24 3.69 -10.37
CA ASN J 96 -29.45 2.73 -11.10
C ASN J 96 -30.33 1.52 -11.34
N LEU J 97 -31.57 1.61 -10.87
CA LEU J 97 -32.61 0.65 -11.17
C LEU J 97 -33.89 1.12 -10.51
N TRP J 98 -34.97 0.39 -10.75
CA TRP J 98 -36.17 0.51 -9.95
C TRP J 98 -36.34 -0.79 -9.18
N VAL J 99 -36.58 -0.67 -7.88
CA VAL J 99 -36.60 -1.81 -6.98
C VAL J 99 -38.02 -1.96 -6.46
N PHE J 100 -38.69 -3.00 -6.94
CA PHE J 100 -40.03 -3.36 -6.51
C PHE J 100 -39.94 -4.21 -5.25
N GLY J 101 -40.82 -3.92 -4.30
CA GLY J 101 -40.75 -4.56 -3.00
C GLY J 101 -41.34 -5.93 -2.97
N GLY J 102 -41.83 -6.28 -1.78
CA GLY J 102 -42.71 -7.42 -1.69
C GLY J 102 -44.04 -7.21 -2.35
N GLY J 103 -44.64 -6.04 -2.19
CA GLY J 103 -45.88 -5.79 -2.89
C GLY J 103 -47.07 -6.45 -2.23
N THR J 104 -48.24 -6.23 -2.82
CA THR J 104 -49.45 -6.91 -2.38
C THR J 104 -50.23 -7.38 -3.60
N LYS J 105 -50.25 -8.69 -3.82
CA LYS J 105 -51.14 -9.27 -4.83
C LYS J 105 -52.56 -9.23 -4.27
N LEU J 106 -53.51 -8.77 -5.07
CA LEU J 106 -54.87 -8.58 -4.63
C LEU J 106 -55.86 -8.98 -5.72
N THR J 107 -57.03 -9.45 -5.29
CA THR J 107 -58.23 -9.55 -6.12
C THR J 107 -59.31 -8.70 -5.45
N VAL J 108 -60.25 -8.19 -6.23
CA VAL J 108 -61.19 -7.18 -5.75
C VAL J 108 -62.62 -7.71 -5.85
N LEU J 109 -63.58 -6.88 -5.42
CA LEU J 109 -64.99 -7.17 -5.64
C LEU J 109 -65.34 -6.95 -7.12
N GLY J 110 -65.99 -7.95 -7.70
CA GLY J 110 -66.21 -7.99 -9.13
C GLY J 110 -65.75 -9.33 -9.67
N GLN J 111 -66.03 -9.55 -10.96
CA GLN J 111 -65.94 -10.90 -11.51
C GLN J 111 -66.94 -11.81 -10.82
N PRO J 112 -68.23 -11.70 -11.15
CA PRO J 112 -69.25 -12.47 -10.43
C PRO J 112 -69.20 -13.97 -10.72
N LYS J 113 -69.80 -14.74 -9.81
CA LYS J 113 -69.72 -16.20 -9.82
C LYS J 113 -70.55 -16.82 -10.94
N SER J 114 -70.37 -18.12 -11.16
CA SER J 114 -71.05 -18.84 -12.23
C SER J 114 -71.06 -20.33 -11.88
N SER J 115 -71.91 -21.09 -12.55
CA SER J 115 -72.00 -22.50 -12.28
C SER J 115 -70.93 -23.26 -13.04
N PRO J 116 -70.27 -24.23 -12.39
CA PRO J 116 -69.31 -25.07 -13.10
C PRO J 116 -70.02 -26.05 -14.03
N SER J 117 -69.57 -26.05 -15.28
CA SER J 117 -70.03 -27.00 -16.29
C SER J 117 -68.98 -28.10 -16.37
N VAL J 118 -69.25 -29.22 -15.73
CA VAL J 118 -68.34 -30.34 -15.68
C VAL J 118 -68.81 -31.38 -16.69
N THR J 119 -68.00 -31.62 -17.71
CA THR J 119 -68.24 -32.67 -18.69
C THR J 119 -67.59 -33.92 -18.14
N LEU J 120 -68.43 -34.86 -17.66
CA LEU J 120 -67.96 -36.07 -17.03
C LEU J 120 -67.76 -37.14 -18.10
N PHE J 121 -66.54 -37.22 -18.61
CA PHE J 121 -66.23 -38.27 -19.57
C PHE J 121 -65.74 -39.49 -18.82
N PRO J 122 -66.15 -40.69 -19.25
CA PRO J 122 -65.95 -41.90 -18.42
C PRO J 122 -64.52 -42.41 -18.49
N PRO J 123 -64.25 -43.54 -17.82
CA PRO J 123 -62.95 -44.20 -17.99
C PRO J 123 -62.82 -44.70 -19.42
N SER J 124 -61.89 -44.09 -20.15
CA SER J 124 -61.95 -44.13 -21.59
C SER J 124 -61.42 -45.45 -22.14
N SER J 125 -61.44 -45.56 -23.46
CA SER J 125 -60.89 -46.74 -24.11
C SER J 125 -59.36 -46.73 -24.09
N GLU J 126 -58.75 -45.55 -24.00
CA GLU J 126 -57.30 -45.47 -23.99
C GLU J 126 -56.72 -45.91 -22.65
N GLU J 127 -57.43 -45.68 -21.55
CA GLU J 127 -56.90 -46.05 -20.25
C GLU J 127 -57.16 -47.51 -19.90
N LEU J 128 -58.30 -48.06 -20.32
CA LEU J 128 -58.88 -49.26 -19.72
C LEU J 128 -58.27 -50.58 -20.17
N GLU J 129 -57.02 -50.61 -20.67
CA GLU J 129 -56.34 -51.85 -20.96
C GLU J 129 -55.04 -52.03 -20.17
N THR J 130 -54.44 -50.95 -19.66
CA THR J 130 -53.10 -50.99 -19.10
C THR J 130 -53.02 -50.50 -17.66
N ASN J 131 -54.02 -50.80 -16.82
CA ASN J 131 -54.00 -50.36 -15.43
C ASN J 131 -54.31 -48.87 -15.26
N LYS J 132 -55.24 -48.33 -16.05
CA LYS J 132 -55.73 -46.97 -15.87
C LYS J 132 -57.24 -46.94 -16.07
N ALA J 133 -57.91 -46.05 -15.36
CA ALA J 133 -59.34 -45.84 -15.59
C ALA J 133 -59.72 -44.49 -15.00
N THR J 134 -59.92 -43.50 -15.86
CA THR J 134 -60.14 -42.12 -15.41
C THR J 134 -61.48 -41.63 -15.93
N LEU J 135 -62.50 -41.70 -15.09
CA LEU J 135 -63.74 -40.97 -15.32
C LEU J 135 -63.55 -39.56 -14.83
N VAL J 136 -63.21 -38.66 -15.74
CA VAL J 136 -62.79 -37.30 -15.41
C VAL J 136 -63.91 -36.34 -15.79
N CYS J 137 -64.34 -35.55 -14.83
CA CYS J 137 -65.18 -34.39 -15.08
C CYS J 137 -64.23 -33.24 -15.37
N THR J 138 -64.19 -32.82 -16.63
CA THR J 138 -63.51 -31.59 -17.02
C THR J 138 -64.44 -30.44 -16.71
N ILE J 139 -64.11 -29.66 -15.69
CA ILE J 139 -64.94 -28.58 -15.21
C ILE J 139 -64.46 -27.29 -15.86
N THR J 140 -65.39 -26.53 -16.43
CA THR J 140 -65.12 -25.19 -16.89
C THR J 140 -66.11 -24.22 -16.24
N ASP J 141 -65.59 -23.06 -15.83
CA ASP J 141 -66.41 -21.95 -15.34
C ASP J 141 -66.98 -22.17 -13.94
N PHE J 142 -66.18 -22.79 -13.06
CA PHE J 142 -66.56 -22.94 -11.67
C PHE J 142 -66.32 -21.62 -10.95
N TYR J 143 -67.41 -20.91 -10.67
CA TYR J 143 -67.31 -19.49 -10.38
C TYR J 143 -67.85 -19.13 -9.00
N PRO J 144 -67.01 -18.57 -8.10
CA PRO J 144 -65.59 -18.28 -8.25
C PRO J 144 -64.76 -19.51 -7.95
N GLY J 145 -63.44 -19.39 -7.84
CA GLY J 145 -62.60 -20.56 -7.65
C GLY J 145 -62.63 -21.22 -6.28
N VAL J 146 -63.83 -21.65 -5.86
CA VAL J 146 -64.02 -22.43 -4.65
C VAL J 146 -64.96 -23.57 -5.03
N VAL J 147 -64.38 -24.71 -5.40
CA VAL J 147 -65.12 -25.92 -5.73
C VAL J 147 -64.24 -27.11 -5.37
N THR J 148 -64.84 -28.06 -4.67
CA THR J 148 -64.13 -29.23 -4.18
C THR J 148 -64.63 -30.46 -4.94
N VAL J 149 -63.77 -31.46 -5.10
CA VAL J 149 -64.12 -32.74 -5.68
C VAL J 149 -64.17 -33.78 -4.58
N ASP J 150 -65.27 -34.51 -4.50
CA ASP J 150 -65.45 -35.55 -3.50
C ASP J 150 -65.63 -36.88 -4.23
N TRP J 151 -65.29 -37.97 -3.55
CA TRP J 151 -65.36 -39.30 -4.12
C TRP J 151 -66.81 -39.74 -4.23
N LYS J 152 -67.13 -40.41 -5.33
CA LYS J 152 -68.36 -41.19 -5.47
C LYS J 152 -68.04 -42.30 -6.46
N VAL J 153 -67.56 -43.43 -5.95
CA VAL J 153 -67.10 -44.52 -6.79
C VAL J 153 -67.36 -45.85 -6.07
N ASP J 154 -68.22 -46.67 -6.66
CA ASP J 154 -68.45 -48.03 -6.15
C ASP J 154 -69.28 -48.04 -4.87
N GLY J 155 -70.13 -47.02 -4.70
CA GLY J 155 -71.01 -46.93 -3.56
C GLY J 155 -70.41 -46.23 -2.35
N THR J 156 -69.11 -45.94 -2.36
CA THR J 156 -68.48 -45.24 -1.27
C THR J 156 -67.73 -44.05 -1.83
N PRO J 157 -67.44 -43.02 -1.03
CA PRO J 157 -66.47 -42.01 -1.45
C PRO J 157 -65.08 -42.61 -1.54
N VAL J 158 -64.35 -42.31 -2.61
CA VAL J 158 -63.02 -42.90 -2.78
C VAL J 158 -62.02 -42.18 -1.88
N THR J 159 -61.40 -42.95 -1.00
CA THR J 159 -60.32 -42.47 -0.15
C THR J 159 -58.99 -42.85 -0.80
N GLN J 160 -59.08 -43.53 -1.95
CA GLN J 160 -57.94 -43.84 -2.80
C GLN J 160 -58.49 -44.12 -4.19
N GLY J 161 -58.12 -43.27 -5.16
CA GLY J 161 -58.58 -43.41 -6.52
C GLY J 161 -59.21 -42.14 -7.09
N MET J 162 -59.71 -41.26 -6.23
CA MET J 162 -60.18 -39.95 -6.65
C MET J 162 -58.99 -39.06 -6.97
N GLU J 163 -59.20 -38.12 -7.90
CA GLU J 163 -58.14 -37.21 -8.31
C GLU J 163 -58.72 -35.83 -8.56
N THR J 164 -58.29 -34.85 -7.78
CA THR J 164 -58.64 -33.46 -7.98
C THR J 164 -57.41 -32.75 -8.51
N THR J 165 -57.45 -32.32 -9.77
CA THR J 165 -56.30 -31.72 -10.42
C THR J 165 -56.19 -30.24 -10.02
N GLN J 166 -55.18 -29.57 -10.59
CA GLN J 166 -55.09 -28.16 -10.24
C GLN J 166 -56.06 -27.35 -11.09
N PRO J 167 -57.21 -26.97 -10.52
CA PRO J 167 -58.24 -26.31 -11.32
C PRO J 167 -57.88 -24.85 -11.61
N SER J 168 -57.56 -24.57 -12.86
CA SER J 168 -57.11 -23.26 -13.30
C SER J 168 -58.27 -22.28 -13.28
N LYS J 169 -58.09 -21.20 -12.53
CA LYS J 169 -59.09 -20.15 -12.43
C LYS J 169 -59.08 -19.35 -13.71
N GLN J 170 -60.24 -19.19 -14.33
CA GLN J 170 -60.31 -18.55 -15.62
C GLN J 170 -60.23 -17.03 -15.45
N SER J 171 -60.01 -16.33 -16.58
CA SER J 171 -60.12 -14.88 -16.59
C SER J 171 -61.58 -14.45 -16.62
N ASN J 172 -62.48 -15.37 -17.01
CA ASN J 172 -63.92 -15.14 -17.03
C ASN J 172 -64.59 -15.53 -15.73
N ASN J 173 -63.87 -15.43 -14.61
CA ASN J 173 -64.39 -15.54 -13.25
C ASN J 173 -64.77 -16.96 -12.84
N LYS J 174 -64.43 -17.95 -13.64
CA LYS J 174 -64.69 -19.34 -13.30
C LYS J 174 -63.38 -20.03 -12.91
N TYR J 175 -63.48 -21.33 -12.64
CA TYR J 175 -62.35 -22.19 -12.36
C TYR J 175 -62.60 -23.54 -13.02
N MET J 176 -61.57 -24.08 -13.67
CA MET J 176 -61.76 -25.28 -14.48
C MET J 176 -60.48 -26.11 -14.50
N ALA J 177 -60.68 -27.43 -14.50
CA ALA J 177 -59.60 -28.40 -14.35
C ALA J 177 -60.20 -29.78 -14.61
N SER J 178 -59.43 -30.81 -14.32
CA SER J 178 -59.93 -32.18 -14.42
C SER J 178 -60.06 -32.75 -13.02
N SER J 179 -61.19 -33.43 -12.76
CA SER J 179 -61.45 -34.04 -11.46
C SER J 179 -62.21 -35.33 -11.67
N TYR J 180 -61.60 -36.45 -11.33
CA TYR J 180 -62.10 -37.74 -11.76
C TYR J 180 -62.04 -38.82 -10.68
N LEU J 181 -62.71 -39.93 -10.99
CA LEU J 181 -62.44 -41.22 -10.36
C LEU J 181 -61.44 -41.89 -11.28
N THR J 182 -60.16 -41.84 -10.90
CA THR J 182 -59.07 -42.24 -11.77
C THR J 182 -58.23 -43.29 -11.05
N LEU J 183 -58.59 -44.54 -11.24
CA LEU J 183 -57.94 -45.70 -10.63
C LEU J 183 -57.34 -46.55 -11.73
N THR J 184 -56.89 -47.75 -11.37
CA THR J 184 -56.30 -48.70 -12.29
C THR J 184 -57.37 -49.42 -13.11
N ALA J 185 -56.95 -50.51 -13.76
CA ALA J 185 -57.88 -51.36 -14.48
C ALA J 185 -58.82 -52.06 -13.50
N ARG J 186 -58.28 -52.44 -12.34
CA ARG J 186 -59.13 -52.86 -11.23
C ARG J 186 -59.90 -51.67 -10.66
N ALA J 187 -59.28 -50.49 -10.66
CA ALA J 187 -59.95 -49.30 -10.12
C ALA J 187 -61.02 -48.78 -11.07
N TRP J 188 -60.81 -48.92 -12.39
CA TRP J 188 -61.79 -48.47 -13.35
C TRP J 188 -62.91 -49.49 -13.51
N GLU J 189 -62.56 -50.77 -13.65
CA GLU J 189 -63.57 -51.81 -13.82
C GLU J 189 -64.20 -52.24 -12.51
N ARG J 190 -63.70 -51.77 -11.37
CA ARG J 190 -64.28 -52.12 -10.08
C ARG J 190 -65.34 -51.10 -9.67
N HIS J 191 -65.04 -49.82 -9.83
CA HIS J 191 -65.99 -48.78 -9.48
C HIS J 191 -67.08 -48.69 -10.54
N SER J 192 -68.22 -48.13 -10.13
CA SER J 192 -69.39 -48.04 -11.01
C SER J 192 -69.26 -46.99 -12.08
N SER J 193 -68.79 -45.80 -11.74
CA SER J 193 -68.41 -44.78 -12.69
C SER J 193 -67.33 -43.95 -12.03
N TYR J 194 -66.27 -43.65 -12.77
CA TYR J 194 -65.31 -42.65 -12.35
C TYR J 194 -66.00 -41.29 -12.31
N SER J 195 -66.10 -40.75 -11.10
CA SER J 195 -66.90 -39.56 -10.90
C SER J 195 -66.38 -38.75 -9.73
N CYS J 196 -66.36 -37.43 -9.92
CA CYS J 196 -66.14 -36.48 -8.83
C CYS J 196 -67.46 -35.78 -8.56
N GLN J 197 -67.72 -35.50 -7.29
CA GLN J 197 -68.84 -34.67 -6.88
C GLN J 197 -68.32 -33.28 -6.57
N VAL J 198 -68.77 -32.29 -7.33
CA VAL J 198 -68.27 -30.93 -7.25
C VAL J 198 -69.16 -30.15 -6.28
N THR J 199 -68.59 -29.81 -5.13
CA THR J 199 -69.21 -28.88 -4.18
C THR J 199 -68.61 -27.50 -4.42
N HIS J 200 -69.34 -26.66 -5.14
CA HIS J 200 -68.88 -25.33 -5.53
C HIS J 200 -69.52 -24.30 -4.62
N GLU J 201 -68.79 -23.91 -3.58
CA GLU J 201 -69.25 -22.94 -2.58
C GLU J 201 -70.43 -23.50 -1.79
N GLY J 202 -70.41 -24.81 -1.56
CA GLY J 202 -71.55 -25.50 -0.99
C GLY J 202 -72.50 -26.04 -2.05
N HIS J 203 -72.27 -25.69 -3.31
CA HIS J 203 -73.16 -26.10 -4.38
C HIS J 203 -72.86 -27.53 -4.82
N THR J 204 -73.84 -28.14 -5.48
CA THR J 204 -73.73 -29.53 -5.89
C THR J 204 -73.70 -29.63 -7.40
N VAL J 205 -72.85 -30.54 -7.89
CA VAL J 205 -72.73 -30.85 -9.31
C VAL J 205 -72.02 -32.19 -9.43
N GLU J 206 -72.14 -32.85 -10.57
CA GLU J 206 -71.53 -34.15 -10.80
C GLU J 206 -70.70 -34.12 -12.07
N LYS J 207 -69.37 -34.20 -11.93
CA LYS J 207 -68.48 -34.40 -13.07
C LYS J 207 -68.18 -35.89 -13.07
N SER J 208 -69.00 -36.67 -13.76
CA SER J 208 -68.97 -38.13 -13.64
C SER J 208 -69.29 -38.79 -14.95
N LEU J 209 -68.64 -39.92 -15.22
CA LEU J 209 -68.88 -40.64 -16.45
C LEU J 209 -69.25 -42.09 -16.17
N SER J 210 -69.40 -42.85 -17.25
CA SER J 210 -69.66 -44.29 -17.18
C SER J 210 -69.03 -44.95 -18.41
N ARG J 211 -68.32 -46.05 -18.18
CA ARG J 211 -67.71 -46.79 -19.27
C ARG J 211 -68.29 -48.20 -19.38
N GLN K 1 -2.39 84.84 26.50
CA GLN K 1 -3.16 83.68 26.93
C GLN K 1 -2.40 82.41 26.59
N ILE K 2 -2.33 81.49 27.54
CA ILE K 2 -1.49 80.30 27.42
C ILE K 2 -2.20 79.34 26.48
N GLN K 3 -1.86 79.45 25.20
CA GLN K 3 -2.56 78.74 24.14
C GLN K 3 -2.06 79.27 22.80
N LEU K 4 -2.65 78.77 21.73
CA LEU K 4 -2.28 79.17 20.37
C LEU K 4 -2.86 80.54 20.08
N VAL K 5 -1.98 81.51 19.88
CA VAL K 5 -2.28 82.73 19.13
C VAL K 5 -2.18 82.34 17.66
N GLN K 6 -3.32 82.34 16.98
CA GLN K 6 -3.45 81.78 15.65
C GLN K 6 -3.05 82.80 14.60
N SER K 7 -3.06 82.36 13.35
CA SER K 7 -2.87 83.26 12.24
C SER K 7 -4.20 83.90 11.85
N GLY K 8 -4.19 84.62 10.73
CA GLY K 8 -5.41 85.15 10.16
C GLY K 8 -6.11 84.16 9.25
N ARG K 9 -6.86 84.70 8.30
CA ARG K 9 -7.37 83.89 7.21
C ARG K 9 -6.21 83.51 6.29
N GLU K 10 -6.31 82.36 5.64
CA GLU K 10 -5.28 81.88 4.72
C GLU K 10 -5.90 81.50 3.39
N VAL K 11 -5.76 82.40 2.42
CA VAL K 11 -6.23 82.17 1.06
C VAL K 11 -5.05 81.65 0.25
N LYS K 12 -4.91 80.33 0.21
CA LYS K 12 -3.70 79.74 -0.33
C LYS K 12 -4.06 78.96 -1.59
N ASN K 13 -3.07 78.83 -2.51
CA ASN K 13 -3.22 78.31 -3.85
C ASN K 13 -3.64 76.83 -3.83
N PRO K 14 -4.41 76.40 -4.83
CA PRO K 14 -4.80 74.99 -4.90
C PRO K 14 -3.60 74.17 -5.35
N GLY K 15 -3.01 73.45 -4.39
CA GLY K 15 -1.70 72.88 -4.53
C GLY K 15 -0.65 73.54 -3.65
N GLU K 16 -0.94 74.74 -3.16
CA GLU K 16 -0.06 75.42 -2.21
C GLU K 16 -0.61 75.23 -0.79
N THR K 17 0.16 75.65 0.20
CA THR K 17 -0.21 75.48 1.59
C THR K 17 -0.47 76.84 2.23
N VAL K 18 -0.90 76.80 3.50
CA VAL K 18 -1.12 78.01 4.30
C VAL K 18 -0.82 77.68 5.75
N LYS K 19 0.08 78.44 6.37
CA LYS K 19 0.61 78.11 7.68
C LYS K 19 -0.10 78.93 8.74
N ILE K 20 -1.09 78.34 9.42
CA ILE K 20 -1.65 78.90 10.63
C ILE K 20 -0.65 78.62 11.74
N SER K 21 0.22 79.59 12.01
CA SER K 21 1.24 79.41 13.02
C SER K 21 0.61 79.62 14.39
N CYS K 22 0.69 78.58 15.22
CA CYS K 22 0.18 78.66 16.56
C CYS K 22 1.33 79.18 17.40
N LYS K 23 1.36 80.48 17.64
CA LYS K 23 2.31 81.09 18.54
C LYS K 23 1.90 80.69 19.95
N ALA K 24 2.77 79.95 20.65
CA ALA K 24 2.50 79.50 22.00
C ALA K 24 2.62 80.69 22.93
N SER K 25 1.47 81.23 23.33
CA SER K 25 1.42 82.38 24.22
C SER K 25 1.21 81.87 25.64
N GLY K 26 1.76 82.60 26.60
CA GLY K 26 1.77 82.21 27.98
C GLY K 26 2.68 81.04 28.29
N TYR K 27 2.29 79.83 27.90
CA TYR K 27 3.16 78.68 27.94
C TYR K 27 3.79 78.53 26.56
N THR K 28 4.95 77.89 26.52
CA THR K 28 5.62 77.63 25.26
C THR K 28 4.86 76.47 24.63
N PHE K 29 4.55 76.58 23.34
CA PHE K 29 4.07 75.43 22.59
C PHE K 29 5.27 74.52 22.30
N THR K 30 6.48 75.08 22.34
CA THR K 30 7.69 74.29 22.47
C THR K 30 8.07 74.04 23.93
N GLU K 31 7.14 74.19 24.84
CA GLU K 31 7.29 73.75 26.21
C GLU K 31 6.08 72.96 26.69
N TYR K 32 4.94 73.11 26.02
CA TYR K 32 3.71 72.48 26.47
C TYR K 32 2.88 72.13 25.24
N PRO K 33 1.69 71.52 25.43
CA PRO K 33 1.11 70.61 24.45
C PRO K 33 0.66 71.24 23.13
N MET K 34 0.96 70.54 22.05
CA MET K 34 0.46 70.88 20.73
C MET K 34 -0.86 70.15 20.53
N LEU K 35 -1.95 70.74 21.02
CA LEU K 35 -3.27 70.25 20.67
C LEU K 35 -3.74 71.01 19.44
N TRP K 36 -3.52 70.43 18.27
CA TRP K 36 -3.85 71.07 17.01
C TRP K 36 -5.30 70.76 16.70
N VAL K 37 -6.16 71.74 16.87
CA VAL K 37 -7.56 71.65 16.49
C VAL K 37 -7.62 72.02 15.00
N LYS K 38 -7.46 71.01 14.16
CA LYS K 38 -7.60 71.16 12.72
C LYS K 38 -9.09 71.26 12.46
N GLN K 39 -9.60 72.48 12.52
CA GLN K 39 -11.02 72.77 12.63
C GLN K 39 -11.70 72.48 11.29
N ALA K 40 -12.83 71.90 11.36
CA ALA K 40 -13.69 72.00 10.20
C ALA K 40 -14.38 73.36 10.21
N PRO K 41 -14.96 73.79 9.12
CA PRO K 41 -15.78 75.00 9.14
C PRO K 41 -17.08 74.83 9.92
N GLY K 42 -17.56 73.59 10.07
CA GLY K 42 -18.79 73.35 10.81
C GLY K 42 -18.64 72.83 12.22
N LYS K 43 -17.94 71.71 12.38
CA LYS K 43 -17.96 70.96 13.63
C LYS K 43 -17.03 71.53 14.69
N GLY K 44 -16.26 72.53 14.35
CA GLY K 44 -15.23 73.03 15.24
C GLY K 44 -13.96 72.23 15.10
N PHE K 45 -13.14 72.31 16.14
CA PHE K 45 -11.76 71.81 16.16
C PHE K 45 -11.70 70.29 16.07
N ARG K 46 -11.30 69.80 14.91
CA ARG K 46 -11.15 68.37 14.66
C ARG K 46 -9.67 68.08 14.80
N TRP K 47 -9.30 66.81 14.72
CA TRP K 47 -7.95 66.41 15.08
C TRP K 47 -6.95 66.78 14.00
N MET K 48 -6.41 67.99 14.08
CA MET K 48 -5.20 68.35 13.33
C MET K 48 -3.94 67.78 13.97
N GLY K 49 -4.04 67.25 15.18
CA GLY K 49 -2.99 66.46 15.78
C GLY K 49 -3.02 66.59 17.29
N LEU K 50 -2.40 65.61 17.93
CA LEU K 50 -2.18 65.64 19.36
C LEU K 50 -0.68 65.62 19.53
N ILE K 51 -0.19 66.34 20.53
CA ILE K 51 1.24 66.44 20.75
C ILE K 51 1.50 66.71 22.22
N TYR K 52 2.32 65.85 22.83
CA TYR K 52 2.97 66.20 24.08
C TYR K 52 4.04 67.22 23.69
N THR K 53 3.68 68.50 23.79
CA THR K 53 4.44 69.57 23.15
C THR K 53 5.47 70.19 24.09
N ASN K 54 5.90 69.43 25.08
CA ASN K 54 7.22 69.65 25.68
C ASN K 54 8.30 69.51 24.61
N THR K 55 8.13 68.54 23.71
CA THR K 55 8.97 68.45 22.52
C THR K 55 8.66 69.56 21.52
N GLY K 56 7.39 69.96 21.38
CA GLY K 56 7.06 71.14 20.61
C GLY K 56 6.09 70.97 19.46
N GLU K 57 5.77 69.76 19.05
CA GLU K 57 4.98 69.62 17.85
C GLU K 57 3.66 68.92 18.14
N PRO K 58 2.54 69.39 17.59
CA PRO K 58 1.35 68.55 17.54
C PRO K 58 1.46 67.63 16.35
N THR K 59 1.63 66.34 16.65
CA THR K 59 1.79 65.34 15.61
C THR K 59 0.42 65.09 15.01
N TYR K 60 0.41 64.71 13.74
CA TYR K 60 -0.81 64.57 12.97
C TYR K 60 -1.61 63.37 13.43
N ALA K 61 -2.91 63.58 13.57
CA ALA K 61 -3.86 62.49 13.72
C ALA K 61 -4.31 62.03 12.34
N GLU K 62 -5.41 61.27 12.31
CA GLU K 62 -6.02 60.83 11.05
C GLU K 62 -6.55 62.02 10.25
N GLU K 63 -7.13 63.01 10.93
CA GLU K 63 -7.41 64.27 10.25
C GLU K 63 -6.16 65.13 10.17
N PHE K 64 -5.17 64.88 11.01
CA PHE K 64 -3.94 65.65 11.07
C PHE K 64 -2.87 65.17 10.10
N LYS K 65 -3.04 64.02 9.48
CA LYS K 65 -2.23 63.63 8.33
C LYS K 65 -3.02 63.93 7.07
N GLY K 66 -2.32 64.34 6.02
CA GLY K 66 -2.96 64.67 4.76
C GLY K 66 -2.56 66.04 4.23
N ARG K 67 -3.55 66.92 4.03
CA ARG K 67 -3.27 68.27 3.59
C ARG K 67 -2.65 69.14 4.67
N PHE K 68 -3.11 69.00 5.91
CA PHE K 68 -2.57 69.73 7.04
C PHE K 68 -1.44 68.93 7.67
N VAL K 69 -0.45 69.65 8.21
CA VAL K 69 0.67 69.04 8.89
C VAL K 69 0.99 69.93 10.10
N PHE K 70 1.23 69.32 11.25
CA PHE K 70 1.68 70.06 12.41
C PHE K 70 3.21 70.07 12.42
N SER K 71 3.78 71.24 12.12
CA SER K 71 5.22 71.44 12.23
C SER K 71 5.47 72.28 13.46
N LEU K 72 6.75 72.50 13.77
CA LEU K 72 7.09 73.19 15.01
C LEU K 72 7.66 74.55 14.69
N GLU K 73 6.96 75.61 15.14
CA GLU K 73 7.47 76.97 15.08
C GLU K 73 8.07 77.25 16.46
N ILE K 74 9.15 76.52 16.75
CA ILE K 74 9.78 76.48 18.06
C ILE K 74 10.50 77.79 18.33
N SER K 75 10.87 78.51 17.25
CA SER K 75 11.42 79.85 17.38
C SER K 75 10.35 80.90 17.72
N ALA K 76 9.07 80.53 17.59
CA ALA K 76 7.99 81.26 18.23
C ALA K 76 7.63 80.66 19.58
N SER K 77 8.31 79.58 20.00
CA SER K 77 7.96 78.83 21.20
C SER K 77 6.59 78.17 21.03
N THR K 78 6.34 77.66 19.82
CA THR K 78 5.00 77.25 19.40
C THR K 78 5.07 76.27 18.24
N ALA K 79 3.94 76.08 17.57
CA ALA K 79 3.85 75.17 16.45
C ALA K 79 3.33 75.91 15.22
N TYR K 80 3.03 75.15 14.17
CA TYR K 80 2.37 75.67 12.99
C TYR K 80 1.51 74.56 12.38
N LEU K 81 0.20 74.76 12.44
CA LEU K 81 -0.73 73.92 11.70
C LEU K 81 -0.78 74.47 10.29
N GLN K 82 -0.10 73.81 9.36
CA GLN K 82 0.04 74.32 8.01
C GLN K 82 -0.67 73.37 7.07
N ILE K 83 -1.65 73.87 6.34
CA ILE K 83 -2.35 73.09 5.33
C ILE K 83 -1.43 73.08 4.12
N ASN K 84 -0.53 72.09 4.08
CA ASN K 84 0.56 72.08 3.12
C ASN K 84 0.13 71.33 1.87
N ASN K 85 0.17 72.04 0.74
CA ASN K 85 -0.28 71.49 -0.54
C ASN K 85 -1.79 71.29 -0.54
N LEU K 86 -2.50 72.32 -0.08
CA LEU K 86 -3.96 72.26 -0.02
C LEU K 86 -4.52 72.33 -1.43
N THR K 87 -5.49 71.47 -1.71
CA THR K 87 -6.16 71.35 -3.00
C THR K 87 -7.26 72.38 -3.13
N ASN K 88 -8.15 72.16 -4.10
CA ASN K 88 -9.26 73.09 -4.35
C ASN K 88 -10.32 73.08 -3.24
N GLU K 89 -10.35 72.05 -2.39
CA GLU K 89 -11.35 71.90 -1.33
C GLU K 89 -10.83 72.26 0.06
N ASP K 90 -10.05 73.33 0.20
CA ASP K 90 -9.26 73.58 1.40
C ASP K 90 -9.87 74.60 2.35
N THR K 91 -11.20 74.64 2.48
CA THR K 91 -11.81 75.51 3.47
C THR K 91 -11.87 74.80 4.82
N ALA K 92 -11.43 75.49 5.86
CA ALA K 92 -11.40 74.90 7.20
C ALA K 92 -11.03 75.94 8.26
N THR K 93 -11.06 75.55 9.53
CA THR K 93 -10.55 76.39 10.61
C THR K 93 -9.23 75.81 11.08
N TYR K 94 -8.48 76.61 11.83
CA TYR K 94 -7.20 76.18 12.38
C TYR K 94 -7.05 76.74 13.79
N PHE K 95 -6.65 75.88 14.73
CA PHE K 95 -6.17 76.35 16.02
C PHE K 95 -5.19 75.35 16.63
N CYS K 96 -3.90 75.55 16.36
CA CYS K 96 -2.91 74.76 17.08
C CYS K 96 -2.65 75.41 18.44
N VAL K 97 -3.20 74.80 19.49
CA VAL K 97 -3.32 75.45 20.79
C VAL K 97 -2.76 74.53 21.86
N ARG K 98 -2.97 74.91 23.12
CA ARG K 98 -2.31 74.29 24.26
C ARG K 98 -3.01 73.00 24.69
N ASP K 99 -2.21 71.97 24.97
CA ASP K 99 -2.70 70.75 25.59
C ASP K 99 -2.08 70.62 26.98
N TYR K 100 -2.90 70.34 27.97
CA TYR K 100 -2.35 70.03 29.28
C TYR K 100 -3.48 69.50 30.15
N PHE K 101 -3.18 68.50 30.98
CA PHE K 101 -4.21 67.87 31.80
C PHE K 101 -5.24 67.16 30.92
N ILE K 102 -4.93 65.92 30.52
CA ILE K 102 -5.00 65.38 29.14
C ILE K 102 -6.03 65.83 28.11
N SER K 103 -7.06 66.57 28.49
CA SER K 103 -7.73 67.40 27.49
C SER K 103 -6.86 68.61 27.12
N LEU K 104 -7.24 69.33 26.07
CA LEU K 104 -6.45 70.45 25.56
C LEU K 104 -6.57 71.64 26.51
N ASP K 105 -5.58 71.81 27.38
CA ASP K 105 -5.64 72.77 28.47
C ASP K 105 -5.47 74.22 28.06
N TYR K 106 -5.13 74.51 26.80
CA TYR K 106 -4.99 75.87 26.34
C TYR K 106 -5.81 76.09 25.08
N TRP K 107 -6.63 77.13 25.09
CA TRP K 107 -7.56 77.41 24.00
C TRP K 107 -6.81 77.98 22.81
N GLY K 108 -7.22 77.51 21.62
CA GLY K 108 -6.58 77.89 20.38
C GLY K 108 -7.01 79.27 19.90
N GLN K 109 -6.57 79.59 18.68
CA GLN K 109 -6.88 80.89 18.13
C GLN K 109 -7.96 80.85 17.05
N GLY K 110 -7.97 79.81 16.24
CA GLY K 110 -8.89 79.73 15.12
C GLY K 110 -8.40 80.52 13.92
N THR K 111 -8.77 80.07 12.73
CA THR K 111 -8.42 80.76 11.50
C THR K 111 -9.19 80.11 10.36
N THR K 112 -9.63 80.91 9.41
CA THR K 112 -10.36 80.41 8.25
C THR K 112 -9.42 80.29 7.07
N LEU K 113 -9.32 79.10 6.51
CA LEU K 113 -8.46 78.82 5.38
C LEU K 113 -9.30 78.41 4.18
N THR K 114 -8.88 78.88 3.00
CA THR K 114 -9.51 78.54 1.72
C THR K 114 -8.40 78.12 0.76
N VAL K 115 -8.45 76.85 0.34
CA VAL K 115 -7.44 76.29 -0.56
C VAL K 115 -7.91 76.50 -2.00
N SER K 116 -7.29 77.44 -2.70
CA SER K 116 -7.56 77.65 -4.12
C SER K 116 -6.68 78.74 -4.70
N SER K 117 -6.29 78.60 -5.97
CA SER K 117 -5.51 79.63 -6.62
C SER K 117 -6.41 80.82 -6.95
N ALA K 118 -5.84 82.02 -7.00
CA ALA K 118 -6.61 83.21 -7.27
C ALA K 118 -5.76 84.39 -7.70
N LYS K 119 -6.29 85.26 -8.56
CA LYS K 119 -5.62 86.50 -8.93
C LYS K 119 -6.04 87.63 -8.00
N THR K 120 -5.21 88.67 -7.91
CA THR K 120 -5.29 89.65 -6.84
C THR K 120 -6.00 90.91 -7.32
N THR K 121 -7.26 91.05 -6.94
CA THR K 121 -8.01 92.29 -7.11
C THR K 121 -8.47 92.68 -5.71
N ALA K 122 -7.85 93.70 -5.14
CA ALA K 122 -8.07 94.03 -3.74
C ALA K 122 -9.43 94.72 -3.56
N PRO K 123 -9.94 94.77 -2.35
CA PRO K 123 -11.23 95.41 -2.09
C PRO K 123 -11.11 96.92 -2.18
N SER K 124 -12.16 97.55 -2.70
CA SER K 124 -12.19 98.99 -2.88
C SER K 124 -13.01 99.58 -1.74
N VAL K 125 -12.80 100.86 -1.46
CA VAL K 125 -13.47 101.56 -0.36
C VAL K 125 -14.49 102.53 -0.96
N TYR K 126 -15.75 102.40 -0.52
CA TYR K 126 -16.79 103.35 -0.85
C TYR K 126 -17.18 104.09 0.42
N PRO K 127 -17.19 105.42 0.42
CA PRO K 127 -17.52 106.14 1.64
C PRO K 127 -19.03 106.19 1.87
N LEU K 128 -19.50 105.31 2.75
CA LEU K 128 -20.91 105.22 3.11
C LEU K 128 -21.05 106.10 4.34
N ALA K 129 -21.30 107.36 4.10
CA ALA K 129 -21.48 108.43 5.06
C ALA K 129 -22.95 108.55 5.44
N PRO K 130 -23.33 109.61 6.15
CA PRO K 130 -24.77 109.91 6.30
C PRO K 130 -25.40 110.33 4.99
N VAL K 131 -26.73 110.42 5.01
CA VAL K 131 -27.57 110.77 3.85
C VAL K 131 -27.31 112.18 3.33
N CYS K 132 -27.83 112.48 2.13
CA CYS K 132 -27.48 113.68 1.40
C CYS K 132 -27.94 114.97 2.07
N GLY K 133 -29.07 114.94 2.76
CA GLY K 133 -29.42 116.00 3.71
C GLY K 133 -29.30 115.49 5.13
N GLY K 134 -28.21 115.88 5.79
CA GLY K 134 -28.00 115.53 7.19
C GLY K 134 -27.29 114.22 7.43
N THR K 135 -28.07 113.18 7.76
CA THR K 135 -27.58 111.80 7.97
C THR K 135 -26.82 111.68 9.29
N THR K 136 -27.32 112.45 10.24
CA THR K 136 -26.76 112.54 11.58
C THR K 136 -27.96 112.74 12.52
N GLY K 137 -27.80 112.30 13.76
CA GLY K 137 -28.77 112.60 14.81
C GLY K 137 -28.01 113.00 16.06
N SER K 138 -28.30 112.28 17.14
CA SER K 138 -27.34 112.23 18.24
C SER K 138 -26.12 111.38 17.88
N SER K 139 -26.28 110.47 16.91
CA SER K 139 -25.19 109.72 16.31
C SER K 139 -25.09 110.05 14.82
N VAL K 140 -24.28 109.29 14.11
CA VAL K 140 -24.06 109.46 12.68
C VAL K 140 -23.51 108.15 12.15
N THR K 141 -24.04 107.72 11.00
CA THR K 141 -23.65 106.46 10.38
C THR K 141 -22.64 106.75 9.28
N LEU K 142 -21.37 106.84 9.65
CA LEU K 142 -20.29 106.97 8.69
C LEU K 142 -19.87 105.57 8.28
N GLY K 143 -18.83 105.46 7.45
CA GLY K 143 -18.22 104.16 7.25
C GLY K 143 -17.88 103.88 5.81
N CYS K 144 -17.73 102.59 5.50
CA CYS K 144 -17.10 102.18 4.25
C CYS K 144 -17.69 100.88 3.73
N LEU K 145 -17.69 100.75 2.40
CA LEU K 145 -18.08 99.54 1.70
C LEU K 145 -16.85 99.03 0.98
N VAL K 146 -16.31 97.91 1.46
CA VAL K 146 -15.07 97.33 0.93
C VAL K 146 -15.49 96.21 -0.01
N LYS K 147 -15.39 96.47 -1.30
CA LYS K 147 -15.94 95.60 -2.33
C LYS K 147 -14.86 94.83 -3.08
N GLY K 148 -15.03 93.51 -3.15
CA GLY K 148 -14.27 92.68 -4.06
C GLY K 148 -12.82 92.48 -3.67
N TYR K 149 -12.55 91.77 -2.57
CA TYR K 149 -11.20 91.60 -2.07
C TYR K 149 -10.75 90.15 -2.19
N PHE K 150 -9.84 89.92 -3.13
CA PHE K 150 -9.15 88.65 -3.29
C PHE K 150 -8.05 88.80 -4.34
N PRO K 151 -6.83 88.30 -4.09
CA PRO K 151 -6.20 87.51 -3.03
C PRO K 151 -5.53 88.31 -1.92
N GLU K 152 -4.69 87.63 -1.14
CA GLU K 152 -4.14 88.17 0.08
C GLU K 152 -3.01 89.17 -0.20
N PRO K 153 -2.79 90.12 0.71
CA PRO K 153 -3.49 90.36 1.98
C PRO K 153 -4.45 91.54 1.88
N VAL K 154 -5.42 91.59 2.79
CA VAL K 154 -6.43 92.65 2.81
C VAL K 154 -7.08 92.72 4.19
N THR K 155 -7.18 93.93 4.72
CA THR K 155 -7.80 94.19 6.01
C THR K 155 -8.56 95.51 5.96
N LEU K 156 -9.66 95.59 6.71
CA LEU K 156 -10.54 96.75 6.70
C LEU K 156 -10.97 97.09 8.11
N THR K 157 -10.87 98.37 8.45
CA THR K 157 -11.38 98.91 9.71
C THR K 157 -12.11 100.22 9.44
N TRP K 158 -13.06 100.55 10.31
CA TRP K 158 -13.94 101.70 10.13
C TRP K 158 -13.83 102.61 11.34
N ASN K 159 -13.46 103.87 11.08
CA ASN K 159 -13.06 104.81 12.14
C ASN K 159 -11.60 104.63 12.56
N SER K 160 -10.92 103.65 11.95
CA SER K 160 -9.53 103.29 12.20
C SER K 160 -9.26 102.81 13.62
N GLY K 161 -10.30 102.45 14.40
CA GLY K 161 -10.15 102.26 15.82
C GLY K 161 -10.35 103.52 16.65
N SER K 162 -10.37 104.69 16.01
CA SER K 162 -10.51 105.94 16.74
C SER K 162 -11.97 106.28 17.02
N LEU K 163 -12.83 106.25 16.01
CA LEU K 163 -14.27 106.24 16.24
C LEU K 163 -14.76 104.91 15.67
N SER K 164 -14.61 103.84 16.45
CA SER K 164 -14.88 102.49 15.99
C SER K 164 -15.69 101.66 16.97
N SER K 165 -15.93 102.17 18.17
CA SER K 165 -16.80 101.50 19.12
C SER K 165 -18.24 101.67 18.66
N GLY K 166 -18.93 100.57 18.44
CA GLY K 166 -20.31 100.64 17.98
C GLY K 166 -20.45 100.83 16.49
N VAL K 167 -19.83 99.97 15.69
CA VAL K 167 -19.93 100.02 14.24
C VAL K 167 -20.88 98.94 13.77
N HIS K 168 -21.75 99.29 12.84
CA HIS K 168 -22.69 98.36 12.23
C HIS K 168 -22.12 98.03 10.86
N THR K 169 -21.27 97.02 10.81
CA THR K 169 -20.51 96.71 9.61
C THR K 169 -21.05 95.43 9.00
N PHE K 170 -20.71 95.19 7.74
CA PHE K 170 -20.92 93.86 7.20
C PHE K 170 -19.58 93.32 6.72
N PRO K 171 -19.26 92.06 6.97
CA PRO K 171 -17.97 91.52 6.53
C PRO K 171 -17.97 91.22 5.04
N ALA K 172 -16.78 90.97 4.51
CA ALA K 172 -16.60 90.78 3.07
C ALA K 172 -17.14 89.43 2.63
N LEU K 173 -18.15 89.45 1.77
CA LEU K 173 -18.83 88.25 1.30
C LEU K 173 -18.48 88.02 -0.16
N LEU K 174 -19.13 87.05 -0.78
CA LEU K 174 -18.77 86.62 -2.14
C LEU K 174 -19.23 87.64 -3.17
N GLN K 175 -18.29 88.09 -4.00
CA GLN K 175 -18.62 88.91 -5.16
C GLN K 175 -17.51 88.71 -6.19
N SER K 176 -17.78 87.88 -7.20
CA SER K 176 -16.93 87.72 -8.39
C SER K 176 -15.55 87.12 -8.09
N GLY K 177 -15.45 86.38 -6.99
CA GLY K 177 -14.16 85.91 -6.53
C GLY K 177 -13.43 86.88 -5.63
N LEU K 178 -14.14 87.77 -4.95
CA LEU K 178 -13.54 88.66 -3.98
C LEU K 178 -14.44 88.76 -2.75
N TYR K 179 -13.85 89.21 -1.64
CA TYR K 179 -14.61 89.56 -0.45
C TYR K 179 -15.08 91.00 -0.56
N THR K 180 -16.37 91.20 -0.32
CA THR K 180 -17.00 92.50 -0.49
C THR K 180 -18.21 92.63 0.42
N LEU K 181 -18.21 93.70 1.24
CA LEU K 181 -19.31 94.02 2.12
C LEU K 181 -19.47 95.53 2.22
N SER K 182 -20.50 95.95 2.95
CA SER K 182 -20.76 97.35 3.21
C SER K 182 -21.04 97.53 4.69
N SER K 183 -20.67 98.69 5.23
CA SER K 183 -20.97 98.91 6.63
C SER K 183 -20.74 100.36 7.01
N SER K 184 -21.22 100.72 8.18
CA SER K 184 -20.91 102.00 8.78
C SER K 184 -20.33 101.82 10.17
N VAL K 185 -19.75 102.90 10.66
CA VAL K 185 -19.50 103.10 12.08
C VAL K 185 -20.58 104.04 12.58
N THR K 186 -21.25 103.64 13.66
CA THR K 186 -22.29 104.44 14.30
C THR K 186 -21.66 105.25 15.41
N VAL K 187 -21.24 106.47 15.08
CA VAL K 187 -20.50 107.33 15.99
C VAL K 187 -21.48 108.36 16.52
N THR K 188 -20.99 109.22 17.43
CA THR K 188 -21.84 110.26 18.01
C THR K 188 -22.08 111.39 17.01
N SER K 189 -22.85 112.38 17.45
CA SER K 189 -23.13 113.57 16.64
C SER K 189 -21.91 114.43 16.42
N ASN K 190 -20.96 114.44 17.36
CA ASN K 190 -19.69 115.11 17.12
C ASN K 190 -18.66 114.15 16.57
N THR K 191 -19.05 112.89 16.34
CA THR K 191 -18.13 111.93 15.73
C THR K 191 -18.10 112.09 14.22
N TRP K 192 -19.22 111.89 13.54
CA TRP K 192 -19.19 111.90 12.09
C TRP K 192 -20.14 112.96 11.55
N PRO K 193 -19.63 113.91 10.74
CA PRO K 193 -18.25 114.08 10.27
C PRO K 193 -17.41 115.05 11.09
N SER K 194 -17.48 114.94 12.42
CA SER K 194 -16.68 115.79 13.28
C SER K 194 -15.26 115.26 13.45
N GLN K 195 -15.14 114.04 13.96
CA GLN K 195 -13.86 113.35 14.07
C GLN K 195 -13.68 112.44 12.87
N THR K 196 -12.45 111.97 12.67
CA THR K 196 -12.17 111.15 11.51
C THR K 196 -12.70 109.73 11.70
N ILE K 197 -13.97 109.52 11.39
CA ILE K 197 -14.55 108.18 11.35
C ILE K 197 -14.31 107.65 9.95
N THR K 198 -13.09 107.19 9.70
CA THR K 198 -12.64 106.83 8.36
C THR K 198 -12.11 105.41 8.30
N CYS K 199 -12.34 104.75 7.17
CA CYS K 199 -12.02 103.33 7.01
C CYS K 199 -10.70 103.16 6.28
N ASN K 200 -9.92 102.17 6.73
CA ASN K 200 -8.63 101.83 6.14
C ASN K 200 -8.64 100.39 5.67
N VAL K 201 -7.98 100.13 4.54
CA VAL K 201 -7.73 98.79 4.02
C VAL K 201 -6.23 98.65 3.82
N ALA K 202 -5.72 97.44 3.99
CA ALA K 202 -4.28 97.21 4.06
C ALA K 202 -3.88 95.82 3.58
N HIS K 203 -2.71 95.75 2.94
CA HIS K 203 -2.05 94.50 2.55
C HIS K 203 -0.55 94.79 2.46
N PRO K 204 0.24 94.30 3.43
CA PRO K 204 1.64 94.75 3.52
C PRO K 204 2.63 93.85 2.80
N ALA K 205 2.18 92.72 2.24
CA ALA K 205 3.10 91.84 1.52
C ALA K 205 3.19 92.21 0.04
N SER K 206 2.04 92.42 -0.61
CA SER K 206 2.01 92.77 -2.02
C SER K 206 1.90 94.27 -2.25
N SER K 207 1.87 95.05 -1.18
CA SER K 207 1.76 96.51 -1.25
C SER K 207 0.43 96.95 -1.86
N THR K 208 -0.68 96.65 -1.19
CA THR K 208 -1.98 97.18 -1.59
C THR K 208 -2.73 97.70 -0.36
N LYS K 209 -2.82 99.03 -0.20
CA LYS K 209 -3.43 99.61 0.98
C LYS K 209 -3.82 101.06 0.74
N VAL K 210 -4.90 101.51 1.41
CA VAL K 210 -5.37 102.90 1.33
C VAL K 210 -6.39 103.14 2.44
N ASP K 211 -6.38 104.35 3.01
CA ASP K 211 -7.34 104.77 4.03
C ASP K 211 -8.08 106.04 3.59
N LYS K 212 -9.39 106.08 3.81
CA LYS K 212 -10.23 107.19 3.39
C LYS K 212 -11.09 107.65 4.57
N LYS K 213 -11.09 108.97 4.83
CA LYS K 213 -11.87 109.56 5.90
C LYS K 213 -13.34 109.61 5.52
N ILE K 214 -14.20 109.26 6.48
CA ILE K 214 -15.64 109.16 6.23
C ILE K 214 -16.36 110.20 7.09
N GLU K 215 -17.08 111.09 6.44
CA GLU K 215 -17.81 112.16 7.10
C GLU K 215 -19.30 112.02 6.83
N SER K 216 -20.05 113.07 7.17
CA SER K 216 -21.46 113.12 6.82
C SER K 216 -21.62 113.41 5.33
N ARG K 217 -22.85 113.24 4.84
CA ARG K 217 -23.12 113.50 3.43
C ARG K 217 -23.40 114.98 3.15
N ARG K 218 -23.55 115.79 4.19
CA ARG K 218 -23.85 117.22 4.02
C ARG K 218 -22.58 118.06 3.93
N GLN L 1 -8.11 60.66 17.11
CA GLN L 1 -9.28 61.45 16.72
C GLN L 1 -10.44 61.23 17.69
N ALA L 2 -10.75 62.25 18.49
CA ALA L 2 -11.67 62.06 19.59
C ALA L 2 -12.86 62.98 19.41
N VAL L 3 -14.03 62.38 19.26
CA VAL L 3 -15.27 63.10 19.03
C VAL L 3 -16.07 62.95 20.30
N VAL L 4 -16.37 64.09 20.95
CA VAL L 4 -17.14 64.12 22.18
C VAL L 4 -18.58 63.79 21.84
N THR L 5 -18.97 62.55 22.08
CA THR L 5 -20.21 61.96 21.59
C THR L 5 -21.34 62.21 22.58
N GLN L 6 -22.41 62.81 22.09
CA GLN L 6 -23.60 63.07 22.89
C GLN L 6 -24.70 63.62 21.99
N GLU L 7 -25.76 64.11 22.65
CA GLU L 7 -26.75 64.90 21.94
C GLU L 7 -26.15 66.24 21.51
N SER L 8 -26.68 66.79 20.42
CA SER L 8 -26.13 67.98 19.79
C SER L 8 -26.42 69.25 20.59
N ALA L 9 -27.27 69.17 21.60
CA ALA L 9 -27.57 70.32 22.43
C ALA L 9 -27.49 69.91 23.90
N LEU L 10 -26.83 70.76 24.68
CA LEU L 10 -27.01 70.83 26.11
C LEU L 10 -27.39 72.27 26.42
N THR L 11 -28.67 72.55 26.29
CA THR L 11 -29.18 73.92 26.30
C THR L 11 -29.23 74.42 27.73
N THR L 12 -28.94 75.71 27.91
CA THR L 12 -28.89 76.33 29.22
C THR L 12 -29.95 77.43 29.27
N SER L 13 -29.90 78.20 30.34
CA SER L 13 -30.70 79.40 30.52
C SER L 13 -29.78 80.56 30.88
N PRO L 14 -30.31 81.75 31.13
CA PRO L 14 -29.49 82.79 31.75
C PRO L 14 -29.20 82.42 33.19
N GLY L 15 -27.97 81.96 33.43
CA GLY L 15 -27.62 81.30 34.66
C GLY L 15 -28.01 79.84 34.73
N GLU L 16 -28.47 79.27 33.63
CA GLU L 16 -29.08 77.94 33.66
C GLU L 16 -28.04 76.83 33.52
N THR L 17 -28.50 75.60 33.75
CA THR L 17 -27.65 74.42 33.76
C THR L 17 -27.93 73.57 32.54
N VAL L 18 -26.93 73.48 31.66
CA VAL L 18 -26.96 72.58 30.52
C VAL L 18 -25.99 71.44 30.80
N THR L 19 -26.52 70.31 31.27
CA THR L 19 -25.71 69.16 31.64
C THR L 19 -25.73 68.16 30.50
N LEU L 20 -25.07 68.52 29.41
CA LEU L 20 -24.96 67.64 28.26
C LEU L 20 -23.68 66.82 28.42
N THR L 21 -23.48 65.88 27.50
CA THR L 21 -22.30 65.03 27.54
C THR L 21 -21.43 65.27 26.32
N CYS L 22 -20.15 64.92 26.44
CA CYS L 22 -19.28 64.75 25.28
C CYS L 22 -18.40 63.56 25.62
N ARG L 23 -18.80 62.38 25.16
CA ARG L 23 -18.08 61.16 25.44
C ARG L 23 -16.75 61.17 24.72
N SER L 24 -15.76 60.56 25.33
CA SER L 24 -14.55 60.14 24.63
C SER L 24 -14.96 59.12 23.57
N ASN L 25 -14.19 59.07 22.48
CA ASN L 25 -14.56 58.31 21.28
C ASN L 25 -14.60 56.79 21.51
N ILE L 26 -13.93 56.29 22.53
CA ILE L 26 -14.05 54.86 22.86
C ILE L 26 -15.00 54.60 24.02
N GLY L 27 -15.31 55.61 24.82
CA GLY L 27 -16.13 55.37 25.99
C GLY L 27 -16.07 56.56 26.92
N ALA L 28 -15.69 56.26 28.16
CA ALA L 28 -15.52 57.31 29.16
C ALA L 28 -14.38 58.24 28.79
N VAL L 29 -14.74 59.42 28.34
CA VAL L 29 -13.81 60.52 28.34
C VAL L 29 -13.68 60.95 29.80
N THR L 30 -12.63 60.46 30.45
CA THR L 30 -12.45 60.53 31.89
C THR L 30 -11.06 61.09 32.18
N SER L 31 -10.62 60.90 33.43
CA SER L 31 -9.25 61.23 33.82
C SER L 31 -8.20 60.37 33.12
N SER L 32 -8.56 59.18 32.63
CA SER L 32 -7.73 58.43 31.69
C SER L 32 -8.17 58.65 30.24
N ASN L 33 -9.27 59.35 30.01
CA ASN L 33 -9.82 59.59 28.68
C ASN L 33 -9.63 61.03 28.21
N CYS L 34 -9.23 61.93 29.12
CA CYS L 34 -8.98 63.36 28.86
C CYS L 34 -10.24 64.07 28.37
N ALA L 35 -11.38 63.61 28.88
CA ALA L 35 -12.67 64.06 28.39
C ALA L 35 -13.21 65.20 29.22
N ASN L 36 -13.76 66.19 28.54
CA ASN L 36 -14.37 67.34 29.20
C ASN L 36 -15.56 67.80 28.38
N TRP L 37 -16.38 68.64 28.96
CA TRP L 37 -17.38 69.37 28.18
C TRP L 37 -17.00 70.83 28.25
N VAL L 38 -16.06 71.23 27.41
CA VAL L 38 -15.53 72.58 27.43
C VAL L 38 -16.47 73.46 26.64
N GLN L 39 -17.11 74.39 27.34
CA GLN L 39 -17.91 75.41 26.71
C GLN L 39 -16.97 76.40 26.04
N GLU L 40 -16.63 76.12 24.78
CA GLU L 40 -15.84 76.99 23.94
C GLU L 40 -16.84 77.78 23.12
N LYS L 41 -16.52 79.01 22.83
CA LYS L 41 -17.49 79.86 22.20
C LYS L 41 -17.48 79.66 20.70
N PRO L 42 -18.48 80.20 20.00
CA PRO L 42 -18.48 80.10 18.53
C PRO L 42 -17.50 81.09 17.91
N ASP L 43 -17.41 81.05 16.58
CA ASP L 43 -16.50 81.92 15.86
C ASP L 43 -15.07 81.40 15.88
N HIS L 44 -14.88 80.10 16.11
CA HIS L 44 -13.55 79.51 16.16
C HIS L 44 -12.82 79.88 17.45
N PHE L 45 -13.55 79.84 18.55
CA PHE L 45 -13.00 80.17 19.87
C PHE L 45 -12.83 78.86 20.65
N PHE L 46 -11.59 78.39 20.73
CA PHE L 46 -11.24 77.27 21.58
C PHE L 46 -11.13 77.77 23.02
N THR L 47 -11.77 77.05 23.94
CA THR L 47 -11.71 77.36 25.35
C THR L 47 -12.46 76.31 26.15
N GLY L 48 -12.09 76.17 27.42
CA GLY L 48 -12.67 75.18 28.30
C GLY L 48 -13.60 75.81 29.32
N LEU L 49 -14.89 75.50 29.19
CA LEU L 49 -15.88 75.85 30.20
C LEU L 49 -15.87 74.77 31.27
N ILE L 50 -15.61 73.52 30.89
CA ILE L 50 -15.47 72.43 31.86
C ILE L 50 -14.67 71.28 31.25
N GLY L 51 -13.72 70.76 32.01
CA GLY L 51 -12.79 69.79 31.46
C GLY L 51 -12.42 68.65 32.40
N ASP L 52 -11.84 67.61 31.80
CA ASP L 52 -10.97 66.64 32.47
C ASP L 52 -11.71 65.61 33.33
N THR L 53 -13.01 65.43 33.06
CA THR L 53 -13.73 64.28 33.58
C THR L 53 -14.09 64.29 35.08
N ASN L 54 -13.59 65.26 35.84
CA ASN L 54 -14.13 65.57 37.16
C ASN L 54 -14.10 67.07 37.46
N ASN L 55 -13.55 67.88 36.56
CA ASN L 55 -13.05 69.20 36.91
C ASN L 55 -13.88 70.31 36.28
N ARG L 56 -13.85 71.48 36.90
CA ARG L 56 -14.40 72.69 36.30
C ARG L 56 -13.38 73.25 35.31
N ARG L 57 -13.85 74.10 34.40
CA ARG L 57 -12.94 74.73 33.44
C ARG L 57 -12.65 76.16 33.85
N SER L 58 -11.37 76.50 33.83
CA SER L 58 -10.91 77.80 34.31
C SER L 58 -11.07 78.85 33.21
N GLY L 59 -11.32 80.08 33.62
CA GLY L 59 -11.60 81.15 32.68
C GLY L 59 -13.05 81.28 32.30
N VAL L 60 -13.85 80.25 32.54
CA VAL L 60 -15.29 80.26 32.37
C VAL L 60 -15.90 80.12 33.77
N PRO L 61 -17.22 80.07 33.90
CA PRO L 61 -17.82 79.70 35.19
C PRO L 61 -17.46 78.27 35.59
N ALA L 62 -16.82 78.16 36.76
CA ALA L 62 -16.29 76.91 37.27
C ALA L 62 -17.36 75.92 37.70
N ARG L 63 -18.59 76.39 37.95
CA ARG L 63 -19.72 75.48 38.13
C ARG L 63 -20.11 74.78 36.85
N PHE L 64 -19.75 75.33 35.69
CA PHE L 64 -19.61 74.56 34.47
C PHE L 64 -18.42 73.63 34.68
N SER L 65 -18.69 72.33 34.63
CA SER L 65 -17.69 71.36 34.98
C SER L 65 -17.64 70.26 33.93
N GLY L 66 -16.45 69.76 33.69
CA GLY L 66 -16.28 68.60 32.85
C GLY L 66 -16.13 67.44 33.79
N SER L 67 -17.16 66.63 33.84
CA SER L 67 -17.31 65.63 34.90
C SER L 67 -17.59 64.32 34.18
N LEU L 68 -17.86 63.28 34.95
CA LEU L 68 -18.42 62.06 34.41
C LEU L 68 -19.89 62.32 34.13
N ILE L 69 -20.18 62.91 32.97
CA ILE L 69 -21.52 63.32 32.61
C ILE L 69 -22.03 62.31 31.59
N GLY L 70 -23.15 61.68 31.92
CA GLY L 70 -23.63 60.55 31.14
C GLY L 70 -22.65 59.41 31.28
N ASP L 71 -21.90 59.15 30.21
CA ASP L 71 -20.79 58.22 30.23
C ASP L 71 -19.53 58.81 29.60
N LYS L 72 -19.28 60.10 29.78
CA LYS L 72 -18.14 60.72 29.11
C LYS L 72 -17.81 62.07 29.76
N ALA L 73 -16.95 62.84 29.08
CA ALA L 73 -16.58 64.16 29.58
C ALA L 73 -17.78 65.08 29.39
N ALA L 74 -18.61 65.13 30.41
CA ALA L 74 -19.88 65.82 30.30
C ALA L 74 -19.69 67.24 30.78
N LEU L 75 -20.35 68.15 30.09
CA LEU L 75 -20.41 69.53 30.52
C LEU L 75 -21.68 69.63 31.34
N THR L 76 -21.52 69.70 32.65
CA THR L 76 -22.58 70.18 33.52
C THR L 76 -22.36 71.67 33.64
N ILE L 77 -22.98 72.43 32.74
CA ILE L 77 -22.81 73.88 32.68
C ILE L 77 -23.83 74.45 33.64
N THR L 78 -23.46 74.52 34.92
CA THR L 78 -24.30 75.09 35.97
C THR L 78 -23.72 76.46 36.29
N GLY L 79 -24.37 77.50 35.80
CA GLY L 79 -23.75 78.80 35.79
C GLY L 79 -23.29 79.09 34.38
N ALA L 80 -23.89 78.37 33.44
CA ALA L 80 -23.84 78.79 32.04
C ALA L 80 -24.72 80.02 31.88
N GLN L 81 -24.09 81.12 31.47
CA GLN L 81 -24.70 82.44 31.42
C GLN L 81 -25.31 82.70 30.05
N THR L 82 -25.68 83.97 29.82
CA THR L 82 -26.37 84.37 28.59
C THR L 82 -25.44 84.38 27.38
N GLU L 83 -24.12 84.36 27.59
CA GLU L 83 -23.18 84.18 26.49
C GLU L 83 -22.79 82.72 26.30
N ASP L 84 -23.54 81.79 26.88
CA ASP L 84 -23.23 80.37 26.83
C ASP L 84 -23.78 79.67 25.58
N GLU L 85 -24.26 80.42 24.60
CA GLU L 85 -24.57 79.84 23.30
C GLU L 85 -23.23 79.54 22.62
N ALA L 86 -22.75 78.33 22.81
CA ALA L 86 -21.42 77.95 22.33
C ALA L 86 -21.37 76.43 22.38
N ILE L 87 -20.29 75.85 21.85
CA ILE L 87 -20.15 74.41 21.77
C ILE L 87 -19.46 73.96 23.04
N TYR L 88 -20.18 73.24 23.89
CA TYR L 88 -19.57 72.44 24.96
C TYR L 88 -18.99 71.22 24.28
N PHE L 89 -17.77 71.37 23.78
CA PHE L 89 -17.07 70.33 23.03
C PHE L 89 -16.55 69.30 24.01
N CYS L 90 -16.84 68.04 23.72
CA CYS L 90 -16.32 66.94 24.52
C CYS L 90 -14.88 66.70 24.09
N ALA L 91 -13.98 67.10 24.96
CA ALA L 91 -12.56 66.94 24.72
C ALA L 91 -12.24 65.52 25.11
N LEU L 92 -11.21 64.96 24.46
CA LEU L 92 -10.79 63.60 24.73
C LEU L 92 -9.28 63.50 24.55
N TRP L 93 -8.61 63.07 25.59
CA TRP L 93 -7.19 62.82 25.57
C TRP L 93 -6.96 61.33 25.60
N TYR L 94 -6.60 60.78 24.46
CA TYR L 94 -6.64 59.33 24.21
C TYR L 94 -5.29 58.70 24.58
N ASN L 95 -4.64 59.24 25.60
CA ASN L 95 -3.26 58.89 25.92
C ASN L 95 -2.28 59.70 25.09
N ASN L 96 -2.78 60.60 24.22
CA ASN L 96 -1.88 61.33 23.33
C ASN L 96 -2.14 62.83 23.27
N LEU L 97 -3.40 63.25 23.20
CA LEU L 97 -3.67 64.68 23.16
C LEU L 97 -5.17 64.91 23.24
N TRP L 98 -5.53 66.03 23.86
CA TRP L 98 -6.91 66.42 23.99
C TRP L 98 -7.40 67.05 22.71
N VAL L 99 -8.27 66.32 22.03
CA VAL L 99 -8.88 66.78 20.80
C VAL L 99 -10.30 67.18 21.14
N PHE L 100 -10.75 68.27 20.53
CA PHE L 100 -12.12 68.72 20.65
C PHE L 100 -12.99 67.85 19.76
N GLY L 101 -14.27 67.75 20.08
CA GLY L 101 -15.10 66.79 19.39
C GLY L 101 -16.41 67.32 18.86
N GLY L 102 -17.43 66.46 18.95
CA GLY L 102 -18.77 66.87 18.58
C GLY L 102 -19.45 67.79 19.56
N GLY L 103 -19.54 67.40 20.83
CA GLY L 103 -20.03 68.26 21.90
C GLY L 103 -21.51 68.57 21.79
N THR L 104 -21.92 69.64 22.47
CA THR L 104 -23.27 70.14 22.38
C THR L 104 -23.21 71.66 22.15
N LYS L 105 -23.68 72.11 21.00
CA LYS L 105 -23.80 73.54 20.75
C LYS L 105 -25.07 74.04 21.44
N LEU L 106 -24.91 74.54 22.66
CA LEU L 106 -26.04 74.86 23.53
C LEU L 106 -26.28 76.38 23.59
N THR L 107 -27.50 76.76 23.95
CA THR L 107 -27.92 78.16 24.02
C THR L 107 -28.60 78.43 25.36
N VAL L 108 -28.72 79.71 25.72
CA VAL L 108 -29.24 80.15 27.02
C VAL L 108 -30.19 81.32 26.81
N LEU L 109 -30.97 81.65 27.84
CA LEU L 109 -31.87 82.80 27.76
C LEU L 109 -31.07 84.09 27.87
N GLY L 110 -31.43 85.06 27.03
CA GLY L 110 -30.71 86.32 27.00
C GLY L 110 -30.75 86.92 25.61
N GLN L 111 -29.81 87.84 25.37
CA GLN L 111 -29.71 88.60 24.12
C GLN L 111 -30.94 89.45 23.85
N PRO L 112 -31.14 90.53 24.61
CA PRO L 112 -32.41 91.28 24.52
C PRO L 112 -32.55 92.09 23.23
N LYS L 113 -33.79 92.15 22.75
CA LYS L 113 -34.10 92.63 21.40
C LYS L 113 -34.53 94.09 21.32
N SER L 114 -34.31 94.70 20.16
CA SER L 114 -34.73 96.07 19.86
C SER L 114 -34.47 96.27 18.38
N SER L 115 -35.23 97.18 17.74
CA SER L 115 -35.25 97.38 16.30
C SER L 115 -33.90 97.86 15.77
N PRO L 116 -33.56 97.50 14.53
CA PRO L 116 -32.17 97.62 14.08
C PRO L 116 -31.78 99.05 13.74
N SER L 117 -30.64 99.48 14.29
CA SER L 117 -30.15 100.84 14.14
C SER L 117 -29.61 100.95 12.72
N VAL L 118 -30.49 101.36 11.80
CA VAL L 118 -30.18 101.42 10.38
C VAL L 118 -29.95 102.88 10.00
N THR L 119 -28.70 103.20 9.65
CA THR L 119 -28.32 104.57 9.33
C THR L 119 -28.31 104.68 7.81
N LEU L 120 -28.62 105.87 7.30
CA LEU L 120 -28.88 106.08 5.89
C LEU L 120 -27.60 106.45 5.17
N PHE L 121 -27.05 105.50 4.42
CA PHE L 121 -25.95 105.81 3.54
C PHE L 121 -26.35 105.55 2.11
N PRO L 122 -26.50 106.59 1.30
CA PRO L 122 -26.93 106.39 -0.08
C PRO L 122 -25.73 106.04 -0.96
N PRO L 123 -25.96 105.90 -2.26
CA PRO L 123 -24.82 105.91 -3.18
C PRO L 123 -24.27 107.32 -3.27
N SER L 124 -23.12 107.53 -2.64
CA SER L 124 -22.59 108.87 -2.40
C SER L 124 -21.89 109.39 -3.65
N SER L 125 -21.07 110.42 -3.44
CA SER L 125 -20.22 110.93 -4.52
C SER L 125 -19.14 109.92 -4.90
N GLU L 126 -18.70 109.09 -3.96
CA GLU L 126 -17.83 107.97 -4.30
C GLU L 126 -18.59 106.85 -5.01
N GLU L 127 -19.90 106.76 -4.82
CA GLU L 127 -20.70 105.80 -5.57
C GLU L 127 -21.22 106.40 -6.87
N LEU L 128 -21.75 107.63 -6.84
CA LEU L 128 -22.30 108.27 -8.02
C LEU L 128 -21.23 108.84 -8.95
N GLU L 129 -19.98 108.90 -8.50
CA GLU L 129 -18.85 109.20 -9.37
C GLU L 129 -18.15 107.94 -9.87
N THR L 130 -18.67 106.76 -9.51
CA THR L 130 -18.10 105.48 -9.92
C THR L 130 -19.08 104.59 -10.65
N ASN L 131 -20.18 105.14 -11.17
CA ASN L 131 -21.18 104.36 -11.88
C ASN L 131 -22.01 103.49 -10.95
N LYS L 132 -22.30 103.99 -9.76
CA LYS L 132 -23.07 103.24 -8.79
C LYS L 132 -24.08 104.13 -8.11
N ALA L 133 -25.05 103.50 -7.46
CA ALA L 133 -25.94 104.18 -6.52
C ALA L 133 -26.58 103.09 -5.69
N THR L 134 -26.29 103.08 -4.39
CA THR L 134 -26.73 102.01 -3.51
C THR L 134 -27.29 102.65 -2.26
N LEU L 135 -28.62 102.69 -2.19
CA LEU L 135 -29.31 103.17 -1.01
C LEU L 135 -29.17 102.10 0.07
N VAL L 136 -28.45 102.43 1.14
CA VAL L 136 -28.03 101.46 2.14
C VAL L 136 -28.54 101.91 3.50
N CYS L 137 -29.01 100.94 4.27
CA CYS L 137 -29.17 101.06 5.70
C CYS L 137 -28.09 100.22 6.34
N THR L 138 -27.16 100.88 7.03
CA THR L 138 -26.15 100.20 7.82
C THR L 138 -26.74 99.97 9.20
N ILE L 139 -27.00 98.71 9.53
CA ILE L 139 -27.83 98.35 10.66
C ILE L 139 -26.97 97.67 11.71
N THR L 140 -26.67 98.40 12.78
CA THR L 140 -26.03 97.84 13.96
C THR L 140 -26.96 98.00 15.15
N ASP L 141 -26.68 97.21 16.19
CA ASP L 141 -27.37 97.29 17.49
C ASP L 141 -28.84 96.92 17.40
N PHE L 142 -29.13 95.73 16.88
CA PHE L 142 -30.48 95.30 16.61
C PHE L 142 -30.83 94.06 17.42
N TYR L 143 -32.10 93.67 17.36
CA TYR L 143 -32.54 92.44 18.00
C TYR L 143 -33.98 92.12 17.58
N PRO L 144 -34.32 90.85 17.35
CA PRO L 144 -33.49 89.64 17.36
C PRO L 144 -32.87 89.44 15.99
N GLY L 145 -32.76 88.18 15.57
CA GLY L 145 -32.28 87.88 14.24
C GLY L 145 -33.36 87.87 13.18
N VAL L 146 -34.48 88.53 13.46
CA VAL L 146 -35.57 88.68 12.49
C VAL L 146 -35.48 90.11 11.98
N VAL L 147 -34.81 90.27 10.84
CA VAL L 147 -34.65 91.57 10.21
C VAL L 147 -35.27 91.50 8.83
N THR L 148 -36.50 92.00 8.74
CA THR L 148 -37.24 92.04 7.49
C THR L 148 -36.91 93.36 6.82
N VAL L 149 -36.13 93.29 5.74
CA VAL L 149 -35.64 94.48 5.07
C VAL L 149 -36.45 94.67 3.80
N ASP L 150 -37.17 95.78 3.72
CA ASP L 150 -37.78 96.22 2.47
C ASP L 150 -36.85 97.27 1.90
N TRP L 151 -35.93 96.84 1.03
CA TRP L 151 -34.99 97.75 0.39
C TRP L 151 -35.75 98.53 -0.67
N LYS L 152 -36.37 99.63 -0.23
CA LYS L 152 -37.32 100.37 -1.08
C LYS L 152 -36.51 101.31 -1.95
N VAL L 153 -36.09 100.82 -3.11
CA VAL L 153 -35.30 101.60 -4.06
C VAL L 153 -36.26 102.52 -4.81
N ASP L 154 -36.25 103.80 -4.44
CA ASP L 154 -37.27 104.74 -4.90
C ASP L 154 -38.58 104.56 -4.15
N GLY L 155 -38.50 104.01 -2.93
CA GLY L 155 -39.64 103.72 -2.10
C GLY L 155 -40.26 102.34 -2.34
N THR L 156 -40.32 101.90 -3.58
CA THR L 156 -40.79 100.57 -3.93
C THR L 156 -39.59 99.64 -3.93
N PRO L 157 -39.79 98.32 -3.68
CA PRO L 157 -38.65 97.44 -3.33
C PRO L 157 -37.62 97.19 -4.42
N VAL L 158 -36.40 97.71 -4.18
CA VAL L 158 -35.32 97.55 -5.15
C VAL L 158 -34.79 96.12 -5.09
N THR L 159 -34.59 95.52 -6.26
CA THR L 159 -34.28 94.10 -6.33
C THR L 159 -33.11 93.73 -7.23
N GLN L 160 -32.69 94.63 -8.11
CA GLN L 160 -31.60 94.35 -9.03
C GLN L 160 -30.36 95.06 -8.52
N GLY L 161 -29.65 94.40 -7.60
CA GLY L 161 -28.45 94.92 -6.99
C GLY L 161 -28.56 95.10 -5.48
N MET L 162 -29.40 94.31 -4.82
CA MET L 162 -29.46 94.25 -3.36
C MET L 162 -28.28 93.45 -2.83
N GLU L 163 -27.64 93.99 -1.79
CA GLU L 163 -26.47 93.35 -1.20
C GLU L 163 -26.44 93.59 0.30
N THR L 164 -25.88 92.61 1.03
CA THR L 164 -25.62 92.71 2.47
C THR L 164 -24.30 92.01 2.79
N THR L 165 -23.50 92.64 3.65
CA THR L 165 -22.23 92.07 4.09
C THR L 165 -22.44 91.14 5.28
N GLN L 166 -21.43 90.30 5.56
CA GLN L 166 -21.76 89.22 6.49
C GLN L 166 -20.90 89.29 7.75
N PRO L 167 -21.49 89.69 8.88
CA PRO L 167 -20.76 89.67 10.14
C PRO L 167 -20.97 88.37 10.90
N SER L 168 -19.94 87.95 11.64
CA SER L 168 -19.95 86.68 12.37
C SER L 168 -20.41 86.88 13.81
N LYS L 169 -20.52 85.77 14.54
CA LYS L 169 -21.07 85.77 15.89
C LYS L 169 -20.08 86.36 16.88
N GLN L 170 -20.38 87.55 17.36
CA GLN L 170 -19.52 88.29 18.27
C GLN L 170 -19.83 87.89 19.73
N SER L 171 -19.36 88.72 20.66
CA SER L 171 -19.70 88.51 22.07
C SER L 171 -21.09 89.07 22.38
N ASN L 172 -21.41 90.24 21.83
CA ASN L 172 -22.67 90.91 22.16
C ASN L 172 -23.86 90.42 21.35
N ASN L 173 -23.68 90.13 20.06
CA ASN L 173 -24.71 89.55 19.20
C ASN L 173 -25.86 90.47 18.84
N LYS L 174 -25.64 91.77 18.71
CA LYS L 174 -26.66 92.68 18.22
C LYS L 174 -26.88 92.45 16.73
N TYR L 175 -28.06 92.84 16.24
CA TYR L 175 -28.46 92.59 14.87
C TYR L 175 -27.77 93.59 13.95
N MET L 176 -27.11 93.07 12.92
CA MET L 176 -26.32 93.89 12.03
C MET L 176 -26.48 93.39 10.60
N ALA L 177 -26.30 94.31 9.68
CA ALA L 177 -26.32 94.05 8.24
C ALA L 177 -26.00 95.36 7.55
N SER L 178 -25.75 95.27 6.25
CA SER L 178 -25.55 96.47 5.44
C SER L 178 -26.42 96.36 4.20
N SER L 179 -27.69 96.72 4.34
CA SER L 179 -28.66 96.44 3.29
C SER L 179 -28.63 97.57 2.29
N TYR L 180 -28.13 97.29 1.08
CA TYR L 180 -27.86 98.32 0.10
C TYR L 180 -28.37 97.89 -1.27
N LEU L 181 -29.30 98.68 -1.81
CA LEU L 181 -29.87 98.44 -3.12
C LEU L 181 -29.03 99.23 -4.11
N THR L 182 -28.33 98.52 -5.00
CA THR L 182 -27.35 99.14 -5.89
C THR L 182 -27.80 99.05 -7.35
N LEU L 183 -28.04 100.19 -7.95
CA LEU L 183 -28.36 100.25 -9.36
C LEU L 183 -27.15 100.82 -10.11
N THR L 184 -27.34 101.10 -11.39
CA THR L 184 -26.31 101.68 -12.23
C THR L 184 -26.10 103.16 -11.90
N ALA L 185 -25.20 103.78 -12.67
CA ALA L 185 -24.85 105.19 -12.46
C ALA L 185 -26.00 106.11 -12.83
N ARG L 186 -26.76 105.74 -13.85
CA ARG L 186 -27.99 106.45 -14.18
C ARG L 186 -29.06 106.21 -13.13
N ALA L 187 -29.04 105.02 -12.50
CA ALA L 187 -29.93 104.78 -11.37
C ALA L 187 -29.42 105.47 -10.11
N TRP L 188 -28.12 105.78 -10.06
CA TRP L 188 -27.57 106.51 -8.94
C TRP L 188 -27.95 107.98 -9.00
N GLU L 189 -27.63 108.65 -10.10
CA GLU L 189 -27.96 110.06 -10.25
C GLU L 189 -29.39 110.30 -10.73
N ARG L 190 -30.14 109.24 -11.02
CA ARG L 190 -31.49 109.35 -11.57
C ARG L 190 -32.54 108.77 -10.64
N HIS L 191 -32.11 108.05 -9.60
CA HIS L 191 -33.05 107.46 -8.67
C HIS L 191 -33.55 108.49 -7.67
N SER L 192 -34.58 108.11 -6.91
CA SER L 192 -35.17 108.99 -5.92
C SER L 192 -34.67 108.79 -4.50
N SER L 193 -34.89 107.62 -3.91
CA SER L 193 -34.41 107.34 -2.56
C SER L 193 -34.34 105.84 -2.35
N TYR L 194 -33.12 105.29 -2.30
CA TYR L 194 -32.89 103.90 -1.94
C TYR L 194 -32.99 103.80 -0.43
N SER L 195 -34.05 103.14 0.03
CA SER L 195 -34.36 103.17 1.45
C SER L 195 -34.59 101.77 1.95
N CYS L 196 -33.62 101.22 2.67
CA CYS L 196 -33.77 99.91 3.28
C CYS L 196 -34.52 100.14 4.58
N GLN L 197 -35.82 99.85 4.57
CA GLN L 197 -36.61 99.81 5.78
C GLN L 197 -36.37 98.45 6.42
N VAL L 198 -35.36 98.37 7.26
CA VAL L 198 -34.93 97.11 7.88
C VAL L 198 -35.60 97.02 9.24
N THR L 199 -36.35 95.96 9.46
CA THR L 199 -37.06 95.75 10.69
C THR L 199 -36.31 94.71 11.52
N HIS L 200 -35.70 95.15 12.61
CA HIS L 200 -35.10 94.26 13.58
C HIS L 200 -36.19 93.84 14.54
N GLU L 201 -36.33 92.52 14.70
CA GLU L 201 -37.33 91.88 15.58
C GLU L 201 -38.77 92.14 15.15
N GLY L 202 -38.98 92.46 13.87
CA GLY L 202 -40.29 92.86 13.40
C GLY L 202 -40.54 94.36 13.41
N HIS L 203 -39.71 95.12 14.12
CA HIS L 203 -39.89 96.56 14.24
C HIS L 203 -39.01 97.29 13.24
N THR L 204 -39.55 98.36 12.65
CA THR L 204 -38.98 98.97 11.46
C THR L 204 -38.02 100.10 11.82
N VAL L 205 -36.94 100.21 11.03
CA VAL L 205 -36.03 101.35 11.07
C VAL L 205 -35.51 101.55 9.65
N GLU L 206 -35.67 102.75 9.10
CA GLU L 206 -35.36 103.02 7.70
C GLU L 206 -33.98 103.66 7.60
N LYS L 207 -33.01 102.89 7.13
CA LYS L 207 -31.74 103.46 6.75
C LYS L 207 -31.85 103.76 5.26
N SER L 208 -31.98 105.04 4.92
CA SER L 208 -32.30 105.45 3.56
C SER L 208 -31.40 106.57 3.09
N LEU L 209 -30.99 106.47 1.83
CA LEU L 209 -30.31 107.55 1.14
C LEU L 209 -31.28 108.16 0.13
N SER L 210 -30.74 109.07 -0.68
CA SER L 210 -31.51 109.73 -1.72
C SER L 210 -30.53 110.02 -2.86
N ARG L 211 -30.86 109.58 -4.06
CA ARG L 211 -29.94 109.72 -5.18
C ARG L 211 -30.01 111.10 -5.83
N GLN M 1 -3.53 -18.19 73.25
CA GLN M 1 -3.60 -17.53 71.96
C GLN M 1 -2.58 -16.42 71.92
N ILE M 2 -2.85 -15.42 71.08
CA ILE M 2 -1.98 -14.25 70.91
C ILE M 2 -2.01 -13.43 72.18
N GLN M 3 -0.83 -13.21 72.77
CA GLN M 3 -0.66 -12.33 73.91
C GLN M 3 0.84 -12.10 74.09
N LEU M 4 1.27 -10.86 73.87
CA LEU M 4 2.68 -10.52 74.01
C LEU M 4 2.92 -10.10 75.44
N VAL M 5 3.56 -10.99 76.21
CA VAL M 5 3.98 -10.66 77.57
C VAL M 5 5.17 -9.73 77.44
N GLN M 6 4.90 -8.43 77.57
CA GLN M 6 5.89 -7.39 77.37
C GLN M 6 6.85 -7.36 78.55
N SER M 7 8.01 -6.73 78.32
CA SER M 7 9.03 -6.64 79.34
C SER M 7 8.64 -5.60 80.38
N GLY M 8 9.38 -5.59 81.48
CA GLY M 8 9.12 -4.67 82.56
C GLY M 8 9.68 -3.28 82.29
N ARG M 9 10.37 -2.77 83.31
CA ARG M 9 11.01 -1.47 83.19
C ARG M 9 12.25 -1.58 82.31
N GLU M 10 12.25 -0.83 81.21
CA GLU M 10 13.43 -0.69 80.39
C GLU M 10 14.10 0.65 80.69
N VAL M 11 15.14 0.59 81.51
CA VAL M 11 15.83 1.77 81.99
C VAL M 11 16.78 2.25 80.91
N LYS M 12 16.79 3.56 80.66
CA LYS M 12 17.63 4.15 79.63
C LYS M 12 18.29 5.41 80.17
N ASN M 13 19.46 5.73 79.60
CA ASN M 13 20.17 6.96 79.94
C ASN M 13 19.91 8.01 78.85
N PRO M 14 20.46 9.21 79.01
CA PRO M 14 20.28 10.25 77.99
C PRO M 14 21.15 9.95 76.77
N GLY M 15 20.50 9.52 75.69
CA GLY M 15 21.17 8.92 74.57
C GLY M 15 21.39 7.43 74.74
N GLU M 16 20.88 6.87 75.83
CA GLU M 16 21.04 5.45 76.12
C GLU M 16 20.05 4.59 75.34
N THR M 17 19.97 3.31 75.66
CA THR M 17 19.20 2.38 74.88
C THR M 17 17.86 2.08 75.55
N VAL M 18 16.99 1.42 74.80
CA VAL M 18 15.75 0.85 75.32
C VAL M 18 15.56 -0.46 74.58
N LYS M 19 15.06 -1.48 75.29
CA LYS M 19 14.81 -2.79 74.69
C LYS M 19 13.66 -3.44 75.42
N ILE M 20 12.51 -3.52 74.77
CA ILE M 20 11.35 -4.23 75.30
C ILE M 20 11.13 -5.46 74.43
N SER M 21 11.71 -6.57 74.83
CA SER M 21 11.37 -7.86 74.25
C SER M 21 10.15 -8.41 74.97
N CYS M 22 9.10 -8.67 74.20
CA CYS M 22 7.86 -9.22 74.72
C CYS M 22 7.78 -10.66 74.24
N LYS M 23 7.75 -11.59 75.18
CA LYS M 23 7.58 -13.01 74.89
C LYS M 23 6.16 -13.22 74.39
N ALA M 24 6.02 -13.44 73.10
CA ALA M 24 4.72 -13.55 72.47
C ALA M 24 4.23 -14.98 72.60
N SER M 25 3.34 -15.20 73.56
CA SER M 25 2.59 -16.44 73.61
C SER M 25 1.63 -16.40 72.43
N GLY M 26 1.50 -17.55 71.77
CA GLY M 26 0.74 -17.63 70.54
C GLY M 26 1.53 -17.22 69.31
N TYR M 27 2.85 -17.36 69.35
CA TYR M 27 3.68 -17.19 68.17
C TYR M 27 3.35 -18.32 67.21
N THR M 28 2.65 -17.96 66.14
CA THR M 28 2.17 -18.89 65.12
C THR M 28 3.18 -18.81 63.99
N PHE M 29 2.85 -19.42 62.85
CA PHE M 29 3.77 -19.36 61.72
C PHE M 29 3.11 -19.00 60.40
N THR M 30 1.77 -19.13 60.34
CA THR M 30 1.16 -19.36 59.04
C THR M 30 0.99 -18.11 58.18
N GLU M 31 0.14 -17.17 58.58
CA GLU M 31 -0.39 -16.20 57.62
C GLU M 31 -0.46 -14.77 58.11
N TYR M 32 0.06 -14.45 59.30
CA TYR M 32 -0.14 -13.08 59.73
C TYR M 32 0.85 -12.54 60.74
N PRO M 33 1.13 -11.25 60.72
CA PRO M 33 2.11 -10.68 61.63
C PRO M 33 1.50 -10.42 63.00
N MET M 34 2.29 -9.79 63.86
CA MET M 34 1.84 -9.29 65.14
C MET M 34 2.06 -7.78 65.14
N LEU M 35 0.96 -7.03 65.04
CA LEU M 35 1.00 -5.58 64.97
C LEU M 35 1.51 -5.01 66.29
N TRP M 36 2.74 -4.52 66.26
CA TRP M 36 3.37 -3.87 67.40
C TRP M 36 2.75 -2.50 67.54
N VAL M 37 2.86 -1.93 68.73
CA VAL M 37 2.25 -0.64 69.05
C VAL M 37 3.14 0.06 70.04
N LYS M 38 3.47 1.32 69.75
CA LYS M 38 4.07 2.22 70.71
C LYS M 38 2.92 2.88 71.43
N GLN M 39 3.18 3.36 72.64
CA GLN M 39 2.13 3.96 73.47
C GLN M 39 2.73 5.19 74.11
N ALA M 40 2.24 6.34 73.70
CA ALA M 40 2.64 7.63 74.24
C ALA M 40 1.84 7.93 75.49
N PRO M 41 2.06 9.09 76.11
CA PRO M 41 1.34 9.43 77.34
C PRO M 41 -0.15 9.67 77.17
N GLY M 42 -0.58 10.25 76.05
CA GLY M 42 -1.99 10.49 75.83
C GLY M 42 -2.58 9.79 74.62
N LYS M 43 -1.73 9.42 73.66
CA LYS M 43 -2.15 9.05 72.31
C LYS M 43 -2.96 7.76 72.16
N GLY M 44 -3.05 6.96 73.22
CA GLY M 44 -3.77 5.72 73.11
C GLY M 44 -2.93 4.68 72.40
N PHE M 45 -3.34 4.39 71.17
CA PHE M 45 -2.61 3.49 70.28
C PHE M 45 -1.70 4.28 69.36
N ARG M 46 -0.54 3.72 69.07
CA ARG M 46 0.36 4.23 68.04
C ARG M 46 1.14 3.05 67.48
N TRP M 47 0.67 2.50 66.35
CA TRP M 47 1.08 1.19 65.85
C TRP M 47 2.56 1.18 65.41
N MET M 48 3.31 0.23 65.96
CA MET M 48 4.72 0.06 65.66
C MET M 48 4.98 -0.98 64.59
N GLY M 49 3.96 -1.37 63.83
CA GLY M 49 4.15 -2.18 62.64
C GLY M 49 3.41 -3.50 62.74
N LEU M 50 3.72 -4.39 61.82
CA LEU M 50 3.31 -5.79 61.93
C LEU M 50 4.54 -6.67 61.90
N ILE M 51 4.65 -7.58 62.86
CA ILE M 51 5.76 -8.51 62.94
C ILE M 51 5.32 -9.76 63.68
N TYR M 52 5.44 -10.91 63.02
CA TYR M 52 4.92 -12.18 63.55
C TYR M 52 5.69 -12.76 64.73
N THR M 53 5.13 -13.79 65.35
CA THR M 53 5.86 -14.53 66.36
C THR M 53 6.90 -15.42 65.71
N ASN M 54 6.47 -16.34 64.85
CA ASN M 54 7.37 -17.16 64.05
C ASN M 54 7.62 -16.51 62.70
N THR M 55 6.99 -15.36 62.46
CA THR M 55 7.48 -14.43 61.44
C THR M 55 8.84 -13.87 61.83
N GLY M 56 8.95 -13.21 62.99
CA GLY M 56 10.22 -13.01 63.66
C GLY M 56 10.66 -11.58 63.89
N GLU M 57 10.52 -10.68 62.91
CA GLU M 57 10.98 -9.31 63.11
C GLU M 57 9.87 -8.33 62.74
N PRO M 58 9.87 -7.13 63.30
CA PRO M 58 8.75 -6.22 63.05
C PRO M 58 8.98 -5.34 61.83
N THR M 59 7.94 -5.25 61.00
CA THR M 59 7.80 -4.20 60.02
C THR M 59 7.32 -2.98 60.79
N TYR M 60 8.21 -1.99 60.91
CA TYR M 60 8.20 -1.04 62.00
C TYR M 60 7.12 0.03 61.83
N ALA M 61 7.17 1.01 62.73
CA ALA M 61 6.24 2.14 62.66
C ALA M 61 6.65 3.08 61.54
N GLU M 62 5.72 3.96 61.17
CA GLU M 62 5.98 4.88 60.07
C GLU M 62 6.47 6.23 60.58
N GLU M 63 5.69 6.88 61.45
CA GLU M 63 6.06 8.17 62.00
C GLU M 63 6.95 8.07 63.24
N PHE M 64 7.30 6.85 63.64
CA PHE M 64 8.12 6.61 64.81
C PHE M 64 9.61 6.54 64.52
N LYS M 65 10.09 7.22 63.47
CA LYS M 65 11.50 7.24 63.15
C LYS M 65 12.23 8.10 64.17
N GLY M 66 13.49 7.79 64.41
CA GLY M 66 14.20 8.31 65.55
C GLY M 66 15.00 7.23 66.24
N ARG M 67 14.47 6.71 67.35
CA ARG M 67 15.12 5.62 68.06
C ARG M 67 14.56 4.24 67.73
N PHE M 68 13.25 4.13 67.51
CA PHE M 68 12.52 2.86 67.53
C PHE M 68 12.81 2.01 66.29
N VAL M 69 13.04 0.71 66.54
CA VAL M 69 13.17 -0.31 65.49
C VAL M 69 12.69 -1.63 66.09
N PHE M 70 11.91 -2.38 65.32
CA PHE M 70 11.37 -3.66 65.78
C PHE M 70 12.41 -4.78 65.65
N SER M 71 12.31 -5.77 66.52
CA SER M 71 13.14 -6.97 66.48
C SER M 71 12.33 -8.11 67.10
N LEU M 72 12.95 -9.27 67.26
CA LEU M 72 12.28 -10.33 67.99
C LEU M 72 13.10 -11.62 67.97
N GLU M 73 12.70 -12.56 68.84
CA GLU M 73 13.21 -13.93 68.80
C GLU M 73 12.13 -14.77 68.11
N ILE M 74 12.42 -15.12 66.85
CA ILE M 74 11.43 -15.70 65.94
C ILE M 74 11.06 -17.14 66.29
N SER M 75 12.05 -17.91 66.74
CA SER M 75 11.78 -19.32 67.03
C SER M 75 10.99 -19.51 68.33
N ALA M 76 11.07 -18.55 69.24
CA ALA M 76 10.32 -18.61 70.49
C ALA M 76 8.92 -18.01 70.36
N SER M 77 8.62 -17.38 69.23
CA SER M 77 7.35 -16.70 69.02
C SER M 77 7.35 -15.31 69.65
N THR M 78 8.52 -14.80 70.00
CA THR M 78 8.65 -13.58 70.80
C THR M 78 9.03 -12.40 69.91
N ALA M 79 8.49 -11.22 70.23
CA ALA M 79 8.78 -10.00 69.50
C ALA M 79 9.51 -9.03 70.41
N TYR M 80 9.76 -7.83 69.91
CA TYR M 80 10.35 -6.79 70.74
C TYR M 80 10.44 -5.48 69.96
N LEU M 81 10.47 -4.38 70.70
CA LEU M 81 10.83 -3.08 70.18
C LEU M 81 12.09 -2.60 70.87
N GLN M 82 13.13 -2.31 70.11
CA GLN M 82 14.36 -1.75 70.64
C GLN M 82 14.48 -0.31 70.16
N ILE M 83 14.67 0.62 71.09
CA ILE M 83 14.79 2.05 70.78
C ILE M 83 16.05 2.56 71.45
N ASN M 84 17.17 2.52 70.74
CA ASN M 84 18.43 3.06 71.23
C ASN M 84 18.46 4.56 70.96
N ASN M 85 19.47 5.22 71.54
CA ASN M 85 19.61 6.68 71.47
C ASN M 85 18.43 7.39 72.13
N LEU M 86 18.35 7.22 73.45
CA LEU M 86 17.19 7.66 74.21
C LEU M 86 17.12 9.18 74.32
N THR M 87 16.02 9.73 73.81
CA THR M 87 15.73 11.16 73.91
C THR M 87 15.02 11.44 75.22
N ASN M 88 14.44 12.64 75.32
CA ASN M 88 13.74 13.02 76.54
C ASN M 88 12.43 12.25 76.71
N GLU M 89 11.64 12.14 75.64
CA GLU M 89 10.28 11.60 75.73
C GLU M 89 10.19 10.11 75.45
N ASP M 90 11.19 9.33 75.83
CA ASP M 90 11.23 7.91 75.52
C ASP M 90 10.39 7.05 76.47
N THR M 91 9.82 7.63 77.52
CA THR M 91 9.03 6.86 78.47
C THR M 91 7.66 6.54 77.88
N ALA M 92 7.35 5.26 77.77
CA ALA M 92 6.08 4.90 77.15
C ALA M 92 5.74 3.43 77.32
N THR M 93 4.63 3.01 76.73
CA THR M 93 4.15 1.63 76.80
C THR M 93 4.39 0.95 75.45
N TYR M 94 4.47 -0.37 75.46
CA TYR M 94 4.71 -1.14 74.25
C TYR M 94 3.76 -2.34 74.20
N PHE M 95 3.37 -2.73 72.99
CA PHE M 95 2.50 -3.89 72.82
C PHE M 95 2.79 -4.62 71.52
N CYS M 96 2.50 -5.91 71.50
CA CYS M 96 2.34 -6.62 70.23
C CYS M 96 0.86 -6.89 70.03
N VAL M 97 0.51 -7.38 68.83
CA VAL M 97 -0.86 -7.78 68.54
C VAL M 97 -0.83 -9.02 67.66
N ARG M 98 -1.24 -10.14 68.25
CA ARG M 98 -1.14 -11.46 67.64
C ARG M 98 -2.37 -11.72 66.78
N ASP M 99 -2.15 -12.04 65.51
CA ASP M 99 -3.22 -12.11 64.52
C ASP M 99 -4.01 -13.41 64.62
N TYR M 100 -4.71 -13.59 65.74
CA TYR M 100 -5.63 -14.68 65.98
C TYR M 100 -6.77 -14.02 66.74
N PHE M 101 -8.00 -14.27 66.30
CA PHE M 101 -8.98 -13.20 66.32
C PHE M 101 -8.57 -12.16 65.27
N ILE M 102 -8.85 -12.48 64.00
CA ILE M 102 -8.14 -12.12 62.76
C ILE M 102 -7.76 -10.67 62.47
N SER M 103 -8.14 -9.73 63.34
CA SER M 103 -7.48 -8.44 63.45
C SER M 103 -6.17 -8.57 64.24
N LEU M 104 -5.61 -7.47 64.74
CA LEU M 104 -4.44 -7.56 65.61
C LEU M 104 -4.89 -8.05 66.99
N ASP M 105 -5.22 -9.35 67.07
CA ASP M 105 -6.17 -9.83 68.05
C ASP M 105 -5.53 -10.39 69.30
N TYR M 106 -4.25 -10.14 69.50
CA TYR M 106 -3.63 -10.38 70.79
C TYR M 106 -2.87 -9.12 71.17
N TRP M 107 -3.58 -8.18 71.77
CA TRP M 107 -3.03 -6.87 72.09
C TRP M 107 -2.09 -7.01 73.28
N GLY M 108 -0.93 -6.37 73.16
CA GLY M 108 -0.02 -6.30 74.27
C GLY M 108 -0.53 -5.30 75.30
N GLN M 109 -0.28 -5.63 76.56
CA GLN M 109 -0.78 -4.79 77.64
C GLN M 109 0.07 -3.56 77.85
N GLY M 110 1.29 -3.55 77.32
CA GLY M 110 2.17 -2.44 77.52
C GLY M 110 3.42 -2.85 78.26
N THR M 111 4.56 -2.36 77.80
CA THR M 111 5.83 -2.51 78.48
C THR M 111 6.32 -1.10 78.74
N THR M 112 6.84 -0.85 79.93
CA THR M 112 7.20 0.48 80.40
C THR M 112 8.67 0.77 80.14
N LEU M 113 8.93 1.55 79.10
CA LEU M 113 10.27 2.05 78.81
C LEU M 113 10.46 3.39 79.51
N THR M 114 11.43 3.45 80.41
CA THR M 114 11.72 4.64 81.21
C THR M 114 13.17 5.04 80.94
N VAL M 115 13.36 6.09 80.16
CA VAL M 115 14.70 6.61 79.87
C VAL M 115 14.74 8.06 80.37
N SER M 116 15.39 8.28 81.52
CA SER M 116 15.40 9.62 82.09
C SER M 116 16.61 9.86 82.98
N SER M 117 16.95 11.13 83.19
CA SER M 117 18.00 11.49 84.13
C SER M 117 17.41 11.66 85.52
N ALA M 118 18.07 11.06 86.51
CA ALA M 118 17.51 11.01 87.86
C ALA M 118 18.57 10.56 88.85
N LYS M 119 18.14 10.27 90.09
CA LYS M 119 19.05 9.86 91.14
C LYS M 119 19.54 8.43 90.96
N THR M 120 20.54 8.04 91.74
CA THR M 120 21.18 6.74 91.64
C THR M 120 21.09 6.08 93.01
N THR M 121 20.07 5.24 93.20
CA THR M 121 19.90 4.48 94.42
C THR M 121 18.76 3.48 94.22
N ALA M 122 19.02 2.21 94.54
CA ALA M 122 17.96 1.21 94.55
C ALA M 122 16.99 1.46 95.71
N PRO M 123 15.78 0.92 95.64
CA PRO M 123 14.76 1.27 96.62
C PRO M 123 14.98 0.63 97.97
N SER M 124 14.64 1.39 99.01
CA SER M 124 14.78 0.97 100.40
C SER M 124 13.39 0.77 101.00
N VAL M 125 13.14 -0.41 101.55
CA VAL M 125 11.84 -0.80 102.06
C VAL M 125 11.92 -0.98 103.56
N TYR M 126 10.81 -0.72 104.25
CA TYR M 126 10.75 -0.80 105.69
C TYR M 126 9.41 -1.39 106.12
N PRO M 127 9.26 -1.81 107.37
CA PRO M 127 7.95 -2.29 107.83
C PRO M 127 7.05 -1.13 108.27
N LEU M 128 5.79 -1.22 107.88
CA LEU M 128 4.76 -0.23 108.18
C LEU M 128 3.72 -0.96 109.02
N ALA M 129 3.55 -0.51 110.26
CA ALA M 129 2.79 -1.22 111.29
C ALA M 129 1.39 -0.65 111.45
N PRO M 130 0.57 -1.31 112.28
CA PRO M 130 -0.72 -0.75 112.71
C PRO M 130 -0.55 0.30 113.81
N VAL M 131 -1.68 0.58 114.48
CA VAL M 131 -1.69 1.31 115.75
C VAL M 131 -0.78 0.62 116.77
N CYS M 132 -0.10 1.43 117.59
CA CYS M 132 1.19 1.07 118.20
C CYS M 132 1.09 -0.03 119.24
N GLY M 133 -0.05 -0.18 119.90
CA GLY M 133 -0.33 -1.33 120.74
C GLY M 133 -1.44 -2.14 120.09
N GLY M 134 -1.15 -3.40 119.79
CA GLY M 134 -2.12 -4.18 119.03
C GLY M 134 -2.14 -3.81 117.58
N THR M 135 -3.16 -3.04 117.17
CA THR M 135 -3.33 -2.59 115.79
C THR M 135 -3.73 -3.77 114.90
N THR M 136 -4.61 -4.60 115.47
CA THR M 136 -4.99 -5.88 114.88
C THR M 136 -6.50 -6.06 115.05
N GLY M 137 -7.08 -6.88 114.17
CA GLY M 137 -8.46 -7.28 114.26
C GLY M 137 -8.72 -8.44 113.32
N SER M 138 -9.82 -8.33 112.57
CA SER M 138 -10.04 -9.24 111.44
C SER M 138 -9.00 -9.02 110.34
N SER M 139 -8.51 -7.79 110.20
CA SER M 139 -7.24 -7.56 109.51
C SER M 139 -6.24 -7.03 110.52
N VAL M 140 -4.97 -7.04 110.16
CA VAL M 140 -3.89 -6.49 110.98
C VAL M 140 -2.92 -5.83 110.01
N THR M 141 -2.73 -4.53 110.17
CA THR M 141 -2.24 -3.66 109.11
C THR M 141 -0.73 -3.61 109.14
N LEU M 142 -0.08 -4.66 108.65
CA LEU M 142 1.35 -4.63 108.45
C LEU M 142 1.63 -4.05 107.06
N GLY M 143 2.89 -4.09 106.65
CA GLY M 143 3.18 -3.79 105.27
C GLY M 143 4.62 -3.37 105.06
N CYS M 144 4.92 -3.01 103.82
CA CYS M 144 6.28 -2.64 103.45
C CYS M 144 6.21 -1.35 102.65
N LEU M 145 7.04 -0.39 103.01
CA LEU M 145 7.14 0.89 102.31
C LEU M 145 8.50 0.93 101.62
N VAL M 146 8.48 0.93 100.29
CA VAL M 146 9.69 0.91 99.47
C VAL M 146 9.78 2.27 98.78
N LYS M 147 10.72 3.10 99.23
CA LYS M 147 10.93 4.42 98.63
C LYS M 147 12.38 4.57 98.23
N GLY M 148 12.64 5.48 97.30
CA GLY M 148 13.99 5.83 96.93
C GLY M 148 14.59 4.98 95.82
N TYR M 149 13.87 4.83 94.71
CA TYR M 149 14.33 4.03 93.59
C TYR M 149 14.85 4.94 92.48
N PHE M 150 16.10 4.67 92.08
CA PHE M 150 16.72 5.41 91.00
C PHE M 150 17.89 4.62 90.42
N PRO M 151 17.87 4.27 89.13
CA PRO M 151 16.82 4.46 88.12
C PRO M 151 15.71 3.42 88.26
N GLU M 152 14.86 3.31 87.25
CA GLU M 152 13.76 2.38 87.32
C GLU M 152 14.25 0.94 87.14
N PRO M 153 13.74 0.00 87.95
CA PRO M 153 12.73 0.17 89.01
C PRO M 153 13.20 -0.07 90.45
N VAL M 154 12.26 0.15 91.38
CA VAL M 154 12.33 -0.34 92.74
C VAL M 154 11.00 -1.01 93.03
N THR M 155 11.03 -2.33 93.21
CA THR M 155 9.81 -3.13 93.31
C THR M 155 9.58 -3.58 94.74
N LEU M 156 8.46 -3.14 95.31
CA LEU M 156 8.18 -3.35 96.74
C LEU M 156 6.73 -3.77 96.94
N THR M 157 6.53 -4.79 97.79
CA THR M 157 5.21 -5.25 98.17
C THR M 157 5.15 -5.39 99.69
N TRP M 158 3.93 -5.38 100.23
CA TRP M 158 3.69 -5.34 101.66
C TRP M 158 3.14 -6.68 102.12
N ASN M 159 3.92 -7.40 102.92
CA ASN M 159 3.61 -8.77 103.31
C ASN M 159 4.10 -9.81 102.30
N SER M 160 4.73 -9.32 101.22
CA SER M 160 5.52 -10.12 100.31
C SER M 160 4.71 -11.04 99.39
N GLY M 161 3.39 -10.91 99.36
CA GLY M 161 2.55 -11.78 98.58
C GLY M 161 2.03 -13.00 99.32
N SER M 162 2.73 -13.46 100.36
CA SER M 162 2.17 -14.45 101.25
C SER M 162 1.15 -13.84 102.20
N LEU M 163 1.52 -12.80 102.95
CA LEU M 163 0.55 -11.99 103.68
C LEU M 163 0.27 -10.74 102.85
N SER M 164 -0.11 -10.93 101.60
CA SER M 164 -0.33 -9.82 100.69
C SER M 164 -1.79 -9.56 100.38
N SER M 165 -2.66 -10.54 100.62
CA SER M 165 -4.08 -10.43 100.24
C SER M 165 -4.81 -9.50 101.19
N GLY M 166 -5.61 -8.60 100.62
CA GLY M 166 -6.28 -7.59 101.40
C GLY M 166 -5.41 -6.39 101.70
N VAL M 167 -4.57 -5.98 100.73
CA VAL M 167 -3.58 -4.92 100.92
C VAL M 167 -4.04 -3.68 100.19
N HIS M 168 -3.72 -2.52 100.75
CA HIS M 168 -3.96 -1.22 100.14
C HIS M 168 -2.60 -0.57 99.95
N THR M 169 -2.21 -0.35 98.69
CA THR M 169 -0.90 0.18 98.38
C THR M 169 -1.02 1.54 97.71
N PHE M 170 -0.32 2.52 98.27
CA PHE M 170 -0.29 3.87 97.73
C PHE M 170 0.73 3.91 96.61
N PRO M 171 0.49 4.71 95.57
CA PRO M 171 1.31 4.60 94.35
C PRO M 171 2.66 5.30 94.50
N ALA M 172 3.47 5.17 93.46
CA ALA M 172 4.78 5.81 93.45
C ALA M 172 4.66 7.31 93.24
N LEU M 173 5.01 8.07 94.27
CA LEU M 173 5.04 9.53 94.19
C LEU M 173 6.46 9.96 93.95
N LEU M 174 6.62 11.05 93.20
CA LEU M 174 7.92 11.57 92.84
C LEU M 174 8.32 12.66 93.81
N GLN M 175 9.54 12.57 94.34
CA GLN M 175 10.11 13.60 95.20
C GLN M 175 11.49 13.91 94.66
N SER M 176 11.57 14.91 93.76
CA SER M 176 12.84 15.34 93.16
C SER M 176 13.42 14.31 92.21
N GLY M 177 12.58 13.40 91.73
CA GLY M 177 13.03 12.21 91.03
C GLY M 177 13.16 10.98 91.91
N LEU M 178 12.58 11.00 93.11
CA LEU M 178 12.67 9.86 94.02
C LEU M 178 11.30 9.19 94.09
N TYR M 179 11.25 7.93 93.65
CA TYR M 179 10.00 7.21 93.55
C TYR M 179 9.72 6.51 94.87
N THR M 180 8.57 6.82 95.46
CA THR M 180 8.17 6.24 96.74
C THR M 180 6.90 5.44 96.55
N LEU M 181 6.79 4.33 97.28
CA LEU M 181 5.56 3.55 97.32
C LEU M 181 5.45 2.88 98.68
N SER M 182 4.22 2.54 99.05
CA SER M 182 3.98 1.81 100.28
C SER M 182 2.85 0.83 100.02
N SER M 183 2.91 -0.32 100.68
CA SER M 183 1.84 -1.29 100.59
C SER M 183 1.51 -1.75 101.99
N SER M 184 0.35 -1.32 102.48
CA SER M 184 -0.18 -1.83 103.73
C SER M 184 -0.81 -3.18 103.44
N VAL M 185 -0.11 -4.23 103.87
CA VAL M 185 -0.55 -5.60 103.72
C VAL M 185 -1.36 -5.97 104.94
N THR M 186 -2.61 -6.35 104.70
CA THR M 186 -3.50 -6.83 105.76
C THR M 186 -3.21 -8.32 105.97
N VAL M 187 -2.83 -8.67 107.18
CA VAL M 187 -2.69 -10.06 107.58
C VAL M 187 -3.86 -10.33 108.52
N THR M 188 -3.98 -11.58 108.98
CA THR M 188 -5.00 -11.86 109.96
C THR M 188 -4.48 -11.51 111.36
N SER M 189 -5.26 -11.89 112.37
CA SER M 189 -4.73 -11.91 113.72
C SER M 189 -3.66 -12.97 113.89
N ASN M 190 -3.76 -14.08 113.17
CA ASN M 190 -2.68 -15.06 113.11
C ASN M 190 -1.85 -14.91 111.84
N THR M 191 -2.30 -14.06 110.91
CA THR M 191 -1.53 -13.86 109.68
C THR M 191 -0.37 -12.90 109.90
N TRP M 192 -0.65 -11.66 110.29
CA TRP M 192 0.38 -10.68 110.56
C TRP M 192 -0.22 -9.40 111.16
N PRO M 193 0.48 -8.73 112.08
CA PRO M 193 1.84 -8.99 112.56
C PRO M 193 1.92 -9.81 113.84
N SER M 194 0.80 -10.40 114.24
CA SER M 194 0.85 -11.43 115.29
C SER M 194 1.54 -12.68 114.76
N GLN M 195 1.25 -13.04 113.52
CA GLN M 195 2.01 -14.02 112.76
C GLN M 195 3.07 -13.28 111.95
N THR M 196 3.67 -14.00 111.00
CA THR M 196 4.72 -13.41 110.17
C THR M 196 4.13 -12.53 109.06
N ILE M 197 4.61 -11.28 109.01
CA ILE M 197 4.28 -10.33 107.95
C ILE M 197 5.56 -9.57 107.61
N THR M 198 5.85 -9.43 106.31
CA THR M 198 7.09 -8.78 105.89
C THR M 198 7.03 -8.32 104.44
N CYS M 199 7.11 -7.00 104.22
CA CYS M 199 7.18 -6.44 102.88
C CYS M 199 8.60 -6.57 102.33
N ASN M 200 8.70 -6.66 101.00
CA ASN M 200 9.97 -6.83 100.30
C ASN M 200 10.13 -5.72 99.27
N VAL M 201 11.35 -5.52 98.77
CA VAL M 201 11.65 -4.56 97.71
C VAL M 201 12.98 -4.93 97.07
N ALA M 202 13.18 -4.49 95.83
CA ALA M 202 14.37 -4.81 95.05
C ALA M 202 14.77 -3.63 94.17
N HIS M 203 16.08 -3.51 93.90
CA HIS M 203 16.66 -2.46 93.07
C HIS M 203 17.97 -2.95 92.47
N PRO M 204 17.97 -3.42 91.21
CA PRO M 204 19.23 -3.85 90.58
C PRO M 204 20.06 -2.71 89.99
N ALA M 205 19.58 -1.46 90.12
CA ALA M 205 20.40 -0.31 89.76
C ALA M 205 21.52 -0.11 90.76
N SER M 206 21.33 -0.56 92.00
CA SER M 206 22.42 -0.72 92.95
C SER M 206 22.90 -2.15 93.02
N SER M 207 22.21 -3.08 92.36
CA SER M 207 22.49 -4.50 92.46
C SER M 207 22.18 -5.02 93.87
N THR M 208 20.98 -4.70 94.37
CA THR M 208 20.64 -4.96 95.76
C THR M 208 19.14 -5.22 95.93
N LYS M 209 18.76 -5.66 97.13
CA LYS M 209 17.36 -5.86 97.49
C LYS M 209 17.22 -5.82 99.01
N VAL M 210 16.07 -5.33 99.50
CA VAL M 210 15.84 -5.15 100.94
C VAL M 210 14.36 -5.29 101.24
N ASP M 211 14.04 -5.93 102.37
CA ASP M 211 12.67 -6.08 102.85
C ASP M 211 12.57 -5.59 104.29
N LYS M 212 11.42 -5.06 104.66
CA LYS M 212 11.15 -4.59 106.03
C LYS M 212 9.97 -5.38 106.59
N LYS M 213 10.08 -5.78 107.85
CA LYS M 213 9.09 -6.69 108.44
C LYS M 213 7.82 -5.94 108.83
N ILE M 214 6.72 -6.29 108.16
CA ILE M 214 5.44 -5.63 108.40
C ILE M 214 4.76 -6.32 109.57
N GLU M 215 5.21 -6.02 110.78
CA GLU M 215 4.63 -6.52 112.00
C GLU M 215 3.74 -5.45 112.61
N SER M 216 3.23 -5.73 113.81
CA SER M 216 2.53 -4.71 114.57
C SER M 216 3.52 -3.68 115.11
N ARG M 217 2.99 -2.50 115.49
CA ARG M 217 3.84 -1.39 115.87
C ARG M 217 4.43 -1.50 117.28
N ARG M 218 4.19 -2.60 117.98
CA ARG M 218 4.71 -2.80 119.34
C ARG M 218 6.22 -2.93 119.41
N GLN N 1 -3.73 10.58 59.06
CA GLN N 1 -4.94 10.60 59.88
C GLN N 1 -5.14 9.23 60.52
N ALA N 2 -4.85 9.12 61.82
CA ALA N 2 -4.93 7.85 62.50
C ALA N 2 -6.08 7.92 63.49
N VAL N 3 -7.24 7.49 63.03
CA VAL N 3 -8.46 7.54 63.81
C VAL N 3 -9.26 6.28 63.51
N VAL N 4 -9.30 5.37 64.46
CA VAL N 4 -10.51 4.65 64.80
C VAL N 4 -11.19 5.51 65.86
N THR N 5 -12.01 6.46 65.42
CA THR N 5 -12.61 7.44 66.29
C THR N 5 -14.11 7.18 66.36
N GLN N 6 -14.76 7.88 67.29
CA GLN N 6 -16.19 7.75 67.52
C GLN N 6 -16.65 8.93 68.35
N GLU N 7 -17.87 8.82 68.88
CA GLU N 7 -18.31 9.74 69.93
C GLU N 7 -17.45 9.53 71.16
N SER N 8 -16.94 10.65 71.71
CA SER N 8 -15.97 10.62 72.79
C SER N 8 -16.61 10.20 74.11
N ALA N 9 -17.92 10.40 74.24
CA ALA N 9 -18.64 9.91 75.40
C ALA N 9 -19.82 9.11 74.89
N LEU N 10 -19.58 7.83 74.63
CA LEU N 10 -20.61 6.92 74.18
C LEU N 10 -20.34 5.56 74.80
N THR N 11 -20.96 5.33 75.95
CA THR N 11 -20.74 4.14 76.76
C THR N 11 -22.07 3.59 77.20
N THR N 12 -22.09 2.32 77.59
CA THR N 12 -23.28 1.65 78.10
C THR N 12 -23.17 1.56 79.62
N SER N 13 -24.19 0.97 80.21
CA SER N 13 -24.35 0.74 81.63
C SER N 13 -23.70 -0.58 82.02
N PRO N 14 -23.81 -0.98 83.28
CA PRO N 14 -23.39 -2.33 83.67
C PRO N 14 -24.32 -3.36 83.05
N GLY N 15 -23.78 -4.09 82.07
CA GLY N 15 -24.57 -4.88 81.16
C GLY N 15 -25.20 -4.10 80.03
N GLU N 16 -24.89 -2.81 79.91
CA GLU N 16 -25.52 -1.97 78.92
C GLU N 16 -24.81 -2.12 77.57
N THR N 17 -25.52 -1.75 76.51
CA THR N 17 -25.00 -1.77 75.15
C THR N 17 -24.01 -0.62 75.02
N VAL N 18 -22.74 -0.93 75.25
CA VAL N 18 -21.67 0.05 75.08
C VAL N 18 -21.42 0.17 73.59
N THR N 19 -22.03 1.16 72.96
CA THR N 19 -21.97 1.31 71.51
C THR N 19 -21.07 2.48 71.18
N LEU N 20 -19.77 2.23 71.13
CA LEU N 20 -18.81 3.25 70.77
C LEU N 20 -18.56 3.16 69.27
N THR N 21 -18.04 4.25 68.73
CA THR N 21 -17.55 4.23 67.36
C THR N 21 -16.05 3.95 67.35
N CYS N 22 -15.63 3.08 66.42
CA CYS N 22 -14.23 2.95 66.03
C CYS N 22 -14.22 2.91 64.52
N ARG N 23 -14.13 4.07 63.89
CA ARG N 23 -14.22 4.16 62.45
C ARG N 23 -13.27 5.22 61.92
N SER N 24 -13.15 5.30 60.59
CA SER N 24 -12.45 6.37 59.93
C SER N 24 -13.31 7.63 59.91
N ASN N 25 -12.71 8.75 59.50
CA ASN N 25 -13.44 10.02 59.49
C ASN N 25 -14.29 10.19 58.23
N ILE N 26 -13.87 9.64 57.10
CA ILE N 26 -14.60 9.79 55.85
C ILE N 26 -15.66 8.70 55.65
N GLY N 27 -15.91 7.89 56.66
CA GLY N 27 -16.76 6.73 56.49
C GLY N 27 -16.48 5.71 57.59
N ALA N 28 -16.26 4.48 57.15
CA ALA N 28 -16.05 3.40 58.09
C ALA N 28 -14.57 3.15 58.34
N VAL N 29 -14.28 2.51 59.46
CA VAL N 29 -13.05 1.77 59.63
C VAL N 29 -13.20 0.47 58.85
N THR N 30 -12.08 -0.10 58.41
CA THR N 30 -12.08 -1.22 57.48
C THR N 30 -12.50 -2.50 58.21
N SER N 31 -12.97 -3.47 57.43
CA SER N 31 -13.23 -4.81 57.96
C SER N 31 -12.01 -5.71 57.82
N SER N 32 -11.32 -5.66 56.67
CA SER N 32 -9.94 -6.08 56.53
C SER N 32 -8.98 -5.07 57.15
N ASN N 33 -9.45 -3.87 57.44
CA ASN N 33 -8.82 -3.02 58.43
C ASN N 33 -9.05 -3.51 59.85
N CYS N 34 -10.17 -4.19 60.11
CA CYS N 34 -10.61 -4.55 61.46
C CYS N 34 -10.93 -3.30 62.28
N ALA N 35 -11.89 -2.52 61.80
CA ALA N 35 -12.37 -1.36 62.54
C ALA N 35 -13.18 -1.86 63.73
N ASN N 36 -12.55 -1.87 64.89
CA ASN N 36 -13.14 -2.50 66.07
C ASN N 36 -13.08 -1.55 67.26
N TRP N 37 -13.83 -1.90 68.30
CA TRP N 37 -13.76 -1.19 69.57
C TRP N 37 -13.16 -2.16 70.58
N VAL N 38 -11.84 -2.28 70.53
CA VAL N 38 -11.12 -3.29 71.29
C VAL N 38 -10.99 -2.83 72.74
N GLN N 39 -10.58 -3.75 73.60
CA GLN N 39 -10.49 -3.51 75.03
C GLN N 39 -9.33 -2.58 75.35
N GLU N 40 -9.52 -1.73 76.35
CA GLU N 40 -8.50 -0.82 76.86
C GLU N 40 -8.66 -0.76 78.37
N LYS N 41 -7.77 -1.43 79.07
CA LYS N 41 -7.85 -1.78 80.47
C LYS N 41 -6.93 -0.90 81.30
N PRO N 42 -6.87 -1.13 82.61
CA PRO N 42 -5.90 -0.39 83.44
C PRO N 42 -4.49 -0.80 83.11
N ASP N 43 -3.63 0.20 82.88
CA ASP N 43 -2.33 0.01 82.26
C ASP N 43 -2.39 -0.05 80.74
N HIS N 44 -3.54 0.30 80.14
CA HIS N 44 -3.69 0.37 78.69
C HIS N 44 -3.71 -1.02 78.05
N PHE N 45 -4.62 -1.85 78.52
CA PHE N 45 -4.66 -3.28 78.17
C PHE N 45 -5.35 -3.40 76.82
N PHE N 46 -4.56 -3.34 75.75
CA PHE N 46 -5.05 -3.55 74.40
C PHE N 46 -5.34 -5.04 74.21
N THR N 47 -6.40 -5.33 73.46
CA THR N 47 -6.83 -6.69 73.19
C THR N 47 -8.06 -6.63 72.29
N GLY N 48 -8.49 -7.78 71.80
CA GLY N 48 -9.75 -7.87 71.08
C GLY N 48 -10.90 -7.79 72.07
N LEU N 49 -11.53 -6.61 72.12
CA LEU N 49 -12.74 -6.41 72.90
C LEU N 49 -13.91 -6.65 71.96
N ILE N 50 -13.92 -5.92 70.86
CA ILE N 50 -14.79 -6.21 69.72
C ILE N 50 -13.99 -5.91 68.46
N GLY N 51 -13.56 -6.97 67.78
CA GLY N 51 -12.53 -6.82 66.77
C GLY N 51 -12.87 -7.53 65.47
N ASP N 52 -12.08 -7.25 64.45
CA ASP N 52 -12.20 -7.89 63.15
C ASP N 52 -13.27 -7.24 62.26
N THR N 53 -13.81 -6.10 62.72
CA THR N 53 -14.55 -5.17 61.87
C THR N 53 -15.95 -5.58 61.44
N ASN N 54 -16.31 -6.84 61.66
CA ASN N 54 -17.68 -7.34 61.54
C ASN N 54 -17.97 -8.32 62.67
N ASN N 55 -16.98 -8.62 63.50
CA ASN N 55 -16.99 -9.80 64.35
C ASN N 55 -16.76 -9.41 65.80
N ARG N 56 -16.74 -10.41 66.67
CA ARG N 56 -16.57 -10.18 68.10
C ARG N 56 -15.09 -10.06 68.44
N ARG N 57 -14.83 -9.70 69.70
CA ARG N 57 -13.47 -9.75 70.22
C ARG N 57 -13.43 -10.61 71.47
N SER N 58 -12.85 -11.79 71.31
CA SER N 58 -12.72 -12.74 72.40
C SER N 58 -11.53 -12.36 73.27
N GLY N 59 -11.70 -12.54 74.58
CA GLY N 59 -10.75 -12.00 75.52
C GLY N 59 -11.15 -10.65 76.05
N VAL N 60 -11.95 -9.91 75.29
CA VAL N 60 -12.79 -8.83 75.78
C VAL N 60 -14.11 -9.47 76.24
N PRO N 61 -15.09 -8.68 76.65
CA PRO N 61 -16.31 -9.27 77.22
C PRO N 61 -17.17 -9.96 76.17
N ALA N 62 -18.17 -10.71 76.65
CA ALA N 62 -19.08 -11.46 75.79
C ALA N 62 -20.00 -10.58 74.95
N ARG N 63 -20.14 -9.30 75.30
CA ARG N 63 -20.94 -8.40 74.50
C ARG N 63 -20.21 -7.80 73.31
N PHE N 64 -18.88 -7.70 73.37
CA PHE N 64 -18.10 -6.84 72.48
C PHE N 64 -18.03 -7.41 71.07
N SER N 65 -18.50 -6.62 70.10
CA SER N 65 -18.38 -6.96 68.69
C SER N 65 -18.12 -5.69 67.89
N GLY N 66 -16.97 -5.66 67.21
CA GLY N 66 -16.64 -4.55 66.34
C GLY N 66 -17.22 -4.86 64.99
N SER N 67 -18.11 -4.01 64.48
CA SER N 67 -18.96 -4.34 63.35
C SER N 67 -19.08 -3.09 62.49
N LEU N 68 -20.10 -3.06 61.63
CA LEU N 68 -20.47 -1.83 60.93
C LEU N 68 -21.65 -1.20 61.65
N ILE N 69 -21.40 -0.17 62.47
CA ILE N 69 -22.42 0.40 63.35
C ILE N 69 -22.08 1.85 63.67
N GLY N 70 -23.10 2.62 64.06
CA GLY N 70 -22.89 4.01 64.40
C GLY N 70 -22.60 4.85 63.16
N ASP N 71 -21.32 5.18 63.00
CA ASP N 71 -20.80 5.75 61.77
C ASP N 71 -19.44 5.16 61.42
N LYS N 72 -19.16 3.93 61.86
CA LYS N 72 -17.82 3.37 61.79
C LYS N 72 -17.88 1.87 61.97
N ALA N 73 -16.73 1.27 62.29
CA ALA N 73 -16.76 -0.02 62.94
C ALA N 73 -17.37 0.20 64.31
N ALA N 74 -18.67 -0.07 64.43
CA ALA N 74 -19.40 0.10 65.66
C ALA N 74 -18.97 -0.96 66.65
N LEU N 75 -18.26 -0.52 67.68
CA LEU N 75 -17.88 -1.39 68.78
C LEU N 75 -19.14 -1.47 69.64
N THR N 76 -19.96 -2.49 69.38
CA THR N 76 -21.20 -2.70 70.11
C THR N 76 -20.94 -3.79 71.15
N ILE N 77 -20.82 -3.38 72.40
CA ILE N 77 -20.69 -4.28 73.52
C ILE N 77 -22.09 -4.56 74.00
N THR N 78 -22.71 -5.61 73.47
CA THR N 78 -24.08 -5.98 73.78
C THR N 78 -24.08 -6.72 75.12
N GLY N 79 -23.98 -5.95 76.21
CA GLY N 79 -23.71 -6.53 77.50
C GLY N 79 -22.28 -6.23 77.93
N ALA N 80 -21.72 -5.14 77.42
CA ALA N 80 -20.50 -4.60 77.98
C ALA N 80 -20.80 -4.10 79.39
N GLN N 81 -20.03 -4.57 80.35
CA GLN N 81 -20.38 -4.50 81.76
C GLN N 81 -19.41 -3.61 82.51
N THR N 82 -19.50 -3.65 83.85
CA THR N 82 -18.54 -2.95 84.70
C THR N 82 -17.13 -3.49 84.55
N GLU N 83 -17.00 -4.80 84.27
CA GLU N 83 -15.71 -5.38 83.91
C GLU N 83 -15.34 -5.15 82.46
N ASP N 84 -16.33 -5.00 81.58
CA ASP N 84 -16.06 -4.68 80.18
C ASP N 84 -15.96 -3.18 79.92
N GLU N 85 -16.19 -2.35 80.94
CA GLU N 85 -16.17 -0.89 80.78
C GLU N 85 -14.73 -0.41 80.82
N ALA N 86 -14.25 0.06 79.68
CA ALA N 86 -12.87 0.51 79.53
C ALA N 86 -12.81 1.32 78.24
N ILE N 87 -11.60 1.60 77.78
CA ILE N 87 -11.39 2.31 76.52
C ILE N 87 -11.74 1.35 75.39
N TYR N 88 -12.82 1.64 74.68
CA TYR N 88 -13.08 1.04 73.39
C TYR N 88 -12.12 1.67 72.42
N PHE N 89 -10.93 1.07 72.32
CA PHE N 89 -9.89 1.52 71.41
C PHE N 89 -10.36 1.20 70.01
N CYS N 90 -10.75 2.25 69.31
CA CYS N 90 -11.14 2.15 67.91
C CYS N 90 -9.91 1.85 67.06
N ALA N 91 -9.93 0.68 66.44
CA ALA N 91 -8.84 0.24 65.60
C ALA N 91 -9.26 0.33 64.15
N LEU N 92 -8.40 0.95 63.35
CA LEU N 92 -8.53 1.01 61.90
C LEU N 92 -7.21 0.55 61.32
N TRP N 93 -7.26 -0.43 60.43
CA TRP N 93 -6.06 -0.93 59.78
C TRP N 93 -6.12 -0.62 58.29
N TYR N 94 -5.03 -0.91 57.59
CA TYR N 94 -4.92 -0.63 56.17
C TYR N 94 -4.86 -1.94 55.41
N ASN N 95 -5.06 -3.05 56.12
CA ASN N 95 -4.84 -4.34 55.50
C ASN N 95 -3.36 -4.69 55.48
N ASN N 96 -2.54 -3.96 56.24
CA ASN N 96 -1.16 -4.38 56.46
C ASN N 96 -0.74 -4.18 57.92
N LEU N 97 -1.51 -3.39 58.66
CA LEU N 97 -1.13 -3.03 60.01
C LEU N 97 -2.28 -2.25 60.63
N TRP N 98 -2.63 -2.62 61.86
CA TRP N 98 -3.80 -2.07 62.55
C TRP N 98 -3.36 -1.02 63.56
N VAL N 99 -3.99 0.15 63.49
CA VAL N 99 -3.63 1.29 64.33
C VAL N 99 -4.84 1.66 65.17
N PHE N 100 -4.66 1.69 66.48
CA PHE N 100 -5.69 2.14 67.38
C PHE N 100 -5.77 3.65 67.35
N GLY N 101 -7.01 4.15 67.32
CA GLY N 101 -7.25 5.58 67.46
C GLY N 101 -7.30 6.01 68.91
N GLY N 102 -8.16 6.99 69.17
CA GLY N 102 -8.36 7.41 70.54
C GLY N 102 -9.17 6.48 71.41
N GLY N 103 -10.26 5.93 70.88
CA GLY N 103 -11.11 5.09 71.72
C GLY N 103 -12.08 5.90 72.56
N THR N 104 -13.13 5.23 73.03
CA THR N 104 -14.14 5.86 73.87
C THR N 104 -14.16 5.14 75.20
N LYS N 105 -13.89 5.86 76.29
CA LYS N 105 -13.88 5.26 77.62
C LYS N 105 -15.31 5.05 78.10
N LEU N 106 -15.79 3.80 78.02
CA LEU N 106 -17.10 3.42 78.53
C LEU N 106 -16.93 2.78 79.91
N THR N 107 -18.04 2.64 80.64
CA THR N 107 -18.02 2.21 82.03
C THR N 107 -19.17 1.26 82.30
N VAL N 108 -19.45 1.02 83.59
CA VAL N 108 -20.57 0.19 84.03
C VAL N 108 -21.29 0.90 85.16
N LEU N 109 -22.54 1.28 84.93
CA LEU N 109 -23.34 1.96 85.94
C LEU N 109 -23.75 1.00 87.04
N GLY N 110 -23.17 1.18 88.22
CA GLY N 110 -23.37 0.27 89.33
C GLY N 110 -22.02 -0.23 89.83
N GLN N 111 -22.09 -1.07 90.86
CA GLN N 111 -20.94 -1.73 91.49
C GLN N 111 -19.98 -0.75 92.15
N PRO N 112 -20.44 0.01 93.15
CA PRO N 112 -19.55 0.98 93.80
C PRO N 112 -18.64 0.32 94.83
N LYS N 113 -17.53 0.98 95.13
CA LYS N 113 -16.60 0.50 96.15
C LYS N 113 -17.06 0.93 97.54
N SER N 114 -16.34 0.48 98.58
CA SER N 114 -16.80 0.68 99.95
C SER N 114 -16.12 1.90 100.54
N SER N 115 -16.25 2.08 101.84
CA SER N 115 -15.64 3.22 102.53
C SER N 115 -14.12 3.05 102.59
N PRO N 116 -13.39 4.14 102.82
CA PRO N 116 -11.93 4.05 102.92
C PRO N 116 -11.51 3.38 104.22
N SER N 117 -10.96 2.18 104.08
CA SER N 117 -10.50 1.40 105.23
C SER N 117 -9.12 1.90 105.57
N VAL N 118 -9.06 3.00 106.34
CA VAL N 118 -7.82 3.71 106.63
C VAL N 118 -7.30 3.26 107.99
N THR N 119 -6.11 2.67 107.98
CA THR N 119 -5.39 2.28 109.19
C THR N 119 -4.10 3.06 109.19
N LEU N 120 -3.86 3.80 110.27
CA LEU N 120 -2.77 4.77 110.34
C LEU N 120 -1.55 4.12 111.00
N PHE N 121 -0.49 3.96 110.23
CA PHE N 121 0.79 3.65 110.80
C PHE N 121 1.54 4.94 111.08
N PRO N 122 2.21 5.04 112.22
CA PRO N 122 2.89 6.28 112.60
C PRO N 122 4.27 6.34 111.96
N PRO N 123 5.10 7.32 112.35
CA PRO N 123 6.53 7.24 112.01
C PRO N 123 7.14 6.02 112.70
N SER N 124 7.25 4.94 111.94
CA SER N 124 7.37 3.59 112.48
C SER N 124 8.78 3.30 112.98
N SER N 125 9.01 2.03 113.33
CA SER N 125 10.25 1.60 113.99
C SER N 125 11.46 1.66 113.07
N GLU N 126 11.26 1.70 111.76
CA GLU N 126 12.35 2.02 110.86
C GLU N 126 12.43 3.53 110.59
N GLU N 127 11.32 4.24 110.80
CA GLU N 127 11.31 5.68 110.54
C GLU N 127 11.52 6.52 111.79
N LEU N 128 11.45 5.90 112.98
CA LEU N 128 11.55 6.61 114.25
C LEU N 128 12.98 6.86 114.71
N GLU N 129 13.98 6.25 114.07
CA GLU N 129 15.36 6.45 114.46
C GLU N 129 16.10 7.40 113.54
N THR N 130 15.51 7.76 112.39
CA THR N 130 16.21 8.47 111.34
C THR N 130 15.91 9.96 111.27
N ASN N 131 15.24 10.52 112.29
CA ASN N 131 14.85 11.93 112.27
C ASN N 131 13.69 12.14 111.30
N LYS N 132 12.88 11.11 111.11
CA LYS N 132 11.75 11.16 110.20
C LYS N 132 10.48 10.80 110.95
N ALA N 133 9.34 11.03 110.30
CA ALA N 133 8.05 10.55 110.76
C ALA N 133 7.12 10.56 109.55
N THR N 134 6.37 9.48 109.36
CA THR N 134 5.43 9.40 108.25
C THR N 134 4.13 8.80 108.78
N LEU N 135 3.22 9.65 109.21
CA LEU N 135 1.91 9.20 109.66
C LEU N 135 1.10 8.87 108.42
N VAL N 136 1.16 7.61 108.00
CA VAL N 136 0.60 7.16 106.74
C VAL N 136 -0.57 6.23 107.03
N CYS N 137 -1.75 6.61 106.55
CA CYS N 137 -2.95 5.81 106.69
C CYS N 137 -3.14 5.06 105.38
N THR N 138 -2.94 3.74 105.43
CA THR N 138 -3.17 2.85 104.31
C THR N 138 -4.65 2.49 104.28
N ILE N 139 -5.27 2.67 103.11
CA ILE N 139 -6.73 2.63 102.98
C ILE N 139 -7.09 1.55 101.98
N THR N 140 -7.70 0.48 102.44
CA THR N 140 -8.19 -0.60 101.60
C THR N 140 -9.67 -0.37 101.28
N ASP N 141 -10.01 -0.57 100.00
CA ASP N 141 -11.38 -0.70 99.52
C ASP N 141 -12.17 0.60 99.54
N PHE N 142 -11.49 1.72 99.30
CA PHE N 142 -12.13 3.03 99.30
C PHE N 142 -12.82 3.30 97.96
N TYR N 143 -14.12 3.57 98.02
CA TYR N 143 -14.89 3.79 96.80
C TYR N 143 -15.98 4.82 97.09
N PRO N 144 -16.14 5.84 96.24
CA PRO N 144 -15.49 6.11 94.95
C PRO N 144 -14.13 6.79 95.12
N GLY N 145 -13.47 7.07 94.00
CA GLY N 145 -12.14 7.63 94.04
C GLY N 145 -12.11 9.14 94.18
N VAL N 146 -12.89 9.67 95.10
CA VAL N 146 -12.92 11.09 95.43
C VAL N 146 -12.73 11.18 96.93
N VAL N 147 -11.49 11.44 97.34
CA VAL N 147 -11.11 11.39 98.75
C VAL N 147 -11.32 12.76 99.35
N THR N 148 -12.16 12.79 100.39
CA THR N 148 -12.25 13.93 101.29
C THR N 148 -11.20 13.70 102.37
N VAL N 149 -9.96 14.09 102.07
CA VAL N 149 -8.79 13.64 102.83
C VAL N 149 -8.15 14.85 103.48
N ASP N 150 -7.82 14.72 104.77
CA ASP N 150 -7.07 15.71 105.51
C ASP N 150 -5.90 14.99 106.20
N TRP N 151 -4.69 15.48 105.96
CA TRP N 151 -3.50 14.95 106.60
C TRP N 151 -3.42 15.55 108.00
N LYS N 152 -2.78 14.81 108.91
CA LYS N 152 -2.79 15.19 110.33
C LYS N 152 -1.37 15.55 110.74
N VAL N 153 -0.99 16.81 110.52
CA VAL N 153 0.29 17.31 111.01
C VAL N 153 0.12 17.55 112.51
N ASP N 154 0.48 16.54 113.30
CA ASP N 154 0.17 16.50 114.72
C ASP N 154 -1.33 16.28 114.96
N GLY N 155 -2.01 15.66 113.99
CA GLY N 155 -3.45 15.50 114.03
C GLY N 155 -4.23 16.61 113.35
N THR N 156 -3.61 17.75 113.09
CA THR N 156 -4.31 18.93 112.57
C THR N 156 -4.14 19.03 111.06
N PRO N 157 -5.07 19.71 110.35
CA PRO N 157 -5.00 19.75 108.88
C PRO N 157 -3.89 20.65 108.35
N VAL N 158 -2.82 20.00 107.89
CA VAL N 158 -1.62 20.71 107.45
C VAL N 158 -1.33 20.42 105.98
N THR N 159 -0.22 20.99 105.50
CA THR N 159 0.23 20.75 104.14
C THR N 159 1.75 20.53 104.08
N GLN N 160 2.46 20.85 105.16
CA GLN N 160 3.91 20.77 105.18
C GLN N 160 4.30 19.32 105.41
N GLY N 161 4.74 18.66 104.34
CA GLY N 161 5.08 17.24 104.36
C GLY N 161 3.93 16.33 104.01
N MET N 162 2.90 16.85 103.37
CA MET N 162 1.73 16.08 103.02
C MET N 162 2.00 15.19 101.80
N GLU N 163 1.81 13.89 101.99
CA GLU N 163 1.99 12.91 100.92
C GLU N 163 0.76 12.03 100.92
N THR N 164 -0.14 12.27 99.96
CA THR N 164 -1.37 11.51 99.83
C THR N 164 -1.08 10.35 98.90
N THR N 165 -1.09 9.14 99.46
CA THR N 165 -0.94 7.95 98.64
C THR N 165 -2.21 7.73 97.83
N GLN N 166 -2.03 7.40 96.56
CA GLN N 166 -3.19 7.42 95.69
C GLN N 166 -3.95 6.10 95.80
N PRO N 167 -5.28 6.21 95.72
CA PRO N 167 -6.14 5.02 95.73
C PRO N 167 -5.89 4.15 94.51
N SER N 168 -5.90 2.83 94.70
CA SER N 168 -5.44 1.88 93.71
C SER N 168 -6.62 1.36 92.89
N LYS N 169 -6.39 1.17 91.60
CA LYS N 169 -7.38 0.57 90.72
C LYS N 169 -7.38 -0.93 90.96
N GLN N 170 -8.14 -1.38 91.96
CA GLN N 170 -8.17 -2.77 92.36
C GLN N 170 -9.22 -3.54 91.57
N SER N 171 -9.44 -4.80 91.97
CA SER N 171 -10.37 -5.66 91.24
C SER N 171 -11.79 -5.49 91.75
N ASN N 172 -11.95 -5.27 93.06
CA ASN N 172 -13.27 -5.21 93.68
C ASN N 172 -13.91 -3.83 93.62
N ASN N 173 -13.36 -2.89 92.87
CA ASN N 173 -13.93 -1.55 92.69
C ASN N 173 -13.65 -0.60 93.85
N LYS N 174 -12.82 -1.00 94.80
CA LYS N 174 -12.39 -0.12 95.87
C LYS N 174 -11.04 0.48 95.53
N TYR N 175 -10.54 1.33 96.42
CA TYR N 175 -9.23 1.95 96.28
C TYR N 175 -8.37 1.55 97.47
N MET N 176 -7.06 1.48 97.22
CA MET N 176 -6.07 1.32 98.26
C MET N 176 -5.09 2.46 98.14
N ALA N 177 -5.05 3.30 99.16
CA ALA N 177 -4.36 4.59 99.06
C ALA N 177 -3.74 4.90 100.40
N SER N 178 -3.30 6.14 100.56
CA SER N 178 -2.60 6.54 101.76
C SER N 178 -2.84 8.01 102.04
N SER N 179 -2.75 8.35 103.31
CA SER N 179 -2.72 9.73 103.75
C SER N 179 -1.59 9.86 104.77
N TYR N 180 -0.51 10.55 104.38
CA TYR N 180 0.69 10.58 105.19
C TYR N 180 1.10 12.02 105.48
N LEU N 181 1.46 12.24 106.74
CA LEU N 181 2.07 13.49 107.18
C LEU N 181 3.54 13.17 107.40
N THR N 182 4.41 13.87 106.66
CA THR N 182 5.84 13.59 106.67
C THR N 182 6.53 14.68 107.50
N LEU N 183 6.76 14.38 108.76
CA LEU N 183 7.35 15.31 109.70
C LEU N 183 8.73 14.79 110.15
N THR N 184 9.45 15.66 110.87
CA THR N 184 10.80 15.35 111.33
C THR N 184 10.72 14.53 112.60
N ALA N 185 11.89 14.09 113.06
CA ALA N 185 11.99 13.40 114.34
C ALA N 185 12.09 14.40 115.47
N ARG N 186 12.67 15.57 115.16
CA ARG N 186 12.48 16.75 116.03
C ARG N 186 11.03 17.20 115.98
N ALA N 187 10.38 17.06 114.82
CA ALA N 187 8.93 17.22 114.75
C ALA N 187 8.20 16.03 115.38
N TRP N 188 8.85 14.87 115.43
CA TRP N 188 8.29 13.72 116.14
C TRP N 188 8.34 13.93 117.65
N GLU N 189 9.27 14.75 118.10
CA GLU N 189 9.20 15.26 119.47
C GLU N 189 8.27 16.48 119.57
N ARG N 190 8.03 17.18 118.46
CA ARG N 190 7.15 18.33 118.46
C ARG N 190 5.67 17.94 118.30
N HIS N 191 5.32 17.37 117.15
CA HIS N 191 3.99 16.79 116.98
C HIS N 191 4.07 15.29 117.28
N SER N 192 2.90 14.65 117.32
CA SER N 192 2.86 13.27 117.77
C SER N 192 2.10 12.32 116.86
N SER N 193 0.99 12.75 116.27
CA SER N 193 0.04 11.82 115.69
C SER N 193 -0.29 12.22 114.26
N TYR N 194 0.04 11.36 113.32
CA TYR N 194 -0.50 11.44 111.97
C TYR N 194 -1.92 10.92 112.01
N SER N 195 -2.88 11.81 111.78
CA SER N 195 -4.28 11.45 111.84
C SER N 195 -4.93 11.85 110.52
N CYS N 196 -5.00 10.90 109.60
CA CYS N 196 -5.50 11.14 108.25
C CYS N 196 -6.99 10.84 108.24
N GLN N 197 -7.79 11.87 108.00
CA GLN N 197 -9.23 11.73 107.83
C GLN N 197 -9.53 11.65 106.34
N VAL N 198 -9.65 10.44 105.84
CA VAL N 198 -9.82 10.18 104.40
C VAL N 198 -11.26 9.73 104.17
N THR N 199 -11.90 10.33 103.18
CA THR N 199 -13.29 10.05 102.87
C THR N 199 -13.39 9.39 101.49
N HIS N 200 -13.81 8.14 101.47
CA HIS N 200 -14.13 7.41 100.25
C HIS N 200 -15.64 7.40 100.10
N GLU N 201 -16.11 7.80 98.92
CA GLU N 201 -17.53 7.85 98.57
C GLU N 201 -18.35 8.83 99.38
N GLY N 202 -17.72 9.86 99.93
CA GLY N 202 -18.39 10.77 100.83
C GLY N 202 -18.29 10.36 102.28
N HIS N 203 -17.84 9.13 102.54
CA HIS N 203 -17.76 8.59 103.89
C HIS N 203 -16.34 8.71 104.44
N THR N 204 -16.24 9.33 105.61
CA THR N 204 -14.96 9.72 106.19
C THR N 204 -14.53 8.73 107.27
N VAL N 205 -13.21 8.51 107.36
CA VAL N 205 -12.61 7.70 108.40
C VAL N 205 -11.32 8.40 108.83
N GLU N 206 -11.18 8.67 110.13
CA GLU N 206 -10.02 9.33 110.70
C GLU N 206 -9.10 8.27 111.30
N LYS N 207 -8.19 7.75 110.49
CA LYS N 207 -7.23 6.74 110.92
C LYS N 207 -6.02 7.47 111.47
N SER N 208 -5.70 7.22 112.73
CA SER N 208 -4.70 7.98 113.46
C SER N 208 -3.65 7.07 114.06
N LEU N 209 -2.45 7.62 114.23
CA LEU N 209 -1.36 7.02 114.97
C LEU N 209 -0.96 7.96 116.10
N SER N 210 0.14 7.63 116.78
CA SER N 210 0.69 8.48 117.84
C SER N 210 2.15 8.11 118.04
N ARG N 211 3.02 9.11 118.05
CA ARG N 211 4.44 8.86 118.26
C ARG N 211 4.80 8.91 119.74
N GLN O 1 -53.95 -38.51 -83.38
CA GLN O 1 -54.27 -38.45 -81.96
C GLN O 1 -53.20 -39.17 -81.14
N ILE O 2 -53.28 -39.04 -79.82
CA ILE O 2 -52.19 -39.39 -78.91
C ILE O 2 -52.12 -40.90 -78.80
N GLN O 3 -51.42 -41.51 -79.76
CA GLN O 3 -51.47 -42.96 -79.94
C GLN O 3 -50.45 -43.34 -81.02
N LEU O 4 -50.00 -44.59 -80.97
CA LEU O 4 -49.06 -45.11 -81.96
C LEU O 4 -49.84 -45.57 -83.17
N VAL O 5 -50.11 -44.67 -84.11
CA VAL O 5 -50.83 -44.98 -85.33
C VAL O 5 -49.89 -45.78 -86.22
N GLN O 6 -50.03 -47.09 -86.19
CA GLN O 6 -49.10 -48.02 -86.81
C GLN O 6 -49.35 -48.14 -88.31
N SER O 7 -48.75 -49.16 -88.90
CA SER O 7 -48.87 -49.39 -90.33
C SER O 7 -50.23 -50.01 -90.67
N GLY O 8 -50.37 -50.43 -91.91
CA GLY O 8 -51.55 -51.16 -92.30
C GLY O 8 -51.45 -52.63 -91.98
N ARG O 9 -52.20 -53.42 -92.72
CA ARG O 9 -52.00 -54.87 -92.71
C ARG O 9 -50.73 -55.17 -93.47
N GLU O 10 -49.64 -55.36 -92.72
CA GLU O 10 -48.33 -55.57 -93.32
C GLU O 10 -48.26 -56.98 -93.89
N VAL O 11 -48.20 -57.05 -95.22
CA VAL O 11 -47.98 -58.29 -95.94
C VAL O 11 -46.52 -58.66 -95.75
N LYS O 12 -46.29 -59.84 -95.19
CA LYS O 12 -44.93 -60.30 -94.95
C LYS O 12 -44.74 -61.65 -95.61
N ASN O 13 -43.52 -61.93 -96.04
CA ASN O 13 -43.23 -63.27 -96.50
C ASN O 13 -42.75 -64.11 -95.33
N PRO O 14 -42.54 -65.41 -95.55
CA PRO O 14 -41.84 -66.21 -94.54
C PRO O 14 -40.37 -65.84 -94.53
N GLY O 15 -39.93 -65.25 -93.41
CA GLY O 15 -38.61 -64.72 -93.28
C GLY O 15 -38.56 -63.20 -93.33
N GLU O 16 -39.68 -62.55 -93.59
CA GLU O 16 -39.73 -61.09 -93.62
C GLU O 16 -40.05 -60.53 -92.25
N THR O 17 -39.89 -59.22 -92.08
CA THR O 17 -40.16 -58.54 -90.83
C THR O 17 -41.25 -57.49 -91.02
N VAL O 18 -42.21 -57.49 -90.11
CA VAL O 18 -43.41 -56.67 -90.24
C VAL O 18 -43.34 -55.55 -89.20
N LYS O 19 -43.37 -54.32 -89.67
CA LYS O 19 -43.11 -53.17 -88.83
C LYS O 19 -44.41 -52.41 -88.62
N ILE O 20 -44.76 -52.18 -87.37
CA ILE O 20 -45.71 -51.14 -87.01
C ILE O 20 -44.91 -49.85 -87.00
N SER O 21 -44.88 -49.19 -88.15
CA SER O 21 -44.33 -47.85 -88.26
C SER O 21 -45.37 -46.88 -87.72
N CYS O 22 -45.19 -46.51 -86.47
CA CYS O 22 -46.22 -45.84 -85.70
C CYS O 22 -45.91 -44.36 -85.72
N LYS O 23 -46.78 -43.59 -86.35
CA LYS O 23 -46.85 -42.16 -86.12
C LYS O 23 -47.34 -42.00 -84.69
N ALA O 24 -46.43 -41.69 -83.78
CA ALA O 24 -46.76 -41.45 -82.39
C ALA O 24 -47.37 -40.06 -82.31
N SER O 25 -48.69 -40.00 -82.39
CA SER O 25 -49.36 -38.72 -82.58
C SER O 25 -49.81 -38.21 -81.23
N GLY O 26 -50.14 -36.92 -81.20
CA GLY O 26 -50.25 -36.16 -79.97
C GLY O 26 -48.97 -35.45 -79.60
N TYR O 27 -47.84 -36.07 -79.87
CA TYR O 27 -46.51 -35.56 -79.58
C TYR O 27 -45.59 -35.96 -80.73
N THR O 28 -44.30 -35.98 -80.43
CA THR O 28 -43.32 -36.71 -81.24
C THR O 28 -43.27 -38.12 -80.68
N PHE O 29 -42.23 -38.88 -81.04
CA PHE O 29 -41.89 -40.09 -80.30
C PHE O 29 -41.51 -39.63 -78.90
N THR O 30 -40.73 -38.55 -78.82
CA THR O 30 -40.45 -37.85 -77.58
C THR O 30 -41.67 -37.25 -76.90
N GLU O 31 -42.78 -37.06 -77.61
CA GLU O 31 -44.04 -36.74 -76.98
C GLU O 31 -44.89 -37.97 -76.69
N TYR O 32 -44.27 -39.15 -76.57
CA TYR O 32 -45.09 -40.34 -76.41
C TYR O 32 -44.46 -41.41 -75.51
N PRO O 33 -45.14 -41.80 -74.44
CA PRO O 33 -44.75 -42.99 -73.68
C PRO O 33 -45.25 -44.25 -74.39
N MET O 34 -44.48 -44.67 -75.39
CA MET O 34 -44.94 -45.54 -76.47
C MET O 34 -45.16 -46.95 -75.94
N LEU O 35 -46.41 -47.25 -75.58
CA LEU O 35 -46.77 -48.62 -75.24
C LEU O 35 -47.14 -49.34 -76.52
N TRP O 36 -46.14 -49.76 -77.28
CA TRP O 36 -46.35 -50.35 -78.58
C TRP O 36 -46.52 -51.84 -78.40
N VAL O 37 -47.72 -52.25 -77.99
CA VAL O 37 -48.02 -53.64 -77.68
C VAL O 37 -48.57 -54.29 -78.92
N LYS O 38 -48.00 -55.44 -79.28
CA LYS O 38 -48.39 -56.18 -80.48
C LYS O 38 -49.38 -57.25 -80.06
N GLN O 39 -50.68 -56.99 -80.31
CA GLN O 39 -51.74 -57.92 -79.97
C GLN O 39 -51.70 -59.08 -80.95
N ALA O 40 -51.83 -60.30 -80.43
CA ALA O 40 -51.82 -61.58 -81.13
C ALA O 40 -53.21 -61.88 -81.69
N PRO O 41 -53.46 -63.09 -82.17
CA PRO O 41 -54.73 -63.35 -82.86
C PRO O 41 -55.98 -63.43 -81.98
N GLY O 42 -56.00 -64.31 -80.98
CA GLY O 42 -57.25 -64.59 -80.28
C GLY O 42 -57.63 -63.72 -79.10
N LYS O 43 -56.75 -63.64 -78.10
CA LYS O 43 -57.12 -63.16 -76.77
C LYS O 43 -57.14 -61.64 -76.64
N GLY O 44 -56.79 -60.93 -77.71
CA GLY O 44 -56.73 -59.49 -77.65
C GLY O 44 -55.31 -58.97 -77.76
N PHE O 45 -54.87 -58.34 -76.68
CA PHE O 45 -53.58 -57.67 -76.64
C PHE O 45 -52.43 -58.66 -76.52
N ARG O 46 -51.20 -58.15 -76.63
CA ARG O 46 -49.97 -58.89 -76.37
C ARG O 46 -48.90 -57.84 -76.11
N TRP O 47 -47.99 -58.15 -75.18
CA TRP O 47 -47.08 -57.14 -74.68
C TRP O 47 -45.89 -56.98 -75.62
N MET O 48 -46.12 -56.31 -76.75
CA MET O 48 -45.05 -55.96 -77.68
C MET O 48 -44.06 -54.96 -77.12
N GLY O 49 -44.45 -54.17 -76.13
CA GLY O 49 -43.50 -53.41 -75.36
C GLY O 49 -44.10 -52.12 -74.85
N LEU O 50 -43.47 -51.61 -73.80
CA LEU O 50 -43.81 -50.32 -73.24
C LEU O 50 -42.52 -49.51 -73.22
N ILE O 51 -42.64 -48.21 -73.45
CA ILE O 51 -41.47 -47.34 -73.54
C ILE O 51 -41.83 -45.96 -72.97
N TYR O 52 -40.82 -45.24 -72.49
CA TYR O 52 -40.98 -43.97 -71.80
C TYR O 52 -41.31 -42.82 -72.75
N THR O 53 -41.49 -41.63 -72.20
CA THR O 53 -42.09 -40.53 -72.93
C THR O 53 -41.11 -39.85 -73.87
N ASN O 54 -40.03 -39.33 -73.31
CA ASN O 54 -39.08 -38.48 -74.02
C ASN O 54 -38.24 -39.25 -75.04
N THR O 55 -38.09 -40.57 -74.87
CA THR O 55 -37.54 -41.36 -75.95
C THR O 55 -38.62 -41.79 -76.94
N GLY O 56 -39.52 -42.67 -76.50
CA GLY O 56 -40.68 -43.05 -77.29
C GLY O 56 -40.61 -44.38 -78.02
N GLU O 57 -39.59 -45.20 -77.77
CA GLU O 57 -39.56 -46.52 -78.35
C GLU O 57 -40.04 -47.55 -77.33
N PRO O 58 -41.03 -48.37 -77.67
CA PRO O 58 -41.50 -49.40 -76.74
C PRO O 58 -40.48 -50.52 -76.57
N THR O 59 -39.88 -50.54 -75.38
CA THR O 59 -38.98 -51.61 -74.96
C THR O 59 -39.82 -52.86 -74.81
N TYR O 60 -39.35 -53.92 -75.45
CA TYR O 60 -40.15 -55.11 -75.73
C TYR O 60 -40.44 -55.89 -74.45
N ALA O 61 -41.68 -56.33 -74.34
CA ALA O 61 -42.07 -57.19 -73.24
C ALA O 61 -41.83 -58.65 -73.61
N GLU O 62 -42.50 -59.55 -72.87
CA GLU O 62 -42.43 -60.96 -73.19
C GLU O 62 -43.14 -61.28 -74.50
N GLU O 63 -44.20 -60.51 -74.81
CA GLU O 63 -44.85 -60.60 -76.11
C GLU O 63 -44.07 -59.87 -77.20
N PHE O 64 -43.11 -59.03 -76.84
CA PHE O 64 -42.21 -58.39 -77.80
C PHE O 64 -40.80 -58.98 -77.86
N LYS O 65 -40.42 -59.82 -76.89
CA LYS O 65 -39.05 -60.34 -76.84
C LYS O 65 -38.93 -61.56 -77.75
N GLY O 66 -38.07 -61.46 -78.76
CA GLY O 66 -37.99 -62.45 -79.82
C GLY O 66 -37.82 -61.77 -81.17
N ARG O 67 -38.77 -61.98 -82.08
CA ARG O 67 -38.71 -61.32 -83.39
C ARG O 67 -39.03 -59.84 -83.30
N PHE O 68 -39.78 -59.42 -82.29
CA PHE O 68 -40.20 -58.04 -82.12
C PHE O 68 -39.04 -57.17 -81.65
N VAL O 69 -39.01 -55.94 -82.14
CA VAL O 69 -37.99 -54.96 -81.79
C VAL O 69 -38.64 -53.59 -81.87
N PHE O 70 -38.50 -52.81 -80.80
CA PHE O 70 -38.96 -51.43 -80.81
C PHE O 70 -37.80 -50.52 -81.21
N SER O 71 -37.95 -49.86 -82.34
CA SER O 71 -37.00 -48.86 -82.77
C SER O 71 -37.74 -47.53 -82.81
N LEU O 72 -36.98 -46.43 -82.81
CA LEU O 72 -37.61 -45.14 -82.69
C LEU O 72 -36.92 -44.13 -83.59
N GLU O 73 -37.64 -43.66 -84.60
CA GLU O 73 -37.33 -42.39 -85.24
C GLU O 73 -38.23 -41.37 -84.52
N ILE O 74 -37.88 -41.12 -83.25
CA ILE O 74 -38.74 -40.46 -82.29
C ILE O 74 -38.85 -38.97 -82.58
N SER O 75 -37.80 -38.41 -83.18
CA SER O 75 -37.86 -37.03 -83.64
C SER O 75 -38.74 -36.87 -84.86
N ALA O 76 -38.98 -37.95 -85.61
CA ALA O 76 -39.95 -37.95 -86.70
C ALA O 76 -41.36 -38.22 -86.22
N SER O 77 -41.56 -38.41 -84.90
CA SER O 77 -42.86 -38.79 -84.37
C SER O 77 -43.15 -40.26 -84.58
N THR O 78 -42.09 -41.04 -84.82
CA THR O 78 -42.25 -42.41 -85.32
C THR O 78 -41.57 -43.41 -84.40
N ALA O 79 -42.33 -44.42 -84.00
CA ALA O 79 -41.79 -45.63 -83.43
C ALA O 79 -41.94 -46.73 -84.47
N TYR O 80 -41.48 -47.91 -84.13
CA TYR O 80 -41.57 -49.03 -85.04
C TYR O 80 -41.47 -50.31 -84.23
N LEU O 81 -42.57 -51.04 -84.17
CA LEU O 81 -42.62 -52.35 -83.54
C LEU O 81 -42.51 -53.38 -84.65
N GLN O 82 -41.30 -53.88 -84.88
CA GLN O 82 -41.05 -54.73 -86.04
C GLN O 82 -40.79 -56.15 -85.58
N ILE O 83 -41.56 -57.09 -86.11
CA ILE O 83 -41.28 -58.52 -86.01
C ILE O 83 -40.32 -58.85 -87.13
N ASN O 84 -39.03 -58.77 -86.84
CA ASN O 84 -37.97 -58.91 -87.82
C ASN O 84 -37.70 -60.39 -88.09
N ASN O 85 -37.80 -60.76 -89.37
CA ASN O 85 -37.56 -62.12 -89.83
C ASN O 85 -38.59 -63.11 -89.28
N LEU O 86 -39.86 -62.77 -89.47
CA LEU O 86 -40.94 -63.48 -88.82
C LEU O 86 -41.27 -64.78 -89.54
N THR O 87 -42.06 -65.63 -88.89
CA THR O 87 -42.68 -66.78 -89.53
C THR O 87 -44.02 -66.35 -90.12
N ASN O 88 -44.66 -67.27 -90.84
CA ASN O 88 -45.91 -66.93 -91.51
C ASN O 88 -47.11 -66.97 -90.55
N GLU O 89 -47.02 -67.78 -89.50
CA GLU O 89 -48.11 -67.99 -88.56
C GLU O 89 -48.07 -67.06 -87.36
N ASP O 90 -48.02 -65.75 -87.57
CA ASP O 90 -47.99 -64.79 -86.49
C ASP O 90 -48.78 -63.51 -86.76
N THR O 91 -49.98 -63.61 -87.30
CA THR O 91 -50.73 -62.41 -87.72
C THR O 91 -51.29 -61.67 -86.51
N ALA O 92 -50.96 -60.38 -86.39
CA ALA O 92 -51.39 -59.65 -85.20
C ALA O 92 -51.30 -58.14 -85.37
N THR O 93 -52.06 -57.40 -84.58
CA THR O 93 -52.21 -55.95 -84.72
C THR O 93 -51.43 -55.22 -83.63
N TYR O 94 -50.48 -54.41 -84.04
CA TYR O 94 -49.64 -53.64 -83.13
C TYR O 94 -50.33 -52.30 -82.84
N PHE O 95 -50.67 -52.08 -81.58
CA PHE O 95 -51.32 -50.85 -81.16
C PHE O 95 -50.45 -50.17 -80.11
N CYS O 96 -50.30 -48.86 -80.26
CA CYS O 96 -49.60 -48.05 -79.26
C CYS O 96 -50.56 -47.68 -78.14
N VAL O 97 -49.97 -47.19 -77.05
CA VAL O 97 -50.71 -46.69 -75.91
C VAL O 97 -49.99 -45.45 -75.42
N ARG O 98 -50.76 -44.39 -75.14
CA ARG O 98 -50.25 -43.10 -74.73
C ARG O 98 -49.95 -43.06 -73.25
N ASP O 99 -48.80 -42.49 -72.89
CA ASP O 99 -48.32 -42.47 -71.51
C ASP O 99 -48.84 -41.23 -70.78
N TYR O 100 -50.16 -41.13 -70.68
CA TYR O 100 -50.87 -40.08 -69.98
C TYR O 100 -52.30 -40.54 -69.93
N PHE O 101 -52.98 -40.29 -68.81
CA PHE O 101 -54.13 -41.11 -68.49
C PHE O 101 -53.67 -42.54 -68.20
N ILE O 102 -53.16 -42.75 -66.98
CA ILE O 102 -52.10 -43.65 -66.51
C ILE O 102 -52.00 -45.12 -66.98
N SER O 103 -52.84 -45.53 -67.91
CA SER O 103 -52.68 -46.78 -68.64
C SER O 103 -52.26 -46.32 -70.02
N LEU O 104 -52.34 -47.18 -71.03
CA LEU O 104 -52.15 -46.73 -72.40
C LEU O 104 -53.37 -45.87 -72.74
N ASP O 105 -53.26 -44.56 -72.47
CA ASP O 105 -54.41 -43.67 -72.35
C ASP O 105 -55.09 -43.37 -73.66
N TYR O 106 -54.33 -43.23 -74.73
CA TYR O 106 -54.89 -43.22 -76.08
C TYR O 106 -54.33 -44.45 -76.78
N TRP O 107 -55.21 -45.25 -77.34
CA TRP O 107 -54.81 -46.48 -78.01
C TRP O 107 -54.27 -46.12 -79.38
N GLY O 108 -53.38 -46.95 -79.88
CA GLY O 108 -52.75 -46.70 -81.16
C GLY O 108 -53.64 -47.07 -82.33
N GLN O 109 -53.10 -46.87 -83.53
CA GLN O 109 -53.85 -47.17 -84.73
C GLN O 109 -53.91 -48.66 -85.01
N GLY O 110 -52.87 -49.40 -84.65
CA GLY O 110 -52.85 -50.81 -84.91
C GLY O 110 -52.36 -51.13 -86.33
N THR O 111 -51.52 -52.14 -86.42
CA THR O 111 -51.01 -52.64 -87.70
C THR O 111 -51.17 -54.14 -87.72
N THR O 112 -52.01 -54.65 -88.62
CA THR O 112 -52.30 -56.07 -88.70
C THR O 112 -51.27 -56.74 -89.62
N LEU O 113 -50.28 -57.36 -89.01
CA LEU O 113 -49.24 -58.09 -89.72
C LEU O 113 -49.78 -59.46 -90.11
N THR O 114 -49.88 -59.68 -91.43
CA THR O 114 -50.28 -60.95 -92.01
C THR O 114 -49.06 -61.48 -92.77
N VAL O 115 -48.47 -62.56 -92.29
CA VAL O 115 -47.42 -63.26 -93.01
C VAL O 115 -48.10 -64.23 -93.97
N SER O 116 -47.70 -64.20 -95.24
CA SER O 116 -48.31 -65.09 -96.22
C SER O 116 -47.57 -65.09 -97.55
N SER O 117 -47.85 -66.09 -98.39
CA SER O 117 -47.22 -66.16 -99.70
C SER O 117 -48.00 -65.34 -100.73
N ALA O 118 -47.28 -64.51 -101.48
CA ALA O 118 -47.88 -63.74 -102.57
C ALA O 118 -46.82 -63.02 -103.39
N LYS O 119 -47.04 -62.91 -104.69
CA LYS O 119 -46.09 -62.25 -105.57
C LYS O 119 -46.42 -60.77 -105.73
N THR O 120 -45.80 -60.10 -106.69
CA THR O 120 -46.13 -58.73 -107.04
C THR O 120 -47.13 -58.84 -108.17
N THR O 121 -48.38 -59.13 -107.82
CA THR O 121 -49.44 -59.40 -108.78
C THR O 121 -50.32 -58.17 -108.87
N ALA O 122 -51.32 -58.23 -109.76
CA ALA O 122 -52.15 -57.06 -110.00
C ALA O 122 -53.56 -57.27 -109.45
N PRO O 123 -54.06 -56.34 -108.64
CA PRO O 123 -55.47 -56.41 -108.22
C PRO O 123 -56.36 -55.71 -109.22
N SER O 124 -57.53 -56.29 -109.45
CA SER O 124 -58.41 -55.90 -110.53
C SER O 124 -59.63 -55.17 -109.97
N VAL O 125 -60.06 -54.13 -110.67
CA VAL O 125 -61.29 -53.42 -110.35
C VAL O 125 -62.36 -53.90 -111.31
N TYR O 126 -63.33 -54.65 -110.80
CA TYR O 126 -64.44 -55.19 -111.56
C TYR O 126 -65.68 -54.34 -111.29
N PRO O 127 -66.36 -53.84 -112.33
CA PRO O 127 -67.44 -52.90 -112.11
C PRO O 127 -68.77 -53.60 -111.82
N LEU O 128 -69.36 -53.25 -110.70
CA LEU O 128 -70.67 -53.75 -110.28
C LEU O 128 -71.56 -52.51 -110.19
N ALA O 129 -72.31 -52.26 -111.22
CA ALA O 129 -73.39 -51.30 -111.26
C ALA O 129 -74.71 -51.98 -110.95
N PRO O 130 -75.82 -51.25 -110.99
CA PRO O 130 -77.14 -51.89 -110.93
C PRO O 130 -77.47 -52.61 -112.23
N VAL O 131 -78.59 -53.33 -112.19
CA VAL O 131 -78.99 -54.27 -113.24
C VAL O 131 -79.38 -53.57 -114.53
N CYS O 132 -79.20 -54.27 -115.66
CA CYS O 132 -79.55 -53.73 -116.96
C CYS O 132 -81.04 -53.55 -117.13
N GLY O 133 -81.84 -54.43 -116.54
CA GLY O 133 -83.26 -54.18 -116.33
C GLY O 133 -83.39 -53.18 -115.20
N GLY O 134 -84.17 -52.13 -115.44
CA GLY O 134 -84.21 -51.03 -114.51
C GLY O 134 -82.92 -50.22 -114.55
N THR O 135 -82.24 -50.11 -113.42
CA THR O 135 -81.00 -49.35 -113.29
C THR O 135 -81.29 -47.84 -113.23
N THR O 136 -82.53 -47.54 -112.87
CA THR O 136 -83.01 -46.18 -112.67
C THR O 136 -84.10 -46.26 -111.60
N GLY O 137 -83.81 -45.74 -110.42
CA GLY O 137 -84.77 -45.71 -109.33
C GLY O 137 -84.43 -44.61 -108.36
N SER O 138 -84.77 -44.85 -107.09
CA SER O 138 -84.26 -43.99 -106.02
C SER O 138 -82.77 -44.16 -105.84
N SER O 139 -82.25 -45.37 -106.03
CA SER O 139 -80.81 -45.61 -106.02
C SER O 139 -80.36 -46.52 -107.16
N VAL O 140 -79.05 -46.74 -107.20
CA VAL O 140 -78.41 -47.66 -108.14
C VAL O 140 -77.12 -48.11 -107.49
N THR O 141 -76.89 -49.42 -107.47
CA THR O 141 -75.83 -50.01 -106.68
C THR O 141 -74.55 -50.03 -107.51
N LEU O 142 -73.94 -48.86 -107.67
CA LEU O 142 -72.76 -48.75 -108.51
C LEU O 142 -71.53 -49.11 -107.68
N GLY O 143 -70.39 -49.24 -108.34
CA GLY O 143 -69.17 -49.37 -107.58
C GLY O 143 -68.19 -50.34 -108.20
N CYS O 144 -67.07 -50.51 -107.51
CA CYS O 144 -65.97 -51.29 -108.04
C CYS O 144 -65.52 -52.28 -106.99
N LEU O 145 -65.18 -53.48 -107.42
CA LEU O 145 -64.68 -54.54 -106.54
C LEU O 145 -63.20 -54.73 -106.86
N VAL O 146 -62.42 -55.06 -105.84
CA VAL O 146 -61.01 -55.40 -106.02
C VAL O 146 -60.91 -56.92 -105.91
N LYS O 147 -60.78 -57.60 -107.05
CA LYS O 147 -60.62 -59.04 -107.10
C LYS O 147 -59.20 -59.39 -107.51
N GLY O 148 -58.65 -60.42 -106.86
CA GLY O 148 -57.32 -60.92 -107.19
C GLY O 148 -56.22 -60.00 -106.69
N TYR O 149 -56.37 -59.48 -105.49
CA TYR O 149 -55.45 -58.48 -104.96
C TYR O 149 -54.51 -59.09 -103.94
N PHE O 150 -53.33 -59.48 -104.42
CA PHE O 150 -52.32 -60.14 -103.60
C PHE O 150 -50.99 -60.05 -104.33
N PRO O 151 -49.89 -59.76 -103.63
CA PRO O 151 -49.53 -59.48 -102.24
C PRO O 151 -49.78 -58.00 -101.92
N GLU O 152 -49.12 -57.48 -100.88
CA GLU O 152 -49.44 -56.17 -100.31
C GLU O 152 -49.10 -55.02 -101.26
N PRO O 153 -50.12 -54.26 -101.71
CA PRO O 153 -51.53 -54.40 -101.33
C PRO O 153 -52.43 -54.93 -102.44
N VAL O 154 -53.65 -55.26 -102.05
CA VAL O 154 -54.76 -55.32 -103.00
C VAL O 154 -55.88 -54.52 -102.38
N THR O 155 -55.93 -53.23 -102.69
CA THR O 155 -56.87 -52.35 -102.01
C THR O 155 -57.95 -51.87 -102.96
N LEU O 156 -59.21 -52.12 -102.62
CA LEU O 156 -60.32 -51.77 -103.51
C LEU O 156 -61.31 -50.90 -102.74
N THR O 157 -61.50 -49.67 -103.23
CA THR O 157 -62.34 -48.68 -102.56
C THR O 157 -63.37 -48.14 -103.56
N TRP O 158 -64.58 -47.88 -103.05
CA TRP O 158 -65.79 -47.76 -103.87
C TRP O 158 -66.23 -46.32 -104.03
N ASN O 159 -66.70 -45.99 -105.24
CA ASN O 159 -67.28 -44.70 -105.57
C ASN O 159 -66.23 -43.63 -105.91
N SER O 160 -64.98 -44.07 -106.02
CA SER O 160 -63.83 -43.21 -106.33
C SER O 160 -63.45 -42.28 -105.19
N GLY O 161 -63.93 -42.56 -103.98
CA GLY O 161 -63.87 -41.64 -102.87
C GLY O 161 -64.95 -40.58 -102.85
N SER O 162 -65.59 -40.29 -103.99
CA SER O 162 -66.63 -39.27 -104.05
C SER O 162 -68.00 -39.83 -103.78
N LEU O 163 -68.35 -40.97 -104.37
CA LEU O 163 -69.60 -41.67 -104.08
C LEU O 163 -69.28 -42.80 -103.11
N SER O 164 -68.65 -42.45 -102.00
CA SER O 164 -68.12 -43.45 -101.08
C SER O 164 -68.85 -43.49 -99.75
N SER O 165 -69.42 -42.39 -99.30
CA SER O 165 -70.24 -42.39 -98.09
C SER O 165 -71.59 -43.03 -98.37
N GLY O 166 -71.86 -44.16 -97.72
CA GLY O 166 -73.07 -44.90 -98.00
C GLY O 166 -72.85 -46.12 -98.87
N VAL O 167 -71.66 -46.72 -98.80
CA VAL O 167 -71.30 -47.89 -99.61
C VAL O 167 -70.92 -49.02 -98.67
N HIS O 168 -71.28 -50.24 -99.06
CA HIS O 168 -70.86 -51.46 -98.36
C HIS O 168 -69.55 -51.91 -98.99
N THR O 169 -68.51 -52.05 -98.16
CA THR O 169 -67.18 -52.39 -98.62
C THR O 169 -66.65 -53.64 -97.91
N PHE O 170 -65.64 -54.27 -98.52
CA PHE O 170 -64.96 -55.44 -97.97
C PHE O 170 -63.50 -55.44 -98.38
N PRO O 171 -62.59 -55.88 -97.50
CA PRO O 171 -61.18 -56.01 -97.89
C PRO O 171 -60.92 -57.36 -98.56
N ALA O 172 -59.64 -57.64 -98.84
CA ALA O 172 -59.25 -58.77 -99.67
C ALA O 172 -59.42 -60.11 -98.95
N LEU O 173 -60.35 -60.92 -99.45
CA LEU O 173 -60.64 -62.24 -98.90
C LEU O 173 -60.08 -63.30 -99.85
N LEU O 174 -59.67 -64.43 -99.30
CA LEU O 174 -58.86 -65.39 -100.04
C LEU O 174 -59.73 -66.20 -101.01
N GLN O 175 -59.54 -65.94 -102.30
CA GLN O 175 -59.96 -66.85 -103.36
C GLN O 175 -58.67 -67.46 -103.91
N SER O 176 -58.27 -68.61 -103.35
CA SER O 176 -57.02 -69.26 -103.70
C SER O 176 -55.80 -68.44 -103.29
N GLY O 177 -55.94 -67.65 -102.23
CA GLY O 177 -54.92 -66.70 -101.87
C GLY O 177 -54.93 -65.42 -102.68
N LEU O 178 -55.92 -65.22 -103.57
CA LEU O 178 -56.09 -63.96 -104.27
C LEU O 178 -57.11 -63.14 -103.52
N TYR O 179 -56.72 -61.93 -103.12
CA TYR O 179 -57.54 -61.10 -102.26
C TYR O 179 -58.68 -60.46 -103.05
N THR O 180 -59.90 -60.65 -102.57
CA THR O 180 -61.10 -60.20 -103.25
C THR O 180 -62.07 -59.56 -102.24
N LEU O 181 -62.40 -58.30 -102.50
CA LEU O 181 -63.39 -57.56 -101.73
C LEU O 181 -64.14 -56.66 -102.69
N SER O 182 -65.13 -55.93 -102.17
CA SER O 182 -65.99 -55.14 -103.03
C SER O 182 -66.13 -53.74 -102.46
N SER O 183 -66.62 -52.83 -103.29
CA SER O 183 -67.01 -51.50 -102.85
C SER O 183 -68.25 -51.12 -103.63
N SER O 184 -69.40 -51.43 -103.05
CA SER O 184 -70.68 -51.12 -103.65
C SER O 184 -71.21 -49.86 -103.00
N VAL O 185 -71.12 -48.77 -103.75
CA VAL O 185 -71.71 -47.50 -103.36
C VAL O 185 -73.12 -47.48 -103.92
N THR O 186 -74.10 -47.57 -103.04
CA THR O 186 -75.48 -47.32 -103.40
C THR O 186 -75.60 -45.82 -103.58
N VAL O 187 -75.71 -45.39 -104.83
CA VAL O 187 -75.81 -43.96 -105.15
C VAL O 187 -77.27 -43.71 -105.51
N THR O 188 -77.59 -42.45 -105.74
CA THR O 188 -78.92 -42.10 -106.24
C THR O 188 -79.07 -42.59 -107.66
N SER O 189 -80.32 -42.84 -108.06
CA SER O 189 -80.60 -43.38 -109.39
C SER O 189 -80.29 -42.40 -110.50
N ASN O 190 -80.35 -41.10 -110.23
CA ASN O 190 -79.86 -40.12 -111.19
C ASN O 190 -78.37 -39.88 -111.03
N THR O 191 -77.81 -40.24 -109.87
CA THR O 191 -76.37 -40.08 -109.67
C THR O 191 -75.60 -41.30 -110.18
N TRP O 192 -76.10 -42.50 -109.87
CA TRP O 192 -75.40 -43.73 -110.19
C TRP O 192 -76.17 -44.54 -111.24
N PRO O 193 -75.46 -45.21 -112.16
CA PRO O 193 -74.00 -45.26 -112.33
C PRO O 193 -73.54 -44.34 -113.46
N SER O 194 -74.33 -43.30 -113.76
CA SER O 194 -73.98 -42.39 -114.83
C SER O 194 -72.83 -41.47 -114.42
N GLN O 195 -72.83 -41.05 -113.15
CA GLN O 195 -71.77 -40.21 -112.61
C GLN O 195 -70.57 -41.05 -112.22
N THR O 196 -69.56 -40.39 -111.65
CA THR O 196 -68.36 -41.08 -111.18
C THR O 196 -68.66 -41.85 -109.90
N ILE O 197 -68.93 -43.15 -110.06
CA ILE O 197 -69.12 -44.06 -108.94
C ILE O 197 -68.48 -45.38 -109.32
N THR O 198 -67.25 -45.59 -108.88
CA THR O 198 -66.50 -46.79 -109.23
C THR O 198 -65.32 -46.92 -108.29
N CYS O 199 -64.70 -48.09 -108.27
CA CYS O 199 -63.70 -48.39 -107.25
C CYS O 199 -62.31 -48.49 -107.85
N ASN O 200 -61.31 -48.17 -107.03
CA ASN O 200 -59.90 -48.30 -107.39
C ASN O 200 -59.27 -49.43 -106.58
N VAL O 201 -58.41 -50.23 -107.22
CA VAL O 201 -57.70 -51.33 -106.59
C VAL O 201 -56.20 -51.15 -106.83
N ALA O 202 -55.42 -51.14 -105.75
CA ALA O 202 -54.03 -50.71 -105.79
C ALA O 202 -53.10 -51.82 -105.32
N HIS O 203 -51.83 -51.75 -105.77
CA HIS O 203 -50.78 -52.74 -105.52
C HIS O 203 -49.45 -52.04 -105.24
N PRO O 204 -49.01 -52.01 -103.99
CA PRO O 204 -47.83 -51.19 -103.65
C PRO O 204 -46.50 -51.88 -103.83
N ALA O 205 -46.49 -53.22 -103.89
CA ALA O 205 -45.23 -53.95 -104.01
C ALA O 205 -44.62 -53.80 -105.40
N SER O 206 -45.46 -53.55 -106.40
CA SER O 206 -45.00 -53.06 -107.69
C SER O 206 -45.02 -51.55 -107.78
N SER O 207 -45.65 -50.86 -106.82
CA SER O 207 -45.79 -49.41 -106.85
C SER O 207 -46.69 -48.93 -107.99
N THR O 208 -47.94 -49.40 -108.00
CA THR O 208 -48.93 -49.01 -109.01
C THR O 208 -50.36 -49.30 -108.54
N LYS O 209 -51.32 -49.21 -109.46
CA LYS O 209 -52.74 -49.46 -109.16
C LYS O 209 -53.55 -49.59 -110.45
N VAL O 210 -54.87 -49.68 -110.33
CA VAL O 210 -55.79 -49.66 -111.46
C VAL O 210 -57.21 -49.44 -110.96
N ASP O 211 -58.02 -48.68 -111.69
CA ASP O 211 -59.38 -48.33 -111.27
C ASP O 211 -60.39 -48.83 -112.29
N LYS O 212 -61.62 -49.12 -111.83
CA LYS O 212 -62.72 -49.53 -112.68
C LYS O 212 -63.97 -48.79 -112.24
N LYS O 213 -64.64 -48.13 -113.18
CA LYS O 213 -65.83 -47.33 -112.88
C LYS O 213 -67.09 -48.17 -113.06
N ILE O 214 -67.92 -48.19 -112.02
CA ILE O 214 -69.07 -49.08 -111.95
C ILE O 214 -70.28 -48.34 -112.49
N GLU O 215 -70.55 -48.48 -113.77
CA GLU O 215 -71.63 -47.77 -114.42
C GLU O 215 -72.86 -48.66 -114.51
N SER O 216 -73.96 -48.07 -114.98
CA SER O 216 -75.24 -48.77 -115.01
C SER O 216 -75.25 -49.81 -116.12
N ARG O 217 -76.14 -50.81 -115.95
CA ARG O 217 -76.25 -51.89 -116.92
C ARG O 217 -76.95 -51.47 -118.21
N ARG O 218 -77.63 -50.32 -118.21
CA ARG O 218 -78.10 -49.73 -119.44
C ARG O 218 -76.93 -48.99 -120.07
N GLN P 1 -47.95 -64.27 -66.13
CA GLN P 1 -48.30 -63.30 -65.10
C GLN P 1 -49.80 -63.06 -65.07
N ALA P 2 -50.28 -62.18 -65.95
CA ALA P 2 -51.71 -61.96 -66.08
C ALA P 2 -51.99 -61.09 -67.29
N VAL P 3 -52.94 -61.54 -68.09
CA VAL P 3 -53.51 -60.78 -69.19
C VAL P 3 -55.00 -60.82 -68.88
N VAL P 4 -55.58 -59.64 -68.63
CA VAL P 4 -56.79 -59.50 -67.83
C VAL P 4 -58.00 -60.01 -68.59
N THR P 5 -58.94 -60.61 -67.86
CA THR P 5 -60.22 -61.00 -68.42
C THR P 5 -61.23 -59.98 -67.92
N GLN P 6 -62.44 -60.05 -68.44
CA GLN P 6 -63.49 -59.16 -67.96
C GLN P 6 -64.43 -59.98 -67.11
N GLU P 7 -65.29 -59.27 -66.39
CA GLU P 7 -66.56 -59.85 -66.01
C GLU P 7 -67.24 -60.24 -67.31
N SER P 8 -67.53 -61.55 -67.43
CA SER P 8 -67.73 -62.23 -68.71
C SER P 8 -68.95 -61.74 -69.47
N ALA P 9 -69.91 -61.15 -68.75
CA ALA P 9 -70.88 -60.26 -69.36
C ALA P 9 -70.89 -58.96 -68.58
N LEU P 10 -70.37 -57.90 -69.21
CA LEU P 10 -70.60 -56.55 -68.72
C LEU P 10 -71.33 -55.81 -69.83
N THR P 11 -72.63 -56.07 -69.94
CA THR P 11 -73.43 -55.63 -71.07
C THR P 11 -74.54 -54.75 -70.54
N THR P 12 -75.03 -53.85 -71.39
CA THR P 12 -76.09 -52.95 -70.98
C THR P 12 -77.12 -52.83 -72.10
N SER P 13 -78.08 -51.94 -71.89
CA SER P 13 -79.12 -51.44 -72.76
C SER P 13 -78.60 -50.22 -73.50
N PRO P 14 -79.46 -49.52 -74.25
CA PRO P 14 -79.08 -48.20 -74.77
C PRO P 14 -78.84 -47.23 -73.63
N GLY P 15 -77.58 -46.77 -73.51
CA GLY P 15 -77.12 -46.10 -72.32
C GLY P 15 -76.79 -47.02 -71.17
N GLU P 16 -76.83 -48.33 -71.37
CA GLU P 16 -76.63 -49.29 -70.31
C GLU P 16 -75.14 -49.49 -70.06
N THR P 17 -74.83 -49.70 -68.80
CA THR P 17 -73.46 -49.66 -68.32
C THR P 17 -72.78 -50.97 -68.63
N VAL P 18 -71.65 -50.87 -69.34
CA VAL P 18 -70.66 -51.94 -69.37
C VAL P 18 -69.90 -51.80 -68.05
N THR P 19 -70.39 -52.49 -67.03
CA THR P 19 -69.77 -52.48 -65.71
C THR P 19 -68.85 -53.68 -65.64
N LEU P 20 -67.84 -53.68 -66.50
CA LEU P 20 -66.99 -54.83 -66.71
C LEU P 20 -65.98 -54.92 -65.59
N THR P 21 -66.05 -56.03 -64.87
CA THR P 21 -65.10 -56.36 -63.84
C THR P 21 -63.90 -57.04 -64.49
N CYS P 22 -62.96 -56.21 -64.94
CA CYS P 22 -61.73 -56.67 -65.57
C CYS P 22 -60.86 -57.23 -64.47
N ARG P 23 -60.97 -58.52 -64.26
CA ARG P 23 -60.19 -59.21 -63.24
C ARG P 23 -58.97 -59.83 -63.92
N SER P 24 -58.13 -60.45 -63.11
CA SER P 24 -57.04 -61.27 -63.61
C SER P 24 -57.20 -62.67 -63.04
N ASN P 25 -56.17 -63.48 -63.21
CA ASN P 25 -55.95 -64.62 -62.33
C ASN P 25 -55.10 -64.25 -61.12
N ILE P 26 -54.93 -62.96 -60.84
CA ILE P 26 -54.11 -62.49 -59.72
C ILE P 26 -54.91 -62.18 -58.47
N GLY P 27 -55.74 -61.14 -58.47
CA GLY P 27 -56.42 -60.75 -57.26
C GLY P 27 -56.97 -59.34 -57.35
N ALA P 28 -56.91 -58.64 -56.20
CA ALA P 28 -57.50 -57.31 -56.08
C ALA P 28 -56.68 -56.27 -56.84
N VAL P 29 -57.34 -55.61 -57.78
CA VAL P 29 -56.71 -54.54 -58.53
C VAL P 29 -56.85 -53.23 -57.76
N THR P 30 -55.82 -52.40 -57.83
CA THR P 30 -55.80 -51.11 -57.17
C THR P 30 -55.68 -50.02 -58.23
N SER P 31 -55.52 -48.77 -57.77
CA SER P 31 -55.15 -47.70 -58.69
C SER P 31 -53.72 -47.86 -59.17
N SER P 32 -52.85 -48.45 -58.36
CA SER P 32 -51.53 -48.90 -58.81
C SER P 32 -51.62 -50.26 -59.48
N ASN P 33 -52.60 -51.08 -59.10
CA ASN P 33 -53.00 -52.23 -59.90
C ASN P 33 -53.62 -51.79 -61.23
N CYS P 34 -54.23 -50.61 -61.26
CA CYS P 34 -54.40 -49.81 -62.46
C CYS P 34 -55.44 -50.41 -63.41
N ALA P 35 -56.54 -50.88 -62.83
CA ALA P 35 -57.53 -51.64 -63.60
C ALA P 35 -58.35 -50.73 -64.51
N ASN P 36 -57.72 -50.28 -65.58
CA ASN P 36 -58.22 -49.17 -66.38
C ASN P 36 -59.13 -49.71 -67.47
N TRP P 37 -60.30 -49.09 -67.60
CA TRP P 37 -61.36 -49.61 -68.44
C TRP P 37 -61.21 -49.03 -69.83
N VAL P 38 -60.32 -49.61 -70.61
CA VAL P 38 -60.15 -49.24 -71.99
C VAL P 38 -61.33 -49.81 -72.77
N GLN P 39 -62.14 -48.91 -73.30
CA GLN P 39 -63.31 -49.28 -74.09
C GLN P 39 -63.10 -48.78 -75.50
N GLU P 40 -62.93 -49.72 -76.43
CA GLU P 40 -62.67 -49.42 -77.83
C GLU P 40 -63.80 -50.03 -78.65
N LYS P 41 -63.88 -49.62 -79.91
CA LYS P 41 -64.90 -50.04 -80.87
C LYS P 41 -64.58 -51.42 -81.43
N PRO P 42 -65.35 -51.86 -82.43
CA PRO P 42 -65.10 -53.18 -83.04
C PRO P 42 -63.85 -53.17 -83.89
N ASP P 43 -63.35 -54.38 -84.18
CA ASP P 43 -62.16 -54.57 -85.00
C ASP P 43 -60.85 -54.29 -84.27
N HIS P 44 -60.86 -54.37 -82.93
CA HIS P 44 -59.66 -54.21 -82.09
C HIS P 44 -59.04 -52.82 -82.19
N PHE P 45 -59.85 -51.79 -81.96
CA PHE P 45 -59.39 -50.40 -82.06
C PHE P 45 -59.08 -49.94 -80.63
N PHE P 46 -57.87 -49.41 -80.44
CA PHE P 46 -57.40 -49.02 -79.13
C PHE P 46 -58.13 -47.77 -78.68
N THR P 47 -58.98 -47.93 -77.67
CA THR P 47 -59.86 -46.89 -77.18
C THR P 47 -60.01 -47.02 -75.68
N GLY P 48 -60.05 -45.88 -74.99
CA GLY P 48 -60.10 -45.83 -73.54
C GLY P 48 -61.37 -45.14 -73.05
N LEU P 49 -62.20 -45.90 -72.35
CA LEU P 49 -63.38 -45.33 -71.72
C LEU P 49 -63.06 -44.87 -70.31
N ILE P 50 -62.45 -45.74 -69.51
CA ILE P 50 -62.03 -45.44 -68.15
C ILE P 50 -60.51 -45.53 -68.08
N GLY P 51 -59.88 -44.55 -67.44
CA GLY P 51 -58.44 -44.46 -67.44
C GLY P 51 -57.86 -44.78 -66.08
N ASP P 52 -57.17 -45.92 -66.00
CA ASP P 52 -56.32 -46.25 -64.86
C ASP P 52 -57.09 -46.82 -63.67
N THR P 53 -58.40 -46.97 -63.82
CA THR P 53 -59.24 -47.55 -62.79
C THR P 53 -59.63 -46.55 -61.70
N ASN P 54 -59.24 -45.28 -61.87
CA ASN P 54 -59.70 -44.24 -60.97
C ASN P 54 -60.05 -42.97 -61.73
N ASN P 55 -59.82 -42.93 -63.03
CA ASN P 55 -60.09 -41.76 -63.85
C ASN P 55 -60.77 -42.24 -65.13
N ARG P 56 -61.24 -41.29 -65.93
CA ARG P 56 -61.91 -41.62 -67.19
C ARG P 56 -60.92 -41.58 -68.34
N ARG P 57 -61.16 -42.42 -69.34
CA ARG P 57 -60.26 -42.49 -70.47
C ARG P 57 -60.68 -41.50 -71.54
N SER P 58 -59.71 -40.77 -72.06
CA SER P 58 -59.94 -39.85 -73.16
C SER P 58 -60.25 -40.63 -74.43
N GLY P 59 -61.06 -40.04 -75.29
CA GLY P 59 -61.57 -40.78 -76.42
C GLY P 59 -62.61 -41.80 -76.06
N VAL P 60 -63.23 -41.66 -74.89
CA VAL P 60 -64.37 -42.47 -74.47
C VAL P 60 -65.56 -41.54 -74.33
N PRO P 61 -66.78 -42.05 -74.33
CA PRO P 61 -67.94 -41.18 -74.11
C PRO P 61 -68.08 -40.78 -72.65
N ALA P 62 -69.08 -39.96 -72.37
CA ALA P 62 -69.29 -39.43 -71.02
C ALA P 62 -69.92 -40.43 -70.06
N ARG P 63 -70.27 -41.64 -70.52
CA ARG P 63 -70.75 -42.67 -69.63
C ARG P 63 -69.64 -43.41 -68.91
N PHE P 64 -68.39 -43.22 -69.30
CA PHE P 64 -67.30 -44.07 -68.86
C PHE P 64 -66.70 -43.58 -67.55
N SER P 65 -66.19 -44.52 -66.76
CA SER P 65 -65.29 -44.22 -65.66
C SER P 65 -64.39 -45.43 -65.43
N GLY P 66 -63.20 -45.18 -64.87
CA GLY P 66 -62.37 -46.26 -64.42
C GLY P 66 -62.77 -46.64 -63.01
N SER P 67 -62.69 -47.92 -62.65
CA SER P 67 -63.28 -48.34 -61.38
C SER P 67 -62.75 -49.72 -61.02
N LEU P 68 -63.44 -50.36 -60.06
CA LEU P 68 -63.22 -51.75 -59.68
C LEU P 68 -64.53 -52.50 -59.87
N ILE P 69 -64.43 -53.80 -60.19
CA ILE P 69 -65.60 -54.63 -60.51
C ILE P 69 -65.23 -56.07 -60.23
N GLY P 70 -66.21 -56.86 -59.78
CA GLY P 70 -65.95 -58.25 -59.44
C GLY P 70 -65.16 -58.31 -58.16
N ASP P 71 -63.92 -58.79 -58.27
CA ASP P 71 -62.91 -58.62 -57.23
C ASP P 71 -61.62 -58.02 -57.79
N LYS P 72 -61.70 -57.37 -58.95
CA LYS P 72 -60.51 -56.89 -59.64
C LYS P 72 -60.77 -55.49 -60.18
N ALA P 73 -59.98 -55.08 -61.18
CA ALA P 73 -60.09 -53.75 -61.77
C ALA P 73 -61.32 -53.67 -62.66
N ALA P 74 -61.59 -52.51 -63.24
CA ALA P 74 -62.85 -52.43 -63.96
C ALA P 74 -63.02 -51.18 -64.80
N LEU P 75 -63.92 -51.32 -65.77
CA LEU P 75 -64.50 -50.19 -66.48
C LEU P 75 -65.96 -50.11 -66.03
N THR P 76 -66.30 -49.00 -65.40
CA THR P 76 -67.69 -48.69 -65.11
C THR P 76 -68.15 -47.71 -66.18
N ILE P 77 -68.44 -48.24 -67.37
CA ILE P 77 -68.93 -47.43 -68.47
C ILE P 77 -70.43 -47.36 -68.30
N THR P 78 -70.88 -46.47 -67.41
CA THR P 78 -72.29 -46.32 -67.07
C THR P 78 -72.88 -45.36 -68.09
N GLY P 79 -73.26 -45.89 -69.24
CA GLY P 79 -73.54 -45.07 -70.40
C GLY P 79 -72.65 -45.39 -71.57
N ALA P 80 -72.29 -46.67 -71.70
CA ALA P 80 -71.85 -47.20 -72.97
C ALA P 80 -73.06 -47.37 -73.89
N GLN P 81 -73.02 -46.71 -75.04
CA GLN P 81 -74.20 -46.54 -75.89
C GLN P 81 -74.25 -47.63 -76.96
N THR P 82 -75.24 -47.50 -77.85
CA THR P 82 -75.52 -48.55 -78.83
C THR P 82 -74.52 -48.56 -79.97
N GLU P 83 -73.78 -47.46 -80.16
CA GLU P 83 -72.68 -47.47 -81.11
C GLU P 83 -71.40 -47.99 -80.50
N ASP P 84 -71.37 -48.23 -79.19
CA ASP P 84 -70.19 -48.67 -78.48
C ASP P 84 -70.06 -50.18 -78.39
N GLU P 85 -70.56 -50.91 -79.38
CA GLU P 85 -70.37 -52.36 -79.44
C GLU P 85 -68.90 -52.65 -79.75
N ALA P 86 -68.15 -53.00 -78.72
CA ALA P 86 -66.69 -53.02 -78.82
C ALA P 86 -66.13 -53.66 -77.56
N ILE P 87 -64.80 -53.65 -77.44
CA ILE P 87 -64.09 -54.34 -76.37
C ILE P 87 -63.79 -53.35 -75.25
N TYR P 88 -64.46 -53.52 -74.12
CA TYR P 88 -64.22 -52.74 -72.92
C TYR P 88 -63.63 -53.66 -71.86
N PHE P 89 -62.36 -53.46 -71.55
CA PHE P 89 -61.67 -54.27 -70.56
C PHE P 89 -60.96 -53.38 -69.55
N CYS P 90 -61.05 -53.74 -68.28
CA CYS P 90 -60.30 -53.11 -67.20
C CYS P 90 -58.99 -53.87 -67.03
N ALA P 91 -57.93 -53.32 -67.60
CA ALA P 91 -56.63 -53.98 -67.67
C ALA P 91 -55.84 -53.64 -66.42
N LEU P 92 -54.62 -54.18 -66.32
CA LEU P 92 -53.80 -54.01 -65.13
C LEU P 92 -52.65 -53.03 -65.37
N TRP P 93 -52.52 -52.06 -64.48
CA TRP P 93 -51.34 -51.21 -64.45
C TRP P 93 -50.31 -51.86 -63.55
N TYR P 94 -49.03 -51.71 -63.90
CA TYR P 94 -47.95 -52.42 -63.23
C TYR P 94 -46.78 -51.47 -62.98
N ASN P 95 -46.93 -50.23 -63.42
CA ASN P 95 -45.90 -49.24 -63.18
C ASN P 95 -44.73 -49.39 -64.14
N ASN P 96 -44.88 -50.16 -65.21
CA ASN P 96 -43.83 -50.23 -66.23
C ASN P 96 -44.47 -50.09 -67.60
N LEU P 97 -45.72 -50.50 -67.71
CA LEU P 97 -46.51 -50.30 -68.92
C LEU P 97 -47.90 -50.82 -68.62
N TRP P 98 -48.88 -50.30 -69.35
CA TRP P 98 -50.26 -50.71 -69.16
C TRP P 98 -50.46 -52.09 -69.77
N VAL P 99 -50.45 -53.12 -68.92
CA VAL P 99 -50.63 -54.49 -69.37
C VAL P 99 -52.13 -54.71 -69.50
N PHE P 100 -52.62 -54.67 -70.72
CA PHE P 100 -54.03 -54.54 -70.98
C PHE P 100 -54.76 -55.85 -70.71
N GLY P 101 -56.09 -55.76 -70.69
CA GLY P 101 -56.91 -56.93 -70.52
C GLY P 101 -57.17 -57.65 -71.83
N GLY P 102 -58.13 -58.57 -71.79
CA GLY P 102 -58.65 -59.13 -73.01
C GLY P 102 -59.75 -58.33 -73.66
N GLY P 103 -60.43 -57.49 -72.88
CA GLY P 103 -61.53 -56.74 -73.43
C GLY P 103 -62.81 -57.55 -73.46
N THR P 104 -63.88 -56.94 -72.97
CA THR P 104 -65.19 -57.56 -72.96
C THR P 104 -65.98 -57.01 -74.12
N LYS P 105 -66.38 -57.88 -75.04
CA LYS P 105 -67.10 -57.47 -76.24
C LYS P 105 -68.53 -57.10 -75.86
N LEU P 106 -69.02 -55.99 -76.42
CA LEU P 106 -70.35 -55.49 -76.12
C LEU P 106 -71.10 -55.24 -77.42
N THR P 107 -72.40 -55.52 -77.41
CA THR P 107 -73.31 -55.25 -78.52
C THR P 107 -74.30 -54.19 -78.06
N VAL P 108 -75.06 -53.64 -78.99
CA VAL P 108 -75.93 -52.50 -78.72
C VAL P 108 -77.32 -53.01 -78.37
N LEU P 109 -77.72 -52.81 -77.12
CA LEU P 109 -79.13 -52.91 -76.76
C LEU P 109 -79.85 -51.71 -77.34
N GLY P 110 -80.87 -51.97 -78.16
CA GLY P 110 -81.40 -50.93 -79.01
C GLY P 110 -80.82 -51.10 -80.40
N GLN P 111 -80.87 -50.00 -81.17
CA GLN P 111 -80.40 -50.00 -82.55
C GLN P 111 -81.23 -50.94 -83.43
N PRO P 112 -82.43 -50.53 -83.84
CA PRO P 112 -83.39 -51.47 -84.44
C PRO P 112 -83.01 -51.98 -85.83
N LYS P 113 -83.90 -52.80 -86.40
CA LYS P 113 -83.61 -53.74 -87.48
C LYS P 113 -83.23 -53.14 -88.83
N SER P 114 -82.83 -54.00 -89.77
CA SER P 114 -82.47 -53.57 -91.12
C SER P 114 -82.30 -54.80 -92.01
N SER P 115 -83.10 -54.89 -93.06
CA SER P 115 -82.95 -55.95 -94.05
C SER P 115 -81.71 -55.70 -94.91
N PRO P 116 -81.23 -56.72 -95.61
CA PRO P 116 -80.02 -56.56 -96.42
C PRO P 116 -80.28 -55.72 -97.68
N SER P 117 -79.73 -54.51 -97.66
CA SER P 117 -79.95 -53.52 -98.71
C SER P 117 -79.16 -53.95 -99.95
N VAL P 118 -79.88 -54.43 -100.96
CA VAL P 118 -79.28 -55.02 -102.15
C VAL P 118 -79.35 -54.02 -103.30
N THR P 119 -78.21 -53.85 -103.97
CA THR P 119 -78.13 -53.34 -105.34
C THR P 119 -77.60 -54.50 -106.16
N LEU P 120 -78.51 -55.23 -106.81
CA LEU P 120 -78.22 -56.53 -107.39
C LEU P 120 -78.20 -56.43 -108.90
N PHE P 121 -77.00 -56.36 -109.48
CA PHE P 121 -76.78 -56.17 -110.89
C PHE P 121 -76.23 -57.43 -111.53
N PRO P 122 -76.09 -57.45 -112.85
CA PRO P 122 -75.51 -58.60 -113.54
C PRO P 122 -74.00 -58.51 -113.58
N PRO P 123 -73.34 -59.39 -114.32
CA PRO P 123 -71.95 -59.12 -114.71
C PRO P 123 -71.93 -57.90 -115.62
N SER P 124 -70.88 -57.10 -115.48
CA SER P 124 -70.83 -55.84 -116.17
C SER P 124 -70.29 -56.01 -117.59
N SER P 125 -69.88 -54.89 -118.18
CA SER P 125 -69.24 -54.92 -119.50
C SER P 125 -67.79 -55.34 -119.42
N GLU P 126 -67.21 -55.40 -118.22
CA GLU P 126 -65.88 -55.96 -118.07
C GLU P 126 -65.90 -57.21 -117.20
N GLU P 127 -66.91 -57.35 -116.32
CA GLU P 127 -67.01 -58.54 -115.50
C GLU P 127 -67.67 -59.69 -116.23
N LEU P 128 -68.33 -59.40 -117.35
CA LEU P 128 -68.93 -60.42 -118.20
C LEU P 128 -68.11 -60.67 -119.45
N GLU P 129 -67.24 -59.76 -119.83
CA GLU P 129 -66.35 -59.88 -120.97
C GLU P 129 -65.02 -60.53 -120.64
N THR P 130 -64.75 -60.81 -119.37
CA THR P 130 -63.55 -61.51 -118.96
C THR P 130 -63.76 -63.02 -118.86
N ASN P 131 -64.74 -63.57 -119.59
CA ASN P 131 -65.12 -64.97 -119.45
C ASN P 131 -65.80 -65.16 -118.09
N LYS P 132 -66.55 -64.16 -117.65
CA LYS P 132 -67.15 -64.18 -116.34
C LYS P 132 -68.66 -64.10 -116.49
N ALA P 133 -69.36 -64.50 -115.43
CA ALA P 133 -70.78 -64.21 -115.31
C ALA P 133 -71.09 -64.18 -113.82
N THR P 134 -71.26 -62.98 -113.30
CA THR P 134 -71.41 -62.75 -111.87
C THR P 134 -72.58 -61.83 -111.63
N LEU P 135 -73.74 -62.42 -111.32
CA LEU P 135 -74.88 -61.65 -110.85
C LEU P 135 -74.52 -61.14 -109.45
N VAL P 136 -74.03 -59.91 -109.40
CA VAL P 136 -73.39 -59.34 -108.21
C VAL P 136 -74.40 -58.49 -107.45
N CYS P 137 -74.71 -58.90 -106.24
CA CYS P 137 -75.51 -58.12 -105.31
C CYS P 137 -74.58 -57.43 -104.33
N THR P 138 -74.45 -56.11 -104.45
CA THR P 138 -73.83 -55.30 -103.42
C THR P 138 -74.83 -55.18 -102.28
N ILE P 139 -74.34 -55.29 -101.05
CA ILE P 139 -75.21 -55.30 -99.87
C ILE P 139 -74.67 -54.29 -98.88
N THR P 140 -75.57 -53.52 -98.29
CA THR P 140 -75.26 -52.61 -97.20
C THR P 140 -76.42 -52.55 -96.22
N ASP P 141 -76.09 -52.15 -94.99
CA ASP P 141 -77.06 -51.66 -94.00
C ASP P 141 -78.00 -52.74 -93.45
N PHE P 142 -77.43 -53.89 -93.08
CA PHE P 142 -78.20 -54.98 -92.49
C PHE P 142 -78.23 -54.85 -90.97
N TYR P 143 -79.42 -55.01 -90.40
CA TYR P 143 -79.61 -54.88 -88.95
C TYR P 143 -80.57 -55.96 -88.46
N PRO P 144 -80.14 -56.85 -87.56
CA PRO P 144 -78.83 -57.14 -86.98
C PRO P 144 -77.97 -57.89 -87.99
N GLY P 145 -76.83 -58.43 -87.54
CA GLY P 145 -75.88 -59.00 -88.47
C GLY P 145 -76.22 -60.35 -89.05
N VAL P 146 -77.38 -60.46 -89.71
CA VAL P 146 -77.73 -61.61 -90.53
C VAL P 146 -78.20 -61.07 -91.88
N VAL P 147 -77.25 -60.94 -92.81
CA VAL P 147 -77.55 -60.53 -94.18
C VAL P 147 -76.63 -61.31 -95.10
N THR P 148 -77.24 -62.26 -95.82
CA THR P 148 -76.50 -63.24 -96.60
C THR P 148 -76.89 -63.10 -98.06
N VAL P 149 -75.90 -62.89 -98.92
CA VAL P 149 -76.10 -62.72 -100.35
C VAL P 149 -75.89 -64.08 -101.01
N ASP P 150 -76.93 -64.58 -101.67
CA ASP P 150 -76.88 -65.90 -102.29
C ASP P 150 -77.16 -65.75 -103.77
N TRP P 151 -76.29 -66.32 -104.60
CA TRP P 151 -76.51 -66.36 -106.03
C TRP P 151 -77.43 -67.53 -106.35
N LYS P 152 -78.54 -67.23 -107.02
CA LYS P 152 -79.43 -68.26 -107.56
C LYS P 152 -79.41 -68.00 -109.05
N VAL P 153 -78.37 -68.49 -109.72
CA VAL P 153 -78.11 -68.19 -111.11
C VAL P 153 -78.80 -69.24 -111.97
N ASP P 154 -79.75 -68.80 -112.79
CA ASP P 154 -80.50 -69.69 -113.66
C ASP P 154 -81.61 -70.45 -112.92
N GLY P 155 -81.95 -70.00 -111.71
CA GLY P 155 -83.07 -70.52 -110.98
C GLY P 155 -82.77 -71.73 -110.12
N THR P 156 -81.52 -72.19 -110.07
CA THR P 156 -81.16 -73.41 -109.37
C THR P 156 -80.86 -73.09 -107.91
N PRO P 157 -80.77 -74.09 -107.03
CA PRO P 157 -80.19 -73.85 -105.71
C PRO P 157 -78.68 -73.69 -105.86
N VAL P 158 -78.20 -72.46 -105.70
CA VAL P 158 -76.91 -72.09 -106.26
C VAL P 158 -75.77 -72.57 -105.37
N THR P 159 -74.93 -73.43 -105.95
CA THR P 159 -73.75 -73.94 -105.27
C THR P 159 -72.56 -73.95 -106.22
N GLN P 160 -72.82 -73.84 -107.53
CA GLN P 160 -71.76 -73.76 -108.51
C GLN P 160 -71.83 -72.38 -109.16
N GLY P 161 -71.20 -71.40 -108.50
CA GLY P 161 -71.23 -70.02 -108.92
C GLY P 161 -71.62 -69.05 -107.81
N MET P 162 -72.58 -69.42 -106.97
CA MET P 162 -73.13 -68.48 -105.99
C MET P 162 -72.24 -68.40 -104.75
N GLU P 163 -72.04 -67.18 -104.26
CA GLU P 163 -71.22 -66.97 -103.07
C GLU P 163 -71.32 -65.52 -102.58
N THR P 164 -71.40 -65.35 -101.26
CA THR P 164 -71.50 -64.03 -100.65
C THR P 164 -70.11 -63.61 -100.18
N THR P 165 -69.75 -62.37 -100.47
CA THR P 165 -68.44 -61.83 -100.10
C THR P 165 -68.42 -61.38 -98.65
N GLN P 166 -67.33 -60.71 -98.26
CA GLN P 166 -67.16 -60.25 -96.88
C GLN P 166 -67.96 -58.97 -96.65
N PRO P 167 -68.65 -58.88 -95.51
CA PRO P 167 -69.41 -57.66 -95.20
C PRO P 167 -68.59 -56.68 -94.37
N SER P 168 -69.16 -55.49 -94.16
CA SER P 168 -68.57 -54.46 -93.31
C SER P 168 -69.50 -54.16 -92.14
N LYS P 169 -69.07 -54.47 -90.92
CA LYS P 169 -69.92 -54.40 -89.74
C LYS P 169 -69.46 -53.32 -88.76
N GLN P 170 -70.32 -52.35 -88.49
CA GLN P 170 -70.02 -51.23 -87.60
C GLN P 170 -70.75 -51.36 -86.25
N SER P 171 -70.66 -50.30 -85.46
CA SER P 171 -71.45 -50.21 -84.23
C SER P 171 -72.82 -49.59 -84.50
N ASN P 172 -73.03 -49.08 -85.71
CA ASN P 172 -74.24 -48.32 -86.03
C ASN P 172 -75.37 -49.15 -86.61
N ASN P 173 -75.33 -50.47 -86.51
CA ASN P 173 -76.40 -51.35 -86.97
C ASN P 173 -76.44 -51.61 -88.47
N LYS P 174 -75.34 -51.42 -89.20
CA LYS P 174 -75.31 -51.79 -90.61
C LYS P 174 -74.29 -52.91 -90.85
N TYR P 175 -74.63 -53.81 -91.77
CA TYR P 175 -73.72 -54.87 -92.24
C TYR P 175 -74.10 -55.31 -93.64
N MET P 176 -73.11 -55.31 -94.53
CA MET P 176 -73.36 -55.72 -95.92
C MET P 176 -72.07 -55.73 -96.72
N ALA P 177 -72.03 -56.59 -97.74
CA ALA P 177 -70.86 -56.78 -98.58
C ALA P 177 -71.30 -57.11 -100.00
N SER P 178 -70.35 -57.11 -100.93
CA SER P 178 -70.64 -57.42 -102.31
C SER P 178 -70.42 -58.90 -102.57
N SER P 179 -71.49 -59.59 -102.95
CA SER P 179 -71.43 -61.01 -103.27
C SER P 179 -71.94 -61.18 -104.69
N TYR P 180 -71.82 -62.40 -105.23
CA TYR P 180 -72.22 -62.65 -106.61
C TYR P 180 -72.51 -64.12 -106.85
N LEU P 181 -73.45 -64.39 -107.75
CA LEU P 181 -73.57 -65.66 -108.45
C LEU P 181 -72.53 -65.58 -109.56
N THR P 182 -71.29 -65.99 -109.25
CA THR P 182 -70.13 -65.72 -110.08
C THR P 182 -69.51 -67.04 -110.53
N LEU P 183 -69.63 -67.32 -111.83
CA LEU P 183 -69.11 -68.51 -112.46
C LEU P 183 -68.29 -68.10 -113.68
N THR P 184 -67.98 -69.06 -114.54
CA THR P 184 -67.16 -68.82 -115.72
C THR P 184 -68.00 -68.25 -116.86
N ALA P 185 -67.40 -68.24 -118.06
CA ALA P 185 -68.04 -67.66 -119.24
C ALA P 185 -69.22 -68.49 -119.74
N ARG P 186 -69.07 -69.81 -119.75
CA ARG P 186 -70.15 -70.67 -120.22
C ARG P 186 -71.26 -70.76 -119.19
N ALA P 187 -70.92 -70.71 -117.90
CA ALA P 187 -71.92 -70.65 -116.85
C ALA P 187 -72.59 -69.28 -116.80
N TRP P 188 -71.88 -68.24 -117.23
CA TRP P 188 -72.46 -66.90 -117.25
C TRP P 188 -73.40 -66.71 -118.44
N GLU P 189 -73.02 -67.27 -119.60
CA GLU P 189 -73.91 -67.27 -120.74
C GLU P 189 -75.02 -68.32 -120.61
N ARG P 190 -74.86 -69.27 -119.69
CA ARG P 190 -75.93 -70.18 -119.34
C ARG P 190 -76.99 -69.48 -118.49
N HIS P 191 -76.55 -68.72 -117.49
CA HIS P 191 -77.48 -67.99 -116.64
C HIS P 191 -78.05 -66.78 -117.38
N SER P 192 -79.35 -66.56 -117.24
CA SER P 192 -80.02 -65.46 -117.91
C SER P 192 -80.43 -64.34 -116.99
N SER P 193 -80.90 -64.63 -115.78
CA SER P 193 -81.30 -63.62 -114.81
C SER P 193 -80.64 -63.97 -113.48
N TYR P 194 -79.54 -63.30 -113.18
CA TYR P 194 -78.76 -63.58 -111.98
C TYR P 194 -79.47 -62.98 -110.78
N SER P 195 -80.02 -63.86 -109.95
CA SER P 195 -80.84 -63.42 -108.84
C SER P 195 -79.99 -63.44 -107.58
N CYS P 196 -79.74 -62.26 -107.03
CA CYS P 196 -79.06 -62.12 -105.75
C CYS P 196 -80.14 -62.04 -104.68
N GLN P 197 -80.21 -63.07 -103.84
CA GLN P 197 -81.11 -63.08 -102.69
C GLN P 197 -80.31 -62.64 -101.48
N VAL P 198 -80.53 -61.39 -101.05
CA VAL P 198 -79.91 -60.84 -99.85
C VAL P 198 -80.89 -61.05 -98.71
N THR P 199 -80.67 -62.12 -97.95
CA THR P 199 -81.54 -62.50 -96.84
C THR P 199 -81.16 -61.67 -95.63
N HIS P 200 -82.11 -60.86 -95.17
CA HIS P 200 -81.95 -60.02 -93.99
C HIS P 200 -83.10 -60.32 -93.04
N GLU P 201 -82.73 -60.70 -91.81
CA GLU P 201 -83.66 -60.97 -90.71
C GLU P 201 -84.62 -62.12 -90.99
N GLY P 202 -84.21 -63.08 -91.83
CA GLY P 202 -85.11 -64.11 -92.29
C GLY P 202 -85.79 -63.83 -93.61
N HIS P 203 -85.99 -62.55 -93.94
CA HIS P 203 -86.68 -62.17 -95.16
C HIS P 203 -85.67 -61.99 -96.29
N THR P 204 -86.18 -61.70 -97.49
CA THR P 204 -85.35 -61.66 -98.67
C THR P 204 -85.33 -60.26 -99.29
N VAL P 205 -84.27 -59.98 -100.03
CA VAL P 205 -84.17 -58.80 -100.90
C VAL P 205 -83.68 -59.30 -102.25
N GLU P 206 -84.53 -59.19 -103.27
CA GLU P 206 -84.22 -59.69 -104.60
C GLU P 206 -83.56 -58.61 -105.42
N LYS P 207 -82.37 -58.91 -105.95
CA LYS P 207 -81.65 -58.00 -106.84
C LYS P 207 -81.41 -58.77 -108.13
N SER P 208 -82.01 -58.30 -109.23
CA SER P 208 -82.01 -59.03 -110.48
C SER P 208 -81.02 -58.41 -111.45
N LEU P 209 -80.05 -59.21 -111.88
CA LEU P 209 -79.20 -58.87 -113.02
C LEU P 209 -79.53 -59.81 -114.17
N SER P 210 -80.11 -59.23 -115.21
CA SER P 210 -80.76 -60.00 -116.27
C SER P 210 -80.13 -59.62 -117.60
N ARG P 211 -79.79 -60.63 -118.40
CA ARG P 211 -79.19 -60.40 -119.71
C ARG P 211 -80.27 -60.17 -120.78
N PRO Q 1 -6.57 59.20 -20.32
CA PRO Q 1 -5.22 58.76 -20.68
C PRO Q 1 -5.26 57.46 -21.46
N VAL Q 2 -5.14 56.33 -20.77
CA VAL Q 2 -5.20 55.03 -21.42
C VAL Q 2 -6.64 54.70 -21.77
N MET Q 3 -6.85 54.20 -22.98
CA MET Q 3 -8.18 53.83 -23.45
C MET Q 3 -8.37 52.34 -23.24
N CYS Q 4 -9.00 51.99 -22.12
CA CYS Q 4 -9.39 50.62 -21.86
C CYS Q 4 -10.53 50.26 -22.80
N LEU Q 5 -10.20 49.49 -23.84
CA LEU Q 5 -11.12 49.19 -24.94
C LEU Q 5 -11.97 48.00 -24.53
N LEU Q 6 -13.28 48.20 -24.48
CA LEU Q 6 -14.20 47.07 -24.23
C LEU Q 6 -14.69 46.44 -25.53
N ALA Q 7 -13.75 46.18 -26.44
CA ALA Q 7 -13.92 45.51 -27.73
C ALA Q 7 -14.60 46.36 -28.81
N ASN Q 8 -15.24 47.47 -28.43
CA ASN Q 8 -15.61 48.51 -29.38
C ASN Q 8 -15.36 49.87 -28.75
N THR Q 9 -15.54 49.96 -27.43
CA THR Q 9 -15.60 51.21 -26.70
C THR Q 9 -14.41 51.35 -25.77
N THR Q 10 -13.66 52.44 -25.96
CA THR Q 10 -12.47 52.71 -25.15
C THR Q 10 -12.83 53.70 -24.05
N PHE Q 11 -13.11 53.15 -22.86
CA PHE Q 11 -13.31 53.98 -21.69
C PHE Q 11 -11.96 54.41 -21.12
N PRO Q 12 -11.95 55.20 -20.06
CA PRO Q 12 -10.68 55.56 -19.42
C PRO Q 12 -10.09 54.38 -18.68
N CYS Q 13 -8.77 54.41 -18.50
CA CYS Q 13 -8.09 53.38 -17.73
C CYS Q 13 -8.42 53.51 -16.25
N SER Q 14 -8.65 54.73 -15.78
CA SER Q 14 -9.14 54.93 -14.41
C SER Q 14 -10.65 54.99 -14.34
N GLN Q 15 -11.31 55.30 -15.46
CA GLN Q 15 -12.77 55.35 -15.54
C GLN Q 15 -13.18 54.21 -16.44
N PRO Q 16 -13.22 52.98 -15.94
CA PRO Q 16 -13.50 51.83 -16.80
C PRO Q 16 -14.96 51.77 -17.18
N PRO Q 17 -15.26 51.35 -18.42
CA PRO Q 17 -16.67 51.25 -18.85
C PRO Q 17 -17.42 50.10 -18.21
N CYS Q 18 -16.72 49.12 -17.65
CA CYS Q 18 -17.35 48.10 -16.83
C CYS Q 18 -17.22 48.49 -15.36
N THR Q 19 -16.80 49.71 -15.11
CA THR Q 19 -16.90 50.26 -13.77
C THR Q 19 -18.28 50.85 -13.59
N PRO Q 20 -19.09 50.32 -12.64
CA PRO Q 20 -18.81 49.22 -11.72
C PRO Q 20 -19.62 47.97 -12.04
N CYS Q 21 -19.26 46.85 -11.40
CA CYS Q 21 -19.95 45.58 -11.57
C CYS Q 21 -19.67 44.97 -12.95
N CYS Q 22 -18.41 45.11 -13.35
CA CYS Q 22 -17.95 44.42 -14.55
C CYS Q 22 -17.70 42.96 -14.26
N TYR Q 23 -16.66 42.67 -13.45
CA TYR Q 23 -16.53 41.34 -12.88
C TYR Q 23 -17.47 41.16 -11.70
N GLU Q 24 -17.88 42.26 -11.07
CA GLU Q 24 -18.81 42.20 -9.96
C GLU Q 24 -20.22 41.86 -10.40
N LYS Q 25 -20.56 42.09 -11.67
CA LYS Q 25 -21.84 41.68 -12.21
C LYS Q 25 -21.74 40.62 -13.29
N GLU Q 26 -20.57 40.42 -13.89
CA GLU Q 26 -20.44 39.43 -14.95
C GLU Q 26 -19.11 38.71 -14.78
N PRO Q 27 -19.12 37.47 -14.27
CA PRO Q 27 -17.87 36.70 -14.16
C PRO Q 27 -17.33 36.31 -15.51
N GLU Q 28 -18.23 36.10 -16.48
CA GLU Q 28 -17.83 35.98 -17.86
C GLU Q 28 -17.35 37.30 -18.42
N LYS Q 29 -17.96 38.42 -18.02
CA LYS Q 29 -17.49 39.73 -18.43
C LYS Q 29 -16.16 40.07 -17.76
N THR Q 30 -15.99 39.67 -16.50
CA THR Q 30 -14.73 39.90 -15.81
C THR Q 30 -13.62 39.01 -16.36
N LEU Q 31 -13.95 37.77 -16.74
CA LEU Q 31 -12.96 36.89 -17.34
C LEU Q 31 -12.64 37.31 -18.76
N ARG Q 32 -13.62 37.86 -19.48
CA ARG Q 32 -13.35 38.42 -20.80
C ARG Q 32 -12.53 39.70 -20.70
N MET Q 33 -12.73 40.47 -19.63
CA MET Q 33 -11.88 41.60 -19.35
C MET Q 33 -10.45 41.16 -19.03
N LEU Q 34 -10.31 40.12 -18.21
CA LEU Q 34 -8.99 39.60 -17.86
C LEU Q 34 -8.32 38.86 -19.00
N GLU Q 35 -9.08 38.41 -19.98
CA GLU Q 35 -8.49 37.86 -21.19
C GLU Q 35 -8.12 38.94 -22.19
N ASP Q 36 -9.00 39.92 -22.42
CA ASP Q 36 -8.79 40.90 -23.47
C ASP Q 36 -8.17 42.20 -22.97
N ASN Q 37 -8.84 42.90 -22.06
CA ASN Q 37 -8.29 44.14 -21.56
C ASN Q 37 -7.20 43.92 -20.52
N VAL Q 38 -7.09 42.71 -19.96
CA VAL Q 38 -6.04 42.40 -19.00
C VAL Q 38 -4.66 42.36 -19.64
N MET Q 39 -4.58 42.06 -20.94
CA MET Q 39 -3.34 42.16 -21.69
C MET Q 39 -3.03 43.57 -22.17
N SER Q 40 -3.87 44.56 -21.81
CA SER Q 40 -3.71 45.95 -22.22
C SER Q 40 -2.54 46.58 -21.50
N PRO Q 41 -2.00 47.69 -22.02
CA PRO Q 41 -0.81 48.30 -21.39
C PRO Q 41 -1.14 48.96 -20.06
N GLY Q 42 -2.38 49.42 -19.92
CA GLY Q 42 -2.85 49.81 -18.60
C GLY Q 42 -3.53 48.70 -17.83
N TYR Q 43 -3.36 47.45 -18.28
CA TYR Q 43 -4.19 46.35 -17.81
C TYR Q 43 -3.86 45.93 -16.39
N TYR Q 44 -2.68 46.29 -15.89
CA TYR Q 44 -2.43 46.14 -14.46
C TYR Q 44 -3.27 47.13 -13.67
N GLN Q 45 -3.24 48.40 -14.07
CA GLN Q 45 -4.07 49.41 -13.42
C GLN Q 45 -5.53 49.26 -13.81
N LEU Q 46 -5.79 48.72 -15.01
CA LEU Q 46 -7.16 48.46 -15.43
C LEU Q 46 -7.74 47.27 -14.68
N LEU Q 47 -6.88 46.32 -14.30
CA LEU Q 47 -7.33 45.20 -13.51
C LEU Q 47 -7.48 45.56 -12.03
N GLN Q 48 -6.60 46.40 -11.50
CA GLN Q 48 -6.74 46.83 -10.12
C GLN Q 48 -7.90 47.79 -9.93
N ALA Q 49 -8.20 48.60 -10.94
CA ALA Q 49 -9.40 49.40 -10.89
C ALA Q 49 -10.62 48.54 -11.21
N SER Q 50 -10.44 47.54 -12.07
CA SER Q 50 -11.58 46.72 -12.48
C SER Q 50 -11.93 45.69 -11.43
N LEU Q 51 -10.93 45.20 -10.71
CA LEU Q 51 -11.18 44.10 -9.79
C LEU Q 51 -10.76 44.42 -8.37
N THR Q 52 -9.60 45.04 -8.21
CA THR Q 52 -8.87 45.06 -6.93
C THR Q 52 -9.53 46.00 -5.93
N CYS Q 53 -10.66 45.54 -5.41
CA CYS Q 53 -11.59 46.34 -4.62
C CYS Q 53 -12.27 47.43 -5.43
N SER Q 54 -12.35 47.20 -6.75
CA SER Q 54 -13.04 48.10 -7.67
C SER Q 54 -14.00 47.30 -8.53
N PRO Q 55 -14.69 46.34 -7.94
CA PRO Q 55 -15.86 45.78 -8.60
C PRO Q 55 -17.09 46.54 -8.13
N ARG Q 56 -18.29 46.09 -8.54
CA ARG Q 56 -19.49 46.65 -7.94
C ARG Q 56 -19.71 46.13 -6.52
N ARG Q 57 -19.08 45.01 -6.15
CA ARG Q 57 -19.36 44.35 -4.87
C ARG Q 57 -18.73 45.06 -3.67
N GLN Q 58 -17.86 46.05 -3.92
CA GLN Q 58 -17.41 46.92 -2.84
C GLN Q 58 -18.48 47.97 -2.55
N ARG Q 59 -18.24 48.77 -1.51
CA ARG Q 59 -19.16 49.82 -1.15
C ARG Q 59 -18.87 51.16 -1.82
N ARG Q 60 -17.82 51.24 -2.65
CA ARG Q 60 -17.42 52.50 -3.26
C ARG Q 60 -18.37 52.94 -4.37
N PRO R 1 23.58 29.38 69.08
CA PRO R 1 24.97 28.99 68.83
C PRO R 1 25.52 29.75 67.65
N VAL R 2 24.62 30.11 66.73
CA VAL R 2 24.99 30.95 65.60
C VAL R 2 25.05 32.40 66.06
N MET R 3 25.56 33.27 65.20
CA MET R 3 25.63 34.70 65.48
C MET R 3 24.93 35.44 64.34
N CYS R 4 23.65 35.70 64.50
CA CYS R 4 22.91 36.46 63.50
C CYS R 4 23.09 37.93 63.84
N LEU R 5 23.30 38.73 62.81
CA LEU R 5 23.45 40.18 62.96
C LEU R 5 22.60 40.84 61.89
N LEU R 6 21.44 41.35 62.27
CA LEU R 6 20.56 42.03 61.32
C LEU R 6 20.68 43.54 61.40
N ALA R 7 21.86 44.02 61.78
CA ALA R 7 22.15 45.44 61.97
C ALA R 7 21.67 45.97 63.32
N ASN R 8 21.15 45.11 64.18
CA ASN R 8 20.62 45.55 65.46
C ASN R 8 21.43 45.00 66.63
N THR R 9 21.67 43.69 66.62
CA THR R 9 22.36 43.05 67.74
C THR R 9 22.82 41.66 67.34
N THR R 10 23.86 41.19 68.04
CA THR R 10 24.44 39.86 67.82
C THR R 10 23.58 38.83 68.53
N PHE R 11 22.51 38.45 67.86
CA PHE R 11 21.53 37.48 68.32
C PHE R 11 21.95 36.09 67.88
N PRO R 12 21.13 35.07 68.15
CA PRO R 12 21.47 33.71 67.71
C PRO R 12 21.31 33.51 66.20
N CYS R 13 21.46 32.25 65.78
CA CYS R 13 21.39 32.00 64.35
C CYS R 13 19.97 32.00 63.81
N SER R 14 19.13 31.05 64.23
CA SER R 14 17.77 30.97 63.72
C SER R 14 16.88 32.03 64.35
N GLN R 15 17.02 32.28 65.64
CA GLN R 15 16.41 33.46 66.26
C GLN R 15 17.47 34.50 65.93
N PRO R 16 17.28 35.25 64.85
CA PRO R 16 18.42 35.90 64.17
C PRO R 16 18.84 37.19 64.85
N PRO R 17 19.73 37.95 64.23
CA PRO R 17 19.95 39.34 64.67
C PRO R 17 18.72 40.21 64.54
N CYS R 18 17.87 39.96 63.54
CA CYS R 18 16.48 40.40 63.58
C CYS R 18 15.58 39.33 62.96
N THR R 19 16.06 38.08 62.97
CA THR R 19 15.31 36.99 62.35
C THR R 19 14.37 36.38 63.38
N PRO R 20 13.32 35.65 62.94
CA PRO R 20 12.87 35.18 61.63
C PRO R 20 11.73 35.98 61.00
N CYS R 21 11.12 35.37 59.96
CA CYS R 21 10.02 35.97 59.19
C CYS R 21 10.46 37.20 58.41
N CYS R 22 11.38 36.96 57.47
CA CYS R 22 12.09 38.06 56.81
C CYS R 22 11.54 38.37 55.43
N TYR R 23 10.84 37.42 54.79
CA TYR R 23 10.63 37.56 53.36
C TYR R 23 9.20 37.98 53.00
N GLU R 24 8.25 37.74 53.89
CA GLU R 24 6.85 38.03 53.61
C GLU R 24 6.49 39.49 53.75
N LYS R 25 7.25 40.25 54.53
CA LYS R 25 6.93 41.66 54.70
C LYS R 25 7.99 42.60 54.18
N GLU R 26 9.24 42.42 54.55
CA GLU R 26 10.30 43.32 54.12
C GLU R 26 11.22 42.53 53.20
N PRO R 27 10.81 42.33 51.93
CA PRO R 27 11.61 41.50 51.01
C PRO R 27 12.90 42.17 50.57
N GLU R 28 12.92 43.50 50.53
CA GLU R 28 14.17 44.22 50.36
C GLU R 28 15.04 44.17 51.60
N LYS R 29 14.42 44.17 52.79
CA LYS R 29 15.16 43.91 54.01
C LYS R 29 15.63 42.47 54.07
N THR R 30 14.85 41.55 53.48
CA THR R 30 15.34 40.19 53.28
C THR R 30 16.47 40.13 52.26
N LEU R 31 16.50 41.07 51.30
CA LEU R 31 17.58 41.09 50.33
C LEU R 31 18.86 41.66 50.93
N ARG R 32 18.73 42.64 51.81
CA ARG R 32 19.87 43.10 52.60
C ARG R 32 20.32 42.06 53.60
N MET R 33 19.38 41.29 54.15
CA MET R 33 19.76 40.20 55.05
C MET R 33 20.37 39.04 54.29
N LEU R 34 20.03 38.89 53.01
CA LEU R 34 20.69 37.91 52.17
C LEU R 34 21.95 38.48 51.55
N GLU R 35 22.17 39.77 51.69
CA GLU R 35 23.50 40.31 51.46
C GLU R 35 24.40 40.00 52.65
N ASP R 36 23.84 40.10 53.85
CA ASP R 36 24.53 39.74 55.08
C ASP R 36 24.84 38.25 55.17
N ASN R 37 23.82 37.41 55.17
CA ASN R 37 23.96 35.97 55.32
C ASN R 37 24.29 35.25 54.02
N VAL R 38 24.22 35.93 52.88
CA VAL R 38 24.85 35.38 51.69
C VAL R 38 26.36 35.53 51.76
N MET R 39 26.84 36.50 52.51
CA MET R 39 28.23 36.55 52.92
C MET R 39 28.43 36.03 54.34
N SER R 40 27.41 35.43 54.96
CA SER R 40 27.52 35.06 56.36
C SER R 40 27.36 33.56 56.54
N PRO R 41 28.28 32.90 57.23
CA PRO R 41 28.15 31.46 57.45
C PRO R 41 27.07 31.14 58.47
N GLY R 42 27.08 31.86 59.60
CA GLY R 42 26.00 31.80 60.56
C GLY R 42 24.72 32.42 60.07
N TYR R 43 24.80 33.31 59.07
CA TYR R 43 23.60 33.75 58.37
C TYR R 43 23.33 32.88 57.15
N TYR R 44 24.13 31.83 56.94
CA TYR R 44 23.71 30.78 56.02
C TYR R 44 22.60 29.95 56.64
N GLN R 45 22.61 29.84 57.96
CA GLN R 45 21.50 29.21 58.67
C GLN R 45 20.31 30.15 58.82
N LEU R 46 20.49 31.43 58.48
CA LEU R 46 19.35 32.32 58.29
C LEU R 46 18.93 32.35 56.82
N LEU R 47 19.87 32.06 55.92
CA LEU R 47 19.53 31.89 54.52
C LEU R 47 18.79 30.59 54.28
N GLN R 48 18.99 29.61 55.15
CA GLN R 48 18.14 28.43 55.19
C GLN R 48 17.12 28.48 56.31
N ALA R 49 17.26 29.39 57.26
CA ALA R 49 16.36 29.38 58.41
C ALA R 49 15.25 30.41 58.26
N SER R 50 15.65 31.68 58.15
CA SER R 50 14.69 32.73 57.84
C SER R 50 14.64 32.97 56.34
N LEU R 51 15.44 32.21 55.59
CA LEU R 51 15.33 32.20 54.15
C LEU R 51 14.61 30.95 53.66
N THR R 52 15.11 29.77 54.05
CA THR R 52 14.62 28.50 53.51
C THR R 52 13.30 28.13 54.17
N CYS R 53 12.23 28.70 53.61
CA CYS R 53 10.87 28.47 54.10
C CYS R 53 10.65 29.15 55.46
N SER R 54 11.27 30.31 55.62
CA SER R 54 11.18 31.07 56.87
C SER R 54 10.85 32.52 56.56
N PRO R 55 9.94 32.75 55.63
CA PRO R 55 9.51 34.13 55.36
C PRO R 55 8.43 34.57 56.32
N ARG R 56 8.01 35.83 56.20
CA ARG R 56 6.93 36.38 57.02
C ARG R 56 5.55 35.93 56.57
N ARG R 57 5.46 35.26 55.41
CA ARG R 57 4.27 34.48 55.09
C ARG R 57 4.47 32.99 55.40
N GLN R 58 5.40 32.67 56.30
CA GLN R 58 5.54 31.30 56.76
C GLN R 58 4.35 30.93 57.64
N ARG R 59 3.74 29.78 57.33
CA ARG R 59 2.50 29.37 57.98
C ARG R 59 2.72 28.48 59.19
N ARG R 60 3.92 28.45 59.74
CA ARG R 60 4.21 27.64 60.93
C ARG R 60 5.58 27.98 61.53
N PRO S 1 -15.69 -34.75 6.97
CA PRO S 1 -14.53 -35.25 6.22
C PRO S 1 -13.40 -35.63 7.17
N VAL S 2 -12.84 -34.64 7.85
CA VAL S 2 -11.88 -34.92 8.90
C VAL S 2 -12.62 -35.28 10.18
N MET S 3 -11.89 -35.77 11.17
CA MET S 3 -12.44 -36.09 12.47
C MET S 3 -11.68 -35.29 13.52
N CYS S 4 -12.41 -34.60 14.39
CA CYS S 4 -11.81 -33.88 15.50
C CYS S 4 -11.80 -34.78 16.72
N LEU S 5 -10.59 -35.01 17.26
CA LEU S 5 -10.39 -36.01 18.30
C LEU S 5 -10.19 -35.28 19.63
N LEU S 6 -11.11 -35.52 20.57
CA LEU S 6 -11.04 -34.89 21.89
C LEU S 6 -10.40 -35.82 22.92
N ALA S 7 -9.63 -36.78 22.43
CA ALA S 7 -8.88 -37.78 23.21
C ALA S 7 -9.74 -38.90 23.78
N ASN S 8 -11.06 -38.78 23.69
CA ASN S 8 -12.00 -39.87 23.88
C ASN S 8 -13.11 -39.59 22.88
N THR S 9 -13.15 -38.35 22.39
CA THR S 9 -14.22 -37.92 21.50
C THR S 9 -13.65 -37.61 20.13
N THR S 10 -13.53 -38.65 19.31
CA THR S 10 -13.22 -38.53 17.89
C THR S 10 -14.54 -38.34 17.16
N PHE S 11 -15.04 -37.12 17.23
CA PHE S 11 -16.18 -36.60 16.50
C PHE S 11 -15.72 -36.13 15.13
N PRO S 12 -16.60 -35.47 14.37
CA PRO S 12 -16.17 -34.97 13.06
C PRO S 12 -15.24 -33.76 13.16
N CYS S 13 -14.79 -33.31 11.99
CA CYS S 13 -13.88 -32.16 11.95
C CYS S 13 -14.62 -30.83 11.91
N SER S 14 -15.43 -30.60 10.88
CA SER S 14 -16.06 -29.30 10.70
C SER S 14 -17.21 -29.09 11.67
N GLN S 15 -18.16 -30.00 11.71
CA GLN S 15 -19.04 -30.14 12.86
C GLN S 15 -18.08 -30.83 13.81
N PRO S 16 -17.59 -30.13 14.84
CA PRO S 16 -16.49 -30.66 15.64
C PRO S 16 -16.94 -31.73 16.61
N PRO S 17 -16.02 -32.29 17.40
CA PRO S 17 -16.41 -33.31 18.38
C PRO S 17 -17.30 -32.80 19.50
N CYS S 18 -17.06 -31.57 19.98
CA CYS S 18 -17.94 -30.92 20.94
C CYS S 18 -18.21 -29.50 20.46
N THR S 19 -18.38 -29.36 19.16
CA THR S 19 -18.73 -28.05 18.60
C THR S 19 -20.19 -27.74 18.92
N PRO S 20 -20.50 -26.51 19.35
CA PRO S 20 -19.73 -25.30 19.57
C PRO S 20 -19.46 -24.85 21.02
N CYS S 21 -18.95 -23.63 21.12
CA CYS S 21 -18.78 -22.85 22.35
C CYS S 21 -17.65 -23.38 23.23
N CYS S 22 -16.49 -23.50 22.59
CA CYS S 22 -15.23 -23.62 23.33
C CYS S 22 -14.88 -22.29 23.97
N TYR S 23 -14.97 -21.20 23.18
CA TYR S 23 -14.87 -19.85 23.74
C TYR S 23 -16.08 -19.52 24.61
N GLU S 24 -17.22 -20.15 24.36
CA GLU S 24 -18.32 -20.07 25.31
C GLU S 24 -18.06 -20.88 26.58
N LYS S 25 -17.44 -22.06 26.47
CA LYS S 25 -17.26 -22.92 27.64
C LYS S 25 -15.83 -23.25 28.01
N GLU S 26 -15.04 -23.79 27.10
CA GLU S 26 -13.83 -24.46 27.57
C GLU S 26 -12.58 -23.85 26.96
N PRO S 27 -12.02 -22.81 27.60
CA PRO S 27 -10.80 -22.19 27.06
C PRO S 27 -9.58 -23.06 27.26
N GLU S 28 -9.56 -23.82 28.36
CA GLU S 28 -8.56 -24.87 28.52
C GLU S 28 -8.86 -26.05 27.62
N LYS S 29 -10.14 -26.32 27.35
CA LYS S 29 -10.49 -27.28 26.31
C LYS S 29 -10.13 -26.74 24.94
N THR S 30 -10.25 -25.42 24.75
CA THR S 30 -9.73 -24.79 23.55
C THR S 30 -8.21 -24.86 23.48
N LEU S 31 -7.52 -24.89 24.62
CA LEU S 31 -6.07 -24.99 24.60
C LEU S 31 -5.62 -26.42 24.35
N ARG S 32 -6.39 -27.40 24.82
CA ARG S 32 -6.13 -28.79 24.47
C ARG S 32 -6.43 -29.04 23.00
N MET S 33 -7.45 -28.35 22.46
CA MET S 33 -7.70 -28.38 21.02
C MET S 33 -6.58 -27.70 20.26
N LEU S 34 -6.09 -26.56 20.76
CA LEU S 34 -5.00 -25.81 20.13
C LEU S 34 -3.66 -26.52 20.27
N GLU S 35 -3.55 -27.48 21.18
CA GLU S 35 -2.43 -28.41 21.13
C GLU S 35 -2.67 -29.52 20.11
N ASP S 36 -3.79 -30.24 20.21
CA ASP S 36 -3.95 -31.46 19.44
C ASP S 36 -4.43 -31.20 18.02
N ASN S 37 -5.61 -30.62 17.86
CA ASN S 37 -6.07 -30.20 16.55
C ASN S 37 -5.35 -28.96 16.08
N VAL S 38 -4.83 -28.15 17.00
CA VAL S 38 -3.86 -27.11 16.62
C VAL S 38 -2.56 -27.70 16.11
N MET S 39 -2.19 -28.89 16.56
CA MET S 39 -1.14 -29.65 15.89
C MET S 39 -1.69 -30.56 14.81
N SER S 40 -2.99 -30.53 14.55
CA SER S 40 -3.64 -31.44 13.62
C SER S 40 -3.95 -30.72 12.33
N PRO S 41 -4.16 -31.45 11.24
CA PRO S 41 -4.33 -30.79 9.93
C PRO S 41 -5.67 -30.11 9.73
N GLY S 42 -6.75 -30.79 10.08
CA GLY S 42 -8.06 -30.18 9.92
C GLY S 42 -8.43 -29.26 11.06
N TYR S 43 -7.85 -29.47 12.24
CA TYR S 43 -8.27 -28.71 13.42
C TYR S 43 -7.63 -27.33 13.47
N TYR S 44 -6.68 -27.05 12.57
CA TYR S 44 -6.35 -25.66 12.28
C TYR S 44 -7.57 -24.95 11.71
N GLN S 45 -8.14 -25.51 10.63
CA GLN S 45 -9.36 -24.94 10.07
C GLN S 45 -10.58 -25.31 10.91
N LEU S 46 -10.49 -26.37 11.72
CA LEU S 46 -11.60 -26.73 12.58
C LEU S 46 -11.71 -25.77 13.76
N LEU S 47 -10.58 -25.47 14.39
CA LEU S 47 -10.54 -24.47 15.44
C LEU S 47 -10.74 -23.07 14.89
N GLN S 48 -10.39 -22.84 13.62
CA GLN S 48 -10.82 -21.62 12.95
C GLN S 48 -12.31 -21.60 12.68
N ALA S 49 -12.95 -22.78 12.61
CA ALA S 49 -14.40 -22.81 12.51
C ALA S 49 -15.03 -22.86 13.89
N SER S 50 -14.65 -23.86 14.70
CA SER S 50 -15.34 -24.13 15.96
C SER S 50 -15.00 -23.10 17.02
N LEU S 51 -13.71 -22.87 17.25
CA LEU S 51 -13.32 -21.85 18.20
C LEU S 51 -13.31 -20.48 17.55
N THR S 52 -12.94 -20.43 16.27
CA THR S 52 -12.63 -19.16 15.60
C THR S 52 -13.90 -18.42 15.19
N CYS S 53 -14.52 -17.81 16.20
CA CYS S 53 -15.64 -16.87 16.03
C CYS S 53 -16.92 -17.56 15.57
N SER S 54 -16.96 -18.88 15.78
CA SER S 54 -18.07 -19.72 15.34
C SER S 54 -18.32 -20.76 16.42
N PRO S 55 -18.36 -20.35 17.66
CA PRO S 55 -18.87 -21.23 18.71
C PRO S 55 -20.39 -21.10 18.85
N ARG S 56 -20.93 -21.76 19.87
CA ARG S 56 -22.21 -21.35 20.43
C ARG S 56 -22.11 -20.00 21.14
N ARG S 57 -20.91 -19.61 21.58
CA ARG S 57 -20.64 -18.23 21.96
C ARG S 57 -20.33 -17.35 20.75
N GLN S 58 -20.26 -17.93 19.55
CA GLN S 58 -20.30 -17.15 18.32
C GLN S 58 -21.70 -16.61 18.10
N ARG S 59 -21.80 -15.55 17.29
CA ARG S 59 -23.04 -14.78 17.14
C ARG S 59 -24.12 -15.48 16.32
N ARG S 60 -23.86 -16.65 15.75
CA ARG S 60 -24.88 -17.38 14.99
C ARG S 60 -25.88 -18.07 15.93
N PRO T 1 -23.99 -17.20 -19.42
CA PRO T 1 -22.55 -17.42 -19.32
C PRO T 1 -21.91 -17.62 -20.69
N VAL T 2 -21.81 -18.86 -21.15
CA VAL T 2 -21.33 -19.13 -22.49
C VAL T 2 -22.42 -18.79 -23.49
N MET T 3 -22.07 -17.99 -24.50
CA MET T 3 -23.04 -17.40 -25.42
C MET T 3 -23.48 -18.44 -26.44
N CYS T 4 -24.29 -19.40 -26.00
CA CYS T 4 -24.88 -20.38 -26.89
C CYS T 4 -25.95 -19.67 -27.71
N LEU T 5 -25.64 -19.44 -28.98
CA LEU T 5 -26.49 -18.65 -29.85
C LEU T 5 -26.62 -19.37 -31.17
N LEU T 6 -27.86 -19.65 -31.58
CA LEU T 6 -28.13 -20.22 -32.89
C LEU T 6 -28.38 -19.13 -33.94
N ALA T 7 -27.47 -18.17 -34.05
CA ALA T 7 -27.47 -17.13 -35.08
C ALA T 7 -28.55 -16.07 -34.90
N ASN T 8 -29.31 -16.11 -33.82
CA ASN T 8 -30.37 -15.14 -33.61
C ASN T 8 -30.11 -14.35 -32.35
N THR T 9 -29.82 -15.05 -31.25
CA THR T 9 -29.57 -14.40 -29.97
C THR T 9 -28.76 -15.35 -29.09
N THR T 10 -27.81 -14.77 -28.36
CA THR T 10 -26.93 -15.55 -27.50
C THR T 10 -27.59 -15.78 -26.15
N PHE T 11 -28.17 -16.98 -26.00
CA PHE T 11 -28.61 -17.48 -24.72
C PHE T 11 -27.45 -18.13 -23.98
N PRO T 12 -27.70 -18.73 -22.81
CA PRO T 12 -26.64 -19.47 -22.11
C PRO T 12 -26.28 -20.79 -22.76
N CYS T 13 -25.44 -21.56 -22.07
CA CYS T 13 -24.87 -22.77 -22.66
C CYS T 13 -25.83 -23.94 -22.69
N SER T 14 -26.45 -24.28 -21.57
CA SER T 14 -27.49 -25.31 -21.58
C SER T 14 -28.85 -24.71 -21.88
N GLN T 15 -28.93 -23.39 -21.94
CA GLN T 15 -30.14 -22.66 -22.32
C GLN T 15 -29.83 -21.77 -23.51
N PRO T 16 -29.54 -22.34 -24.67
CA PRO T 16 -29.30 -21.53 -25.88
C PRO T 16 -30.60 -21.00 -26.47
N PRO T 17 -30.54 -20.41 -27.68
CA PRO T 17 -31.74 -19.84 -28.31
C PRO T 17 -32.81 -20.84 -28.69
N CYS T 18 -32.45 -22.11 -28.85
CA CYS T 18 -33.41 -23.20 -28.84
C CYS T 18 -32.97 -24.20 -27.79
N THR T 19 -32.45 -23.68 -26.69
CA THR T 19 -31.91 -24.53 -25.64
C THR T 19 -32.82 -24.48 -24.42
N PRO T 20 -33.43 -25.61 -24.02
CA PRO T 20 -33.32 -26.94 -24.61
C PRO T 20 -34.35 -27.19 -25.72
N CYS T 21 -34.38 -28.43 -26.20
CA CYS T 21 -35.26 -28.85 -27.30
C CYS T 21 -34.89 -28.19 -28.63
N CYS T 22 -33.65 -28.46 -29.05
CA CYS T 22 -33.12 -27.80 -30.26
C CYS T 22 -32.65 -28.81 -31.31
N TYR T 23 -32.30 -30.02 -30.88
CA TYR T 23 -31.60 -30.93 -31.79
C TYR T 23 -32.55 -31.88 -32.51
N GLU T 24 -33.66 -32.25 -31.88
CA GLU T 24 -34.49 -33.34 -32.41
C GLU T 24 -35.63 -32.85 -33.28
N LYS T 25 -35.97 -31.58 -33.24
CA LYS T 25 -37.00 -31.05 -34.12
C LYS T 25 -36.44 -30.42 -35.38
N GLU T 26 -35.44 -29.57 -35.24
CA GLU T 26 -34.79 -29.04 -36.42
C GLU T 26 -33.58 -29.92 -36.61
N PRO T 27 -33.69 -30.95 -37.48
CA PRO T 27 -32.52 -31.80 -37.77
C PRO T 27 -31.52 -31.02 -38.59
N GLU T 28 -32.03 -30.23 -39.53
CA GLU T 28 -31.21 -29.21 -40.18
C GLU T 28 -30.80 -28.11 -39.22
N LYS T 29 -31.67 -27.78 -38.24
CA LYS T 29 -31.28 -26.87 -37.18
C LYS T 29 -30.22 -27.48 -36.27
N THR T 30 -30.31 -28.80 -36.03
CA THR T 30 -29.26 -29.48 -35.29
C THR T 30 -27.98 -29.58 -36.08
N LEU T 31 -28.08 -29.63 -37.41
CA LEU T 31 -26.89 -29.62 -38.27
C LEU T 31 -26.25 -28.24 -38.33
N ARG T 32 -27.05 -27.19 -38.38
CA ARG T 32 -26.53 -25.83 -38.27
C ARG T 32 -25.95 -25.56 -36.88
N MET T 33 -26.54 -26.18 -35.84
CA MET T 33 -26.01 -26.02 -34.50
C MET T 33 -24.71 -26.78 -34.32
N LEU T 34 -24.60 -27.96 -34.94
CA LEU T 34 -23.36 -28.71 -34.89
C LEU T 34 -22.36 -28.25 -35.95
N GLU T 35 -22.74 -27.27 -36.77
CA GLU T 35 -21.76 -26.52 -37.52
C GLU T 35 -21.26 -25.32 -36.71
N ASP T 36 -22.17 -24.57 -36.11
CA ASP T 36 -21.84 -23.37 -35.35
C ASP T 36 -21.14 -23.68 -34.03
N ASN T 37 -21.84 -24.33 -33.11
CA ASN T 37 -21.21 -24.77 -31.87
C ASN T 37 -20.29 -25.95 -32.07
N VAL T 38 -20.40 -26.66 -33.21
CA VAL T 38 -19.36 -27.59 -33.62
C VAL T 38 -18.05 -26.89 -33.97
N MET T 39 -18.10 -25.63 -34.37
CA MET T 39 -16.94 -24.77 -34.37
C MET T 39 -16.80 -23.97 -33.08
N SER T 40 -17.89 -23.75 -32.35
CA SER T 40 -17.93 -22.91 -31.16
C SER T 40 -17.42 -23.69 -29.96
N PRO T 41 -17.32 -23.06 -28.78
CA PRO T 41 -16.73 -23.74 -27.62
C PRO T 41 -17.65 -24.76 -26.96
N GLY T 42 -18.95 -24.47 -26.91
CA GLY T 42 -19.83 -25.24 -26.07
C GLY T 42 -20.70 -26.25 -26.78
N TYR T 43 -20.63 -26.32 -28.11
CA TYR T 43 -21.65 -27.00 -28.88
C TYR T 43 -21.55 -28.52 -28.81
N TYR T 44 -20.44 -29.06 -28.30
CA TYR T 44 -20.44 -30.44 -27.85
C TYR T 44 -21.38 -30.60 -26.66
N GLN T 45 -21.18 -29.81 -25.62
CA GLN T 45 -22.05 -29.88 -24.44
C GLN T 45 -23.38 -29.20 -24.71
N LEU T 46 -23.43 -28.26 -25.65
CA LEU T 46 -24.69 -27.64 -26.02
C LEU T 46 -25.53 -28.61 -26.84
N LEU T 47 -24.89 -29.42 -27.67
CA LEU T 47 -25.61 -30.42 -28.43
C LEU T 47 -26.06 -31.58 -27.58
N GLN T 48 -25.19 -32.10 -26.70
CA GLN T 48 -25.57 -33.19 -25.82
C GLN T 48 -26.50 -32.73 -24.70
N ALA T 49 -26.49 -31.44 -24.38
CA ALA T 49 -27.52 -30.88 -23.51
C ALA T 49 -28.78 -30.57 -24.29
N SER T 50 -28.66 -30.38 -25.61
CA SER T 50 -29.84 -30.09 -26.41
C SER T 50 -30.40 -31.34 -27.08
N LEU T 51 -29.61 -31.97 -27.94
CA LEU T 51 -30.18 -32.92 -28.90
C LEU T 51 -30.17 -34.34 -28.37
N THR T 52 -29.41 -34.60 -27.31
CA THR T 52 -29.13 -35.97 -26.88
C THR T 52 -30.18 -36.48 -25.88
N CYS T 53 -31.45 -36.29 -26.25
CA CYS T 53 -32.58 -36.80 -25.49
C CYS T 53 -32.82 -36.02 -24.20
N SER T 54 -32.14 -34.88 -24.05
CA SER T 54 -32.28 -34.06 -22.86
C SER T 54 -32.69 -32.66 -23.29
N PRO T 55 -33.54 -32.58 -24.29
CA PRO T 55 -34.32 -31.36 -24.52
C PRO T 55 -35.65 -31.49 -23.80
N ARG T 56 -36.58 -30.58 -24.07
CA ARG T 56 -37.89 -30.61 -23.42
C ARG T 56 -38.76 -31.80 -23.84
N ARG T 57 -38.40 -32.52 -24.90
CA ARG T 57 -39.13 -33.72 -25.31
C ARG T 57 -38.71 -34.95 -24.50
N GLN T 58 -37.61 -34.85 -23.76
CA GLN T 58 -37.19 -35.98 -22.93
C GLN T 58 -37.99 -36.01 -21.62
N ARG T 59 -37.58 -36.90 -20.73
CA ARG T 59 -38.09 -36.96 -19.37
C ARG T 59 -37.30 -36.08 -18.41
N ARG T 60 -36.47 -35.17 -18.93
CA ARG T 60 -35.67 -34.26 -18.15
C ARG T 60 -35.00 -33.27 -19.11
#